data_9B6I
#
_entry.id   9B6I
#
_cell.length_a   1.00
_cell.length_b   1.00
_cell.length_c   1.00
_cell.angle_alpha   90.00
_cell.angle_beta   90.00
_cell.angle_gamma   90.00
#
_symmetry.space_group_name_H-M   'P 1'
#
loop_
_entity.id
_entity.type
_entity.pdbx_description
1 polymer 'Transient receptor potential cation channel subfamily M member 8'
2 non-polymer 'CALCIUM ION'
3 non-polymer 'CHOLESTEROL HEMISUCCINATE'
4 non-polymer 3-{7-(trifluoromethyl)-5-[2-(trifluoromethyl)phenyl]-1H-benzimidazol-2-yl}-1-oxa-2-azaspiro[4.5]dec-2-ene
#
_entity_poly.entity_id   1
_entity_poly.type   'polypeptide(L)'
_entity_poly.pdbx_seq_one_letter_code
;MAIAEGVLGHILETLVSMGSMRHRRNGNFESSRLLYSSMSRSIDVACSDADLANFIQENFKKRECVFFTKDTKSMGNLCK
CGYPENQHIEGTQVNTTEKWNYKKHTKELPTDAFGDIQFENLGKRGKYIRLSCDTDSETLYDLMTQHWHLKTPNLVISVT
GGAKNFALKPRMRKIFSRLIYIAQSKGAWIFTGGTHYGLMKYIGEVVRDNTISRSSEENVVAIGIAAWGMISNRETLIRT
ADSDGSFLARYIMDDLKRDPLYCLDNNHTHLLLVDNGTHGHPTTEAKVRTQLEKYISERVIPESNYGGKIPIVCFAQGGG
KETLKSINVAIKSKIPCVVVEGSGRIADVIASLVEAEGTLASSCVKESLLRFLPRTISRLSEEETESWIKWIKEVLESPH
LLTVIKIEEAGDEIVSNAISFALYKAFSTNEHDRDNWNGQLKLLLEWNQLDLASDEIFTNDRNWESADLQDVMFTALVKD
RPKFVRLFLENGLNLRKFLTTEVLRELYTNNFSSLVFKNLQIAKNSYNDALLTFVWKMVEDFRRGFKRDYKNSKDEMEIQ
LSEECPITRHPLQALFIWSVLQNKKELSKVIWEQTRGCTLAALGASKLLKSMAKVKNDINAAGESEELANEYETRAVELF
TECYSNDEDLAEQLLTYSCEAWGGSNCLELAVEARDQQFIAQPGVQNFLSKQWYGEISRDTKNWKIIMCLFFFPLIGCGF
ISFRKKPVEKSKKLFLYYVSFFTSPFVVFSWNVIFYIAFLLLFAYVLLMDFQKEPTALEIILYVLVFVLLCDEWYMNGSK
YFSDLWNVMDTLAIFYFIAGIVFRLHSDESSWYSGRVIFCLDYIVFTLRLIHIFTVSRNLGPKIIMLQRMMIDVFFFLFL
FAVWMVAFGVARQGILRKNEHRWEWIFRSVIYEPYLAMFGQYPDDIDGTTYNFDRCTFSGNESKPLCVELDANNQPRFPE
WITIPLVCIYMLSTNILLVNLLVAMFGYTVGSVQENNDQVWKFQRFFLVQEYCSRLTIPFPFVIFAYIFMVMRKCFKCCC
NKESKEPSICCSRNEDNEILAWEAVMKENYLVKINTKANDSSEEMVHRFRQLDAKLSDLKGLLKEISSKIKSNSLEVLFQ
GPDYKDDDDKAHHHHHHHHHH
;
_entity_poly.pdbx_strand_id   A,B,D,C
#
# COMPACT_ATOMS: atom_id res chain seq x y z
N GLY A 115 -57.47 -32.41 21.49
CA GLY A 115 -56.35 -33.27 21.80
C GLY A 115 -55.08 -32.86 21.10
N ASP A 116 -53.95 -33.43 21.52
CA ASP A 116 -52.66 -33.13 20.93
C ASP A 116 -52.51 -33.84 19.59
N ILE A 117 -51.41 -33.53 18.89
CA ILE A 117 -51.13 -34.09 17.58
C ILE A 117 -49.68 -34.55 17.53
N GLN A 118 -49.41 -35.46 16.60
CA GLN A 118 -48.07 -36.00 16.40
C GLN A 118 -47.64 -35.76 14.95
N PHE A 119 -46.38 -35.42 14.78
CA PHE A 119 -45.81 -35.23 13.44
C PHE A 119 -44.51 -36.01 13.30
N GLY A 126 -49.47 -28.89 20.50
CA GLY A 126 -50.18 -29.40 19.34
C GLY A 126 -51.67 -29.56 19.59
N LYS A 127 -52.18 -28.88 20.61
CA LYS A 127 -53.59 -28.96 20.93
C LYS A 127 -54.43 -28.38 19.81
N TYR A 128 -55.58 -29.00 19.56
CA TYR A 128 -56.51 -28.56 18.52
C TYR A 128 -57.90 -28.45 19.14
N ILE A 129 -58.40 -27.22 19.28
CA ILE A 129 -59.72 -27.02 19.85
C ILE A 129 -60.80 -27.51 18.88
N ARG A 130 -60.64 -27.20 17.60
CA ARG A 130 -61.61 -27.58 16.57
C ARG A 130 -63.00 -27.03 16.91
N LEU A 131 -63.07 -25.71 17.01
CA LEU A 131 -64.30 -25.01 17.32
C LEU A 131 -64.90 -24.39 16.07
N SER A 132 -66.21 -24.16 16.11
CA SER A 132 -66.95 -23.61 14.99
C SER A 132 -67.11 -22.10 15.14
N CYS A 133 -67.62 -21.47 14.09
CA CYS A 133 -67.84 -20.03 14.07
C CYS A 133 -69.21 -19.69 14.66
N GLU A 138 -63.44 -15.12 20.92
CA GLU A 138 -63.23 -14.46 22.20
C GLU A 138 -63.17 -15.48 23.33
N THR A 139 -64.13 -16.40 23.35
CA THR A 139 -64.15 -17.43 24.38
C THR A 139 -62.88 -18.27 24.37
N LEU A 140 -62.27 -18.45 23.20
CA LEU A 140 -61.05 -19.23 23.10
C LEU A 140 -59.89 -18.54 23.81
N TYR A 141 -59.88 -17.20 23.79
CA TYR A 141 -58.78 -16.46 24.38
C TYR A 141 -58.71 -16.67 25.89
N ASP A 142 -59.86 -16.76 26.55
CA ASP A 142 -59.88 -16.99 27.98
C ASP A 142 -59.17 -18.29 28.33
N LEU A 143 -59.51 -19.37 27.63
CA LEU A 143 -58.85 -20.65 27.88
C LEU A 143 -57.38 -20.58 27.52
N MET A 144 -57.04 -19.93 26.41
CA MET A 144 -55.66 -19.86 25.97
C MET A 144 -54.78 -19.16 27.00
N THR A 145 -55.28 -18.07 27.58
CA THR A 145 -54.46 -17.28 28.50
C THR A 145 -54.02 -18.09 29.70
N GLN A 146 -54.93 -18.87 30.28
CA GLN A 146 -54.65 -19.58 31.52
C GLN A 146 -54.03 -20.96 31.28
N HIS A 147 -54.62 -21.73 30.35
CA HIS A 147 -54.24 -23.13 30.24
C HIS A 147 -52.86 -23.31 29.61
N TRP A 148 -52.55 -22.53 28.57
CA TRP A 148 -51.43 -22.84 27.69
C TRP A 148 -50.26 -21.86 27.83
N HIS A 149 -50.49 -20.57 27.64
CA HIS A 149 -49.38 -19.62 27.59
C HIS A 149 -49.85 -18.26 28.09
N LEU A 150 -48.87 -17.37 28.28
CA LEU A 150 -49.08 -16.08 28.90
C LEU A 150 -49.59 -15.05 27.88
N LYS A 151 -49.84 -13.84 28.37
CA LYS A 151 -50.41 -12.78 27.54
C LYS A 151 -49.33 -12.14 26.67
N THR A 152 -49.77 -11.48 25.59
CA THR A 152 -48.87 -11.00 24.57
C THR A 152 -48.66 -9.49 24.69
N PRO A 153 -47.42 -9.01 24.81
CA PRO A 153 -47.17 -7.58 24.61
C PRO A 153 -47.38 -7.13 23.18
N ASN A 154 -47.37 -8.04 22.21
CA ASN A 154 -47.49 -7.68 20.80
C ASN A 154 -48.00 -8.89 20.04
N LEU A 155 -48.51 -8.63 18.83
CA LEU A 155 -49.07 -9.67 17.98
C LEU A 155 -48.79 -9.34 16.52
N VAL A 156 -48.59 -10.37 15.70
CA VAL A 156 -48.27 -10.18 14.28
C VAL A 156 -49.05 -11.20 13.46
N ILE A 157 -49.50 -10.77 12.28
CA ILE A 157 -50.39 -11.59 11.44
C ILE A 157 -49.93 -11.47 10.00
N SER A 158 -49.82 -12.61 9.33
CA SER A 158 -49.58 -12.65 7.88
C SER A 158 -50.93 -12.78 7.21
N VAL A 159 -51.56 -11.64 6.94
CA VAL A 159 -52.91 -11.65 6.36
C VAL A 159 -52.91 -12.38 5.03
N THR A 160 -51.93 -12.10 4.18
CA THR A 160 -51.86 -12.74 2.87
C THR A 160 -51.67 -14.24 3.03
N GLY A 161 -52.45 -15.00 2.26
CA GLY A 161 -52.31 -16.44 2.27
C GLY A 161 -51.13 -16.90 1.44
N GLY A 162 -50.86 -18.20 1.52
CA GLY A 162 -49.77 -18.81 0.79
C GLY A 162 -50.24 -19.42 -0.51
N ALA A 163 -49.70 -18.92 -1.61
CA ALA A 163 -50.01 -19.46 -2.91
C ALA A 163 -49.43 -20.87 -3.06
N LYS A 164 -50.01 -21.64 -3.97
CA LYS A 164 -49.49 -22.98 -4.22
C LYS A 164 -48.02 -22.95 -4.60
N ASN A 165 -47.59 -21.89 -5.29
CA ASN A 165 -46.18 -21.69 -5.64
C ASN A 165 -45.81 -20.26 -5.33
N PHE A 166 -44.83 -20.07 -4.46
CA PHE A 166 -44.37 -18.75 -4.06
C PHE A 166 -42.89 -18.59 -4.41
N ALA A 167 -42.53 -17.40 -4.89
CA ALA A 167 -41.16 -17.11 -5.27
C ALA A 167 -40.36 -16.76 -4.02
N LEU A 168 -39.49 -17.68 -3.60
CA LEU A 168 -38.71 -17.50 -2.38
C LEU A 168 -37.32 -16.97 -2.74
N LYS A 169 -37.30 -15.72 -3.20
CA LYS A 169 -36.05 -15.07 -3.53
C LYS A 169 -35.36 -14.58 -2.24
N PRO A 170 -34.04 -14.37 -2.29
CA PRO A 170 -33.32 -14.04 -1.05
C PRO A 170 -33.92 -12.92 -0.24
N ARG A 171 -34.44 -11.87 -0.89
CA ARG A 171 -34.93 -10.71 -0.14
C ARG A 171 -36.13 -11.07 0.73
N MET A 172 -37.06 -11.86 0.19
CA MET A 172 -38.18 -12.35 0.99
C MET A 172 -37.70 -13.14 2.19
N ARG A 173 -36.74 -14.04 1.96
CA ARG A 173 -36.22 -14.86 3.04
C ARG A 173 -35.61 -14.00 4.14
N LYS A 174 -34.82 -13.00 3.74
CA LYS A 174 -34.23 -12.08 4.71
C LYS A 174 -35.30 -11.33 5.48
N ILE A 175 -36.31 -10.80 4.78
CA ILE A 175 -37.34 -10.00 5.44
C ILE A 175 -38.06 -10.84 6.48
N PHE A 176 -38.45 -12.05 6.12
CA PHE A 176 -39.24 -12.85 7.04
C PHE A 176 -38.39 -13.44 8.17
N SER A 177 -37.12 -13.76 7.92
CA SER A 177 -36.24 -14.17 9.00
C SER A 177 -36.06 -13.04 10.00
N ARG A 178 -35.84 -11.81 9.51
CA ARG A 178 -35.72 -10.68 10.40
C ARG A 178 -37.02 -10.43 11.17
N LEU A 179 -38.16 -10.61 10.50
CA LEU A 179 -39.44 -10.46 11.17
C LEU A 179 -39.58 -11.46 12.31
N ILE A 180 -39.19 -12.71 12.07
CA ILE A 180 -39.30 -13.73 13.11
C ILE A 180 -38.36 -13.41 14.26
N TYR A 181 -37.15 -12.95 13.95
CA TYR A 181 -36.20 -12.59 15.01
C TYR A 181 -36.75 -11.44 15.85
N ILE A 182 -37.34 -10.45 15.20
CA ILE A 182 -37.95 -9.33 15.93
C ILE A 182 -39.10 -9.83 16.80
N ALA A 183 -39.91 -10.75 16.27
CA ALA A 183 -41.01 -11.30 17.05
C ALA A 183 -40.49 -12.00 18.29
N GLN A 184 -39.42 -12.78 18.16
CA GLN A 184 -38.81 -13.41 19.32
C GLN A 184 -38.30 -12.37 20.31
N SER A 185 -37.70 -11.30 19.79
CA SER A 185 -37.20 -10.24 20.67
C SER A 185 -38.34 -9.60 21.45
N LYS A 186 -39.49 -9.38 20.81
CA LYS A 186 -40.63 -8.74 21.45
C LYS A 186 -41.62 -9.74 22.05
N GLY A 187 -41.56 -11.00 21.65
CA GLY A 187 -42.43 -12.01 22.22
C GLY A 187 -43.88 -11.83 21.81
N ALA A 188 -44.17 -12.04 20.52
CA ALA A 188 -45.51 -11.84 19.98
C ALA A 188 -45.97 -13.11 19.26
N TRP A 189 -47.27 -13.35 19.34
CA TRP A 189 -47.87 -14.42 18.56
C TRP A 189 -47.77 -14.09 17.07
N ILE A 190 -47.77 -15.13 16.25
CA ILE A 190 -47.77 -14.99 14.80
C ILE A 190 -48.89 -15.87 14.24
N PHE A 191 -49.72 -15.29 13.39
CA PHE A 191 -50.86 -15.99 12.82
C PHE A 191 -50.60 -16.33 11.36
N THR A 192 -50.83 -17.60 11.00
CA THR A 192 -50.62 -18.07 9.64
C THR A 192 -51.58 -19.22 9.36
N GLY A 193 -51.78 -19.50 8.06
CA GLY A 193 -52.70 -20.56 7.68
C GLY A 193 -52.21 -21.93 8.06
N GLY A 194 -50.92 -22.22 7.83
CA GLY A 194 -50.38 -23.52 8.19
C GLY A 194 -50.68 -24.63 7.20
N THR A 195 -50.84 -24.31 5.92
CA THR A 195 -51.10 -25.34 4.92
C THR A 195 -49.85 -26.05 4.43
N HIS A 196 -48.66 -25.64 4.89
CA HIS A 196 -47.39 -26.25 4.52
C HIS A 196 -47.01 -25.97 3.06
N TYR A 197 -47.55 -24.90 2.48
CA TYR A 197 -47.27 -24.52 1.10
C TYR A 197 -46.67 -23.12 1.07
N GLY A 198 -45.53 -22.98 0.40
CA GLY A 198 -44.98 -21.65 0.16
C GLY A 198 -44.52 -20.97 1.43
N LEU A 199 -45.04 -19.77 1.66
CA LEU A 199 -44.49 -18.89 2.70
C LEU A 199 -44.62 -19.51 4.08
N MET A 200 -45.79 -20.07 4.39
CA MET A 200 -46.01 -20.62 5.73
C MET A 200 -45.06 -21.77 6.04
N LYS A 201 -44.69 -22.56 5.03
CA LYS A 201 -43.69 -23.60 5.27
C LYS A 201 -42.39 -23.00 5.76
N TYR A 202 -41.90 -21.97 5.08
CA TYR A 202 -40.63 -21.35 5.46
C TYR A 202 -40.75 -20.67 6.82
N ILE A 203 -41.87 -19.99 7.07
CA ILE A 203 -42.04 -19.31 8.36
C ILE A 203 -42.04 -20.34 9.49
N GLY A 204 -42.72 -21.47 9.29
CA GLY A 204 -42.71 -22.51 10.30
C GLY A 204 -41.32 -23.07 10.52
N GLU A 205 -40.58 -23.31 9.44
CA GLU A 205 -39.23 -23.83 9.57
C GLU A 205 -38.36 -22.86 10.38
N VAL A 206 -38.43 -21.57 10.05
CA VAL A 206 -37.62 -20.58 10.76
C VAL A 206 -38.04 -20.51 12.22
N VAL A 207 -39.34 -20.54 12.49
CA VAL A 207 -39.82 -20.48 13.87
C VAL A 207 -39.28 -21.67 14.66
N ARG A 208 -39.38 -22.87 14.09
CA ARG A 208 -38.89 -24.07 14.77
C ARG A 208 -37.40 -23.97 15.04
N ASP A 209 -36.63 -23.55 14.03
CA ASP A 209 -35.19 -23.48 14.20
C ASP A 209 -34.81 -22.47 15.28
N ASN A 210 -35.48 -21.33 15.30
CA ASN A 210 -35.17 -20.33 16.32
C ASN A 210 -35.58 -20.80 17.71
N THR A 211 -36.76 -21.42 17.86
CA THR A 211 -37.18 -21.85 19.19
C THR A 211 -36.25 -22.91 19.73
N ILE A 212 -35.82 -23.84 18.89
CA ILE A 212 -34.92 -24.89 19.37
C ILE A 212 -33.61 -24.29 19.85
N SER A 213 -33.08 -23.30 19.12
CA SER A 213 -31.83 -22.65 19.49
C SER A 213 -32.08 -21.54 20.51
N GLU A 218 -38.10 -14.45 26.45
CA GLU A 218 -39.34 -14.54 25.71
C GLU A 218 -39.25 -15.62 24.64
N ASN A 219 -40.41 -16.13 24.21
CA ASN A 219 -40.49 -17.21 23.24
C ASN A 219 -41.53 -16.86 22.18
N VAL A 220 -41.32 -17.41 20.98
CA VAL A 220 -42.22 -17.17 19.86
C VAL A 220 -43.31 -18.24 19.87
N VAL A 221 -44.52 -17.84 19.52
CA VAL A 221 -45.66 -18.74 19.40
C VAL A 221 -46.29 -18.52 18.03
N ALA A 222 -46.50 -19.62 17.31
CA ALA A 222 -47.05 -19.58 15.95
C ALA A 222 -48.39 -20.32 15.94
N ILE A 223 -49.45 -19.58 16.22
CA ILE A 223 -50.80 -20.15 16.18
C ILE A 223 -51.26 -20.21 14.73
N GLY A 224 -51.98 -21.27 14.38
CA GLY A 224 -52.45 -21.46 13.03
C GLY A 224 -53.92 -21.83 13.00
N ILE A 225 -54.56 -21.49 11.88
CA ILE A 225 -55.97 -21.80 11.65
C ILE A 225 -56.09 -22.42 10.26
N ALA A 226 -56.95 -23.43 10.15
CA ALA A 226 -57.17 -24.09 8.87
C ALA A 226 -58.60 -24.62 8.83
N ALA A 227 -59.24 -24.48 7.68
CA ALA A 227 -60.60 -24.95 7.48
C ALA A 227 -60.60 -26.42 7.10
N TRP A 228 -61.65 -27.12 7.51
CA TRP A 228 -61.76 -28.54 7.20
C TRP A 228 -61.87 -28.81 5.71
N GLY A 229 -62.21 -27.79 4.91
CA GLY A 229 -62.40 -28.02 3.49
C GLY A 229 -61.16 -28.49 2.78
N MET A 230 -60.01 -27.89 3.09
CA MET A 230 -58.77 -28.16 2.38
C MET A 230 -57.93 -29.25 3.02
N ILE A 231 -58.35 -29.80 4.17
CA ILE A 231 -57.59 -30.84 4.84
C ILE A 231 -57.81 -32.16 4.11
N SER A 232 -56.73 -32.87 3.80
CA SER A 232 -56.82 -34.14 3.10
C SER A 232 -57.19 -35.27 4.07
N ASN A 233 -56.38 -35.46 5.11
CA ASN A 233 -56.57 -36.52 6.08
C ASN A 233 -57.08 -35.92 7.38
N ARG A 234 -58.15 -36.50 7.92
CA ARG A 234 -58.79 -36.02 9.14
C ARG A 234 -59.02 -37.19 10.08
N GLU A 235 -58.43 -37.12 11.27
CA GLU A 235 -58.57 -38.17 12.27
C GLU A 235 -58.83 -37.55 13.63
N THR A 236 -59.48 -38.31 14.50
CA THR A 236 -59.78 -37.85 15.85
C THR A 236 -58.69 -38.28 16.82
N ASP A 244 -54.99 -38.70 21.55
CA ASP A 244 -53.69 -38.36 20.98
C ASP A 244 -53.56 -38.92 19.57
N GLY A 245 -54.36 -38.38 18.65
CA GLY A 245 -54.32 -38.83 17.28
C GLY A 245 -53.05 -38.40 16.57
N SER A 246 -52.75 -39.11 15.49
CA SER A 246 -51.57 -38.86 14.67
C SER A 246 -51.99 -38.44 13.27
N PHE A 247 -51.10 -37.70 12.61
CA PHE A 247 -51.35 -37.16 11.28
C PHE A 247 -50.22 -37.58 10.35
N LEU A 248 -50.58 -37.89 9.10
CA LEU A 248 -49.61 -38.33 8.11
C LEU A 248 -49.11 -37.13 7.31
N LEU A 261 -57.04 -30.39 0.04
CA LEU A 261 -56.20 -31.57 0.22
C LEU A 261 -54.82 -31.17 0.77
N TYR A 262 -54.76 -30.02 1.41
CA TYR A 262 -53.49 -29.51 1.92
C TYR A 262 -53.05 -30.29 3.15
N CYS A 263 -51.73 -30.29 3.38
CA CYS A 263 -51.13 -30.96 4.52
C CYS A 263 -50.73 -29.92 5.56
N LEU A 264 -51.08 -30.20 6.82
CA LEU A 264 -50.81 -29.24 7.89
C LEU A 264 -49.31 -29.03 8.06
N ASP A 265 -48.93 -27.79 8.33
CA ASP A 265 -47.52 -27.48 8.59
C ASP A 265 -47.12 -28.07 9.93
N ASN A 266 -45.98 -28.74 9.96
CA ASN A 266 -45.54 -29.44 11.17
C ASN A 266 -44.99 -28.49 12.22
N ASN A 267 -44.35 -27.40 11.81
CA ASN A 267 -43.63 -26.55 12.75
C ASN A 267 -44.56 -25.72 13.64
N HIS A 268 -45.81 -25.54 13.25
CA HIS A 268 -46.71 -24.71 14.04
C HIS A 268 -47.03 -25.39 15.37
N THR A 269 -46.89 -24.62 16.46
CA THR A 269 -47.11 -25.18 17.78
C THR A 269 -48.58 -25.52 18.02
N HIS A 270 -49.48 -24.64 17.61
CA HIS A 270 -50.91 -24.82 17.83
C HIS A 270 -51.65 -24.68 16.51
N LEU A 271 -52.79 -25.36 16.41
CA LEU A 271 -53.62 -25.32 15.22
C LEU A 271 -55.08 -25.27 15.62
N LEU A 272 -55.89 -24.60 14.79
CA LEU A 272 -57.32 -24.43 15.02
C LEU A 272 -58.08 -24.96 13.81
N LEU A 273 -59.19 -25.65 14.07
CA LEU A 273 -60.04 -26.22 13.05
C LEU A 273 -61.44 -25.62 13.14
N VAL A 274 -62.07 -25.41 11.99
CA VAL A 274 -63.40 -24.81 11.92
C VAL A 274 -64.29 -25.69 11.06
N ASP A 275 -65.51 -25.94 11.53
CA ASP A 275 -66.48 -26.75 10.79
C ASP A 275 -66.72 -26.15 9.41
N ALA A 286 -62.25 -17.76 7.98
CA ALA A 286 -61.52 -16.50 7.92
C ALA A 286 -62.20 -15.43 8.77
N LYS A 287 -63.53 -15.52 8.88
CA LYS A 287 -64.26 -14.58 9.71
C LYS A 287 -63.87 -14.70 11.18
N VAL A 288 -63.66 -15.92 11.66
CA VAL A 288 -63.24 -16.12 13.04
C VAL A 288 -61.90 -15.44 13.28
N ARG A 289 -61.02 -15.48 12.28
CA ARG A 289 -59.72 -14.80 12.40
C ARG A 289 -59.92 -13.30 12.60
N THR A 290 -60.80 -12.70 11.79
CA THR A 290 -61.05 -11.26 11.92
C THR A 290 -61.65 -10.93 13.28
N GLN A 291 -62.60 -11.73 13.76
CA GLN A 291 -63.20 -11.46 15.06
C GLN A 291 -62.16 -11.59 16.17
N LEU A 292 -61.31 -12.61 16.08
CA LEU A 292 -60.28 -12.79 17.10
C LEU A 292 -59.32 -11.62 17.12
N GLU A 293 -58.91 -11.15 15.93
CA GLU A 293 -58.04 -9.98 15.84
C GLU A 293 -58.71 -8.75 16.43
N LYS A 294 -60.00 -8.56 16.15
CA LYS A 294 -60.71 -7.41 16.69
C LYS A 294 -60.78 -7.48 18.20
N TYR A 295 -61.07 -8.65 18.77
CA TYR A 295 -61.12 -8.77 20.22
C TYR A 295 -59.76 -8.53 20.85
N ILE A 296 -58.70 -9.10 20.27
CA ILE A 296 -57.37 -8.91 20.84
C ILE A 296 -56.99 -7.43 20.81
N SER A 297 -57.35 -6.72 19.73
CA SER A 297 -57.13 -5.28 19.69
C SER A 297 -57.91 -4.58 20.79
N GLU A 298 -59.17 -4.96 20.97
CA GLU A 298 -60.03 -4.32 21.96
C GLU A 298 -59.61 -4.64 23.39
N ARG A 299 -58.77 -5.66 23.58
CA ARG A 299 -58.35 -6.04 24.93
C ARG A 299 -57.59 -4.90 25.59
N VAL A 300 -57.84 -4.70 26.89
CA VAL A 300 -57.27 -3.60 27.65
C VAL A 300 -56.37 -4.16 28.74
N ILE A 301 -55.10 -3.75 28.72
CA ILE A 301 -54.10 -4.15 29.72
C ILE A 301 -53.54 -2.87 30.33
N PRO A 302 -53.35 -2.81 31.65
CA PRO A 302 -52.82 -1.56 32.23
C PRO A 302 -51.34 -1.36 31.98
N GLU A 303 -50.53 -2.43 32.08
CA GLU A 303 -49.09 -2.31 31.91
C GLU A 303 -48.74 -2.34 30.42
N SER A 304 -49.19 -1.30 29.72
CA SER A 304 -48.97 -1.16 28.29
C SER A 304 -48.45 0.24 27.99
N ASN A 305 -47.36 0.32 27.24
CA ASN A 305 -46.82 1.60 26.81
C ASN A 305 -47.52 2.13 25.56
N TYR A 306 -48.35 1.32 24.91
CA TYR A 306 -49.12 1.73 23.74
C TYR A 306 -50.50 2.25 24.10
N GLY A 307 -50.69 2.67 25.35
CA GLY A 307 -52.03 3.04 25.80
C GLY A 307 -52.98 1.85 25.77
N GLY A 308 -52.49 0.67 26.09
CA GLY A 308 -53.30 -0.53 26.02
C GLY A 308 -53.55 -0.93 24.57
N LYS A 309 -54.57 -1.77 24.40
CA LYS A 309 -55.08 -2.25 23.12
C LYS A 309 -54.17 -3.30 22.48
N ILE A 310 -53.02 -3.63 23.08
CA ILE A 310 -52.18 -4.71 22.57
C ILE A 310 -51.89 -4.46 21.09
N PRO A 311 -50.97 -3.56 20.76
CA PRO A 311 -50.79 -3.15 19.36
C PRO A 311 -50.57 -4.35 18.44
N ILE A 312 -51.19 -4.28 17.27
CA ILE A 312 -51.17 -5.36 16.28
C ILE A 312 -50.66 -4.81 14.95
N VAL A 313 -49.87 -5.63 14.27
CA VAL A 313 -49.35 -5.31 12.94
C VAL A 313 -49.65 -6.47 12.02
N CYS A 314 -50.18 -6.18 10.85
CA CYS A 314 -50.51 -7.19 9.84
C CYS A 314 -49.58 -7.05 8.66
N PHE A 315 -48.97 -8.16 8.24
CA PHE A 315 -48.01 -8.18 7.15
C PHE A 315 -48.64 -8.79 5.91
N ALA A 316 -48.39 -8.16 4.76
CA ALA A 316 -48.87 -8.64 3.48
C ALA A 316 -47.69 -8.84 2.54
N GLN A 317 -47.56 -10.04 1.99
CA GLN A 317 -46.48 -10.38 1.07
C GLN A 317 -46.94 -10.50 -0.37
N GLY A 318 -47.99 -11.27 -0.61
CA GLY A 318 -48.53 -11.41 -1.96
C GLY A 318 -50.02 -11.15 -1.95
N GLY A 319 -50.50 -10.54 -3.04
CA GLY A 319 -51.89 -10.17 -3.16
C GLY A 319 -52.77 -11.30 -3.67
N GLY A 320 -54.04 -10.98 -3.83
CA GLY A 320 -55.02 -11.93 -4.30
C GLY A 320 -56.40 -11.59 -3.80
N LYS A 321 -57.37 -12.42 -4.19
CA LYS A 321 -58.75 -12.21 -3.78
C LYS A 321 -58.89 -12.31 -2.27
N GLU A 322 -58.42 -13.42 -1.69
CA GLU A 322 -58.50 -13.59 -0.24
C GLU A 322 -57.68 -12.52 0.48
N THR A 323 -56.52 -12.18 -0.07
CA THR A 323 -55.67 -11.17 0.56
C THR A 323 -56.36 -9.81 0.56
N LEU A 324 -56.99 -9.44 -0.56
CA LEU A 324 -57.68 -8.16 -0.62
C LEU A 324 -58.88 -8.13 0.31
N LYS A 325 -59.64 -9.24 0.37
CA LYS A 325 -60.75 -9.30 1.30
C LYS A 325 -60.28 -9.15 2.75
N SER A 326 -59.20 -9.84 3.11
CA SER A 326 -58.66 -9.74 4.46
C SER A 326 -58.19 -8.32 4.76
N ILE A 327 -57.51 -7.70 3.79
CA ILE A 327 -57.04 -6.33 3.98
C ILE A 327 -58.21 -5.39 4.21
N ASN A 328 -59.26 -5.53 3.40
CA ASN A 328 -60.41 -4.65 3.54
C ASN A 328 -61.09 -4.83 4.88
N VAL A 329 -61.32 -6.09 5.29
CA VAL A 329 -62.01 -6.32 6.56
C VAL A 329 -61.18 -5.82 7.73
N ALA A 330 -59.86 -5.99 7.65
CA ALA A 330 -59.00 -5.45 8.70
C ALA A 330 -59.05 -3.93 8.74
N ILE A 331 -59.04 -3.29 7.57
CA ILE A 331 -59.07 -1.83 7.52
C ILE A 331 -60.37 -1.30 8.11
N LYS A 332 -61.49 -1.96 7.80
CA LYS A 332 -62.77 -1.53 8.36
C LYS A 332 -62.69 -1.41 9.87
N SER A 333 -61.99 -2.33 10.52
CA SER A 333 -61.67 -2.18 11.94
C SER A 333 -60.45 -1.31 12.11
N LYS A 334 -60.42 -0.55 13.20
CA LYS A 334 -59.34 0.38 13.44
C LYS A 334 -58.13 -0.32 14.04
N ILE A 335 -56.99 0.36 13.99
CA ILE A 335 -55.70 -0.20 14.38
C ILE A 335 -55.46 -1.49 13.60
N PRO A 336 -55.61 -1.51 12.27
CA PRO A 336 -55.17 -2.67 11.51
C PRO A 336 -53.66 -2.69 11.34
N CYS A 337 -53.08 -1.52 11.07
CA CYS A 337 -51.64 -1.37 10.90
C CYS A 337 -51.11 -2.32 9.81
N VAL A 338 -51.82 -2.34 8.68
CA VAL A 338 -51.45 -3.21 7.58
C VAL A 338 -50.11 -2.75 6.99
N VAL A 339 -49.29 -3.72 6.59
CA VAL A 339 -48.01 -3.47 5.94
C VAL A 339 -47.96 -4.31 4.67
N VAL A 340 -47.56 -3.69 3.57
CA VAL A 340 -47.49 -4.33 2.26
C VAL A 340 -46.06 -4.23 1.77
N GLU A 341 -45.51 -5.35 1.30
CA GLU A 341 -44.14 -5.33 0.80
C GLU A 341 -44.13 -4.81 -0.64
N GLY A 342 -42.92 -4.53 -1.13
CA GLY A 342 -42.79 -4.00 -2.48
C GLY A 342 -43.27 -4.96 -3.56
N SER A 343 -42.96 -6.25 -3.43
CA SER A 343 -43.24 -7.23 -4.47
C SER A 343 -44.47 -8.05 -4.12
N GLY A 344 -45.36 -8.21 -5.10
CA GLY A 344 -46.57 -9.01 -4.92
C GLY A 344 -47.52 -8.90 -6.10
N ARG A 345 -48.41 -9.88 -6.27
CA ARG A 345 -49.33 -9.85 -7.40
C ARG A 345 -50.27 -8.65 -7.31
N ILE A 346 -50.84 -8.41 -6.14
CA ILE A 346 -51.71 -7.25 -5.93
C ILE A 346 -51.10 -6.23 -5.00
N ALA A 347 -50.15 -6.61 -4.14
CA ALA A 347 -49.51 -5.65 -3.26
C ALA A 347 -48.78 -4.58 -4.05
N ASP A 348 -48.22 -4.93 -5.21
CA ASP A 348 -47.57 -3.91 -6.04
C ASP A 348 -48.58 -2.88 -6.51
N VAL A 349 -49.80 -3.30 -6.81
CA VAL A 349 -50.83 -2.34 -7.21
C VAL A 349 -51.04 -1.30 -6.11
N ILE A 350 -51.25 -1.78 -4.89
CA ILE A 350 -51.52 -0.87 -3.77
C ILE A 350 -50.32 0.03 -3.54
N ALA A 351 -49.10 -0.53 -3.60
CA ALA A 351 -47.92 0.28 -3.40
C ALA A 351 -47.81 1.37 -4.48
N SER A 352 -48.09 1.01 -5.73
CA SER A 352 -48.00 1.98 -6.81
C SER A 352 -49.03 3.09 -6.66
N LEU A 353 -50.26 2.74 -6.25
CA LEU A 353 -51.30 3.76 -6.14
C LEU A 353 -50.92 4.82 -5.13
N VAL A 354 -50.36 4.42 -3.99
CA VAL A 354 -49.93 5.36 -2.97
C VAL A 354 -48.48 5.74 -3.19
N ALA A 361 -58.82 7.37 -9.49
CA ALA A 361 -59.41 7.33 -10.81
C ALA A 361 -59.56 5.89 -11.29
N SER A 362 -60.70 5.60 -11.91
CA SER A 362 -60.95 4.24 -12.40
C SER A 362 -59.97 3.86 -13.50
N SER A 363 -59.62 4.81 -14.37
CA SER A 363 -58.72 4.50 -15.48
C SER A 363 -57.33 4.15 -14.99
N CYS A 364 -56.77 4.95 -14.07
CA CYS A 364 -55.44 4.66 -13.55
C CYS A 364 -55.43 3.36 -12.77
N VAL A 365 -56.48 3.11 -11.98
CA VAL A 365 -56.58 1.86 -11.25
C VAL A 365 -56.62 0.68 -12.21
N LYS A 366 -57.40 0.81 -13.29
CA LYS A 366 -57.46 -0.25 -14.28
C LYS A 366 -56.10 -0.50 -14.92
N GLU A 367 -55.40 0.58 -15.28
CA GLU A 367 -54.08 0.43 -15.89
C GLU A 367 -53.12 -0.31 -14.95
N SER A 368 -53.08 0.13 -13.68
CA SER A 368 -52.17 -0.50 -12.72
C SER A 368 -52.53 -1.97 -12.51
N LEU A 369 -53.83 -2.25 -12.34
CA LEU A 369 -54.25 -3.62 -12.10
C LEU A 369 -53.93 -4.51 -13.29
N LEU A 370 -54.15 -4.01 -14.51
CA LEU A 370 -53.85 -4.80 -15.70
C LEU A 370 -52.36 -5.06 -15.84
N ARG A 371 -51.54 -4.02 -15.66
CA ARG A 371 -50.10 -4.20 -15.85
C ARG A 371 -49.52 -5.12 -14.79
N PHE A 372 -50.02 -5.05 -13.56
CA PHE A 372 -49.43 -5.84 -12.49
C PHE A 372 -49.97 -7.26 -12.45
N LEU A 373 -51.25 -7.45 -12.78
CA LEU A 373 -51.89 -8.76 -12.80
C LEU A 373 -52.69 -8.92 -14.10
N PRO A 374 -52.00 -9.06 -15.24
CA PRO A 374 -52.71 -9.11 -16.52
C PRO A 374 -53.61 -10.32 -16.71
N ARG A 375 -53.04 -11.52 -16.51
CA ARG A 375 -53.74 -12.74 -16.92
C ARG A 375 -55.01 -12.97 -16.10
N THR A 376 -54.91 -12.84 -14.78
CA THR A 376 -56.04 -13.19 -13.93
C THR A 376 -57.27 -12.34 -14.24
N ILE A 377 -57.06 -11.09 -14.66
CA ILE A 377 -58.18 -10.18 -14.88
C ILE A 377 -59.06 -10.68 -16.03
N SER A 378 -58.44 -11.14 -17.11
CA SER A 378 -59.22 -11.56 -18.28
C SER A 378 -60.25 -12.62 -17.91
N ARG A 379 -59.87 -13.56 -17.04
CA ARG A 379 -60.81 -14.57 -16.57
C ARG A 379 -61.97 -13.94 -15.81
N LEU A 380 -61.66 -12.94 -14.98
CA LEU A 380 -62.70 -12.30 -14.17
C LEU A 380 -63.69 -11.54 -15.05
N SER A 381 -64.94 -11.52 -14.61
CA SER A 381 -65.99 -10.81 -15.32
C SER A 381 -65.91 -9.30 -15.04
N GLU A 382 -66.57 -8.52 -15.90
CA GLU A 382 -66.51 -7.07 -15.79
C GLU A 382 -67.09 -6.59 -14.47
N GLU A 383 -68.23 -7.14 -14.06
CA GLU A 383 -68.84 -6.74 -12.80
C GLU A 383 -67.94 -7.07 -11.62
N GLU A 384 -67.29 -8.24 -11.65
CA GLU A 384 -66.45 -8.63 -10.53
C GLU A 384 -65.22 -7.73 -10.42
N THR A 385 -64.62 -7.36 -11.56
CA THR A 385 -63.49 -6.44 -11.51
C THR A 385 -63.93 -5.05 -11.10
N GLU A 386 -65.14 -4.63 -11.46
CA GLU A 386 -65.66 -3.37 -10.94
C GLU A 386 -65.79 -3.41 -9.41
N SER A 387 -66.29 -4.52 -8.88
CA SER A 387 -66.38 -4.67 -7.44
C SER A 387 -64.99 -4.64 -6.80
N TRP A 388 -64.01 -5.27 -7.46
CA TRP A 388 -62.64 -5.25 -6.95
C TRP A 388 -62.10 -3.83 -6.93
N ILE A 389 -62.38 -3.05 -7.98
CA ILE A 389 -61.95 -1.66 -8.00
C ILE A 389 -62.60 -0.88 -6.86
N LYS A 390 -63.87 -1.18 -6.57
CA LYS A 390 -64.51 -0.55 -5.42
C LYS A 390 -63.80 -0.91 -4.11
N TRP A 391 -63.42 -2.17 -3.96
CA TRP A 391 -62.69 -2.58 -2.77
C TRP A 391 -61.37 -1.82 -2.65
N ILE A 392 -60.66 -1.69 -3.77
CA ILE A 392 -59.38 -1.00 -3.76
C ILE A 392 -59.58 0.48 -3.45
N LYS A 393 -60.69 1.06 -3.93
CA LYS A 393 -61.01 2.44 -3.56
C LYS A 393 -61.18 2.56 -2.05
N GLU A 394 -61.93 1.64 -1.46
CA GLU A 394 -62.13 1.68 -0.01
C GLU A 394 -60.79 1.60 0.72
N VAL A 395 -59.89 0.73 0.26
CA VAL A 395 -58.57 0.65 0.88
C VAL A 395 -57.81 1.96 0.72
N LEU A 396 -57.84 2.53 -0.48
CA LEU A 396 -57.07 3.74 -0.77
C LEU A 396 -57.65 4.98 -0.11
N GLU A 397 -58.85 4.91 0.46
CA GLU A 397 -59.43 6.07 1.12
C GLU A 397 -58.51 6.60 2.21
N SER A 398 -58.01 5.73 3.07
CA SER A 398 -57.18 6.13 4.21
C SER A 398 -55.76 5.62 4.03
N PRO A 399 -54.79 6.46 3.67
CA PRO A 399 -53.42 6.00 3.48
C PRO A 399 -52.56 5.94 4.74
N HIS A 400 -52.99 6.58 5.83
CA HIS A 400 -52.16 6.62 7.04
C HIS A 400 -51.97 5.23 7.63
N LEU A 401 -52.99 4.37 7.56
CA LEU A 401 -52.84 3.02 8.09
C LEU A 401 -51.91 2.18 7.24
N LEU A 402 -51.91 2.41 5.92
CA LEU A 402 -51.06 1.63 5.04
C LEU A 402 -49.60 2.03 5.18
N THR A 403 -48.71 1.04 5.13
CA THR A 403 -47.28 1.25 5.15
C THR A 403 -46.64 0.34 4.11
N VAL A 404 -45.64 0.86 3.41
CA VAL A 404 -45.04 0.17 2.27
C VAL A 404 -43.54 0.04 2.50
N ILE A 405 -43.01 -1.16 2.28
CA ILE A 405 -41.57 -1.41 2.29
C ILE A 405 -41.10 -1.30 0.85
N LYS A 406 -40.58 -0.14 0.48
CA LYS A 406 -40.21 0.12 -0.91
C LYS A 406 -39.10 -0.81 -1.37
N ILE A 407 -39.15 -1.16 -2.65
CA ILE A 407 -38.19 -2.13 -3.20
C ILE A 407 -36.79 -1.55 -3.18
N GLU A 408 -36.64 -0.27 -3.55
CA GLU A 408 -35.31 0.32 -3.67
C GLU A 408 -34.54 0.24 -2.35
N GLU A 409 -35.24 0.24 -1.22
CA GLU A 409 -34.57 0.17 0.06
C GLU A 409 -33.78 -1.12 0.18
N ALA A 410 -32.53 -1.02 0.66
CA ALA A 410 -31.68 -2.18 0.81
C ALA A 410 -30.90 -2.17 2.12
N GLY A 411 -31.22 -1.26 3.04
CA GLY A 411 -30.52 -1.19 4.30
C GLY A 411 -30.98 -2.25 5.28
N ASP A 412 -30.35 -2.25 6.44
CA ASP A 412 -30.67 -3.18 7.51
C ASP A 412 -31.77 -2.61 8.39
N GLU A 413 -32.33 -3.48 9.25
CA GLU A 413 -33.38 -3.08 10.20
C GLU A 413 -34.53 -2.36 9.49
N ILE A 414 -34.81 -2.75 8.25
CA ILE A 414 -35.92 -2.16 7.51
C ILE A 414 -37.25 -2.61 8.10
N VAL A 415 -37.34 -3.88 8.49
CA VAL A 415 -38.61 -4.41 9.02
C VAL A 415 -38.98 -3.70 10.31
N SER A 416 -38.00 -3.55 11.22
CA SER A 416 -38.27 -2.86 12.48
C SER A 416 -38.69 -1.41 12.23
N ASN A 417 -38.00 -0.73 11.32
CA ASN A 417 -38.36 0.65 11.01
C ASN A 417 -39.79 0.75 10.48
N ALA A 418 -40.15 -0.14 9.56
CA ALA A 418 -41.49 -0.10 8.98
C ALA A 418 -42.55 -0.37 10.05
N ILE A 419 -42.33 -1.38 10.89
CA ILE A 419 -43.30 -1.72 11.92
C ILE A 419 -43.46 -0.56 12.89
N SER A 420 -42.33 0.01 13.33
CA SER A 420 -42.39 1.13 14.28
C SER A 420 -43.10 2.32 13.67
N PHE A 421 -42.81 2.63 12.40
CA PHE A 421 -43.44 3.78 11.75
C PHE A 421 -44.95 3.56 11.63
N ALA A 422 -45.37 2.36 11.24
CA ALA A 422 -46.79 2.07 11.10
C ALA A 422 -47.49 2.19 12.45
N LEU A 423 -46.90 1.60 13.49
CA LEU A 423 -47.53 1.66 14.81
C LEU A 423 -47.59 3.09 15.34
N TYR A 424 -46.53 3.86 15.12
CA TYR A 424 -46.54 5.26 15.56
C TYR A 424 -47.61 6.06 14.84
N LYS A 425 -47.75 5.85 13.53
CA LYS A 425 -48.79 6.56 12.78
C LYS A 425 -50.18 6.17 13.29
N ALA A 426 -50.40 4.88 13.52
CA ALA A 426 -51.70 4.45 14.03
C ALA A 426 -51.99 5.05 15.39
N PHE A 427 -50.99 5.08 16.28
CA PHE A 427 -51.19 5.65 17.60
C PHE A 427 -51.46 7.15 17.52
N SER A 428 -50.75 7.85 16.64
CA SER A 428 -50.92 9.29 16.52
C SER A 428 -52.30 9.64 15.97
N THR A 429 -52.80 8.85 15.02
CA THR A 429 -54.06 9.18 14.35
C THR A 429 -55.27 8.81 15.20
N ASN A 430 -55.07 8.37 16.45
CA ASN A 430 -56.20 8.00 17.29
C ASN A 430 -57.15 9.17 17.52
N GLU A 431 -56.64 10.39 17.49
CA GLU A 431 -57.35 11.65 17.71
C GLU A 431 -57.64 11.89 19.18
N HIS A 432 -57.37 10.94 20.08
CA HIS A 432 -57.43 11.20 21.51
C HIS A 432 -56.11 10.94 22.23
N ASP A 433 -55.19 10.22 21.61
CA ASP A 433 -53.82 10.10 22.10
C ASP A 433 -52.90 11.14 21.49
N ARG A 434 -53.41 11.93 20.54
CA ARG A 434 -52.59 12.96 19.90
C ARG A 434 -52.10 13.98 20.93
N ASP A 435 -52.97 14.40 21.85
CA ASP A 435 -52.58 15.38 22.85
C ASP A 435 -51.45 14.86 23.72
N ASN A 436 -51.53 13.60 24.13
CA ASN A 436 -50.47 13.00 24.94
C ASN A 436 -49.24 12.73 24.07
N TRP A 437 -48.08 13.20 24.54
CA TRP A 437 -46.82 13.00 23.85
C TRP A 437 -45.90 12.02 24.56
N ASN A 438 -46.08 11.79 25.86
CA ASN A 438 -45.24 10.84 26.57
C ASN A 438 -45.41 9.43 26.02
N GLY A 439 -46.65 9.05 25.70
CA GLY A 439 -46.87 7.73 25.13
C GLY A 439 -46.16 7.55 23.81
N GLN A 440 -46.23 8.56 22.94
CA GLN A 440 -45.53 8.48 21.65
C GLN A 440 -44.03 8.37 21.86
N LEU A 441 -43.48 9.15 22.80
CA LEU A 441 -42.06 9.10 23.07
C LEU A 441 -41.64 7.73 23.58
N LYS A 442 -42.44 7.14 24.47
CA LYS A 442 -42.12 5.81 24.99
C LYS A 442 -42.20 4.76 23.90
N LEU A 443 -43.21 4.87 23.03
CA LEU A 443 -43.32 3.92 21.92
C LEU A 443 -42.12 4.03 20.99
N LEU A 444 -41.69 5.25 20.68
CA LEU A 444 -40.52 5.44 19.84
C LEU A 444 -39.23 5.10 20.57
N LEU A 445 -39.27 5.00 21.90
CA LEU A 445 -38.12 4.54 22.65
C LEU A 445 -38.01 3.02 22.65
N GLU A 446 -39.15 2.32 22.67
CA GLU A 446 -39.13 0.86 22.61
C GLU A 446 -38.48 0.39 21.31
N TRP A 447 -38.81 1.03 20.18
CA TRP A 447 -38.20 0.74 18.90
C TRP A 447 -37.11 1.77 18.63
N ASN A 448 -35.98 1.31 18.08
CA ASN A 448 -34.82 2.18 17.88
C ASN A 448 -35.11 3.12 16.72
N GLN A 449 -35.77 4.24 17.04
CA GLN A 449 -36.11 5.27 16.06
C GLN A 449 -35.71 6.63 16.63
N LEU A 450 -34.53 7.11 16.21
CA LEU A 450 -34.01 8.39 16.70
C LEU A 450 -34.50 9.55 15.84
N ASP A 451 -34.28 9.49 14.53
CA ASP A 451 -34.61 10.62 13.66
C ASP A 451 -36.09 10.94 13.71
N LEU A 452 -36.94 9.92 13.64
CA LEU A 452 -38.38 10.15 13.65
C LEU A 452 -38.83 10.81 14.95
N ALA A 453 -38.33 10.30 16.08
CA ALA A 453 -38.71 10.87 17.37
C ALA A 453 -38.24 12.31 17.48
N SER A 454 -37.00 12.57 17.08
CA SER A 454 -36.47 13.94 17.16
C SER A 454 -37.29 14.88 16.29
N ASP A 455 -37.60 14.47 15.07
CA ASP A 455 -38.35 15.35 14.17
C ASP A 455 -39.78 15.59 14.68
N GLU A 456 -40.44 14.54 15.15
CA GLU A 456 -41.85 14.66 15.51
C GLU A 456 -42.06 15.37 16.84
N ILE A 457 -41.24 15.08 17.84
CA ILE A 457 -41.52 15.51 19.21
C ILE A 457 -40.69 16.72 19.58
N PHE A 458 -39.36 16.58 19.58
CA PHE A 458 -38.50 17.58 20.19
C PHE A 458 -38.36 18.84 19.33
N THR A 459 -38.48 18.72 18.01
CA THR A 459 -38.27 19.89 17.15
C THR A 459 -39.33 20.96 17.41
N ASN A 460 -40.58 20.56 17.60
CA ASN A 460 -41.67 21.53 17.60
C ASN A 460 -41.62 22.46 18.81
N ASP A 461 -41.10 21.98 19.95
CA ASP A 461 -41.06 22.79 21.18
C ASP A 461 -42.47 23.21 21.58
N ARG A 462 -43.33 22.20 21.77
CA ARG A 462 -44.77 22.43 21.89
C ARG A 462 -45.24 22.52 23.33
N ASN A 463 -45.08 21.45 24.14
CA ASN A 463 -45.84 21.33 25.36
C ASN A 463 -45.07 20.80 26.57
N TRP A 464 -43.77 20.56 26.46
CA TRP A 464 -43.01 19.96 27.55
C TRP A 464 -42.01 20.96 28.12
N GLU A 465 -41.90 20.98 29.46
CA GLU A 465 -40.96 21.83 30.16
C GLU A 465 -39.61 21.15 30.38
N SER A 466 -39.45 19.90 29.95
CA SER A 466 -38.22 19.13 30.06
C SER A 466 -38.00 18.59 31.47
N ALA A 467 -38.94 18.78 32.39
CA ALA A 467 -38.79 18.28 33.75
C ALA A 467 -39.24 16.83 33.89
N ASP A 468 -40.32 16.45 33.23
CA ASP A 468 -40.81 15.08 33.32
C ASP A 468 -39.90 14.11 32.55
N LEU A 469 -39.19 14.62 31.54
CA LEU A 469 -38.35 13.77 30.71
C LEU A 469 -37.51 12.81 31.54
N GLN A 470 -37.11 13.23 32.75
CA GLN A 470 -36.32 12.40 33.64
C GLN A 470 -36.82 10.96 33.64
N ASP A 471 -38.12 10.78 33.87
CA ASP A 471 -38.69 9.43 33.89
C ASP A 471 -38.23 8.65 32.66
N VAL A 472 -38.60 9.14 31.47
CA VAL A 472 -38.21 8.45 30.25
C VAL A 472 -36.71 8.27 30.21
N MET A 473 -35.96 9.32 30.58
CA MET A 473 -34.51 9.22 30.61
C MET A 473 -34.06 7.96 31.35
N PHE A 474 -34.59 7.73 32.54
CA PHE A 474 -34.18 6.57 33.32
C PHE A 474 -34.28 5.31 32.49
N THR A 475 -35.42 5.12 31.83
CA THR A 475 -35.63 3.89 31.06
C THR A 475 -34.50 3.70 30.06
N ALA A 476 -34.13 4.77 29.35
CA ALA A 476 -33.07 4.66 28.36
C ALA A 476 -31.80 4.08 28.99
N LEU A 477 -31.41 4.62 30.15
CA LEU A 477 -30.18 4.17 30.78
C LEU A 477 -30.21 2.68 31.07
N VAL A 478 -31.39 2.12 31.35
CA VAL A 478 -31.48 0.69 31.64
C VAL A 478 -31.75 -0.13 30.38
N LYS A 479 -32.19 0.49 29.29
CA LYS A 479 -32.50 -0.24 28.06
C LYS A 479 -31.41 -0.09 27.01
N ASP A 480 -30.29 0.54 27.34
CA ASP A 480 -29.15 0.66 26.43
C ASP A 480 -29.57 1.32 25.12
N ARG A 481 -29.97 2.58 25.22
CA ARG A 481 -30.39 3.39 24.08
C ARG A 481 -29.58 4.68 24.07
N PRO A 482 -28.27 4.58 23.81
CA PRO A 482 -27.40 5.76 23.96
C PRO A 482 -27.81 6.93 23.09
N LYS A 483 -28.34 6.68 21.89
CA LYS A 483 -28.72 7.79 21.02
C LYS A 483 -29.84 8.62 21.64
N PHE A 484 -30.82 7.96 22.27
CA PHE A 484 -31.86 8.70 22.96
C PHE A 484 -31.31 9.47 24.16
N VAL A 485 -30.29 8.90 24.83
CA VAL A 485 -29.61 9.62 25.90
C VAL A 485 -29.01 10.92 25.38
N ARG A 486 -28.29 10.83 24.26
CA ARG A 486 -27.67 12.02 23.68
C ARG A 486 -28.73 13.01 23.26
N LEU A 487 -29.84 12.52 22.69
CA LEU A 487 -30.91 13.41 22.27
C LEU A 487 -31.52 14.15 23.45
N PHE A 488 -31.75 13.44 24.56
CA PHE A 488 -32.29 14.08 25.75
C PHE A 488 -31.33 15.13 26.29
N LEU A 489 -30.03 14.81 26.33
CA LEU A 489 -29.07 15.77 26.83
C LEU A 489 -29.01 17.01 25.95
N GLU A 490 -29.05 16.83 24.63
CA GLU A 490 -28.93 17.96 23.72
C GLU A 490 -30.11 18.92 23.86
N ASN A 491 -31.32 18.38 24.00
CA ASN A 491 -32.52 19.20 24.04
C ASN A 491 -32.81 19.81 25.41
N GLY A 492 -31.88 19.68 26.35
CA GLY A 492 -32.04 20.31 27.65
C GLY A 492 -32.32 19.31 28.76
N LEU A 493 -31.29 19.02 29.56
CA LEU A 493 -31.44 18.11 30.69
C LEU A 493 -30.24 18.28 31.61
N ASN A 494 -30.49 18.56 32.88
CA ASN A 494 -29.43 18.72 33.87
C ASN A 494 -29.15 17.35 34.48
N LEU A 495 -28.10 16.69 33.98
CA LEU A 495 -27.74 15.38 34.51
C LEU A 495 -27.36 15.48 35.99
N ARG A 496 -26.78 16.59 36.41
CA ARG A 496 -26.44 16.77 37.82
C ARG A 496 -27.70 16.76 38.68
N LYS A 497 -28.74 17.48 38.24
CA LYS A 497 -29.99 17.51 39.00
C LYS A 497 -30.71 16.17 38.88
N PHE A 498 -30.73 15.58 37.69
CA PHE A 498 -31.39 14.28 37.52
C PHE A 498 -30.72 13.22 38.39
N LEU A 499 -29.39 13.22 38.45
CA LEU A 499 -28.68 12.26 39.28
C LEU A 499 -28.83 12.64 40.75
N THR A 500 -29.48 11.77 41.51
CA THR A 500 -29.69 11.97 42.94
C THR A 500 -29.34 10.68 43.67
N THR A 501 -29.36 10.75 45.00
CA THR A 501 -29.08 9.57 45.80
C THR A 501 -30.09 8.47 45.51
N GLU A 502 -31.38 8.84 45.39
CA GLU A 502 -32.40 7.83 45.14
C GLU A 502 -32.23 7.18 43.77
N VAL A 503 -31.97 8.01 42.74
CA VAL A 503 -31.81 7.47 41.39
C VAL A 503 -30.62 6.54 41.33
N LEU A 504 -29.49 6.97 41.91
CA LEU A 504 -28.29 6.13 41.91
C LEU A 504 -28.53 4.85 42.69
N ARG A 505 -29.24 4.95 43.81
CA ARG A 505 -29.53 3.76 44.60
C ARG A 505 -30.38 2.77 43.80
N GLU A 506 -31.40 3.27 43.10
CA GLU A 506 -32.21 2.39 42.27
C GLU A 506 -31.37 1.77 41.15
N LEU A 507 -30.49 2.57 40.55
CA LEU A 507 -29.69 2.07 39.44
C LEU A 507 -28.73 0.96 39.90
N TYR A 508 -28.11 1.14 41.06
CA TYR A 508 -27.10 0.19 41.52
C TYR A 508 -27.73 -1.04 42.17
N THR A 509 -28.84 -0.86 42.88
CA THR A 509 -29.41 -1.98 43.65
C THR A 509 -29.97 -3.06 42.74
N ASN A 510 -30.79 -2.67 41.75
CA ASN A 510 -31.52 -3.62 40.94
C ASN A 510 -30.93 -3.79 39.55
N ASN A 511 -30.75 -2.70 38.81
CA ASN A 511 -30.30 -2.79 37.43
C ASN A 511 -28.85 -3.29 37.32
N PHE A 512 -28.10 -3.27 38.41
CA PHE A 512 -26.71 -3.70 38.37
C PHE A 512 -26.64 -5.23 38.38
N SER A 513 -25.96 -5.80 37.40
CA SER A 513 -25.85 -7.24 37.29
C SER A 513 -25.05 -7.79 38.47
N SER A 514 -25.52 -8.92 39.02
CA SER A 514 -24.84 -9.56 40.14
C SER A 514 -23.55 -10.26 39.69
N LEU A 515 -23.46 -10.64 38.43
CA LEU A 515 -22.20 -11.18 37.90
C LEU A 515 -21.07 -10.18 38.07
N VAL A 516 -21.33 -8.92 37.73
CA VAL A 516 -20.31 -7.89 37.94
C VAL A 516 -20.05 -7.69 39.43
N PHE A 517 -21.07 -7.90 40.27
CA PHE A 517 -20.89 -7.77 41.71
C PHE A 517 -19.88 -8.80 42.23
N LYS A 518 -20.09 -10.08 41.90
CA LYS A 518 -19.15 -11.09 42.35
C LYS A 518 -17.80 -10.91 41.67
N ASN A 519 -17.79 -10.39 40.45
CA ASN A 519 -16.52 -10.16 39.77
C ASN A 519 -15.73 -9.06 40.48
N LEU A 520 -16.42 -8.02 40.96
CA LEU A 520 -15.79 -7.01 41.78
C LEU A 520 -15.24 -7.63 43.06
N GLN A 521 -16.03 -8.51 43.69
CA GLN A 521 -15.54 -9.19 44.88
C GLN A 521 -14.20 -9.88 44.60
N ILE A 522 -14.19 -10.73 43.57
CA ILE A 522 -13.00 -11.54 43.27
C ILE A 522 -11.83 -10.63 42.91
N ALA A 523 -12.09 -9.58 42.13
CA ALA A 523 -11.02 -8.66 41.77
C ALA A 523 -10.42 -8.00 43.00
N LYS A 524 -11.26 -7.56 43.93
CA LYS A 524 -10.74 -6.93 45.14
C LYS A 524 -9.94 -7.91 45.98
N ASN A 525 -10.46 -9.13 46.17
CA ASN A 525 -9.74 -10.07 47.03
C ASN A 525 -8.42 -10.49 46.39
N SER A 526 -8.41 -10.71 45.08
CA SER A 526 -7.19 -11.18 44.42
C SER A 526 -6.06 -10.17 44.54
N TYR A 527 -6.37 -8.89 44.34
CA TYR A 527 -5.36 -7.83 44.40
C TYR A 527 -5.98 -6.60 45.02
N ASN A 528 -5.18 -5.86 45.78
CA ASN A 528 -5.61 -4.63 46.43
C ASN A 528 -5.06 -3.44 45.68
N ASP A 529 -5.94 -2.47 45.38
CA ASP A 529 -5.56 -1.22 44.74
C ASP A 529 -6.43 -0.11 45.31
N ALA A 530 -5.90 1.11 45.28
CA ALA A 530 -6.61 2.24 45.87
C ALA A 530 -7.93 2.49 45.15
N LEU A 531 -7.90 2.51 43.82
CA LEU A 531 -9.11 2.83 43.08
C LEU A 531 -10.12 1.69 43.12
N LEU A 532 -9.65 0.45 43.13
CA LEU A 532 -10.56 -0.68 43.26
C LEU A 532 -11.33 -0.61 44.57
N THR A 533 -10.63 -0.36 45.68
CA THR A 533 -11.33 -0.25 46.95
C THR A 533 -12.22 0.98 47.00
N PHE A 534 -11.81 2.08 46.36
CA PHE A 534 -12.66 3.27 46.32
C PHE A 534 -13.98 2.97 45.63
N VAL A 535 -13.92 2.37 44.44
CA VAL A 535 -15.14 2.07 43.71
C VAL A 535 -15.96 1.02 44.44
N TRP A 536 -15.29 0.06 45.08
CA TRP A 536 -15.99 -0.98 45.82
C TRP A 536 -16.79 -0.38 46.97
N LYS A 537 -16.17 0.48 47.77
CA LYS A 537 -16.88 1.10 48.87
C LYS A 537 -17.97 2.04 48.37
N MET A 538 -17.75 2.71 47.23
CA MET A 538 -18.80 3.55 46.67
C MET A 538 -20.03 2.71 46.32
N VAL A 539 -19.82 1.58 45.63
CA VAL A 539 -20.96 0.77 45.21
C VAL A 539 -21.65 0.16 46.42
N GLU A 540 -20.88 -0.24 47.44
CA GLU A 540 -21.50 -0.74 48.66
C GLU A 540 -22.33 0.33 49.35
N ASP A 541 -21.82 1.56 49.39
CA ASP A 541 -22.57 2.65 49.99
C ASP A 541 -23.87 2.88 49.24
N PHE A 542 -23.83 2.84 47.92
CA PHE A 542 -25.06 2.99 47.14
C PHE A 542 -26.03 1.85 47.40
N ARG A 543 -25.52 0.63 47.51
CA ARG A 543 -26.40 -0.53 47.69
C ARG A 543 -27.02 -0.59 49.08
N ARG A 544 -26.31 -0.11 50.10
CA ARG A 544 -26.75 -0.33 51.47
C ARG A 544 -28.13 0.25 51.72
N GLY A 545 -28.37 1.47 51.24
CA GLY A 545 -29.64 2.13 51.49
C GLY A 545 -30.81 1.45 50.82
N ARG A 569 -21.13 14.35 45.77
CA ARG A 569 -19.92 13.53 45.82
C ARG A 569 -19.57 13.01 44.44
N HIS A 570 -19.56 13.91 43.45
CA HIS A 570 -19.24 13.56 42.07
C HIS A 570 -20.13 12.41 41.58
N PRO A 571 -21.46 12.58 41.61
CA PRO A 571 -22.33 11.51 41.10
C PRO A 571 -22.12 11.19 39.63
N LEU A 572 -21.67 12.15 38.83
CA LEU A 572 -21.41 11.88 37.43
C LEU A 572 -20.32 10.82 37.27
N GLN A 573 -19.30 10.88 38.12
CA GLN A 573 -18.28 9.83 38.10
C GLN A 573 -18.88 8.48 38.46
N ALA A 574 -19.80 8.46 39.41
CA ALA A 574 -20.46 7.20 39.77
C ALA A 574 -21.24 6.64 38.59
N LEU A 575 -21.96 7.50 37.87
CA LEU A 575 -22.71 7.04 36.70
C LEU A 575 -21.76 6.52 35.62
N PHE A 576 -20.64 7.21 35.41
CA PHE A 576 -19.67 6.74 34.42
C PHE A 576 -19.09 5.39 34.82
N ILE A 577 -18.81 5.20 36.11
CA ILE A 577 -18.29 3.93 36.58
C ILE A 577 -19.33 2.83 36.35
N TRP A 578 -20.59 3.12 36.67
CA TRP A 578 -21.64 2.13 36.45
C TRP A 578 -21.74 1.75 34.99
N SER A 579 -21.68 2.74 34.10
CA SER A 579 -21.79 2.45 32.67
C SER A 579 -20.62 1.63 32.17
N VAL A 580 -19.40 2.01 32.56
CA VAL A 580 -18.21 1.34 32.04
C VAL A 580 -18.11 -0.08 32.58
N LEU A 581 -18.47 -0.28 33.86
CA LEU A 581 -18.34 -1.61 34.45
C LEU A 581 -19.18 -2.63 33.71
N GLN A 582 -20.39 -2.26 33.31
CA GLN A 582 -21.27 -3.16 32.58
C GLN A 582 -20.90 -3.30 31.11
N ASN A 583 -19.80 -2.68 30.68
CA ASN A 583 -19.30 -2.83 29.32
C ASN A 583 -20.27 -2.23 28.29
N LYS A 584 -20.84 -1.08 28.62
CA LYS A 584 -21.70 -0.33 27.71
C LYS A 584 -20.83 0.67 26.96
N LYS A 585 -20.40 0.29 25.75
CA LYS A 585 -19.40 1.07 25.03
C LYS A 585 -19.92 2.47 24.69
N GLU A 586 -21.02 2.53 23.93
CA GLU A 586 -21.52 3.80 23.43
C GLU A 586 -21.96 4.70 24.57
N LEU A 587 -22.74 4.16 25.51
CA LEU A 587 -23.17 4.96 26.64
C LEU A 587 -21.99 5.41 27.48
N SER A 588 -20.95 4.58 27.57
CA SER A 588 -19.75 4.99 28.29
C SER A 588 -19.12 6.21 27.66
N LYS A 589 -19.01 6.22 26.32
CA LYS A 589 -18.46 7.42 25.67
C LYS A 589 -19.37 8.63 25.86
N VAL A 590 -20.69 8.44 25.72
CA VAL A 590 -21.61 9.56 25.88
C VAL A 590 -21.49 10.16 27.26
N ILE A 591 -21.36 9.31 28.29
CA ILE A 591 -21.24 9.80 29.65
C ILE A 591 -19.88 10.47 29.84
N TRP A 592 -18.82 9.89 29.27
CA TRP A 592 -17.49 10.48 29.42
C TRP A 592 -17.43 11.87 28.84
N GLU A 593 -18.23 12.15 27.82
CA GLU A 593 -18.22 13.49 27.24
C GLU A 593 -18.59 14.57 28.25
N GLN A 594 -19.26 14.21 29.35
CA GLN A 594 -19.70 15.20 30.32
C GLN A 594 -18.72 15.38 31.47
N THR A 595 -17.89 14.38 31.77
CA THR A 595 -17.00 14.47 32.92
C THR A 595 -16.00 15.60 32.76
N ARG A 596 -15.69 16.28 33.87
CA ARG A 596 -14.71 17.36 33.82
C ARG A 596 -13.29 16.82 33.70
N GLY A 597 -12.98 15.71 34.38
CA GLY A 597 -11.68 15.09 34.27
C GLY A 597 -11.60 14.16 33.09
N CYS A 598 -11.52 14.73 31.89
CA CYS A 598 -11.61 13.93 30.67
C CYS A 598 -10.51 12.87 30.62
N THR A 599 -9.25 13.31 30.53
CA THR A 599 -8.15 12.36 30.41
C THR A 599 -8.01 11.51 31.66
N LEU A 600 -8.19 12.11 32.84
CA LEU A 600 -8.11 11.35 34.08
C LEU A 600 -9.20 10.28 34.12
N ALA A 601 -10.42 10.65 33.72
CA ALA A 601 -11.50 9.68 33.69
C ALA A 601 -11.21 8.56 32.72
N ALA A 602 -10.67 8.90 31.55
CA ALA A 602 -10.35 7.86 30.56
C ALA A 602 -9.30 6.90 31.10
N LEU A 603 -8.26 7.43 31.72
CA LEU A 603 -7.21 6.57 32.28
C LEU A 603 -7.76 5.69 33.40
N GLY A 604 -8.60 6.26 34.26
CA GLY A 604 -9.20 5.47 35.32
C GLY A 604 -10.08 4.37 34.78
N ALA A 605 -10.87 4.67 33.76
CA ALA A 605 -11.70 3.64 33.13
C ALA A 605 -10.84 2.54 32.53
N SER A 606 -9.75 2.92 31.86
CA SER A 606 -8.85 1.91 31.30
C SER A 606 -8.27 1.02 32.39
N LYS A 607 -7.84 1.63 33.50
CA LYS A 607 -7.30 0.83 34.60
C LYS A 607 -8.35 -0.10 35.17
N LEU A 608 -9.58 0.39 35.35
CA LEU A 608 -10.66 -0.46 35.85
C LEU A 608 -10.92 -1.62 34.92
N LEU A 609 -10.98 -1.36 33.61
CA LEU A 609 -11.22 -2.43 32.65
C LEU A 609 -10.10 -3.46 32.68
N LYS A 610 -8.85 -3.02 32.78
CA LYS A 610 -7.74 -3.96 32.85
C LYS A 610 -7.80 -4.79 34.12
N SER A 611 -8.12 -4.15 35.26
CA SER A 611 -8.23 -4.90 36.51
C SER A 611 -9.34 -5.94 36.42
N MET A 612 -10.47 -5.58 35.84
CA MET A 612 -11.55 -6.54 35.65
C MET A 612 -11.10 -7.67 34.72
N ALA A 613 -10.36 -7.35 33.66
CA ALA A 613 -9.88 -8.37 32.74
C ALA A 613 -8.89 -9.31 33.41
N LYS A 614 -8.17 -8.83 34.44
CA LYS A 614 -7.31 -9.71 35.20
C LYS A 614 -8.10 -10.92 35.68
N VAL A 615 -9.27 -10.68 36.25
CA VAL A 615 -10.22 -11.74 36.60
C VAL A 615 -10.83 -12.24 35.30
N LYS A 616 -10.33 -13.37 34.81
CA LYS A 616 -10.75 -13.91 33.52
C LYS A 616 -11.61 -15.15 33.74
N ASN A 617 -12.81 -15.13 33.17
CA ASN A 617 -13.69 -16.29 33.15
C ASN A 617 -14.29 -16.56 31.78
N ASP A 618 -14.35 -15.58 30.89
CA ASP A 618 -14.84 -15.76 29.53
C ASP A 618 -13.87 -15.09 28.58
N ILE A 619 -13.63 -15.73 27.43
CA ILE A 619 -12.68 -15.20 26.46
C ILE A 619 -13.20 -13.89 25.87
N ASN A 620 -14.46 -13.89 25.43
CA ASN A 620 -15.01 -12.71 24.79
C ASN A 620 -15.09 -11.54 25.75
N ALA A 621 -15.43 -11.80 27.02
CA ALA A 621 -15.52 -10.72 28.00
C ALA A 621 -14.16 -10.05 28.17
N ALA A 622 -13.10 -10.84 28.35
CA ALA A 622 -11.77 -10.26 28.51
C ALA A 622 -11.33 -9.53 27.25
N GLY A 623 -11.61 -10.10 26.07
CA GLY A 623 -11.25 -9.43 24.84
C GLY A 623 -11.92 -8.07 24.70
N GLU A 624 -13.22 -8.03 24.98
CA GLU A 624 -13.94 -6.75 24.89
C GLU A 624 -13.41 -5.76 25.93
N SER A 625 -13.13 -6.24 27.15
CA SER A 625 -12.62 -5.36 28.19
C SER A 625 -11.30 -4.73 27.76
N GLU A 626 -10.36 -5.54 27.27
CA GLU A 626 -9.06 -5.00 26.88
C GLU A 626 -9.19 -4.10 25.66
N GLU A 627 -10.07 -4.45 24.73
CA GLU A 627 -10.27 -3.60 23.55
C GLU A 627 -10.79 -2.23 23.95
N LEU A 628 -11.79 -2.20 24.84
CA LEU A 628 -12.33 -0.92 25.29
C LEU A 628 -11.29 -0.12 26.08
N ALA A 629 -10.49 -0.81 26.90
CA ALA A 629 -9.43 -0.12 27.63
C ALA A 629 -8.43 0.52 26.67
N ASN A 630 -8.05 -0.21 25.62
CA ASN A 630 -7.13 0.34 24.64
C ASN A 630 -7.75 1.53 23.90
N GLU A 631 -9.04 1.44 23.57
CA GLU A 631 -9.71 2.55 22.91
C GLU A 631 -9.70 3.79 23.79
N TYR A 632 -10.00 3.63 25.08
CA TYR A 632 -9.97 4.77 25.98
C TYR A 632 -8.56 5.33 26.12
N GLU A 633 -7.56 4.45 26.15
CA GLU A 633 -6.17 4.91 26.16
C GLU A 633 -5.86 5.79 24.95
N THR A 634 -6.26 5.33 23.76
CA THR A 634 -5.98 6.09 22.55
C THR A 634 -6.71 7.43 22.57
N ARG A 635 -7.95 7.44 23.05
CA ARG A 635 -8.69 8.69 23.15
C ARG A 635 -7.98 9.66 24.10
N ALA A 636 -7.51 9.16 25.24
CA ALA A 636 -6.78 10.02 26.17
C ALA A 636 -5.50 10.55 25.53
N VAL A 637 -4.81 9.70 24.76
CA VAL A 637 -3.58 10.14 24.11
C VAL A 637 -3.88 11.27 23.13
N GLU A 638 -4.93 11.14 22.33
CA GLU A 638 -5.28 12.19 21.38
C GLU A 638 -5.64 13.49 22.12
N LEU A 639 -6.44 13.37 23.18
CA LEU A 639 -6.82 14.56 23.94
C LEU A 639 -5.60 15.25 24.52
N PHE A 640 -4.64 14.47 25.05
CA PHE A 640 -3.44 15.07 25.60
C PHE A 640 -2.55 15.66 24.51
N THR A 641 -2.53 15.07 23.32
CA THR A 641 -1.79 15.69 22.22
C THR A 641 -2.34 17.08 21.95
N GLU A 642 -3.67 17.21 21.88
CA GLU A 642 -4.26 18.51 21.67
C GLU A 642 -3.93 19.46 22.83
N CYS A 643 -4.02 18.95 24.07
CA CYS A 643 -3.72 19.78 25.23
C CYS A 643 -2.29 20.33 25.17
N TYR A 644 -1.33 19.46 24.87
CA TYR A 644 0.07 19.90 24.80
C TYR A 644 0.28 20.87 23.66
N SER A 645 -0.34 20.61 22.51
CA SER A 645 -0.17 21.52 21.38
C SER A 645 -0.70 22.91 21.69
N ASN A 646 -1.87 23.00 22.32
CA ASN A 646 -2.44 24.31 22.60
C ASN A 646 -1.60 25.08 23.61
N ASP A 647 -1.15 24.42 24.68
CA ASP A 647 -0.40 25.08 25.74
C ASP A 647 0.57 24.08 26.32
N GLU A 648 1.85 24.17 25.92
CA GLU A 648 2.85 23.24 26.40
C GLU A 648 3.17 23.47 27.88
N ASP A 649 3.27 24.73 28.29
CA ASP A 649 3.71 25.03 29.65
C ASP A 649 2.72 24.51 30.69
N LEU A 650 1.42 24.67 30.43
CA LEU A 650 0.41 24.32 31.42
C LEU A 650 -0.20 22.94 31.22
N ALA A 651 0.04 22.30 30.08
CA ALA A 651 -0.44 20.93 29.90
C ALA A 651 0.20 19.99 30.92
N GLU A 652 1.43 20.29 31.33
CA GLU A 652 2.10 19.48 32.35
C GLU A 652 1.39 19.60 33.69
N GLN A 653 0.77 20.75 33.96
CA GLN A 653 0.03 20.92 35.22
C GLN A 653 -1.10 19.92 35.33
N LEU A 654 -1.72 19.55 34.21
CA LEU A 654 -2.76 18.53 34.25
C LEU A 654 -2.21 17.21 34.76
N LEU A 655 -1.03 16.81 34.28
CA LEU A 655 -0.42 15.59 34.78
C LEU A 655 -0.09 15.72 36.26
N THR A 656 0.47 16.87 36.66
CA THR A 656 0.80 17.06 38.07
C THR A 656 -0.44 17.32 38.92
N TYR A 657 -1.53 17.78 38.32
CA TYR A 657 -2.73 18.10 39.09
C TYR A 657 -3.28 16.84 39.74
N SER A 658 -3.82 17.02 40.95
CA SER A 658 -4.30 15.90 41.75
C SER A 658 -5.66 15.42 41.23
N CYS A 659 -6.28 14.51 41.97
CA CYS A 659 -7.54 13.92 41.54
C CYS A 659 -8.70 14.89 41.68
N GLU A 660 -8.73 15.64 42.78
CA GLU A 660 -9.92 16.40 43.19
C GLU A 660 -11.05 15.43 43.56
N ALA A 661 -10.72 14.47 44.42
CA ALA A 661 -11.61 13.45 44.96
C ALA A 661 -11.89 12.33 43.97
N TRP A 662 -11.33 12.37 42.75
CA TRP A 662 -11.60 11.31 41.78
C TRP A 662 -11.04 9.98 42.26
N GLY A 663 -9.81 9.98 42.78
CA GLY A 663 -9.16 8.75 43.18
C GLY A 663 -7.87 9.04 43.89
N GLY A 664 -7.25 7.97 44.40
CA GLY A 664 -6.05 8.13 45.19
C GLY A 664 -4.90 8.77 44.42
N SER A 665 -4.71 8.35 43.17
CA SER A 665 -3.59 8.78 42.36
C SER A 665 -4.01 9.84 41.34
N ASN A 666 -3.02 10.47 40.74
CA ASN A 666 -3.24 11.51 39.74
C ASN A 666 -3.14 10.88 38.35
N CYS A 667 -3.11 11.73 37.32
CA CYS A 667 -3.14 11.25 35.94
C CYS A 667 -1.93 10.38 35.63
N LEU A 668 -0.73 10.87 35.94
CA LEU A 668 0.48 10.16 35.53
C LEU A 668 0.64 8.85 36.31
N GLU A 669 0.43 8.88 37.62
CA GLU A 669 0.48 7.65 38.40
C GLU A 669 -0.58 6.66 37.93
N LEU A 670 -1.78 7.15 37.61
CA LEU A 670 -2.83 6.26 37.13
C LEU A 670 -2.44 5.60 35.82
N ALA A 671 -1.83 6.37 34.91
CA ALA A 671 -1.34 5.78 33.67
C ALA A 671 -0.26 4.74 33.93
N VAL A 672 0.64 5.03 34.87
CA VAL A 672 1.71 4.09 35.18
C VAL A 672 1.15 2.78 35.73
N GLU A 673 0.16 2.87 36.62
CA GLU A 673 -0.35 1.67 37.26
C GLU A 673 -0.97 0.72 36.24
N ALA A 674 -1.62 1.26 35.21
CA ALA A 674 -2.23 0.45 34.18
C ALA A 674 -1.26 0.05 33.08
N ARG A 675 0.01 0.40 33.20
CA ARG A 675 1.02 0.04 32.20
C ARG A 675 0.68 0.62 30.84
N ASP A 676 0.53 1.94 30.81
CA ASP A 676 0.09 2.64 29.60
C ASP A 676 1.32 3.08 28.83
N GLN A 677 1.93 2.12 28.12
CA GLN A 677 3.15 2.41 27.37
C GLN A 677 2.90 3.45 26.29
N GLN A 678 1.73 3.39 25.65
CA GLN A 678 1.42 4.35 24.59
C GLN A 678 1.37 5.77 25.15
N PHE A 679 0.76 5.95 26.33
CA PHE A 679 0.56 7.29 26.85
C PHE A 679 1.87 7.93 27.29
N ILE A 680 2.74 7.17 27.96
CA ILE A 680 3.99 7.73 28.44
C ILE A 680 5.04 7.84 27.35
N ALA A 681 4.86 7.14 26.22
CA ALA A 681 5.83 7.14 25.14
C ALA A 681 5.66 8.30 24.18
N GLN A 682 4.63 9.13 24.35
CA GLN A 682 4.41 10.23 23.45
C GLN A 682 5.41 11.35 23.69
N PRO A 683 5.63 12.22 22.71
CA PRO A 683 6.67 13.25 22.87
C PRO A 683 6.48 14.15 24.07
N GLY A 684 5.24 14.49 24.40
CA GLY A 684 5.01 15.47 25.46
C GLY A 684 5.47 14.97 26.82
N VAL A 685 5.12 13.73 27.15
CA VAL A 685 5.47 13.20 28.46
C VAL A 685 6.98 12.98 28.56
N GLN A 686 7.61 12.51 27.49
CA GLN A 686 9.05 12.34 27.50
C GLN A 686 9.75 13.69 27.65
N ASN A 687 9.26 14.71 26.96
CA ASN A 687 9.85 16.05 27.10
C ASN A 687 9.70 16.56 28.53
N PHE A 688 8.53 16.35 29.13
CA PHE A 688 8.33 16.77 30.51
C PHE A 688 9.29 16.03 31.45
N LEU A 689 9.44 14.73 31.25
CA LEU A 689 10.35 13.95 32.09
C LEU A 689 11.79 14.43 31.94
N SER A 690 12.22 14.71 30.71
CA SER A 690 13.56 15.21 30.50
C SER A 690 13.76 16.57 31.17
N LYS A 691 12.77 17.46 31.01
CA LYS A 691 12.87 18.78 31.62
C LYS A 691 12.94 18.70 33.12
N GLN A 692 12.18 17.77 33.72
CA GLN A 692 12.24 17.59 35.17
C GLN A 692 13.57 17.01 35.60
N TRP A 693 14.06 15.99 34.90
CA TRP A 693 15.29 15.33 35.30
C TRP A 693 16.48 16.26 35.20
N TYR A 694 16.56 17.05 34.13
CA TYR A 694 17.62 18.04 34.02
C TYR A 694 17.53 19.09 35.12
N GLY A 695 16.37 19.24 35.75
CA GLY A 695 16.23 20.15 36.86
C GLY A 695 16.27 21.60 36.44
N GLU A 696 16.63 22.44 37.41
CA GLU A 696 16.70 23.89 37.17
C GLU A 696 17.73 24.23 36.10
N ILE A 697 18.69 23.34 35.84
CA ILE A 697 19.68 23.60 34.81
C ILE A 697 18.98 23.83 33.47
N SER A 698 19.46 24.82 32.72
CA SER A 698 18.91 25.06 31.40
C SER A 698 19.04 23.80 30.56
N ARG A 699 17.94 23.41 29.93
CA ARG A 699 17.89 22.14 29.23
C ARG A 699 18.70 22.18 27.94
N ASP A 700 19.47 21.13 27.70
CA ASP A 700 20.19 20.92 26.44
C ASP A 700 21.25 22.02 26.22
N THR A 701 21.81 22.55 27.31
CA THR A 701 22.97 23.40 27.17
C THR A 701 24.12 22.64 26.52
N LYS A 702 24.69 21.69 27.26
CA LYS A 702 25.64 20.72 26.72
C LYS A 702 25.87 19.65 27.78
N ASN A 703 26.00 18.39 27.36
CA ASN A 703 26.17 17.31 28.33
C ASN A 703 27.52 17.40 29.03
N TRP A 704 28.57 17.74 28.29
CA TRP A 704 29.92 17.74 28.85
C TRP A 704 30.18 18.92 29.76
N LYS A 705 29.51 20.05 29.53
CA LYS A 705 29.72 21.21 30.39
C LYS A 705 29.28 20.92 31.82
N ILE A 706 28.16 20.24 31.98
CA ILE A 706 27.67 19.92 33.31
C ILE A 706 28.66 19.01 34.03
N ILE A 707 29.21 18.03 33.31
CA ILE A 707 30.21 17.14 33.91
C ILE A 707 31.44 17.94 34.32
N MET A 708 31.88 18.86 33.46
CA MET A 708 33.05 19.66 33.80
C MET A 708 32.80 20.52 35.04
N CYS A 709 31.58 21.05 35.17
CA CYS A 709 31.27 21.89 36.33
C CYS A 709 31.48 21.13 37.63
N LEU A 710 31.31 19.82 37.62
CA LEU A 710 31.53 19.01 38.81
C LEU A 710 33.01 19.05 39.22
N LEU A 736 19.87 30.36 45.71
CA LEU A 736 21.18 30.75 45.21
C LEU A 736 21.46 30.08 43.86
N TYR A 737 22.41 30.63 43.12
CA TYR A 737 22.74 30.08 41.81
C TYR A 737 23.29 28.66 41.93
N TYR A 738 24.17 28.45 42.92
CA TYR A 738 24.81 27.13 43.07
C TYR A 738 23.80 26.08 43.52
N VAL A 739 22.85 26.46 44.37
CA VAL A 739 21.92 25.49 44.93
C VAL A 739 21.07 24.86 43.83
N SER A 740 20.62 25.67 42.88
CA SER A 740 19.80 25.14 41.79
C SER A 740 20.59 24.10 40.99
N PHE A 741 21.86 24.37 40.71
CA PHE A 741 22.68 23.40 39.99
C PHE A 741 22.89 22.14 40.82
N PHE A 742 23.14 22.29 42.12
CA PHE A 742 23.49 21.15 42.96
C PHE A 742 22.28 20.31 43.38
N THR A 743 21.06 20.78 43.13
CA THR A 743 19.86 20.04 43.50
C THR A 743 19.23 19.30 42.32
N SER A 744 19.82 19.38 41.14
CA SER A 744 19.25 18.71 39.98
C SER A 744 19.45 17.19 40.10
N PRO A 745 18.48 16.39 39.67
CA PRO A 745 18.68 14.94 39.69
C PRO A 745 19.87 14.48 38.87
N PHE A 746 20.17 15.17 37.77
CA PHE A 746 21.33 14.81 36.95
C PHE A 746 22.61 14.81 37.78
N VAL A 747 22.82 15.90 38.54
CA VAL A 747 24.04 16.02 39.33
C VAL A 747 24.07 14.98 40.45
N VAL A 748 22.93 14.73 41.08
CA VAL A 748 22.88 13.72 42.13
C VAL A 748 23.23 12.35 41.58
N PHE A 749 22.69 12.02 40.41
CA PHE A 749 23.02 10.75 39.78
C PHE A 749 24.50 10.66 39.45
N SER A 750 25.07 11.76 38.96
CA SER A 750 26.50 11.78 38.66
C SER A 750 27.32 11.53 39.92
N TRP A 751 26.97 12.21 41.01
CA TRP A 751 27.69 12.01 42.27
C TRP A 751 27.57 10.58 42.75
N ASN A 752 26.38 9.99 42.65
CA ASN A 752 26.19 8.61 43.09
C ASN A 752 27.03 7.66 42.25
N VAL A 753 27.08 7.89 40.93
CA VAL A 753 27.89 7.03 40.07
C VAL A 753 29.37 7.14 40.44
N ILE A 754 29.84 8.37 40.67
CA ILE A 754 31.24 8.55 41.03
C ILE A 754 31.53 7.86 42.35
N PHE A 755 30.64 8.01 43.33
CA PHE A 755 30.84 7.37 44.63
C PHE A 755 30.86 5.86 44.50
N TYR A 756 29.98 5.30 43.66
CA TYR A 756 29.96 3.85 43.47
C TYR A 756 31.25 3.36 42.81
N ILE A 757 31.76 4.11 41.83
CA ILE A 757 33.01 3.72 41.18
C ILE A 757 34.16 3.77 42.16
N ALA A 758 34.22 4.82 42.98
CA ALA A 758 35.26 4.91 43.99
C ALA A 758 35.14 3.76 44.99
N PHE A 759 33.91 3.41 45.36
CA PHE A 759 33.71 2.27 46.25
C PHE A 759 34.22 0.98 45.63
N LEU A 760 33.97 0.78 44.34
CA LEU A 760 34.49 -0.41 43.67
C LEU A 760 36.00 -0.43 43.66
N LEU A 761 36.63 0.72 43.40
CA LEU A 761 38.08 0.79 43.40
C LEU A 761 38.63 0.45 44.79
N LEU A 762 38.02 1.01 45.83
CA LEU A 762 38.47 0.74 47.19
C LEU A 762 38.29 -0.73 47.55
N PHE A 763 37.15 -1.31 47.14
CA PHE A 763 36.90 -2.72 47.41
C PHE A 763 37.96 -3.58 46.74
N ALA A 764 38.27 -3.28 45.48
CA ALA A 764 39.29 -4.07 44.77
C ALA A 764 40.65 -3.93 45.44
N TYR A 765 41.02 -2.71 45.82
CA TYR A 765 42.33 -2.52 46.46
C TYR A 765 42.40 -3.31 47.76
N VAL A 766 41.35 -3.25 48.57
CA VAL A 766 41.35 -3.99 49.83
C VAL A 766 41.38 -5.49 49.58
N LEU A 767 40.71 -5.94 48.52
CA LEU A 767 40.59 -7.37 48.28
C LEU A 767 41.89 -7.96 47.77
N LEU A 768 42.61 -7.24 46.91
CA LEU A 768 43.80 -7.79 46.27
C LEU A 768 45.08 -7.42 47.01
N MET A 769 45.35 -6.13 47.16
CA MET A 769 46.66 -5.69 47.66
C MET A 769 46.74 -5.81 49.18
N ASP A 770 45.70 -5.40 49.90
CA ASP A 770 45.73 -5.27 51.36
C ASP A 770 44.55 -6.04 51.94
N PHE A 771 44.76 -7.33 52.21
CA PHE A 771 43.79 -8.17 52.91
C PHE A 771 44.57 -8.94 53.97
N GLN A 772 44.68 -8.36 55.15
CA GLN A 772 45.47 -8.94 56.23
C GLN A 772 44.59 -9.76 57.17
N LYS A 773 45.23 -10.45 58.10
CA LYS A 773 44.51 -11.32 59.02
C LYS A 773 43.55 -10.52 59.88
N GLU A 774 43.99 -9.38 60.40
CA GLU A 774 43.14 -8.56 61.28
C GLU A 774 42.55 -7.41 60.48
N PRO A 775 41.24 -7.17 60.57
CA PRO A 775 40.64 -6.09 59.77
C PRO A 775 41.36 -4.77 59.95
N THR A 776 41.67 -4.12 58.83
CA THR A 776 42.27 -2.80 58.85
C THR A 776 41.20 -1.73 58.75
N ALA A 777 41.56 -0.51 59.15
CA ALA A 777 40.59 0.58 59.19
C ALA A 777 39.97 0.84 57.82
N LEU A 778 40.75 0.63 56.75
CA LEU A 778 40.24 0.84 55.41
C LEU A 778 39.07 -0.12 55.12
N GLU A 779 39.21 -1.38 55.53
CA GLU A 779 38.11 -2.33 55.37
C GLU A 779 36.91 -1.94 56.23
N ILE A 780 37.15 -1.32 57.38
CA ILE A 780 36.05 -0.82 58.21
C ILE A 780 35.30 0.28 57.47
N ILE A 781 36.04 1.18 56.80
CA ILE A 781 35.41 2.21 56.00
C ILE A 781 34.60 1.59 54.89
N LEU A 782 35.12 0.51 54.29
CA LEU A 782 34.36 -0.20 53.25
C LEU A 782 33.05 -0.75 53.80
N TYR A 783 33.10 -1.34 55.00
CA TYR A 783 31.88 -1.82 55.64
C TYR A 783 30.89 -0.68 55.84
N VAL A 784 31.39 0.47 56.29
CA VAL A 784 30.51 1.63 56.53
C VAL A 784 29.85 2.06 55.22
N LEU A 785 30.62 2.09 54.14
CA LEU A 785 30.05 2.49 52.85
C LEU A 785 28.97 1.52 52.39
N VAL A 786 29.22 0.22 52.55
CA VAL A 786 28.23 -0.76 52.10
C VAL A 786 26.96 -0.63 52.94
N PHE A 787 27.10 -0.41 54.25
CA PHE A 787 25.91 -0.24 55.09
C PHE A 787 25.21 1.07 54.77
N VAL A 788 25.94 2.09 54.32
CA VAL A 788 25.31 3.32 53.85
C VAL A 788 24.46 3.03 52.63
N LEU A 789 24.98 2.22 51.70
CA LEU A 789 24.18 1.84 50.54
C LEU A 789 22.94 1.05 50.97
N LEU A 790 23.08 0.20 51.99
CA LEU A 790 21.92 -0.51 52.53
C LEU A 790 20.90 0.46 53.09
N CYS A 791 21.35 1.47 53.81
CA CYS A 791 20.44 2.49 54.33
C CYS A 791 19.74 3.21 53.19
N ASP A 792 20.47 3.49 52.11
CA ASP A 792 19.86 4.13 50.95
C ASP A 792 18.76 3.25 50.37
N GLU A 793 19.03 1.94 50.24
CA GLU A 793 18.03 1.00 49.76
C GLU A 793 16.85 0.85 50.72
N TRP A 794 17.06 1.16 52.00
CA TRP A 794 15.95 1.13 52.95
C TRP A 794 14.82 2.06 52.50
N TYR A 795 15.17 3.18 51.87
CA TYR A 795 14.14 4.09 51.37
C TYR A 795 13.31 3.44 50.28
N MET A 796 13.96 2.75 49.34
CA MET A 796 13.22 2.08 48.27
C MET A 796 12.52 0.82 48.73
N ASN A 797 12.86 0.30 49.92
CA ASN A 797 12.16 -0.88 50.43
C ASN A 797 10.66 -0.66 50.52
N GLY A 798 10.20 0.59 50.63
CA GLY A 798 8.77 0.83 50.76
C GLY A 798 7.97 0.31 49.58
N SER A 799 8.53 0.39 48.37
CA SER A 799 7.82 -0.05 47.18
C SER A 799 7.90 -1.56 47.04
N LYS A 800 7.47 -2.08 45.89
CA LYS A 800 7.48 -3.52 45.62
C LYS A 800 8.94 -3.97 45.54
N TYR A 801 9.55 -4.12 46.72
CA TYR A 801 10.99 -4.40 46.78
C TYR A 801 11.33 -5.73 46.12
N PHE A 802 10.53 -6.76 46.39
CA PHE A 802 10.79 -8.09 45.84
C PHE A 802 10.16 -8.30 44.47
N SER A 803 9.44 -7.31 43.94
CA SER A 803 8.84 -7.46 42.62
C SER A 803 9.91 -7.52 41.53
N ASP A 804 10.95 -6.72 41.65
CA ASP A 804 11.98 -6.60 40.63
C ASP A 804 13.20 -7.45 40.98
N LEU A 805 13.94 -7.83 39.93
CA LEU A 805 15.08 -8.73 40.10
C LEU A 805 16.29 -8.02 40.71
N TRP A 806 16.55 -6.78 40.29
CA TRP A 806 17.74 -6.08 40.79
C TRP A 806 17.66 -5.85 42.29
N ASN A 807 16.46 -5.61 42.82
CA ASN A 807 16.33 -5.40 44.26
C ASN A 807 16.68 -6.66 45.04
N VAL A 808 16.14 -7.81 44.63
CA VAL A 808 16.46 -9.05 45.29
C VAL A 808 17.94 -9.36 45.15
N MET A 809 18.53 -9.01 44.00
CA MET A 809 19.96 -9.22 43.81
C MET A 809 20.78 -8.39 44.79
N ASP A 810 20.39 -7.13 45.02
CA ASP A 810 21.13 -6.31 45.97
C ASP A 810 20.97 -6.84 47.39
N THR A 811 19.77 -7.32 47.75
CA THR A 811 19.59 -7.94 49.06
C THR A 811 20.51 -9.16 49.20
N LEU A 812 20.59 -9.97 48.15
CA LEU A 812 21.48 -11.13 48.17
C LEU A 812 22.93 -10.71 48.37
N ALA A 813 23.35 -9.66 47.67
CA ALA A 813 24.72 -9.18 47.81
C ALA A 813 25.00 -8.73 49.25
N ILE A 814 24.06 -8.01 49.85
CA ILE A 814 24.25 -7.54 51.22
C ILE A 814 24.36 -8.73 52.18
N PHE A 815 23.49 -9.72 51.99
CA PHE A 815 23.55 -10.91 52.83
C PHE A 815 24.90 -11.62 52.70
N TYR A 816 25.38 -11.77 51.46
CA TYR A 816 26.67 -12.40 51.26
C TYR A 816 27.79 -11.61 51.90
N PHE A 817 27.71 -10.28 51.84
CA PHE A 817 28.74 -9.45 52.46
C PHE A 817 28.78 -9.68 53.97
N ILE A 818 27.61 -9.71 54.61
CA ILE A 818 27.61 -9.88 56.07
C ILE A 818 28.09 -11.27 56.45
N ALA A 819 27.72 -12.30 55.67
CA ALA A 819 28.23 -13.64 55.95
C ALA A 819 29.75 -13.68 55.79
N GLY A 820 30.27 -13.01 54.76
CA GLY A 820 31.71 -12.93 54.60
C GLY A 820 32.38 -12.23 55.76
N ILE A 821 31.73 -11.22 56.32
CA ILE A 821 32.26 -10.57 57.52
C ILE A 821 32.34 -11.58 58.66
N VAL A 822 31.28 -12.38 58.84
CA VAL A 822 31.27 -13.36 59.92
C VAL A 822 32.45 -14.30 59.78
N PHE A 823 32.69 -14.80 58.57
CA PHE A 823 33.88 -15.63 58.37
C PHE A 823 35.16 -14.85 58.58
N ARG A 824 35.19 -13.58 58.19
CA ARG A 824 36.39 -12.76 58.29
C ARG A 824 36.84 -12.64 59.74
N LEU A 825 35.90 -12.48 60.67
CA LEU A 825 36.25 -12.17 62.05
C LEU A 825 36.62 -13.39 62.88
N HIS A 826 36.54 -14.60 62.33
CA HIS A 826 36.87 -15.79 63.11
C HIS A 826 38.36 -15.89 63.42
N SER A 827 39.21 -15.28 62.60
CA SER A 827 40.66 -15.25 62.81
C SER A 827 41.33 -16.60 62.57
N ASP A 828 40.69 -17.48 61.80
CA ASP A 828 41.27 -18.76 61.42
C ASP A 828 41.58 -18.75 59.92
N GLU A 829 42.71 -19.34 59.55
CA GLU A 829 43.14 -19.30 58.15
C GLU A 829 42.07 -19.89 57.24
N SER A 830 41.62 -21.11 57.54
CA SER A 830 40.61 -21.76 56.71
C SER A 830 39.30 -20.98 56.69
N SER A 831 39.05 -20.15 57.70
CA SER A 831 37.82 -19.38 57.77
C SER A 831 37.93 -18.04 57.05
N TRP A 832 39.00 -17.29 57.30
CA TRP A 832 39.11 -15.98 56.66
C TRP A 832 39.49 -16.12 55.18
N TYR A 833 40.10 -17.23 54.78
CA TYR A 833 40.26 -17.48 53.35
C TYR A 833 38.90 -17.64 52.67
N SER A 834 37.99 -18.40 53.29
CA SER A 834 36.64 -18.53 52.75
C SER A 834 35.92 -17.18 52.78
N GLY A 835 36.19 -16.36 53.79
CA GLY A 835 35.63 -15.02 53.80
C GLY A 835 36.11 -14.18 52.63
N ARG A 836 37.41 -14.28 52.32
CA ARG A 836 37.95 -13.59 51.15
C ARG A 836 37.28 -14.08 49.87
N VAL A 837 37.07 -15.40 49.76
CA VAL A 837 36.38 -15.93 48.60
C VAL A 837 34.96 -15.38 48.51
N ILE A 838 34.28 -15.29 49.66
CA ILE A 838 32.93 -14.74 49.69
C ILE A 838 32.93 -13.29 49.18
N PHE A 839 33.90 -12.50 49.64
CA PHE A 839 33.99 -11.12 49.18
C PHE A 839 34.26 -11.06 47.67
N CYS A 840 35.12 -11.95 47.18
CA CYS A 840 35.40 -11.99 45.74
C CYS A 840 34.12 -12.27 44.95
N LEU A 841 33.31 -13.23 45.42
CA LEU A 841 32.07 -13.52 44.72
C LEU A 841 31.09 -12.36 44.80
N ASP A 842 31.04 -11.67 45.94
CA ASP A 842 30.14 -10.53 46.09
C ASP A 842 30.53 -9.38 45.17
N TYR A 843 31.85 -9.22 44.95
CA TYR A 843 32.32 -8.15 44.08
C TYR A 843 31.73 -8.25 42.68
N ILE A 844 31.46 -9.47 42.22
CA ILE A 844 30.90 -9.64 40.87
C ILE A 844 29.53 -8.97 40.80
N VAL A 845 28.67 -9.23 41.78
CA VAL A 845 27.35 -8.60 41.79
C VAL A 845 27.47 -7.10 41.93
N PHE A 846 28.34 -6.65 42.85
CA PHE A 846 28.48 -5.22 43.07
C PHE A 846 28.92 -4.51 41.80
N THR A 847 29.77 -5.16 41.00
CA THR A 847 30.20 -4.56 39.73
C THR A 847 29.09 -4.64 38.69
N LEU A 848 28.39 -5.77 38.62
CA LEU A 848 27.35 -5.94 37.60
C LEU A 848 26.16 -5.03 37.83
N ARG A 849 26.03 -4.43 39.01
CA ARG A 849 24.97 -3.45 39.21
C ARG A 849 25.08 -2.26 38.24
N LEU A 850 26.26 -2.04 37.67
CA LEU A 850 26.43 -0.92 36.74
C LEU A 850 25.52 -1.06 35.52
N ILE A 851 25.23 -2.28 35.11
CA ILE A 851 24.35 -2.48 33.95
C ILE A 851 22.97 -1.89 34.24
N HIS A 852 22.44 -2.18 35.43
CA HIS A 852 21.17 -1.59 35.83
C HIS A 852 21.29 -0.08 35.99
N ILE A 853 22.42 0.38 36.55
CA ILE A 853 22.58 1.81 36.80
C ILE A 853 22.52 2.60 35.50
N PHE A 854 23.15 2.08 34.44
CA PHE A 854 23.33 2.83 33.20
C PHE A 854 22.21 2.59 32.19
N THR A 855 20.99 2.32 32.65
CA THR A 855 19.85 2.19 31.74
C THR A 855 19.29 3.52 31.28
N VAL A 856 19.79 4.64 31.81
CA VAL A 856 19.31 5.96 31.45
C VAL A 856 20.25 6.65 30.47
N SER A 857 21.13 5.89 29.80
CA SER A 857 22.16 6.51 28.97
C SER A 857 21.56 7.24 27.77
N ARG A 858 20.41 6.79 27.28
CA ARG A 858 19.77 7.24 26.05
C ARG A 858 20.46 6.63 24.82
N ASN A 859 21.56 5.92 24.99
CA ASN A 859 22.28 5.31 23.88
C ASN A 859 22.52 3.83 24.16
N LEU A 860 22.65 3.49 25.44
CA LEU A 860 22.87 2.11 25.86
C LEU A 860 21.64 1.45 26.45
N GLY A 861 20.71 2.23 26.99
CA GLY A 861 19.57 1.69 27.68
C GLY A 861 18.71 0.78 26.82
N PRO A 862 18.36 1.25 25.62
CA PRO A 862 17.56 0.39 24.73
C PRO A 862 18.25 -0.92 24.39
N LYS A 863 19.55 -0.87 24.11
CA LYS A 863 20.27 -2.09 23.79
C LYS A 863 20.31 -3.04 24.98
N ILE A 864 20.53 -2.49 26.18
CA ILE A 864 20.54 -3.32 27.38
C ILE A 864 19.19 -3.98 27.59
N ILE A 865 18.11 -3.22 27.39
CA ILE A 865 16.77 -3.78 27.55
C ILE A 865 16.50 -4.84 26.51
N MET A 866 17.08 -4.71 25.32
CA MET A 866 16.85 -5.69 24.26
C MET A 866 17.29 -7.09 24.69
N LEU A 867 18.23 -7.18 25.62
CA LEU A 867 18.77 -8.48 26.00
C LEU A 867 17.69 -9.42 26.55
N GLN A 868 16.61 -8.86 27.10
CA GLN A 868 15.57 -9.69 27.67
C GLN A 868 14.86 -10.53 26.63
N ARG A 869 14.99 -10.19 25.34
CA ARG A 869 14.29 -10.88 24.28
C ARG A 869 15.09 -12.02 23.67
N MET A 870 16.38 -12.14 24.01
CA MET A 870 17.24 -13.18 23.45
C MET A 870 17.27 -14.44 24.29
N MET A 871 16.54 -14.46 25.40
CA MET A 871 16.63 -15.58 26.34
C MET A 871 16.13 -16.86 25.71
N ILE A 872 15.06 -16.79 24.91
CA ILE A 872 14.53 -18.00 24.28
C ILE A 872 15.55 -18.60 23.32
N ASP A 873 16.18 -17.76 22.50
CA ASP A 873 17.19 -18.25 21.57
C ASP A 873 18.38 -18.85 22.32
N VAL A 874 18.82 -18.17 23.38
CA VAL A 874 19.93 -18.69 24.17
C VAL A 874 19.56 -20.04 24.77
N PHE A 875 18.33 -20.18 25.26
CA PHE A 875 17.90 -21.43 25.87
C PHE A 875 17.87 -22.55 24.83
N PHE A 876 17.39 -22.27 23.63
CA PHE A 876 17.39 -23.28 22.58
C PHE A 876 18.81 -23.71 22.24
N PHE A 877 19.71 -22.73 22.10
CA PHE A 877 21.11 -23.02 21.83
C PHE A 877 21.70 -23.92 22.91
N LEU A 878 21.46 -23.57 24.18
CA LEU A 878 22.00 -24.34 25.28
C LEU A 878 21.41 -25.75 25.33
N PHE A 879 20.12 -25.88 25.03
CA PHE A 879 19.49 -27.20 25.03
C PHE A 879 20.15 -28.11 24.00
N LEU A 880 20.26 -27.63 22.76
CA LEU A 880 20.91 -28.45 21.73
C LEU A 880 22.35 -28.77 22.11
N PHE A 881 23.08 -27.77 22.58
CA PHE A 881 24.48 -27.98 22.94
C PHE A 881 24.62 -29.03 24.03
N ALA A 882 23.78 -28.94 25.06
CA ALA A 882 23.87 -29.89 26.17
C ALA A 882 23.55 -31.30 25.71
N VAL A 883 22.50 -31.46 24.89
CA VAL A 883 22.16 -32.79 24.40
C VAL A 883 23.34 -33.38 23.63
N TRP A 884 23.91 -32.59 22.72
CA TRP A 884 25.03 -33.10 21.92
C TRP A 884 26.23 -33.42 22.80
N MET A 885 26.53 -32.56 23.79
CA MET A 885 27.65 -32.82 24.68
C MET A 885 27.47 -34.14 25.40
N VAL A 886 26.29 -34.34 26.00
CA VAL A 886 26.05 -35.57 26.74
C VAL A 886 26.25 -36.77 25.84
N ALA A 887 25.61 -36.76 24.66
CA ALA A 887 25.69 -37.91 23.78
C ALA A 887 27.14 -38.21 23.39
N PHE A 888 27.86 -37.20 22.89
CA PHE A 888 29.21 -37.42 22.41
C PHE A 888 30.14 -37.85 23.55
N GLY A 889 30.03 -37.19 24.70
CA GLY A 889 30.91 -37.52 25.80
C GLY A 889 30.70 -38.93 26.30
N VAL A 890 29.44 -39.33 26.48
CA VAL A 890 29.17 -40.69 26.93
C VAL A 890 29.68 -41.69 25.91
N ALA A 891 29.41 -41.44 24.62
CA ALA A 891 29.85 -42.37 23.59
C ALA A 891 31.36 -42.54 23.61
N ARG A 892 32.10 -41.43 23.60
CA ARG A 892 33.56 -41.51 23.56
C ARG A 892 34.11 -42.18 24.82
N GLN A 893 33.61 -41.77 26.00
CA GLN A 893 34.13 -42.32 27.24
C GLN A 893 33.91 -43.82 27.31
N GLY A 894 32.73 -44.28 26.91
CA GLY A 894 32.50 -45.71 26.87
C GLY A 894 33.34 -46.43 25.83
N ILE A 895 33.58 -45.77 24.70
CA ILE A 895 34.31 -46.43 23.61
C ILE A 895 35.77 -46.66 23.99
N LEU A 896 36.44 -45.62 24.48
CA LEU A 896 37.91 -45.66 24.60
C LEU A 896 38.39 -45.64 26.05
N ARG A 897 37.58 -46.13 26.99
CA ARG A 897 38.05 -46.29 28.36
C ARG A 897 37.27 -47.42 29.03
N LYS A 898 37.87 -47.96 30.08
CA LYS A 898 37.27 -49.02 30.88
C LYS A 898 36.48 -48.40 32.04
N ASN A 899 36.09 -49.21 33.00
CA ASN A 899 35.33 -48.72 34.14
C ASN A 899 36.12 -47.63 34.88
N GLU A 900 35.44 -46.53 35.16
CA GLU A 900 35.98 -45.44 35.95
C GLU A 900 35.26 -45.40 37.29
N HIS A 901 36.03 -45.28 38.37
CA HIS A 901 35.46 -45.25 39.72
C HIS A 901 35.69 -43.91 40.41
N ARG A 902 36.02 -42.87 39.65
CA ARG A 902 36.22 -41.52 40.19
C ARG A 902 35.15 -40.61 39.58
N TRP A 903 34.24 -40.14 40.43
CA TRP A 903 33.07 -39.41 39.94
C TRP A 903 33.47 -38.12 39.24
N GLU A 904 34.45 -37.39 39.79
CA GLU A 904 34.81 -36.10 39.23
C GLU A 904 35.25 -36.24 37.78
N TRP A 905 36.05 -37.25 37.48
CA TRP A 905 36.59 -37.38 36.14
C TRP A 905 35.51 -37.79 35.13
N ILE A 906 34.44 -38.46 35.59
CA ILE A 906 33.34 -38.77 34.70
C ILE A 906 32.77 -37.48 34.11
N PHE A 907 32.45 -36.51 34.96
CA PHE A 907 31.92 -35.25 34.48
C PHE A 907 32.99 -34.38 33.83
N ARG A 908 34.25 -34.58 34.22
CA ARG A 908 35.35 -33.82 33.63
C ARG A 908 35.65 -34.26 32.21
N SER A 909 35.35 -35.51 31.86
CA SER A 909 35.58 -36.01 30.52
C SER A 909 34.30 -36.18 29.71
N VAL A 910 33.13 -36.05 30.33
CA VAL A 910 31.86 -36.21 29.63
C VAL A 910 31.26 -34.85 29.30
N ILE A 911 31.46 -33.87 30.19
CA ILE A 911 30.84 -32.56 30.07
C ILE A 911 31.87 -31.48 29.76
N TYR A 912 32.96 -31.43 30.51
CA TYR A 912 33.89 -30.31 30.41
C TYR A 912 34.59 -30.30 29.06
N GLU A 913 35.15 -31.43 28.64
CA GLU A 913 35.91 -31.45 27.39
C GLU A 913 35.03 -31.15 26.17
N PRO A 914 33.86 -31.76 26.00
CA PRO A 914 33.00 -31.33 24.88
C PRO A 914 32.62 -29.86 24.96
N TYR A 915 32.46 -29.33 26.17
CA TYR A 915 32.16 -27.91 26.31
C TYR A 915 33.30 -27.06 25.78
N LEU A 916 34.54 -27.43 26.11
CA LEU A 916 35.68 -26.70 25.58
C LEU A 916 35.84 -26.90 24.08
N ALA A 917 35.34 -28.02 23.56
CA ALA A 917 35.54 -28.31 22.14
C ALA A 917 34.99 -27.21 21.24
N MET A 918 33.97 -26.47 21.70
CA MET A 918 33.44 -25.39 20.89
C MET A 918 34.35 -24.18 20.83
N PHE A 919 35.25 -24.01 21.81
CA PHE A 919 36.17 -22.89 21.84
C PHE A 919 37.44 -23.15 21.05
N GLY A 920 37.40 -24.08 20.09
CA GLY A 920 38.52 -24.37 19.23
C GLY A 920 39.45 -25.46 19.72
N GLN A 921 39.28 -25.92 20.95
CA GLN A 921 40.13 -26.98 21.46
C GLN A 921 39.73 -28.32 20.83
N TYR A 922 40.73 -29.06 20.36
CA TYR A 922 40.50 -30.33 19.69
C TYR A 922 40.89 -31.48 20.61
N PRO A 923 40.04 -32.48 20.81
CA PRO A 923 40.42 -33.60 21.68
C PRO A 923 41.69 -34.28 21.20
N ASP A 924 42.50 -34.72 22.16
CA ASP A 924 43.80 -35.30 21.88
C ASP A 924 43.81 -36.83 21.97
N ASP A 925 43.04 -37.40 22.89
CA ASP A 925 43.06 -38.85 23.12
C ASP A 925 42.04 -39.55 22.23
N ILE A 926 42.16 -39.29 20.93
CA ILE A 926 41.24 -39.86 19.95
C ILE A 926 42.01 -40.46 18.78
N ASP A 927 43.29 -40.12 18.68
CA ASP A 927 44.15 -40.62 17.62
C ASP A 927 45.31 -41.38 18.24
N GLY A 928 45.54 -42.61 17.78
CA GLY A 928 46.61 -43.41 18.35
C GLY A 928 47.97 -42.73 18.25
N THR A 929 48.24 -42.10 17.10
CA THR A 929 49.51 -41.41 16.93
C THR A 929 49.63 -40.22 17.88
N THR A 930 48.57 -39.43 17.99
CA THR A 930 48.63 -38.23 18.82
C THR A 930 48.58 -38.57 20.31
N TYR A 931 47.89 -39.65 20.68
CA TYR A 931 47.73 -39.99 22.08
C TYR A 931 49.08 -40.19 22.75
N ASN A 932 49.25 -39.59 23.92
CA ASN A 932 50.47 -39.69 24.71
C ASN A 932 50.15 -40.31 26.05
N PHE A 933 50.92 -41.32 26.44
CA PHE A 933 50.68 -42.03 27.69
C PHE A 933 51.20 -41.30 28.91
N ASP A 934 51.97 -40.22 28.73
CA ASP A 934 52.49 -39.48 29.87
C ASP A 934 51.37 -38.89 30.70
N ARG A 935 50.37 -38.31 30.05
CA ARG A 935 49.28 -37.66 30.76
C ARG A 935 48.44 -38.67 31.55
N CYS A 936 48.14 -39.82 30.94
CA CYS A 936 47.22 -40.75 31.55
C CYS A 936 47.91 -41.61 32.61
N THR A 937 47.10 -42.25 33.44
CA THR A 937 47.57 -43.15 34.48
C THR A 937 46.82 -44.47 34.39
N PHE A 938 47.55 -45.58 34.55
CA PHE A 938 46.93 -46.89 34.45
C PHE A 938 45.98 -47.15 35.60
N SER A 939 46.35 -46.75 36.82
CA SER A 939 45.53 -46.93 38.00
C SER A 939 44.92 -45.60 38.43
N GLY A 940 43.99 -45.68 39.38
CA GLY A 940 43.30 -44.49 39.84
C GLY A 940 44.04 -43.69 40.91
N ASN A 941 45.19 -44.17 41.37
CA ASN A 941 45.95 -43.47 42.41
C ASN A 941 46.78 -42.36 41.75
N GLU A 942 46.06 -41.36 41.26
CA GLU A 942 46.67 -40.22 40.59
C GLU A 942 45.58 -39.21 40.29
N SER A 943 45.98 -38.06 39.76
CA SER A 943 45.08 -36.95 39.49
C SER A 943 45.04 -36.60 38.01
N LYS A 944 45.10 -37.62 37.16
CA LYS A 944 45.00 -37.46 35.72
C LYS A 944 44.17 -38.59 35.14
N PRO A 945 43.59 -38.39 33.96
CA PRO A 945 42.58 -39.34 33.48
C PRO A 945 43.15 -40.74 33.26
N LEU A 946 42.26 -41.72 33.35
CA LEU A 946 42.64 -43.12 33.18
C LEU A 946 43.13 -43.37 31.75
N CYS A 947 44.07 -44.29 31.62
CA CYS A 947 44.64 -44.61 30.32
C CYS A 947 43.64 -45.38 29.46
N VAL A 948 43.82 -45.27 28.14
CA VAL A 948 42.96 -45.98 27.22
C VAL A 948 43.13 -47.48 27.42
N GLU A 949 42.04 -48.22 27.21
CA GLU A 949 42.08 -49.67 27.31
C GLU A 949 43.06 -50.22 26.29
N LEU A 950 43.94 -51.12 26.74
CA LEU A 950 44.97 -51.70 25.91
C LEU A 950 44.59 -53.12 25.50
N ASP A 951 45.49 -53.76 24.78
CA ASP A 951 45.31 -55.11 24.27
C ASP A 951 46.45 -56.00 24.78
N ALA A 952 46.41 -57.28 24.41
CA ALA A 952 47.47 -58.20 24.81
C ALA A 952 48.83 -57.73 24.33
N ASN A 953 48.87 -56.98 23.23
CA ASN A 953 50.11 -56.44 22.68
C ASN A 953 50.45 -55.07 23.25
N ASN A 954 49.66 -54.55 24.18
CA ASN A 954 49.94 -53.27 24.83
C ASN A 954 49.89 -52.13 23.82
N GLN A 955 48.78 -52.05 23.09
CA GLN A 955 48.53 -50.97 22.15
C GLN A 955 47.09 -50.52 22.30
N PRO A 956 46.76 -49.30 21.87
CA PRO A 956 45.37 -48.83 21.96
C PRO A 956 44.43 -49.76 21.23
N ARG A 957 43.24 -49.94 21.80
CA ARG A 957 42.28 -50.90 21.28
C ARG A 957 41.15 -50.28 20.48
N PHE A 958 40.88 -48.99 20.65
CA PHE A 958 39.76 -48.38 19.95
C PHE A 958 40.00 -48.39 18.44
N PRO A 959 38.94 -48.56 17.65
CA PRO A 959 39.13 -48.77 16.21
C PRO A 959 39.84 -47.64 15.50
N GLU A 960 39.65 -46.40 15.93
CA GLU A 960 40.23 -45.18 15.39
C GLU A 960 39.52 -44.75 14.10
N TRP A 961 38.64 -45.57 13.52
CA TRP A 961 37.80 -45.15 12.42
C TRP A 961 36.37 -44.87 12.85
N ILE A 962 36.08 -44.96 14.15
CA ILE A 962 34.79 -44.60 14.70
C ILE A 962 34.85 -43.24 15.39
N THR A 963 35.94 -42.96 16.10
CA THR A 963 36.03 -41.73 16.88
C THR A 963 36.25 -40.51 16.00
N ILE A 964 37.11 -40.62 14.99
CA ILE A 964 37.46 -39.45 14.19
C ILE A 964 36.25 -38.88 13.45
N PRO A 965 35.46 -39.67 12.72
CA PRO A 965 34.27 -39.09 12.08
C PRO A 965 33.30 -38.51 13.08
N LEU A 966 33.16 -39.16 14.24
CA LEU A 966 32.27 -38.66 15.28
C LEU A 966 32.70 -37.27 15.72
N VAL A 967 34.00 -37.09 15.96
CA VAL A 967 34.51 -35.80 16.40
C VAL A 967 34.36 -34.76 15.29
N CYS A 968 34.60 -35.16 14.05
CA CYS A 968 34.44 -34.23 12.93
C CYS A 968 33.01 -33.73 12.87
N ILE A 969 32.04 -34.64 12.97
CA ILE A 969 30.63 -34.25 12.92
C ILE A 969 30.29 -33.35 14.09
N TYR A 970 30.76 -33.71 15.29
CA TYR A 970 30.44 -32.90 16.47
C TYR A 970 31.00 -31.49 16.35
N MET A 971 32.25 -31.37 15.91
CA MET A 971 32.86 -30.06 15.76
C MET A 971 32.15 -29.25 14.68
N LEU A 972 31.80 -29.88 13.57
CA LEU A 972 31.06 -29.18 12.52
C LEU A 972 29.73 -28.66 13.05
N SER A 973 29.01 -29.49 13.82
CA SER A 973 27.72 -29.07 14.34
C SER A 973 27.86 -27.94 15.34
N THR A 974 28.86 -28.00 16.22
CA THR A 974 28.96 -27.03 17.31
C THR A 974 29.62 -25.73 16.86
N ASN A 975 30.88 -25.81 16.38
CA ASN A 975 31.64 -24.60 16.12
C ASN A 975 30.99 -23.73 15.06
N ILE A 976 30.46 -24.36 14.00
CA ILE A 976 30.09 -23.61 12.81
C ILE A 976 28.58 -23.43 12.71
N LEU A 977 27.84 -24.54 12.58
CA LEU A 977 26.43 -24.44 12.24
C LEU A 977 25.63 -23.76 13.36
N LEU A 978 25.83 -24.21 14.59
CA LEU A 978 24.98 -23.74 15.69
C LEU A 978 25.17 -22.24 15.94
N VAL A 979 26.42 -21.77 15.93
CA VAL A 979 26.67 -20.36 16.20
C VAL A 979 26.12 -19.49 15.08
N ASN A 980 26.25 -19.94 13.82
CA ASN A 980 25.68 -19.19 12.72
C ASN A 980 24.16 -19.13 12.83
N LEU A 981 23.53 -20.23 13.22
CA LEU A 981 22.09 -20.23 13.42
C LEU A 981 21.71 -19.23 14.52
N LEU A 982 22.48 -19.22 15.61
CA LEU A 982 22.21 -18.27 16.69
C LEU A 982 22.33 -16.83 16.20
N VAL A 983 23.35 -16.56 15.38
CA VAL A 983 23.52 -15.22 14.83
C VAL A 983 22.30 -14.83 14.01
N ALA A 984 21.81 -15.76 13.18
CA ALA A 984 20.63 -15.48 12.38
C ALA A 984 19.42 -15.18 13.27
N MET A 985 19.23 -15.97 14.33
CA MET A 985 18.10 -15.73 15.22
C MET A 985 18.20 -14.36 15.86
N PHE A 986 19.41 -14.00 16.32
CA PHE A 986 19.60 -12.69 16.93
C PHE A 986 19.30 -11.57 15.95
N GLY A 987 19.75 -11.73 14.69
CA GLY A 987 19.46 -10.71 13.70
C GLY A 987 17.97 -10.53 13.48
N TYR A 988 17.26 -11.64 13.33
CA TYR A 988 15.81 -11.55 13.14
C TYR A 988 15.15 -10.91 14.35
N THR A 989 15.58 -11.29 15.55
CA THR A 989 14.96 -10.76 16.76
C THR A 989 15.17 -9.26 16.89
N VAL A 990 16.40 -8.78 16.66
CA VAL A 990 16.66 -7.35 16.74
C VAL A 990 15.86 -6.61 15.68
N GLY A 991 15.72 -7.21 14.49
CA GLY A 991 14.93 -6.56 13.46
C GLY A 991 13.46 -6.47 13.82
N SER A 992 12.92 -7.51 14.45
CA SER A 992 11.48 -7.58 14.66
C SER A 992 11.01 -6.65 15.77
N VAL A 993 11.73 -6.59 16.89
CA VAL A 993 11.23 -5.95 18.09
C VAL A 993 11.93 -4.62 18.34
N GLN A 994 12.44 -3.98 17.28
CA GLN A 994 13.17 -2.73 17.46
C GLN A 994 12.25 -1.63 17.98
N GLU A 995 11.02 -1.54 17.46
CA GLU A 995 10.15 -0.43 17.79
C GLU A 995 9.57 -0.56 19.21
N ASN A 996 9.19 -1.78 19.60
CA ASN A 996 8.61 -1.97 20.93
C ASN A 996 9.62 -1.72 22.03
N ASN A 997 10.90 -1.98 21.76
CA ASN A 997 11.93 -1.76 22.76
C ASN A 997 12.03 -0.29 23.13
N ASP A 998 11.84 0.60 22.15
CA ASP A 998 11.86 2.02 22.45
C ASP A 998 10.74 2.40 23.42
N GLN A 999 9.53 1.89 23.17
CA GLN A 999 8.42 2.16 24.09
C GLN A 999 8.70 1.62 25.47
N VAL A 1000 9.25 0.40 25.55
CA VAL A 1000 9.55 -0.18 26.86
C VAL A 1000 10.57 0.66 27.60
N TRP A 1001 11.62 1.09 26.90
CA TRP A 1001 12.63 1.92 27.54
C TRP A 1001 12.04 3.25 28.01
N LYS A 1002 11.19 3.86 27.18
CA LYS A 1002 10.56 5.12 27.59
C LYS A 1002 9.70 4.92 28.82
N PHE A 1003 8.97 3.81 28.88
CA PHE A 1003 8.14 3.53 30.05
C PHE A 1003 9.00 3.37 31.30
N GLN A 1004 10.10 2.62 31.20
CA GLN A 1004 10.98 2.46 32.36
C GLN A 1004 11.71 3.74 32.72
N ARG A 1005 11.85 4.66 31.76
CA ARG A 1005 12.49 5.93 32.04
C ARG A 1005 11.74 6.71 33.10
N PHE A 1006 10.41 6.55 33.17
CA PHE A 1006 9.65 7.22 34.21
C PHE A 1006 10.11 6.78 35.60
N PHE A 1007 10.21 5.47 35.82
CA PHE A 1007 10.68 4.97 37.10
C PHE A 1007 12.11 5.41 37.36
N LEU A 1008 12.96 5.34 36.33
CA LEU A 1008 14.36 5.70 36.52
C LEU A 1008 14.50 7.16 36.93
N VAL A 1009 13.71 8.05 36.32
CA VAL A 1009 13.77 9.47 36.68
C VAL A 1009 13.17 9.70 38.06
N GLN A 1010 12.02 9.10 38.35
CA GLN A 1010 11.36 9.29 39.63
C GLN A 1010 12.13 8.66 40.78
N GLU A 1011 13.10 7.81 40.50
CA GLU A 1011 13.89 7.22 41.58
C GLU A 1011 14.62 8.28 42.37
N TYR A 1012 15.20 9.27 41.69
CA TYR A 1012 15.93 10.34 42.36
C TYR A 1012 15.02 11.55 42.58
N ASN A 1057 -8.27 26.21 38.80
CA ASN A 1057 -9.56 26.76 38.40
C ASN A 1057 -9.53 27.17 36.94
N GLU A 1058 -8.61 28.09 36.60
CA GLU A 1058 -8.47 28.52 35.22
C GLU A 1058 -8.07 27.36 34.32
N ILE A 1059 -7.16 26.50 34.81
CA ILE A 1059 -6.73 25.36 34.02
C ILE A 1059 -7.91 24.44 33.72
N LEU A 1060 -8.82 24.28 34.69
CA LEU A 1060 -9.98 23.44 34.47
C LEU A 1060 -10.86 23.98 33.36
N ALA A 1061 -11.10 25.30 33.37
CA ALA A 1061 -11.91 25.91 32.31
C ALA A 1061 -11.23 25.81 30.96
N TRP A 1062 -9.91 26.01 30.92
CA TRP A 1062 -9.18 25.88 29.67
C TRP A 1062 -9.26 24.46 29.12
N GLU A 1063 -9.15 23.47 30.01
CA GLU A 1063 -9.32 22.09 29.60
C GLU A 1063 -10.72 21.86 29.06
N ALA A 1064 -11.73 22.44 29.70
CA ALA A 1064 -13.10 22.30 29.21
C ALA A 1064 -13.24 22.89 27.82
N VAL A 1065 -12.63 24.06 27.58
CA VAL A 1065 -12.71 24.68 26.27
C VAL A 1065 -12.04 23.81 25.20
N MET A 1066 -10.84 23.33 25.50
CA MET A 1066 -10.13 22.48 24.54
C MET A 1066 -10.92 21.21 24.26
N LYS A 1067 -11.52 20.63 25.30
CA LYS A 1067 -12.30 19.40 25.12
C LYS A 1067 -13.55 19.68 24.31
N GLU A 1068 -14.20 20.83 24.51
CA GLU A 1068 -15.37 21.17 23.72
C GLU A 1068 -14.99 21.31 22.24
N ASN A 1069 -13.88 21.98 21.96
CA ASN A 1069 -13.43 22.10 20.58
C ASN A 1069 -13.13 20.72 19.99
N TYR A 1070 -12.47 19.87 20.77
CA TYR A 1070 -12.14 18.52 20.29
C TYR A 1070 -13.41 17.71 20.01
N LEU A 1071 -14.41 17.81 20.89
CA LEU A 1071 -15.66 17.09 20.69
C LEU A 1071 -16.39 17.58 19.45
N VAL A 1072 -16.44 18.90 19.26
CA VAL A 1072 -17.10 19.44 18.07
C VAL A 1072 -16.36 18.98 16.81
N LYS A 1073 -15.03 18.92 16.88
CA LYS A 1073 -14.25 18.45 15.73
C LYS A 1073 -14.56 17.00 15.42
N ILE A 1074 -14.54 16.13 16.44
CA ILE A 1074 -14.68 14.70 16.20
C ILE A 1074 -16.11 14.37 15.76
N ASN A 1075 -17.11 15.00 16.38
CA ASN A 1075 -18.49 14.68 16.05
C ASN A 1075 -18.78 14.97 14.58
N THR A 1076 -18.28 16.09 14.07
CA THR A 1076 -18.47 16.45 12.67
C THR A 1076 -17.38 15.90 11.76
N LYS A 1077 -16.44 15.11 12.30
CA LYS A 1077 -15.36 14.59 11.48
C LYS A 1077 -15.89 13.66 10.40
N ALA A 1078 -16.86 12.81 10.73
CA ALA A 1078 -17.42 11.91 9.73
C ALA A 1078 -18.02 12.68 8.57
N ASN A 1079 -18.65 13.82 8.85
CA ASN A 1079 -19.21 14.65 7.80
C ASN A 1079 -18.14 15.40 7.01
N ASP A 1080 -16.96 15.58 7.59
CA ASP A 1080 -15.90 16.33 6.90
C ASP A 1080 -15.47 15.60 5.62
N SER A 1081 -15.32 14.28 5.69
CA SER A 1081 -14.89 13.52 4.52
C SER A 1081 -15.88 13.69 3.38
N SER A 1082 -17.17 13.44 3.65
CA SER A 1082 -18.24 13.65 2.68
C SER A 1082 -17.89 12.99 1.34
N GLU A 1083 -17.38 11.76 1.42
CA GLU A 1083 -17.05 11.03 0.21
C GLU A 1083 -18.26 10.36 -0.42
N GLU A 1084 -19.43 10.46 0.21
CA GLU A 1084 -20.66 9.85 -0.29
C GLU A 1084 -21.51 10.89 -1.00
N MET A 1085 -21.98 10.53 -2.18
CA MET A 1085 -22.82 11.33 -3.03
C MET A 1085 -24.24 10.80 -3.10
N VAL A 1086 -24.45 9.52 -2.77
CA VAL A 1086 -25.80 8.97 -2.78
C VAL A 1086 -26.70 9.79 -1.87
N HIS A 1087 -26.20 10.14 -0.70
CA HIS A 1087 -26.85 11.09 0.19
C HIS A 1087 -27.33 12.34 -0.55
N ARG A 1088 -26.59 12.75 -1.58
CA ARG A 1088 -26.68 14.10 -2.12
C ARG A 1088 -27.46 14.12 -3.40
N PHE A 1089 -27.24 13.14 -4.26
CA PHE A 1089 -28.17 12.86 -5.35
C PHE A 1089 -29.58 12.64 -4.82
N ARG A 1090 -29.72 11.99 -3.65
CA ARG A 1090 -31.03 11.83 -3.05
C ARG A 1090 -31.79 13.14 -3.08
N GLN A 1091 -31.10 14.25 -2.90
CA GLN A 1091 -31.72 15.56 -2.91
C GLN A 1091 -32.31 15.90 -4.28
N LEU A 1092 -31.68 15.41 -5.35
CA LEU A 1092 -32.10 15.79 -6.70
C LEU A 1092 -33.51 15.29 -7.01
N ASP A 1093 -33.82 14.06 -6.63
CA ASP A 1093 -35.07 13.45 -7.05
C ASP A 1093 -36.28 14.23 -6.54
N ALA A 1094 -36.14 14.92 -5.41
CA ALA A 1094 -37.25 15.70 -4.87
C ALA A 1094 -37.67 16.80 -5.83
N LYS A 1095 -36.68 17.50 -6.42
CA LYS A 1095 -37.00 18.55 -7.38
C LYS A 1095 -37.75 18.00 -8.58
N LEU A 1096 -37.29 16.85 -9.10
CA LEU A 1096 -37.97 16.25 -10.25
C LEU A 1096 -39.39 15.85 -9.89
N SER A 1097 -39.59 15.27 -8.70
CA SER A 1097 -40.93 14.88 -8.29
C SER A 1097 -41.85 16.10 -8.17
N ASP A 1098 -41.35 17.18 -7.57
CA ASP A 1098 -42.16 18.39 -7.43
C ASP A 1098 -42.49 18.97 -8.81
N LEU A 1099 -41.51 18.97 -9.72
CA LEU A 1099 -41.76 19.48 -11.06
C LEU A 1099 -42.79 18.64 -11.79
N LYS A 1100 -42.73 17.31 -11.64
CA LYS A 1100 -43.73 16.45 -12.27
C LYS A 1100 -45.11 16.71 -11.68
N GLY A 1101 -45.20 16.89 -10.36
CA GLY A 1101 -46.48 17.22 -9.77
C GLY A 1101 -47.05 18.52 -10.30
N LEU A 1102 -46.21 19.55 -10.39
CA LEU A 1102 -46.67 20.83 -10.93
C LEU A 1102 -47.08 20.70 -12.39
N LEU A 1103 -46.34 19.90 -13.15
CA LEU A 1103 -46.69 19.68 -14.56
C LEU A 1103 -48.06 19.02 -14.67
N LYS A 1104 -48.32 18.02 -13.84
CA LYS A 1104 -49.63 17.36 -13.86
C LYS A 1104 -50.72 18.34 -13.44
N GLU A 1105 -50.44 19.18 -12.44
CA GLU A 1105 -51.44 20.15 -12.01
C GLU A 1105 -51.77 21.14 -13.12
N ILE A 1106 -50.76 21.65 -13.81
CA ILE A 1106 -51.02 22.60 -14.89
C ILE A 1106 -51.73 21.91 -16.06
N SER A 1107 -51.39 20.65 -16.31
CA SER A 1107 -52.09 19.90 -17.36
C SER A 1107 -53.56 19.76 -17.01
N SER A 1108 -53.87 19.51 -15.74
CA SER A 1108 -55.27 19.48 -15.31
C SER A 1108 -55.91 20.86 -15.47
N LYS A 1109 -55.15 21.92 -15.18
CA LYS A 1109 -55.67 23.27 -15.32
C LYS A 1109 -56.13 23.54 -16.76
N ILE A 1110 -55.25 23.27 -17.74
CA ILE A 1110 -55.63 23.53 -19.13
C ILE A 1110 -56.79 22.65 -19.54
N LYS A 1111 -56.75 21.38 -19.16
CA LYS A 1111 -57.82 20.44 -19.47
C LYS A 1111 -58.57 20.04 -18.20
N GLY B 115 -25.09 49.75 41.35
CA GLY B 115 -24.09 49.03 42.11
C GLY B 115 -23.70 47.72 41.47
N ASP B 116 -22.61 47.12 41.95
CA ASP B 116 -22.15 45.85 41.43
C ASP B 116 -23.01 44.70 41.94
N ILE B 117 -22.74 43.50 41.42
CA ILE B 117 -23.49 42.31 41.77
C ILE B 117 -22.51 41.17 42.04
N GLN B 118 -23.00 40.18 42.79
CA GLN B 118 -22.23 39.00 43.15
C GLN B 118 -22.96 37.75 42.68
N PHE B 119 -22.19 36.79 42.17
CA PHE B 119 -22.75 35.50 41.74
C PHE B 119 -21.96 34.35 42.34
N GLY B 126 -20.18 44.03 36.84
CA GLY B 126 -21.51 43.65 37.27
C GLY B 126 -22.38 44.84 37.62
N LYS B 127 -21.98 46.02 37.16
CA LYS B 127 -22.74 47.23 37.45
C LYS B 127 -24.13 47.16 36.81
N TYR B 128 -25.12 47.69 37.53
CA TYR B 128 -26.50 47.71 37.07
C TYR B 128 -27.02 49.13 37.20
N ILE B 129 -27.26 49.80 36.07
CA ILE B 129 -27.78 51.16 36.10
C ILE B 129 -29.22 51.17 36.59
N ARG B 130 -30.03 50.23 36.09
CA ARG B 130 -31.45 50.15 36.44
C ARG B 130 -32.16 51.46 36.11
N LEU B 131 -32.13 51.80 34.83
CA LEU B 131 -32.75 53.02 34.32
C LEU B 131 -34.07 52.68 33.61
N SER B 132 -34.95 53.67 33.55
CA SER B 132 -36.26 53.52 32.94
C SER B 132 -36.25 54.01 31.50
N CYS B 133 -37.35 53.74 30.80
CA CYS B 133 -37.49 54.15 29.41
C CYS B 133 -38.03 55.57 29.30
N GLU B 138 -29.47 56.59 24.95
CA GLU B 138 -28.39 57.43 24.44
C GLU B 138 -27.54 57.98 25.58
N THR B 139 -28.22 58.52 26.60
CA THR B 139 -27.50 59.06 27.76
C THR B 139 -26.64 58.01 28.43
N LEU B 140 -27.06 56.74 28.38
CA LEU B 140 -26.28 55.67 29.00
C LEU B 140 -24.95 55.47 28.28
N TYR B 141 -24.94 55.67 26.96
CA TYR B 141 -23.74 55.43 26.17
C TYR B 141 -22.62 56.37 26.57
N ASP B 142 -22.96 57.63 26.87
CA ASP B 142 -21.94 58.59 27.29
C ASP B 142 -21.22 58.10 28.53
N LEU B 143 -21.96 57.67 29.55
CA LEU B 143 -21.34 57.15 30.76
C LEU B 143 -20.56 55.87 30.47
N MET B 144 -21.12 54.99 29.64
CA MET B 144 -20.46 53.72 29.36
C MET B 144 -19.11 53.93 28.71
N THR B 145 -19.03 54.87 27.77
CA THR B 145 -17.79 55.05 27.01
C THR B 145 -16.64 55.44 27.92
N GLN B 146 -16.87 56.34 28.87
CA GLN B 146 -15.78 56.86 29.69
C GLN B 146 -15.55 56.03 30.95
N HIS B 147 -16.62 55.67 31.65
CA HIS B 147 -16.45 55.08 32.98
C HIS B 147 -15.95 53.65 32.91
N TRP B 148 -16.47 52.84 31.98
CA TRP B 148 -16.32 51.39 32.04
C TRP B 148 -15.40 50.84 30.96
N HIS B 149 -15.68 51.09 29.68
CA HIS B 149 -14.93 50.44 28.61
C HIS B 149 -14.87 51.35 27.38
N LEU B 150 -14.05 50.94 26.43
CA LEU B 150 -13.74 51.75 25.25
C LEU B 150 -14.81 51.58 24.18
N LYS B 151 -14.63 52.30 23.07
CA LYS B 151 -15.60 52.32 21.99
C LYS B 151 -15.46 51.07 21.13
N THR B 152 -16.52 50.76 20.38
CA THR B 152 -16.63 49.49 19.66
C THR B 152 -16.38 49.69 18.18
N PRO B 153 -15.42 48.98 17.58
CA PRO B 153 -15.38 48.92 16.11
C PRO B 153 -16.55 48.16 15.50
N ASN B 154 -17.24 47.34 16.28
CA ASN B 154 -18.32 46.52 15.76
C ASN B 154 -19.25 46.14 16.91
N LEU B 155 -20.47 45.72 16.56
CA LEU B 155 -21.48 45.35 17.54
C LEU B 155 -22.32 44.21 16.98
N VAL B 156 -22.79 43.32 17.86
CA VAL B 156 -23.58 42.17 17.47
C VAL B 156 -24.72 41.97 18.46
N ILE B 157 -25.88 41.56 17.94
CA ILE B 157 -27.10 41.47 18.72
C ILE B 157 -27.81 40.17 18.38
N SER B 158 -28.23 39.43 19.40
CA SER B 158 -29.09 38.27 19.22
C SER B 158 -30.53 38.74 19.43
N VAL B 159 -31.15 39.21 18.34
CA VAL B 159 -32.50 39.76 18.43
C VAL B 159 -33.46 38.71 18.98
N THR B 160 -33.38 37.48 18.47
CA THR B 160 -34.27 36.44 18.92
C THR B 160 -34.05 36.14 20.40
N GLY B 161 -35.15 36.04 21.15
CA GLY B 161 -35.07 35.69 22.54
C GLY B 161 -34.85 34.21 22.76
N GLY B 162 -34.61 33.85 24.01
CA GLY B 162 -34.37 32.48 24.39
C GLY B 162 -35.64 31.82 24.88
N ALA B 163 -36.05 30.75 24.19
CA ALA B 163 -37.21 29.99 24.59
C ALA B 163 -36.93 29.24 25.89
N LYS B 164 -38.00 28.89 26.60
CA LYS B 164 -37.84 28.12 27.82
C LYS B 164 -37.07 26.82 27.57
N ASN B 165 -37.25 26.24 26.39
CA ASN B 165 -36.53 25.03 25.99
C ASN B 165 -36.02 25.23 24.57
N PHE B 166 -34.71 25.15 24.38
CA PHE B 166 -34.09 25.33 23.08
C PHE B 166 -33.31 24.07 22.71
N ALA B 167 -33.38 23.71 21.43
CA ALA B 167 -32.69 22.53 20.93
C ALA B 167 -31.24 22.88 20.66
N LEU B 168 -30.34 22.40 21.53
CA LEU B 168 -28.92 22.71 21.42
C LEU B 168 -28.21 21.57 20.67
N LYS B 169 -28.50 21.46 19.39
CA LYS B 169 -27.85 20.47 18.57
C LYS B 169 -26.45 20.94 18.17
N PRO B 170 -25.56 20.01 17.81
CA PRO B 170 -24.17 20.41 17.56
C PRO B 170 -24.00 21.59 16.62
N ARG B 171 -24.80 21.69 15.57
CA ARG B 171 -24.59 22.74 14.58
C ARG B 171 -24.81 24.13 15.18
N MET B 172 -25.86 24.29 15.99
CA MET B 172 -26.08 25.55 16.70
C MET B 172 -24.89 25.89 17.60
N ARG B 173 -24.40 24.89 18.33
CA ARG B 173 -23.27 25.12 19.23
C ARG B 173 -22.05 25.59 18.45
N LYS B 174 -21.77 24.94 17.32
CA LYS B 174 -20.66 25.34 16.47
C LYS B 174 -20.84 26.76 15.96
N ILE B 175 -22.04 27.08 15.46
CA ILE B 175 -22.28 28.40 14.88
C ILE B 175 -22.04 29.48 15.92
N PHE B 176 -22.59 29.30 17.12
CA PHE B 176 -22.49 30.35 18.12
C PHE B 176 -21.09 30.42 18.73
N SER B 177 -20.39 29.29 18.88
CA SER B 177 -19.01 29.34 19.33
C SER B 177 -18.15 30.09 18.31
N ARG B 178 -18.34 29.83 17.02
CA ARG B 178 -17.60 30.54 16.00
C ARG B 178 -17.95 32.03 16.01
N LEU B 179 -19.23 32.34 16.23
CA LEU B 179 -19.64 33.75 16.32
C LEU B 179 -18.93 34.45 17.47
N ILE B 180 -18.84 33.79 18.61
CA ILE B 180 -18.19 34.41 19.77
C ILE B 180 -16.70 34.59 19.50
N TYR B 181 -16.08 33.59 18.86
CA TYR B 181 -14.66 33.71 18.53
C TYR B 181 -14.42 34.87 17.57
N ILE B 182 -15.29 35.03 16.58
CA ILE B 182 -15.18 36.15 15.65
C ILE B 182 -15.37 37.46 16.38
N ALA B 183 -16.32 37.51 17.32
CA ALA B 183 -16.54 38.73 18.09
C ALA B 183 -15.30 39.10 18.88
N GLN B 184 -14.65 38.11 19.49
CA GLN B 184 -13.40 38.38 20.21
C GLN B 184 -12.33 38.87 19.25
N SER B 185 -12.26 38.28 18.05
CA SER B 185 -11.27 38.71 17.07
C SER B 185 -11.50 40.17 16.67
N LYS B 186 -12.76 40.57 16.50
CA LYS B 186 -13.10 41.93 16.09
C LYS B 186 -13.36 42.87 17.26
N GLY B 187 -13.61 42.33 18.46
CA GLY B 187 -13.84 43.17 19.62
C GLY B 187 -15.14 43.94 19.56
N ALA B 188 -16.27 43.22 19.62
CA ALA B 188 -17.59 43.82 19.51
C ALA B 188 -18.42 43.45 20.72
N TRP B 189 -19.29 44.38 21.13
CA TRP B 189 -20.28 44.07 22.15
C TRP B 189 -21.27 43.04 21.61
N ILE B 190 -21.87 42.29 22.54
CA ILE B 190 -22.91 41.33 22.22
C ILE B 190 -24.09 41.59 23.13
N PHE B 191 -25.28 41.69 22.54
CA PHE B 191 -26.49 41.99 23.30
C PHE B 191 -27.36 40.74 23.42
N THR B 192 -27.80 40.43 24.64
CA THR B 192 -28.63 39.27 24.92
C THR B 192 -29.51 39.56 26.11
N GLY B 193 -30.58 38.77 26.24
CA GLY B 193 -31.51 38.96 27.34
C GLY B 193 -30.91 38.64 28.70
N GLY B 194 -30.18 37.54 28.80
CA GLY B 194 -29.57 37.16 30.06
C GLY B 194 -30.49 36.50 31.06
N THR B 195 -31.52 35.79 30.60
CA THR B 195 -32.44 35.11 31.52
C THR B 195 -31.91 33.78 32.01
N HIS B 196 -30.76 33.32 31.52
CA HIS B 196 -30.15 32.06 31.93
C HIS B 196 -30.91 30.85 31.41
N TYR B 197 -31.70 31.01 30.36
CA TYR B 197 -32.48 29.93 29.76
C TYR B 197 -32.06 29.74 28.32
N GLY B 198 -31.75 28.49 27.96
CA GLY B 198 -31.53 28.16 26.56
C GLY B 198 -30.28 28.83 25.99
N LEU B 199 -30.47 29.56 24.90
CA LEU B 199 -29.33 30.04 24.11
C LEU B 199 -28.44 30.97 24.92
N MET B 200 -29.04 31.91 25.65
CA MET B 200 -28.25 32.89 26.38
C MET B 200 -27.38 32.24 27.45
N LYS B 201 -27.84 31.14 28.04
CA LYS B 201 -27.00 30.42 28.99
C LYS B 201 -25.72 29.94 28.31
N TYR B 202 -25.86 29.30 27.14
CA TYR B 202 -24.69 28.78 26.44
C TYR B 202 -23.79 29.91 25.96
N ILE B 203 -24.38 31.00 25.45
CA ILE B 203 -23.57 32.11 24.97
C ILE B 203 -22.77 32.72 26.12
N GLY B 204 -23.41 32.86 27.29
CA GLY B 204 -22.69 33.36 28.45
C GLY B 204 -21.57 32.44 28.88
N GLU B 205 -21.83 31.13 28.88
CA GLU B 205 -20.80 30.17 29.24
C GLU B 205 -19.60 30.28 28.30
N VAL B 206 -19.87 30.34 27.00
CA VAL B 206 -18.78 30.42 26.01
C VAL B 206 -18.03 31.73 26.19
N VAL B 207 -18.75 32.83 26.40
CA VAL B 207 -18.08 34.12 26.58
C VAL B 207 -17.16 34.08 27.79
N ARG B 208 -17.66 33.55 28.91
CA ARG B 208 -16.85 33.46 30.12
C ARG B 208 -15.61 32.61 29.88
N ASP B 209 -15.79 31.45 29.26
CA ASP B 209 -14.66 30.55 29.03
C ASP B 209 -13.61 31.20 28.14
N ASN B 210 -14.05 31.90 27.09
CA ASN B 210 -13.09 32.55 26.21
C ASN B 210 -12.39 33.71 26.90
N THR B 211 -13.11 34.53 27.66
CA THR B 211 -12.46 35.67 28.30
C THR B 211 -11.43 35.20 29.31
N ILE B 212 -11.74 34.15 30.07
CA ILE B 212 -10.79 33.67 31.06
C ILE B 212 -9.52 33.17 30.38
N SER B 213 -9.67 32.47 29.26
CA SER B 213 -8.51 31.96 28.52
C SER B 213 -7.95 33.02 27.59
N GLU B 218 -7.81 42.58 22.06
CA GLU B 218 -9.21 42.94 22.21
C GLU B 218 -9.93 41.95 23.12
N ASN B 219 -11.05 42.39 23.70
CA ASN B 219 -11.81 41.59 24.64
C ASN B 219 -13.28 41.65 24.28
N VAL B 220 -14.01 40.60 24.63
CA VAL B 220 -15.44 40.50 24.38
C VAL B 220 -16.20 41.09 25.55
N VAL B 221 -17.30 41.78 25.25
CA VAL B 221 -18.19 42.35 26.25
C VAL B 221 -19.60 41.89 25.94
N ALA B 222 -20.29 41.36 26.95
CA ALA B 222 -21.64 40.81 26.79
C ALA B 222 -22.59 41.62 27.67
N ILE B 223 -23.13 42.70 27.12
CA ILE B 223 -24.10 43.52 27.82
C ILE B 223 -25.46 42.84 27.74
N GLY B 224 -26.22 42.93 28.84
CA GLY B 224 -27.52 42.31 28.90
C GLY B 224 -28.57 43.26 29.44
N ILE B 225 -29.82 43.00 29.02
CA ILE B 225 -30.97 43.78 29.45
C ILE B 225 -32.05 42.81 29.91
N ALA B 226 -32.75 43.17 30.99
CA ALA B 226 -33.83 42.34 31.51
C ALA B 226 -34.85 43.23 32.18
N ALA B 227 -36.12 42.92 31.96
CA ALA B 227 -37.22 43.65 32.56
C ALA B 227 -37.51 43.13 33.96
N TRP B 228 -37.95 44.04 34.84
CA TRP B 228 -38.28 43.66 36.20
C TRP B 228 -39.43 42.67 36.28
N GLY B 229 -40.22 42.53 35.21
CA GLY B 229 -41.37 41.67 35.27
C GLY B 229 -41.02 40.21 35.51
N MET B 230 -39.99 39.72 34.81
CA MET B 230 -39.64 38.31 34.86
C MET B 230 -38.61 37.97 35.92
N ILE B 231 -38.08 38.95 36.64
CA ILE B 231 -37.08 38.69 37.67
C ILE B 231 -37.77 38.14 38.91
N SER B 232 -37.24 37.03 39.43
CA SER B 232 -37.83 36.41 40.61
C SER B 232 -37.41 37.12 41.89
N ASN B 233 -36.10 37.22 42.11
CA ASN B 233 -35.55 37.84 43.31
C ASN B 233 -34.97 39.20 42.94
N ARG B 234 -35.33 40.23 43.72
CA ARG B 234 -34.90 41.60 43.46
C ARG B 234 -34.40 42.20 44.77
N GLU B 235 -33.14 42.62 44.79
CA GLU B 235 -32.53 43.22 45.97
C GLU B 235 -31.73 44.45 45.55
N THR B 236 -31.57 45.37 46.50
CA THR B 236 -30.81 46.59 46.25
C THR B 236 -29.35 46.41 46.69
N ASP B 244 -23.39 46.96 47.28
CA ASP B 244 -22.89 45.71 46.72
C ASP B 244 -23.82 44.55 47.06
N GLY B 245 -25.02 44.58 46.50
CA GLY B 245 -25.98 43.53 46.77
C GLY B 245 -25.61 42.22 46.11
N SER B 246 -26.18 41.15 46.64
CA SER B 246 -25.94 39.79 46.15
C SER B 246 -27.23 39.20 45.60
N PHE B 247 -27.06 38.25 44.68
CA PHE B 247 -28.19 37.61 44.01
C PHE B 247 -28.07 36.10 44.17
N LEU B 248 -29.22 35.44 44.35
CA LEU B 248 -29.26 34.00 44.54
C LEU B 248 -29.47 33.31 43.21
N LEU B 261 -40.12 35.09 36.54
CA LEU B 261 -39.42 34.42 37.63
C LEU B 261 -38.07 33.89 37.16
N TYR B 262 -37.55 34.49 36.08
CA TYR B 262 -36.30 34.02 35.51
C TYR B 262 -35.12 34.42 36.38
N CYS B 263 -34.03 33.65 36.26
CA CYS B 263 -32.81 33.89 37.00
C CYS B 263 -31.77 34.50 36.07
N LEU B 264 -31.11 35.57 36.53
CA LEU B 264 -30.15 36.27 35.70
C LEU B 264 -28.98 35.36 35.35
N ASP B 265 -28.50 35.49 34.11
CA ASP B 265 -27.33 34.74 33.68
C ASP B 265 -26.10 35.27 34.39
N ASN B 266 -25.28 34.36 34.92
CA ASN B 266 -24.12 34.76 35.72
C ASN B 266 -22.97 35.26 34.85
N ASN B 267 -22.81 34.71 33.65
CA ASN B 267 -21.62 35.00 32.85
C ASN B 267 -21.62 36.40 32.26
N HIS B 268 -22.77 37.05 32.17
CA HIS B 268 -22.83 38.38 31.56
C HIS B 268 -22.11 39.39 32.44
N THR B 269 -21.22 40.18 31.81
CA THR B 269 -20.43 41.15 32.55
C THR B 269 -21.29 42.29 33.09
N HIS B 270 -22.21 42.79 32.27
CA HIS B 270 -23.05 43.92 32.64
C HIS B 270 -24.51 43.57 32.42
N LEU B 271 -25.38 44.19 33.22
CA LEU B 271 -26.81 43.97 33.12
C LEU B 271 -27.55 45.29 33.29
N LEU B 272 -28.69 45.39 32.62
CA LEU B 272 -29.53 46.59 32.64
C LEU B 272 -30.93 46.21 33.11
N LEU B 273 -31.52 47.07 33.94
CA LEU B 273 -32.86 46.85 34.46
C LEU B 273 -33.76 48.01 34.06
N VAL B 274 -35.02 47.71 33.77
CA VAL B 274 -35.99 48.70 33.32
C VAL B 274 -37.24 48.58 34.18
N ASP B 275 -37.76 49.74 34.63
CA ASP B 275 -38.97 49.77 35.44
C ASP B 275 -40.13 49.10 34.70
N ALA B 286 -37.93 46.41 25.73
CA ALA B 286 -37.45 46.07 24.40
C ALA B 286 -37.29 47.32 23.55
N LYS B 287 -38.14 48.32 23.81
CA LYS B 287 -38.05 49.57 23.05
C LYS B 287 -36.73 50.27 23.32
N VAL B 288 -36.26 50.25 24.57
CA VAL B 288 -34.98 50.87 24.89
C VAL B 288 -33.87 50.19 24.09
N ARG B 289 -33.96 48.88 23.90
CA ARG B 289 -32.97 48.18 23.10
C ARG B 289 -32.95 48.71 21.67
N THR B 290 -34.12 48.88 21.08
CA THR B 290 -34.19 49.39 19.70
C THR B 290 -33.63 50.81 19.62
N GLN B 291 -33.97 51.66 20.59
CA GLN B 291 -33.45 53.03 20.56
C GLN B 291 -31.94 53.03 20.71
N LEU B 292 -31.40 52.19 21.61
CA LEU B 292 -29.97 52.14 21.80
C LEU B 292 -29.26 51.66 20.53
N GLU B 293 -29.83 50.64 19.86
CA GLU B 293 -29.26 50.18 18.61
C GLU B 293 -29.30 51.27 17.55
N LYS B 294 -30.40 52.01 17.48
CA LYS B 294 -30.50 53.08 16.50
C LYS B 294 -29.45 54.16 16.76
N TYR B 295 -29.28 54.55 18.03
CA TYR B 295 -28.28 55.56 18.33
C TYR B 295 -26.87 55.07 18.02
N ILE B 296 -26.55 53.82 18.37
CA ILE B 296 -25.21 53.32 18.11
C ILE B 296 -24.95 53.28 16.61
N SER B 297 -25.97 52.91 15.82
CA SER B 297 -25.82 52.97 14.37
C SER B 297 -25.58 54.41 13.92
N GLU B 298 -26.33 55.36 14.46
CA GLU B 298 -26.20 56.75 14.04
C GLU B 298 -24.90 57.38 14.50
N ARG B 299 -24.18 56.74 15.44
CA ARG B 299 -22.94 57.31 15.93
C ARG B 299 -21.91 57.42 14.81
N VAL B 300 -21.15 58.52 14.81
CA VAL B 300 -20.20 58.82 13.75
C VAL B 300 -18.79 58.84 14.34
N ILE B 301 -17.92 58.01 13.80
CA ILE B 301 -16.52 57.91 14.19
C ILE B 301 -15.66 58.15 12.96
N PRO B 302 -14.59 58.94 13.03
CA PRO B 302 -13.79 59.18 11.83
C PRO B 302 -12.94 57.99 11.42
N GLU B 303 -12.31 57.32 12.39
CA GLU B 303 -11.42 56.19 12.10
C GLU B 303 -12.25 54.92 11.89
N SER B 304 -13.05 54.93 10.83
CA SER B 304 -13.93 53.82 10.48
C SER B 304 -13.76 53.50 9.00
N ASN B 305 -13.53 52.22 8.70
CA ASN B 305 -13.46 51.77 7.32
C ASN B 305 -14.83 51.50 6.71
N TYR B 306 -15.88 51.51 7.52
CA TYR B 306 -17.24 51.31 7.07
C TYR B 306 -17.95 52.63 6.75
N GLY B 307 -17.19 53.69 6.52
CA GLY B 307 -17.79 55.01 6.38
C GLY B 307 -18.49 55.46 7.64
N GLY B 308 -17.92 55.13 8.80
CA GLY B 308 -18.57 55.44 10.06
C GLY B 308 -19.77 54.56 10.30
N LYS B 309 -20.62 55.01 11.22
CA LYS B 309 -21.89 54.41 11.59
C LYS B 309 -21.73 53.15 12.43
N ILE B 310 -20.51 52.70 12.70
CA ILE B 310 -20.30 51.56 13.60
C ILE B 310 -21.14 50.38 13.14
N PRO B 311 -20.73 49.67 12.10
CA PRO B 311 -21.61 48.65 11.49
C PRO B 311 -22.13 47.66 12.52
N ILE B 312 -23.41 47.30 12.38
CA ILE B 312 -24.11 46.42 13.31
C ILE B 312 -24.69 45.25 12.55
N VAL B 313 -24.64 44.07 13.16
CA VAL B 313 -25.23 42.85 12.61
C VAL B 313 -26.11 42.23 13.69
N CYS B 314 -27.32 41.85 13.30
CA CYS B 314 -28.28 41.23 14.20
C CYS B 314 -28.48 39.77 13.81
N PHE B 315 -28.36 38.87 14.78
CA PHE B 315 -28.47 37.44 14.55
C PHE B 315 -29.81 36.92 15.06
N ALA B 316 -30.45 36.08 14.27
CA ALA B 316 -31.71 35.44 14.63
C ALA B 316 -31.56 33.94 14.55
N GLN B 317 -31.88 33.25 15.65
CA GLN B 317 -31.78 31.80 15.75
C GLN B 317 -33.14 31.12 15.73
N GLY B 318 -34.06 31.55 16.58
CA GLY B 318 -35.40 31.00 16.61
C GLY B 318 -36.43 32.09 16.52
N GLY B 319 -37.54 31.79 15.85
CA GLY B 319 -38.58 32.77 15.62
C GLY B 319 -39.58 32.84 16.76
N GLY B 320 -40.57 33.69 16.59
CA GLY B 320 -41.61 33.88 17.58
C GLY B 320 -42.21 35.27 17.45
N LYS B 321 -43.17 35.54 18.34
CA LYS B 321 -43.84 36.83 18.34
C LYS B 321 -42.86 37.96 18.65
N GLU B 322 -42.12 37.82 19.77
CA GLU B 322 -41.15 38.84 20.13
C GLU B 322 -40.05 38.94 19.08
N THR B 323 -39.63 37.81 18.53
CA THR B 323 -38.58 37.82 17.53
C THR B 323 -39.04 38.54 16.27
N LEU B 324 -40.28 38.27 15.83
CA LEU B 324 -40.80 38.94 14.64
C LEU B 324 -40.96 40.43 14.88
N LYS B 325 -41.45 40.82 16.05
CA LYS B 325 -41.56 42.24 16.37
C LYS B 325 -40.20 42.92 16.35
N SER B 326 -39.19 42.28 16.96
CA SER B 326 -37.85 42.85 16.97
C SER B 326 -37.30 42.96 15.55
N ILE B 327 -37.50 41.93 14.73
CA ILE B 327 -37.02 41.96 13.36
C ILE B 327 -37.66 43.12 12.60
N ASN B 328 -38.98 43.28 12.76
CA ASN B 328 -39.67 44.34 12.04
C ASN B 328 -39.19 45.71 12.47
N VAL B 329 -39.06 45.93 13.78
CA VAL B 329 -38.65 47.25 14.26
C VAL B 329 -37.23 47.55 13.83
N ALA B 330 -36.36 46.53 13.82
CA ALA B 330 -35.00 46.74 13.34
C ALA B 330 -34.99 47.06 11.85
N ILE B 331 -35.81 46.36 11.07
CA ILE B 331 -35.85 46.60 9.62
C ILE B 331 -36.33 48.02 9.33
N LYS B 332 -37.35 48.49 10.07
CA LYS B 332 -37.83 49.84 9.87
C LYS B 332 -36.68 50.85 9.93
N SER B 333 -35.74 50.64 10.84
CA SER B 333 -34.51 51.42 10.84
C SER B 333 -33.52 50.82 9.85
N LYS B 334 -32.71 51.69 9.25
CA LYS B 334 -31.78 51.24 8.24
C LYS B 334 -30.50 50.68 8.87
N ILE B 335 -29.74 49.95 8.06
CA ILE B 335 -28.57 49.21 8.51
C ILE B 335 -28.96 48.28 9.66
N PRO B 336 -30.03 47.48 9.51
CA PRO B 336 -30.29 46.43 10.51
C PRO B 336 -29.35 45.25 10.34
N CYS B 337 -29.12 44.86 9.08
CA CYS B 337 -28.24 43.75 8.75
C CYS B 337 -28.66 42.47 9.46
N VAL B 338 -29.97 42.19 9.43
CA VAL B 338 -30.51 41.01 10.10
C VAL B 338 -30.00 39.75 9.43
N VAL B 339 -29.71 38.74 10.23
CA VAL B 339 -29.29 37.42 9.75
C VAL B 339 -30.16 36.37 10.41
N VAL B 340 -30.67 35.43 9.61
CA VAL B 340 -31.57 34.38 10.07
C VAL B 340 -30.92 33.04 9.73
N GLU B 341 -30.89 32.14 10.71
CA GLU B 341 -30.29 30.84 10.46
C GLU B 341 -31.30 29.93 9.78
N GLY B 342 -30.81 28.79 9.28
CA GLY B 342 -31.68 27.87 8.58
C GLY B 342 -32.79 27.30 9.44
N SER B 343 -32.50 26.95 10.69
CA SER B 343 -33.45 26.26 11.55
C SER B 343 -34.08 27.22 12.56
N GLY B 344 -35.40 27.15 12.69
CA GLY B 344 -36.13 27.99 13.63
C GLY B 344 -37.63 27.87 13.48
N ARG B 345 -38.38 28.21 14.54
CA ARG B 345 -39.84 28.10 14.46
C ARG B 345 -40.41 29.03 13.39
N ILE B 346 -39.97 30.28 13.38
CA ILE B 346 -40.41 31.23 12.37
C ILE B 346 -39.30 31.62 11.40
N ALA B 347 -38.04 31.47 11.80
CA ALA B 347 -36.95 31.79 10.88
C ALA B 347 -36.99 30.92 9.63
N ASP B 348 -37.43 29.67 9.76
CA ASP B 348 -37.56 28.82 8.59
C ASP B 348 -38.59 29.39 7.62
N VAL B 349 -39.68 29.97 8.14
CA VAL B 349 -40.66 30.59 7.25
C VAL B 349 -40.01 31.67 6.42
N ILE B 350 -39.28 32.58 7.07
CA ILE B 350 -38.66 33.69 6.35
C ILE B 350 -37.64 33.16 5.35
N ALA B 351 -36.85 32.17 5.75
CA ALA B 351 -35.87 31.60 4.83
C ALA B 351 -36.55 30.98 3.62
N SER B 352 -37.65 30.25 3.83
CA SER B 352 -38.35 29.61 2.73
C SER B 352 -38.95 30.64 1.78
N LEU B 353 -39.52 31.72 2.31
CA LEU B 353 -40.15 32.72 1.45
C LEU B 353 -39.15 33.32 0.48
N VAL B 354 -37.94 33.64 0.97
CA VAL B 354 -36.90 34.20 0.13
C VAL B 354 -36.04 33.09 -0.44
N ALA B 361 -47.75 36.36 -1.67
CA ALA B 361 -49.11 35.85 -1.73
C ALA B 361 -49.57 35.39 -0.35
N SER B 362 -50.82 35.72 -0.01
CA SER B 362 -51.36 35.33 1.29
C SER B 362 -51.47 33.82 1.40
N SER B 363 -51.83 33.13 0.32
CA SER B 363 -52.02 31.69 0.37
C SER B 363 -50.69 30.97 0.63
N CYS B 364 -49.64 31.35 -0.11
CA CYS B 364 -48.34 30.71 0.08
C CYS B 364 -47.78 31.02 1.47
N VAL B 365 -47.96 32.26 1.93
CA VAL B 365 -47.52 32.62 3.28
C VAL B 365 -48.24 31.78 4.31
N LYS B 366 -49.56 31.60 4.14
CA LYS B 366 -50.33 30.79 5.07
C LYS B 366 -49.85 29.35 5.07
N GLU B 367 -49.59 28.79 3.88
CA GLU B 367 -49.10 27.42 3.80
C GLU B 367 -47.78 27.26 4.52
N SER B 368 -46.84 28.16 4.26
CA SER B 368 -45.53 28.07 4.90
C SER B 368 -45.64 28.22 6.41
N LEU B 369 -46.42 29.20 6.86
CA LEU B 369 -46.57 29.44 8.29
C LEU B 369 -47.21 28.24 8.98
N LEU B 370 -48.22 27.65 8.35
CA LEU B 370 -48.88 26.48 8.94
C LEU B 370 -47.94 25.28 9.00
N ARG B 371 -47.23 25.00 7.91
CA ARG B 371 -46.37 23.82 7.90
C ARG B 371 -45.20 23.98 8.87
N PHE B 372 -44.68 25.21 9.02
CA PHE B 372 -43.50 25.38 9.86
C PHE B 372 -43.87 25.53 11.33
N LEU B 373 -45.00 26.18 11.62
CA LEU B 373 -45.48 26.40 12.98
C LEU B 373 -46.96 26.04 13.06
N PRO B 374 -47.31 24.76 12.99
CA PRO B 374 -48.72 24.36 12.94
C PRO B 374 -49.49 24.65 14.22
N ARG B 375 -48.98 24.19 15.36
CA ARG B 375 -49.76 24.18 16.58
C ARG B 375 -50.07 25.59 17.07
N THR B 376 -49.05 26.47 17.11
CA THR B 376 -49.24 27.79 17.69
C THR B 376 -50.30 28.59 16.95
N ILE B 377 -50.44 28.37 15.64
CA ILE B 377 -51.37 29.17 14.85
C ILE B 377 -52.81 28.91 15.29
N SER B 378 -53.17 27.65 15.54
CA SER B 378 -54.55 27.33 15.89
C SER B 378 -55.01 28.13 17.10
N ARG B 379 -54.13 28.30 18.09
CA ARG B 379 -54.48 29.11 19.26
C ARG B 379 -54.72 30.55 18.86
N LEU B 380 -53.91 31.09 17.96
CA LEU B 380 -54.04 32.48 17.54
C LEU B 380 -55.36 32.70 16.81
N SER B 381 -55.91 33.90 16.98
CA SER B 381 -57.15 34.28 16.30
C SER B 381 -56.87 34.67 14.85
N GLU B 382 -57.94 34.68 14.06
CA GLU B 382 -57.80 34.97 12.63
C GLU B 382 -57.26 36.37 12.39
N GLU B 383 -57.77 37.36 13.14
CA GLU B 383 -57.29 38.73 12.96
C GLU B 383 -55.81 38.84 13.33
N GLU B 384 -55.40 38.16 14.40
CA GLU B 384 -54.01 38.26 14.84
C GLU B 384 -53.07 37.62 13.82
N THR B 385 -53.45 36.48 13.24
CA THR B 385 -52.61 35.87 12.21
C THR B 385 -52.61 36.71 10.94
N GLU B 386 -53.71 37.40 10.63
CA GLU B 386 -53.69 38.33 9.51
C GLU B 386 -52.69 39.46 9.76
N SER B 387 -52.67 40.00 10.99
CA SER B 387 -51.70 41.02 11.33
C SER B 387 -50.27 40.48 11.22
N TRP B 388 -50.07 39.23 11.65
CA TRP B 388 -48.74 38.62 11.53
C TRP B 388 -48.33 38.49 10.07
N ILE B 389 -49.27 38.11 9.20
CA ILE B 389 -48.98 38.03 7.77
C ILE B 389 -48.60 39.40 7.24
N LYS B 390 -49.28 40.45 7.72
CA LYS B 390 -48.90 41.80 7.32
C LYS B 390 -47.47 42.13 7.75
N TRP B 391 -47.11 41.76 8.98
CA TRP B 391 -45.76 41.98 9.46
C TRP B 391 -44.74 41.26 8.57
N ILE B 392 -45.04 40.01 8.22
CA ILE B 392 -44.13 39.23 7.37
C ILE B 392 -44.04 39.85 5.99
N LYS B 393 -45.15 40.40 5.48
CA LYS B 393 -45.10 41.12 4.22
C LYS B 393 -44.13 42.29 4.30
N GLU B 394 -44.23 43.08 5.38
CA GLU B 394 -43.34 44.20 5.55
C GLU B 394 -41.88 43.75 5.56
N VAL B 395 -41.59 42.64 6.25
CA VAL B 395 -40.23 42.13 6.27
C VAL B 395 -39.80 41.72 4.87
N LEU B 396 -40.67 41.00 4.14
CA LEU B 396 -40.33 40.47 2.83
C LEU B 396 -40.24 41.56 1.76
N GLU B 397 -40.68 42.78 2.06
CA GLU B 397 -40.60 43.84 1.06
C GLU B 397 -39.16 44.03 0.56
N SER B 398 -38.21 44.12 1.48
CA SER B 398 -36.81 44.38 1.14
C SER B 398 -35.96 43.16 1.45
N PRO B 399 -35.53 42.37 0.45
CA PRO B 399 -34.71 41.19 0.74
C PRO B 399 -33.21 41.45 0.85
N HIS B 400 -32.72 42.61 0.42
CA HIS B 400 -31.28 42.85 0.44
C HIS B 400 -30.74 42.89 1.86
N LEU B 401 -31.51 43.41 2.81
CA LEU B 401 -31.04 43.44 4.20
C LEU B 401 -31.02 42.04 4.81
N LEU B 402 -31.94 41.18 4.42
CA LEU B 402 -32.00 39.84 4.97
C LEU B 402 -30.87 38.98 4.42
N THR B 403 -30.30 38.15 5.29
CA THR B 403 -29.29 37.18 4.90
C THR B 403 -29.60 35.86 5.60
N VAL B 404 -29.39 34.76 4.88
CA VAL B 404 -29.80 33.43 5.34
C VAL B 404 -28.58 32.52 5.33
N ILE B 405 -28.39 31.77 6.41
CA ILE B 405 -27.38 30.73 6.50
C ILE B 405 -28.09 29.43 6.15
N LYS B 406 -27.97 29.00 4.89
CA LYS B 406 -28.71 27.84 4.43
C LYS B 406 -28.27 26.57 5.15
N ILE B 407 -29.23 25.67 5.34
CA ILE B 407 -28.97 24.45 6.10
C ILE B 407 -27.96 23.57 5.38
N GLU B 408 -28.11 23.43 4.06
CA GLU B 408 -27.27 22.51 3.30
C GLU B 408 -25.79 22.85 3.46
N GLU B 409 -25.46 24.12 3.68
CA GLU B 409 -24.08 24.52 3.84
C GLU B 409 -23.46 23.81 5.04
N ALA B 410 -22.24 23.28 4.85
CA ALA B 410 -21.55 22.58 5.92
C ALA B 410 -20.07 22.93 5.99
N GLY B 411 -19.62 23.94 5.25
CA GLY B 411 -18.23 24.33 5.26
C GLY B 411 -17.87 25.16 6.49
N ASP B 412 -16.59 25.49 6.57
CA ASP B 412 -16.06 26.29 7.67
C ASP B 412 -16.18 27.78 7.34
N GLU B 413 -15.97 28.61 8.36
CA GLU B 413 -16.03 30.07 8.23
C GLU B 413 -17.32 30.52 7.56
N ILE B 414 -18.42 29.79 7.82
CA ILE B 414 -19.70 30.18 7.25
C ILE B 414 -20.21 31.45 7.93
N VAL B 415 -20.02 31.57 9.25
CA VAL B 415 -20.53 32.73 9.98
C VAL B 415 -19.85 34.00 9.48
N SER B 416 -18.52 33.95 9.34
CA SER B 416 -17.80 35.12 8.86
C SER B 416 -18.25 35.51 7.46
N ASN B 417 -18.42 34.51 6.59
CA ASN B 417 -18.87 34.78 5.22
C ASN B 417 -20.25 35.45 5.23
N ALA B 418 -21.18 34.92 6.02
CA ALA B 418 -22.52 35.49 6.07
C ALA B 418 -22.50 36.91 6.60
N ILE B 419 -21.75 37.15 7.67
CA ILE B 419 -21.69 38.50 8.25
C ILE B 419 -21.08 39.48 7.26
N SER B 420 -19.99 39.08 6.61
CA SER B 420 -19.34 39.96 5.65
C SER B 420 -20.26 40.25 4.47
N PHE B 421 -20.95 39.23 3.96
CA PHE B 421 -21.86 39.43 2.84
C PHE B 421 -22.99 40.38 3.21
N ALA B 422 -23.58 40.19 4.39
CA ALA B 422 -24.67 41.06 4.82
C ALA B 422 -24.20 42.50 4.96
N LEU B 423 -23.04 42.70 5.60
CA LEU B 423 -22.54 44.05 5.79
C LEU B 423 -22.18 44.70 4.46
N TYR B 424 -21.59 43.94 3.54
CA TYR B 424 -21.26 44.50 2.23
C TYR B 424 -22.51 44.89 1.47
N LYS B 425 -23.56 44.06 1.52
CA LYS B 425 -24.81 44.41 0.85
C LYS B 425 -25.41 45.66 1.45
N ALA B 426 -25.42 45.76 2.78
CA ALA B 426 -25.98 46.95 3.43
C ALA B 426 -25.19 48.19 3.04
N PHE B 427 -23.87 48.09 3.02
CA PHE B 427 -23.05 49.24 2.64
C PHE B 427 -23.28 49.63 1.19
N SER B 428 -23.40 48.65 0.30
CA SER B 428 -23.59 48.94 -1.11
C SER B 428 -24.94 49.60 -1.37
N THR B 429 -25.98 49.15 -0.66
CA THR B 429 -27.33 49.65 -0.92
C THR B 429 -27.58 51.04 -0.31
N ASN B 430 -26.55 51.67 0.26
CA ASN B 430 -26.74 52.98 0.87
C ASN B 430 -27.22 54.02 -0.14
N GLU B 431 -26.87 53.84 -1.42
CA GLU B 431 -27.20 54.70 -2.54
C GLU B 431 -26.34 55.97 -2.55
N HIS B 432 -25.52 56.23 -1.53
CA HIS B 432 -24.53 57.30 -1.59
C HIS B 432 -23.11 56.82 -1.40
N ASP B 433 -22.91 55.60 -0.87
CA ASP B 433 -21.61 54.96 -0.85
C ASP B 433 -21.39 54.06 -2.06
N ARG B 434 -22.41 53.91 -2.91
CA ARG B 434 -22.28 53.07 -4.10
C ARG B 434 -21.19 53.60 -5.03
N ASP B 435 -21.14 54.94 -5.22
CA ASP B 435 -20.14 55.50 -6.11
C ASP B 435 -18.73 55.22 -5.60
N ASN B 436 -18.52 55.33 -4.30
CA ASN B 436 -17.20 55.05 -3.73
C ASN B 436 -16.97 53.54 -3.72
N TRP B 437 -15.82 53.12 -4.25
CA TRP B 437 -15.44 51.71 -4.29
C TRP B 437 -14.29 51.37 -3.34
N ASN B 438 -13.49 52.36 -2.94
CA ASN B 438 -12.40 52.09 -2.00
C ASN B 438 -12.94 51.59 -0.67
N GLY B 439 -14.04 52.18 -0.18
CA GLY B 439 -14.62 51.72 1.07
C GLY B 439 -15.08 50.27 0.99
N GLN B 440 -15.73 49.90 -0.11
CA GLN B 440 -16.16 48.52 -0.28
C GLN B 440 -14.96 47.57 -0.32
N LEU B 441 -13.90 47.97 -1.03
CA LEU B 441 -12.72 47.13 -1.10
C LEU B 441 -12.08 46.95 0.26
N LYS B 442 -12.00 48.03 1.04
CA LYS B 442 -11.42 47.93 2.38
C LYS B 442 -12.28 47.05 3.28
N LEU B 443 -13.61 47.19 3.19
CA LEU B 443 -14.48 46.35 3.98
C LEU B 443 -14.31 44.88 3.63
N LEU B 444 -14.21 44.58 2.33
CA LEU B 444 -14.00 43.20 1.91
C LEU B 444 -12.58 42.73 2.19
N LEU B 445 -11.66 43.65 2.45
CA LEU B 445 -10.31 43.27 2.88
C LEU B 445 -10.27 42.93 4.37
N GLU B 446 -11.06 43.64 5.18
CA GLU B 446 -11.10 43.31 6.60
C GLU B 446 -11.59 41.89 6.83
N TRP B 447 -12.60 41.47 6.10
CA TRP B 447 -13.11 40.10 6.13
C TRP B 447 -12.52 39.33 4.96
N ASN B 448 -12.14 38.08 5.21
CA ASN B 448 -11.46 37.27 4.20
C ASN B 448 -12.49 36.83 3.15
N GLN B 449 -12.70 37.71 2.17
CA GLN B 449 -13.63 37.47 1.06
C GLN B 449 -12.93 37.80 -0.24
N LEU B 450 -12.40 36.78 -0.91
CA LEU B 450 -11.67 36.95 -2.16
C LEU B 450 -12.61 36.91 -3.37
N ASP B 451 -13.40 35.84 -3.50
CA ASP B 451 -14.23 35.68 -4.68
C ASP B 451 -15.23 36.81 -4.82
N LEU B 452 -15.88 37.20 -3.72
CA LEU B 452 -16.88 38.26 -3.79
C LEU B 452 -16.26 39.57 -4.22
N ALA B 453 -15.11 39.92 -3.62
CA ALA B 453 -14.45 41.16 -3.97
C ALA B 453 -14.02 41.16 -5.44
N SER B 454 -13.43 40.05 -5.90
CA SER B 454 -13.00 39.98 -7.28
C SER B 454 -14.17 40.13 -8.23
N ASP B 455 -15.27 39.44 -7.95
CA ASP B 455 -16.43 39.50 -8.84
C ASP B 455 -17.05 40.89 -8.85
N GLU B 456 -17.19 41.51 -7.67
CA GLU B 456 -17.92 42.77 -7.59
C GLU B 456 -17.10 43.95 -8.09
N ILE B 457 -15.81 44.00 -7.76
CA ILE B 457 -15.03 45.21 -7.97
C ILE B 457 -14.17 45.10 -9.22
N PHE B 458 -13.25 44.13 -9.23
CA PHE B 458 -12.20 44.12 -10.24
C PHE B 458 -12.70 43.66 -11.61
N THR B 459 -13.72 42.81 -11.65
CA THR B 459 -14.18 42.27 -12.94
C THR B 459 -14.72 43.37 -13.83
N ASN B 460 -15.47 44.33 -13.27
CA ASN B 460 -16.21 45.27 -14.10
C ASN B 460 -15.30 46.22 -14.86
N ASP B 461 -14.13 46.55 -14.31
CA ASP B 461 -13.22 47.50 -14.94
C ASP B 461 -13.91 48.85 -15.14
N ARG B 462 -14.38 49.41 -14.03
CA ARG B 462 -15.30 50.55 -14.07
C ARG B 462 -14.58 51.90 -13.92
N ASN B 463 -13.92 52.14 -12.79
CA ASN B 463 -13.56 53.50 -12.42
C ASN B 463 -12.17 53.69 -11.82
N TRP B 464 -11.34 52.66 -11.76
CA TRP B 464 -10.04 52.76 -11.12
C TRP B 464 -8.92 52.63 -12.15
N GLU B 465 -7.90 53.46 -11.99
CA GLU B 465 -6.72 53.43 -12.85
C GLU B 465 -5.62 52.51 -12.32
N SER B 466 -5.84 51.89 -11.15
CA SER B 466 -4.91 50.95 -10.52
C SER B 466 -3.75 51.67 -9.83
N ALA B 467 -3.75 53.00 -9.80
CA ALA B 467 -2.67 53.75 -9.15
C ALA B 467 -2.89 53.90 -7.65
N ASP B 468 -4.15 54.15 -7.23
CA ASP B 468 -4.43 54.31 -5.81
C ASP B 468 -4.36 52.98 -5.06
N LEU B 469 -4.58 51.87 -5.77
CA LEU B 469 -4.60 50.56 -5.14
C LEU B 469 -3.42 50.38 -4.20
N GLN B 470 -2.28 51.00 -4.51
CA GLN B 470 -1.10 50.91 -3.66
C GLN B 470 -1.47 51.01 -2.18
N ASP B 471 -2.21 52.05 -1.81
CA ASP B 471 -2.60 52.22 -0.42
C ASP B 471 -3.19 50.94 0.14
N VAL B 472 -4.28 50.46 -0.46
CA VAL B 472 -4.90 49.23 0.01
C VAL B 472 -3.87 48.10 0.02
N MET B 473 -3.08 48.01 -1.05
CA MET B 473 -2.03 46.99 -1.12
C MET B 473 -1.21 46.96 0.16
N PHE B 474 -0.74 48.13 0.60
CA PHE B 474 0.10 48.15 1.79
C PHE B 474 -0.58 47.44 2.95
N THR B 475 -1.85 47.76 3.19
CA THR B 475 -2.56 47.16 4.31
C THR B 475 -2.50 45.64 4.24
N ALA B 476 -2.74 45.08 3.05
CA ALA B 476 -2.71 43.64 2.92
C ALA B 476 -1.39 43.08 3.42
N LEU B 477 -0.27 43.69 2.98
CA LEU B 477 1.04 43.19 3.37
C LEU B 477 1.20 43.14 4.88
N VAL B 478 0.57 44.06 5.60
CA VAL B 478 0.70 44.08 7.05
C VAL B 478 -0.39 43.27 7.74
N LYS B 479 -1.47 42.94 7.04
CA LYS B 479 -2.59 42.19 7.62
C LYS B 479 -2.58 40.72 7.22
N ASP B 480 -1.55 40.27 6.51
CA ASP B 480 -1.41 38.86 6.15
C ASP B 480 -2.63 38.37 5.38
N ARG B 481 -2.82 38.94 4.19
CA ARG B 481 -3.93 38.60 3.30
C ARG B 481 -3.33 38.24 1.93
N PRO B 482 -2.62 37.12 1.85
CA PRO B 482 -1.89 36.82 0.60
C PRO B 482 -2.78 36.71 -0.63
N LYS B 483 -4.02 36.21 -0.47
CA LYS B 483 -4.89 36.07 -1.63
C LYS B 483 -5.21 37.44 -2.23
N PHE B 484 -5.45 38.45 -1.39
CA PHE B 484 -5.69 39.79 -1.91
C PHE B 484 -4.42 40.34 -2.56
N VAL B 485 -3.25 40.00 -2.05
CA VAL B 485 -2.00 40.37 -2.69
C VAL B 485 -1.94 39.81 -4.11
N ARG B 486 -2.23 38.51 -4.25
CA ARG B 486 -2.20 37.89 -5.57
C ARG B 486 -3.24 38.52 -6.48
N LEU B 487 -4.42 38.82 -5.94
CA LEU B 487 -5.46 39.46 -6.75
C LEU B 487 -5.02 40.83 -7.25
N PHE B 488 -4.40 41.63 -6.38
CA PHE B 488 -3.92 42.94 -6.80
C PHE B 488 -2.85 42.81 -7.87
N LEU B 489 -1.93 41.86 -7.70
CA LEU B 489 -0.88 41.69 -8.70
C LEU B 489 -1.45 41.25 -10.03
N GLU B 490 -2.43 40.35 -10.03
CA GLU B 490 -2.99 39.84 -11.27
C GLU B 490 -3.69 40.93 -12.07
N ASN B 491 -4.44 41.80 -11.38
CA ASN B 491 -5.25 42.81 -12.04
C ASN B 491 -4.46 44.05 -12.42
N GLY B 492 -3.14 44.03 -12.28
CA GLY B 492 -2.31 45.13 -12.71
C GLY B 492 -1.71 45.93 -11.56
N LEU B 493 -0.44 45.70 -11.29
CA LEU B 493 0.26 46.43 -10.23
C LEU B 493 1.76 46.22 -10.42
N ASN B 494 2.50 47.32 -10.50
CA ASN B 494 3.95 47.28 -10.65
C ASN B 494 4.56 47.26 -9.26
N LEU B 495 4.94 46.07 -8.79
CA LEU B 495 5.55 45.96 -7.48
C LEU B 495 6.87 46.71 -7.42
N ARG B 496 7.59 46.78 -8.54
CA ARG B 496 8.83 47.54 -8.57
C ARG B 496 8.57 49.01 -8.30
N LYS B 497 7.55 49.58 -8.95
CA LYS B 497 7.22 50.98 -8.72
C LYS B 497 6.61 51.19 -7.34
N PHE B 498 5.74 50.27 -6.90
CA PHE B 498 5.15 50.39 -5.58
C PHE B 498 6.21 50.34 -4.50
N LEU B 499 7.18 49.45 -4.64
CA LEU B 499 8.27 49.34 -3.67
C LEU B 499 9.22 50.52 -3.84
N THR B 500 9.30 51.36 -2.82
CA THR B 500 10.19 52.51 -2.80
C THR B 500 10.93 52.55 -1.48
N THR B 501 11.87 53.49 -1.37
CA THR B 501 12.63 53.63 -0.13
C THR B 501 11.70 53.96 1.03
N GLU B 502 10.72 54.84 0.80
CA GLU B 502 9.81 55.23 1.88
C GLU B 502 8.94 54.05 2.31
N VAL B 503 8.40 53.31 1.35
CA VAL B 503 7.54 52.18 1.67
C VAL B 503 8.32 51.12 2.44
N LEU B 504 9.52 50.80 1.96
CA LEU B 504 10.35 49.81 2.66
C LEU B 504 10.73 50.29 4.05
N ARG B 505 11.04 51.58 4.18
CA ARG B 505 11.39 52.12 5.49
C ARG B 505 10.21 52.00 6.45
N GLU B 506 9.01 52.33 5.99
CA GLU B 506 7.83 52.18 6.84
C GLU B 506 7.60 50.72 7.21
N LEU B 507 7.79 49.82 6.25
CA LEU B 507 7.56 48.40 6.50
C LEU B 507 8.53 47.85 7.54
N TYR B 508 9.81 48.23 7.44
CA TYR B 508 10.82 47.67 8.32
C TYR B 508 10.84 48.35 9.69
N THR B 509 10.58 49.66 9.74
CA THR B 509 10.72 50.38 10.99
C THR B 509 9.66 49.98 12.01
N ASN B 510 8.39 49.94 11.59
CA ASN B 510 7.28 49.74 12.51
C ASN B 510 6.70 48.33 12.44
N ASN B 511 6.31 47.90 11.23
CA ASN B 511 5.64 46.61 11.10
C ASN B 511 6.55 45.43 11.39
N PHE B 512 7.86 45.64 11.44
CA PHE B 512 8.80 44.56 11.71
C PHE B 512 8.84 44.27 13.19
N SER B 513 8.60 43.01 13.54
CA SER B 513 8.59 42.60 14.95
C SER B 513 9.99 42.75 15.56
N SER B 514 10.03 43.27 16.78
CA SER B 514 11.31 43.43 17.48
C SER B 514 11.87 42.10 17.96
N LEU B 515 11.02 41.09 18.16
CA LEU B 515 11.53 39.76 18.49
C LEU B 515 12.44 39.26 17.39
N VAL B 516 12.04 39.42 16.12
CA VAL B 516 12.92 39.02 15.03
C VAL B 516 14.15 39.90 14.99
N PHE B 517 14.04 41.15 15.43
CA PHE B 517 15.22 42.04 15.46
C PHE B 517 16.27 41.49 16.43
N LYS B 518 15.87 41.20 17.66
CA LYS B 518 16.84 40.67 18.61
C LYS B 518 17.30 39.28 18.19
N ASN B 519 16.44 38.52 17.52
CA ASN B 519 16.84 37.20 17.05
C ASN B 519 17.92 37.32 15.98
N LEU B 520 17.77 38.32 15.10
CA LEU B 520 18.83 38.61 14.13
C LEU B 520 20.12 39.00 14.85
N GLN B 521 20.01 39.83 15.89
CA GLN B 521 21.20 40.18 16.65
C GLN B 521 21.91 38.92 17.15
N ILE B 522 21.18 38.06 17.84
CA ILE B 522 21.79 36.88 18.45
C ILE B 522 22.35 35.96 17.38
N ALA B 523 21.62 35.79 16.27
CA ALA B 523 22.12 34.94 15.20
C ALA B 523 23.42 35.47 14.64
N LYS B 524 23.51 36.79 14.42
CA LYS B 524 24.75 37.36 13.89
C LYS B 524 25.90 37.20 14.88
N ASN B 525 25.66 37.48 16.17
CA ASN B 525 26.77 37.40 17.12
C ASN B 525 27.24 35.95 17.30
N SER B 526 26.29 35.01 17.34
CA SER B 526 26.66 33.61 17.58
C SER B 526 27.55 33.08 16.47
N TYR B 527 27.22 33.38 15.22
CA TYR B 527 27.97 32.89 14.07
C TYR B 527 28.00 33.97 13.00
N ASN B 528 29.11 34.06 12.29
CA ASN B 528 29.28 35.03 11.21
C ASN B 528 29.14 34.32 9.86
N ASP B 529 28.33 34.91 8.98
CA ASP B 529 28.15 34.42 7.63
C ASP B 529 27.97 35.62 6.71
N ALA B 530 28.34 35.43 5.44
CA ALA B 530 28.27 36.53 4.49
C ALA B 530 26.84 37.01 4.30
N LEU B 531 25.90 36.09 4.11
CA LEU B 531 24.53 36.49 3.83
C LEU B 531 23.85 37.03 5.07
N LEU B 532 24.16 36.49 6.25
CA LEU B 532 23.60 37.02 7.48
C LEU B 532 24.00 38.48 7.68
N THR B 533 25.29 38.79 7.49
CA THR B 533 25.73 40.17 7.63
C THR B 533 25.15 41.05 6.53
N PHE B 534 25.00 40.51 5.32
CA PHE B 534 24.39 41.29 4.24
C PHE B 534 22.96 41.70 4.59
N VAL B 535 22.15 40.73 5.02
CA VAL B 535 20.76 41.05 5.35
C VAL B 535 20.70 41.95 6.58
N TRP B 536 21.63 41.74 7.53
CA TRP B 536 21.65 42.57 8.73
C TRP B 536 21.92 44.03 8.39
N LYS B 537 22.95 44.28 7.57
CA LYS B 537 23.24 45.65 7.20
C LYS B 537 22.14 46.24 6.33
N MET B 538 21.48 45.42 5.50
CA MET B 538 20.35 45.92 4.72
C MET B 538 19.23 46.40 5.63
N VAL B 539 18.87 45.60 6.63
CA VAL B 539 17.77 45.97 7.50
C VAL B 539 18.14 47.18 8.35
N GLU B 540 19.41 47.27 8.78
CA GLU B 540 19.83 48.45 9.51
C GLU B 540 19.78 49.69 8.63
N ASP B 541 20.18 49.58 7.37
CA ASP B 541 20.09 50.71 6.46
C ASP B 541 18.64 51.16 6.29
N PHE B 542 17.72 50.21 6.16
CA PHE B 542 16.31 50.57 6.04
C PHE B 542 15.81 51.23 7.31
N ARG B 543 16.23 50.74 8.48
CA ARG B 543 15.72 51.28 9.74
C ARG B 543 16.30 52.66 10.05
N ARG B 544 17.53 52.94 9.63
CA ARG B 544 18.21 54.16 10.07
C ARG B 544 17.41 55.41 9.69
N GLY B 545 16.92 55.46 8.46
CA GLY B 545 16.22 56.64 7.98
C GLY B 545 14.92 56.89 8.72
N ARG B 569 18.21 48.82 -5.77
CA ARG B 569 19.08 47.86 -5.10
C ARG B 569 18.33 46.58 -4.80
N HIS B 570 17.65 46.04 -5.81
CA HIS B 570 16.87 44.82 -5.69
C HIS B 570 15.88 44.90 -4.52
N PRO B 571 14.98 45.89 -4.52
CA PRO B 571 13.99 45.98 -3.43
C PRO B 571 13.08 44.76 -3.34
N LEU B 572 12.84 44.06 -4.44
CA LEU B 572 12.00 42.86 -4.39
C LEU B 572 12.64 41.81 -3.49
N GLN B 573 13.96 41.68 -3.55
CA GLN B 573 14.65 40.76 -2.65
C GLN B 573 14.48 41.19 -1.20
N ALA B 574 14.51 42.50 -0.94
CA ALA B 574 14.29 42.99 0.41
C ALA B 574 12.89 42.63 0.90
N LEU B 575 11.88 42.81 0.05
CA LEU B 575 10.52 42.45 0.44
C LEU B 575 10.41 40.95 0.70
N PHE B 576 11.04 40.13 -0.14
CA PHE B 576 11.02 38.69 0.08
C PHE B 576 11.68 38.32 1.40
N ILE B 577 12.80 38.97 1.71
CA ILE B 577 13.48 38.71 2.98
C ILE B 577 12.58 39.09 4.15
N TRP B 578 11.93 40.25 4.06
CA TRP B 578 11.04 40.68 5.13
C TRP B 578 9.90 39.67 5.32
N SER B 579 9.32 39.19 4.22
CA SER B 579 8.22 38.24 4.32
C SER B 579 8.68 36.93 4.94
N VAL B 580 9.81 36.40 4.47
CA VAL B 580 10.25 35.08 4.93
C VAL B 580 10.70 35.14 6.39
N LEU B 581 11.36 36.23 6.79
CA LEU B 581 11.86 36.32 8.16
C LEU B 581 10.73 36.22 9.17
N GLN B 582 9.60 36.87 8.89
CA GLN B 582 8.45 36.84 9.78
C GLN B 582 7.66 35.55 9.69
N ASN B 583 8.13 34.58 8.90
CA ASN B 583 7.50 33.27 8.80
C ASN B 583 6.10 33.36 8.20
N LYS B 584 5.94 34.19 7.18
CA LYS B 584 4.70 34.29 6.42
C LYS B 584 4.79 33.33 5.24
N LYS B 585 4.21 32.14 5.41
CA LYS B 585 4.40 31.08 4.43
C LYS B 585 3.82 31.45 3.07
N GLU B 586 2.51 31.71 3.05
CA GLU B 586 1.81 31.95 1.78
C GLU B 586 2.33 33.20 1.09
N LEU B 587 2.46 34.30 1.84
CA LEU B 587 2.97 35.52 1.25
C LEU B 587 4.41 35.34 0.78
N SER B 588 5.19 34.52 1.48
CA SER B 588 6.54 34.24 1.03
C SER B 588 6.54 33.57 -0.33
N LYS B 589 5.67 32.58 -0.53
CA LYS B 589 5.58 31.95 -1.85
C LYS B 589 5.11 32.94 -2.91
N VAL B 590 4.09 33.73 -2.60
CA VAL B 590 3.57 34.69 -3.56
C VAL B 590 4.66 35.66 -3.99
N ILE B 591 5.47 36.12 -3.04
CA ILE B 591 6.54 37.05 -3.37
C ILE B 591 7.63 36.34 -4.15
N TRP B 592 7.95 35.10 -3.78
CA TRP B 592 8.99 34.37 -4.48
C TRP B 592 8.64 34.17 -5.95
N GLU B 593 7.35 34.08 -6.26
CA GLU B 593 6.95 33.90 -7.66
C GLU B 593 7.44 35.04 -8.54
N GLN B 594 7.74 36.21 -7.97
CA GLN B 594 8.16 37.37 -8.76
C GLN B 594 9.67 37.49 -8.92
N THR B 595 10.45 36.95 -7.98
CA THR B 595 11.89 37.12 -8.02
C THR B 595 12.48 36.49 -9.28
N ARG B 596 13.50 37.15 -9.84
CA ARG B 596 14.16 36.61 -11.02
C ARG B 596 15.06 35.43 -10.67
N GLY B 597 15.75 35.48 -9.54
CA GLY B 597 16.58 34.39 -9.09
C GLY B 597 15.78 33.35 -8.32
N CYS B 598 14.98 32.57 -9.05
CA CYS B 598 14.03 31.66 -8.41
C CYS B 598 14.75 30.66 -7.50
N THR B 599 15.57 29.79 -8.09
CA THR B 599 16.24 28.77 -7.30
C THR B 599 17.23 29.38 -6.31
N LEU B 600 17.96 30.41 -6.74
CA LEU B 600 18.88 31.08 -5.84
C LEU B 600 18.15 31.70 -4.66
N ALA B 601 17.01 32.35 -4.93
CA ALA B 601 16.22 32.94 -3.85
C ALA B 601 15.71 31.86 -2.90
N ALA B 602 15.25 30.73 -3.44
CA ALA B 602 14.76 29.64 -2.60
C ALA B 602 15.86 29.11 -1.70
N LEU B 603 17.05 28.89 -2.26
CA LEU B 603 18.16 28.38 -1.46
C LEU B 603 18.57 29.38 -0.39
N GLY B 604 18.61 30.67 -0.75
CA GLY B 604 18.94 31.69 0.24
C GLY B 604 17.93 31.75 1.36
N ALA B 605 16.65 31.65 1.02
CA ALA B 605 15.61 31.63 2.05
C ALA B 605 15.76 30.42 2.95
N SER B 606 16.06 29.26 2.37
CA SER B 606 16.26 28.06 3.18
C SER B 606 17.43 28.25 4.14
N LYS B 607 18.54 28.81 3.64
CA LYS B 607 19.70 29.04 4.50
C LYS B 607 19.36 30.02 5.62
N LEU B 608 18.63 31.10 5.29
CA LEU B 608 18.24 32.05 6.31
C LEU B 608 17.37 31.39 7.38
N LEU B 609 16.40 30.58 6.95
CA LEU B 609 15.53 29.91 7.90
C LEU B 609 16.32 28.97 8.80
N LYS B 610 17.27 28.23 8.23
CA LYS B 610 18.08 27.32 9.05
C LYS B 610 18.95 28.09 10.03
N SER B 611 19.54 29.21 9.58
CA SER B 611 20.35 30.02 10.49
C SER B 611 19.50 30.56 11.64
N MET B 612 18.30 31.03 11.33
CA MET B 612 17.40 31.48 12.40
C MET B 612 17.04 30.34 13.33
N ALA B 613 16.80 29.15 12.78
CA ALA B 613 16.46 28.00 13.61
C ALA B 613 17.62 27.59 14.51
N LYS B 614 18.86 27.87 14.08
CA LYS B 614 20.00 27.63 14.97
C LYS B 614 19.78 28.32 16.31
N VAL B 615 19.37 29.58 16.27
CA VAL B 615 18.95 30.30 17.47
C VAL B 615 17.58 29.75 17.86
N LYS B 616 17.56 28.86 18.86
CA LYS B 616 16.35 28.18 19.28
C LYS B 616 15.89 28.73 20.62
N ASN B 617 14.64 29.20 20.67
CA ASN B 617 14.00 29.61 21.91
C ASN B 617 12.60 29.04 22.08
N ASP B 618 11.93 28.65 21.00
CA ASP B 618 10.61 28.03 21.05
C ASP B 618 10.61 26.79 20.16
N ILE B 619 9.95 25.74 20.62
CA ILE B 619 9.93 24.49 19.86
C ILE B 619 9.15 24.68 18.56
N ASN B 620 7.96 25.26 18.64
CA ASN B 620 7.13 25.42 17.45
C ASN B 620 7.78 26.34 16.43
N ALA B 621 8.45 27.40 16.90
CA ALA B 621 9.11 28.32 15.97
C ALA B 621 10.18 27.60 15.17
N ALA B 622 11.03 26.83 15.85
CA ALA B 622 12.09 26.10 15.16
C ALA B 622 11.50 25.06 14.22
N GLY B 623 10.46 24.36 14.66
CA GLY B 623 9.83 23.36 13.80
C GLY B 623 9.28 23.98 12.53
N GLU B 624 8.57 25.09 12.66
CA GLU B 624 8.02 25.77 11.48
C GLU B 624 9.14 26.27 10.58
N SER B 625 10.21 26.83 11.17
CA SER B 625 11.32 27.34 10.37
C SER B 625 11.94 26.22 9.55
N GLU B 626 12.24 25.08 10.18
CA GLU B 626 12.87 23.99 9.45
C GLU B 626 11.92 23.39 8.42
N GLU B 627 10.63 23.32 8.74
CA GLU B 627 9.66 22.80 7.78
C GLU B 627 9.60 23.67 6.54
N LEU B 628 9.54 24.99 6.73
CA LEU B 628 9.50 25.91 5.60
C LEU B 628 10.80 25.85 4.80
N ALA B 629 11.94 25.74 5.48
CA ALA B 629 13.21 25.61 4.77
C ALA B 629 13.22 24.35 3.91
N ASN B 630 12.73 23.23 4.45
CA ASN B 630 12.67 22.01 3.67
C ASN B 630 11.73 22.14 2.48
N GLU B 631 10.59 22.81 2.68
CA GLU B 631 9.66 23.02 1.57
C GLU B 631 10.32 23.83 0.46
N TYR B 632 11.03 24.90 0.82
CA TYR B 632 11.71 25.70 -0.19
C TYR B 632 12.80 24.90 -0.88
N GLU B 633 13.51 24.05 -0.13
CA GLU B 633 14.49 23.16 -0.75
C GLU B 633 13.85 22.27 -1.79
N THR B 634 12.71 21.65 -1.45
CA THR B 634 12.05 20.76 -2.40
C THR B 634 11.57 21.52 -3.63
N ARG B 635 11.04 22.73 -3.43
CA ARG B 635 10.63 23.54 -4.55
C ARG B 635 11.80 23.85 -5.48
N ALA B 636 12.94 24.21 -4.90
CA ALA B 636 14.13 24.48 -5.70
C ALA B 636 14.57 23.23 -6.45
N VAL B 637 14.49 22.07 -5.80
CA VAL B 637 14.89 20.83 -6.46
C VAL B 637 13.99 20.56 -7.67
N GLU B 638 12.68 20.74 -7.51
CA GLU B 638 11.78 20.52 -8.64
C GLU B 638 12.07 21.50 -9.78
N LEU B 639 12.27 22.77 -9.43
CA LEU B 639 12.56 23.77 -10.45
C LEU B 639 13.84 23.43 -11.20
N PHE B 640 14.87 22.98 -10.48
CA PHE B 640 16.11 22.61 -11.14
C PHE B 640 15.96 21.34 -11.97
N THR B 641 15.12 20.40 -11.53
CA THR B 641 14.85 19.24 -12.36
C THR B 641 14.29 19.67 -13.71
N GLU B 642 13.31 20.59 -13.69
CA GLU B 642 12.78 21.09 -14.95
C GLU B 642 13.84 21.81 -15.75
N CYS B 643 14.66 22.63 -15.09
CA CYS B 643 15.71 23.36 -15.79
C CYS B 643 16.66 22.41 -16.50
N TYR B 644 17.12 21.37 -15.81
CA TYR B 644 18.05 20.43 -16.40
C TYR B 644 17.39 19.65 -17.53
N SER B 645 16.13 19.25 -17.36
CA SER B 645 15.45 18.51 -18.41
C SER B 645 15.32 19.34 -19.68
N ASN B 646 14.95 20.61 -19.55
CA ASN B 646 14.77 21.44 -20.74
C ASN B 646 16.09 21.67 -21.47
N ASP B 647 17.16 21.97 -20.72
CA ASP B 647 18.45 22.28 -21.34
C ASP B 647 19.55 21.83 -20.37
N GLU B 648 20.14 20.68 -20.67
CA GLU B 648 21.17 20.13 -19.80
C GLU B 648 22.46 20.96 -19.88
N ASP B 649 22.84 21.38 -21.08
CA ASP B 649 24.12 22.06 -21.25
C ASP B 649 24.16 23.38 -20.49
N LEU B 650 23.08 24.15 -20.52
CA LEU B 650 23.07 25.49 -19.94
C LEU B 650 22.50 25.53 -18.53
N ALA B 651 21.83 24.48 -18.08
CA ALA B 651 21.36 24.45 -16.69
C ALA B 651 22.52 24.53 -15.72
N GLU B 652 23.68 24.01 -16.10
CA GLU B 652 24.86 24.09 -15.25
C GLU B 652 25.33 25.54 -15.11
N GLN B 653 25.10 26.36 -16.14
CA GLN B 653 25.50 27.75 -16.06
C GLN B 653 24.77 28.47 -14.92
N LEU B 654 23.53 28.08 -14.63
CA LEU B 654 22.82 28.66 -13.50
C LEU B 654 23.56 28.39 -12.20
N LEU B 655 24.03 27.16 -12.01
CA LEU B 655 24.81 26.85 -10.82
C LEU B 655 26.10 27.66 -10.79
N THR B 656 26.78 27.74 -11.93
CA THR B 656 28.03 28.51 -11.98
C THR B 656 27.77 30.01 -11.98
N TYR B 657 26.58 30.46 -12.38
CA TYR B 657 26.31 31.88 -12.46
C TYR B 657 26.38 32.51 -11.07
N SER B 658 26.86 33.75 -11.02
CA SER B 658 27.09 34.43 -9.77
C SER B 658 25.77 34.95 -9.20
N CYS B 659 25.85 35.75 -8.14
CA CYS B 659 24.65 36.24 -7.47
C CYS B 659 23.95 37.33 -8.27
N GLU B 660 24.73 38.23 -8.87
CA GLU B 660 24.20 39.48 -9.42
C GLU B 660 23.67 40.36 -8.29
N ALA B 661 24.51 40.56 -7.27
CA ALA B 661 24.26 41.38 -6.09
C ALA B 661 23.35 40.70 -5.08
N TRP B 662 22.87 39.48 -5.35
CA TRP B 662 21.97 38.82 -4.40
C TRP B 662 22.69 38.51 -3.09
N GLY B 663 23.91 38.02 -3.16
CA GLY B 663 24.63 37.62 -1.97
C GLY B 663 26.05 37.24 -2.32
N GLY B 664 26.83 36.96 -1.28
CA GLY B 664 28.25 36.68 -1.47
C GLY B 664 28.50 35.46 -2.32
N SER B 665 27.72 34.40 -2.09
CA SER B 665 27.95 33.12 -2.76
C SER B 665 26.93 32.90 -3.87
N ASN B 666 27.20 31.89 -4.70
CA ASN B 666 26.35 31.55 -5.82
C ASN B 666 25.41 30.41 -5.39
N CYS B 667 24.71 29.83 -6.37
CA CYS B 667 23.68 28.83 -6.06
C CYS B 667 24.29 27.61 -5.39
N LEU B 668 25.36 27.06 -5.98
CA LEU B 668 25.91 25.79 -5.47
C LEU B 668 26.56 25.99 -4.11
N GLU B 669 27.35 27.04 -3.94
CA GLU B 669 27.92 27.34 -2.63
C GLU B 669 26.83 27.58 -1.59
N LEU B 670 25.78 28.30 -1.97
CA LEU B 670 24.69 28.56 -1.04
C LEU B 670 24.03 27.27 -0.61
N ALA B 671 23.81 26.35 -1.55
CA ALA B 671 23.25 25.05 -1.19
C ALA B 671 24.18 24.29 -0.25
N VAL B 672 25.48 24.35 -0.53
CA VAL B 672 26.44 23.64 0.31
C VAL B 672 26.42 24.18 1.74
N GLU B 673 26.39 25.51 1.89
CA GLU B 673 26.46 26.11 3.22
C GLU B 673 25.30 25.67 4.09
N ALA B 674 24.11 25.52 3.50
CA ALA B 674 22.92 25.10 4.24
C ALA B 674 22.81 23.59 4.37
N ARG B 675 23.79 22.84 3.88
CA ARG B 675 23.79 21.38 4.01
C ARG B 675 22.57 20.79 3.29
N ASP B 676 22.46 21.10 2.00
CA ASP B 676 21.29 20.71 1.21
C ASP B 676 21.61 19.38 0.53
N GLN B 677 21.51 18.30 1.32
CA GLN B 677 21.83 16.98 0.79
C GLN B 677 20.89 16.59 -0.34
N GLN B 678 19.62 16.96 -0.23
CA GLN B 678 18.66 16.63 -1.28
C GLN B 678 19.04 17.28 -2.60
N PHE B 679 19.46 18.56 -2.55
CA PHE B 679 19.71 19.30 -3.77
C PHE B 679 20.95 18.78 -4.50
N ILE B 680 22.02 18.49 -3.77
CA ILE B 680 23.25 18.03 -4.41
C ILE B 680 23.19 16.56 -4.78
N ALA B 681 22.26 15.81 -4.20
CA ALA B 681 22.16 14.38 -4.45
C ALA B 681 21.36 14.03 -5.70
N GLN B 682 20.78 15.02 -6.38
CA GLN B 682 19.99 14.74 -7.56
C GLN B 682 20.88 14.40 -8.74
N PRO B 683 20.34 13.71 -9.75
CA PRO B 683 21.19 13.27 -10.87
C PRO B 683 21.92 14.38 -11.58
N GLY B 684 21.30 15.56 -11.74
CA GLY B 684 21.92 16.61 -12.52
C GLY B 684 23.20 17.13 -11.91
N VAL B 685 23.18 17.39 -10.60
CA VAL B 685 24.36 17.95 -9.95
C VAL B 685 25.48 16.92 -9.91
N GLN B 686 25.14 15.65 -9.64
CA GLN B 686 26.16 14.60 -9.65
C GLN B 686 26.77 14.45 -11.04
N ASN B 687 25.95 14.50 -12.09
CA ASN B 687 26.47 14.42 -13.44
C ASN B 687 27.39 15.59 -13.75
N PHE B 688 27.01 16.79 -13.33
CA PHE B 688 27.87 17.95 -13.53
C PHE B 688 29.20 17.79 -12.81
N LEU B 689 29.15 17.31 -11.56
CA LEU B 689 30.37 17.12 -10.80
C LEU B 689 31.27 16.08 -11.46
N SER B 690 30.69 14.98 -11.93
CA SER B 690 31.50 13.97 -12.62
C SER B 690 32.12 14.53 -13.88
N LYS B 691 31.33 15.27 -14.67
CA LYS B 691 31.85 15.84 -15.91
C LYS B 691 32.97 16.82 -15.63
N GLN B 692 32.86 17.60 -14.56
CA GLN B 692 33.94 18.53 -14.20
C GLN B 692 35.18 17.78 -13.71
N TRP B 693 34.99 16.77 -12.87
CA TRP B 693 36.13 16.06 -12.30
C TRP B 693 36.90 15.31 -13.39
N TYR B 694 36.20 14.66 -14.31
CA TYR B 694 36.88 14.01 -15.42
C TYR B 694 37.61 15.01 -16.30
N GLY B 695 37.26 16.29 -16.22
CA GLY B 695 37.97 17.31 -16.95
C GLY B 695 37.71 17.24 -18.46
N GLU B 696 38.67 17.80 -19.20
CA GLU B 696 38.56 17.83 -20.65
C GLU B 696 38.51 16.43 -21.25
N ILE B 697 38.99 15.42 -20.53
CA ILE B 697 38.94 14.05 -21.04
C ILE B 697 37.50 13.68 -21.34
N SER B 698 37.31 13.00 -22.47
CA SER B 698 35.98 12.52 -22.81
C SER B 698 35.45 11.63 -21.71
N ARG B 699 34.23 11.91 -21.27
CA ARG B 699 33.68 11.25 -20.09
C ARG B 699 33.32 9.80 -20.41
N ASP B 700 33.68 8.90 -19.49
CA ASP B 700 33.26 7.50 -19.54
C ASP B 700 33.87 6.79 -20.75
N THR B 701 35.04 7.23 -21.21
CA THR B 701 35.77 6.46 -22.20
C THR B 701 36.09 5.07 -21.66
N LYS B 702 37.01 5.01 -20.69
CA LYS B 702 37.27 3.80 -19.92
C LYS B 702 38.18 4.18 -18.76
N ASN B 703 37.96 3.58 -17.59
CA ASN B 703 38.76 3.94 -16.42
C ASN B 703 40.20 3.48 -16.58
N TRP B 704 40.40 2.28 -17.13
CA TRP B 704 41.74 1.71 -17.20
C TRP B 704 42.60 2.37 -18.29
N LYS B 705 41.98 2.87 -19.36
CA LYS B 705 42.75 3.51 -20.41
C LYS B 705 43.47 4.76 -19.89
N ILE B 706 42.79 5.55 -19.06
CA ILE B 706 43.40 6.75 -18.51
C ILE B 706 44.59 6.38 -17.65
N ILE B 707 44.45 5.33 -16.84
CA ILE B 707 45.57 4.88 -16.00
C ILE B 707 46.73 4.43 -16.88
N MET B 708 46.44 3.69 -17.95
CA MET B 708 47.50 3.23 -18.83
C MET B 708 48.22 4.40 -19.48
N CYS B 709 47.48 5.45 -19.85
CA CYS B 709 48.09 6.61 -20.48
C CYS B 709 49.17 7.22 -19.60
N LEU B 710 49.03 7.11 -18.28
CA LEU B 710 50.03 7.62 -17.36
C LEU B 710 51.35 6.87 -17.53
N LEU B 736 46.96 22.58 -26.30
CA LEU B 736 47.52 21.37 -26.90
C LEU B 736 46.74 20.14 -26.44
N TYR B 737 46.88 19.04 -27.20
CA TYR B 737 46.17 17.82 -26.85
C TYR B 737 46.63 17.26 -25.51
N TYR B 738 47.94 17.28 -25.27
CA TYR B 738 48.48 16.71 -24.04
C TYR B 738 48.10 17.55 -22.82
N VAL B 739 48.04 18.87 -22.98
CA VAL B 739 47.78 19.75 -21.84
C VAL B 739 46.39 19.48 -21.27
N SER B 740 45.40 19.29 -22.14
CA SER B 740 44.05 19.02 -21.66
C SER B 740 44.01 17.74 -20.81
N PHE B 741 44.70 16.70 -21.28
CA PHE B 741 44.75 15.46 -20.51
C PHE B 741 45.47 15.66 -19.19
N PHE B 742 46.57 16.40 -19.19
CA PHE B 742 47.41 16.53 -18.00
C PHE B 742 46.86 17.53 -16.99
N THR B 743 45.84 18.30 -17.34
CA THR B 743 45.25 19.27 -16.43
C THR B 743 43.96 18.78 -15.77
N SER B 744 43.52 17.56 -16.07
CA SER B 744 42.28 17.07 -15.48
C SER B 744 42.49 16.74 -14.01
N PRO B 745 41.50 16.99 -13.16
CA PRO B 745 41.64 16.61 -11.75
C PRO B 745 41.87 15.13 -11.54
N PHE B 746 41.32 14.28 -12.40
CA PHE B 746 41.53 12.84 -12.28
C PHE B 746 43.01 12.51 -12.33
N VAL B 747 43.71 13.05 -13.32
CA VAL B 747 45.14 12.77 -13.49
C VAL B 747 45.94 13.33 -12.32
N VAL B 748 45.59 14.52 -11.85
CA VAL B 748 46.30 15.11 -10.73
C VAL B 748 46.14 14.24 -9.48
N PHE B 749 44.92 13.76 -9.24
CA PHE B 749 44.68 12.88 -8.11
C PHE B 749 45.47 11.59 -8.25
N SER B 750 45.53 11.04 -9.45
CA SER B 750 46.32 9.83 -9.67
C SER B 750 47.79 10.06 -9.37
N TRP B 751 48.34 11.18 -9.85
CA TRP B 751 49.73 11.51 -9.58
C TRP B 751 49.98 11.67 -8.09
N ASN B 752 49.07 12.35 -7.39
CA ASN B 752 49.24 12.53 -5.95
C ASN B 752 49.21 11.21 -5.22
N VAL B 753 48.31 10.31 -5.61
CA VAL B 753 48.24 8.99 -4.98
C VAL B 753 49.54 8.22 -5.21
N ILE B 754 50.05 8.25 -6.45
CA ILE B 754 51.29 7.55 -6.75
C ILE B 754 52.43 8.12 -5.93
N PHE B 755 52.50 9.45 -5.83
CA PHE B 755 53.56 10.09 -5.07
C PHE B 755 53.48 9.72 -3.60
N TYR B 756 52.26 9.67 -3.05
CA TYR B 756 52.09 9.31 -1.65
C TYR B 756 52.51 7.87 -1.40
N ILE B 757 52.16 6.96 -2.32
CA ILE B 757 52.57 5.56 -2.17
C ILE B 757 54.08 5.43 -2.23
N ALA B 758 54.72 6.14 -3.17
CA ALA B 758 56.17 6.11 -3.24
C ALA B 758 56.79 6.68 -1.97
N PHE B 759 56.19 7.73 -1.43
CA PHE B 759 56.67 8.29 -0.17
C PHE B 759 56.56 7.28 0.96
N LEU B 760 55.46 6.54 1.02
CA LEU B 760 55.33 5.50 2.05
C LEU B 760 56.40 4.43 1.89
N LEU B 761 56.65 4.00 0.65
CA LEU B 761 57.67 3.00 0.41
C LEU B 761 59.04 3.50 0.87
N LEU B 762 59.37 4.74 0.51
CA LEU B 762 60.65 5.32 0.90
C LEU B 762 60.76 5.42 2.42
N PHE B 763 59.68 5.86 3.07
CA PHE B 763 59.67 5.97 4.52
C PHE B 763 59.91 4.61 5.17
N ALA B 764 59.24 3.58 4.67
CA ALA B 764 59.44 2.24 5.23
C ALA B 764 60.86 1.76 5.03
N TYR B 765 61.41 1.96 3.83
CA TYR B 765 62.78 1.52 3.57
C TYR B 765 63.76 2.22 4.51
N VAL B 766 63.60 3.53 4.69
CA VAL B 766 64.51 4.26 5.57
C VAL B 766 64.32 3.81 7.01
N LEU B 767 63.09 3.48 7.39
CA LEU B 767 62.81 3.15 8.79
C LEU B 767 63.35 1.78 9.15
N LEU B 768 63.25 0.81 8.25
CA LEU B 768 63.60 -0.57 8.57
C LEU B 768 65.04 -0.91 8.16
N MET B 769 65.35 -0.77 6.87
CA MET B 769 66.63 -1.26 6.35
C MET B 769 67.77 -0.31 6.65
N ASP B 770 67.57 1.00 6.47
CA ASP B 770 68.64 1.99 6.52
C ASP B 770 68.21 3.09 7.49
N PHE B 771 68.54 2.91 8.77
CA PHE B 771 68.35 3.93 9.81
C PHE B 771 69.65 3.97 10.61
N GLN B 772 70.58 4.80 10.17
CA GLN B 772 71.90 4.88 10.79
C GLN B 772 71.94 6.00 11.83
N LYS B 773 73.06 6.06 12.56
CA LYS B 773 73.20 7.06 13.61
C LYS B 773 73.15 8.48 13.05
N GLU B 774 73.85 8.73 11.94
CA GLU B 774 73.89 10.05 11.35
C GLU B 774 72.92 10.13 10.18
N PRO B 775 72.08 11.16 10.10
CA PRO B 775 71.09 11.21 9.01
C PRO B 775 71.75 11.06 7.64
N THR B 776 71.16 10.20 6.83
CA THR B 776 71.61 10.00 5.46
C THR B 776 70.80 10.88 4.51
N ALA B 777 71.37 11.11 3.32
CA ALA B 777 70.73 12.01 2.37
C ALA B 777 69.31 11.55 2.01
N LEU B 778 69.09 10.23 1.99
CA LEU B 778 67.77 9.72 1.67
C LEU B 778 66.74 10.16 2.71
N GLU B 779 67.12 10.15 3.98
CA GLU B 779 66.22 10.64 5.02
C GLU B 779 66.01 12.14 4.90
N ILE B 780 67.01 12.87 4.40
CA ILE B 780 66.83 14.30 4.15
C ILE B 780 65.79 14.51 3.05
N ILE B 781 65.85 13.69 2.00
CA ILE B 781 64.84 13.77 0.95
C ILE B 781 63.46 13.47 1.52
N LEU B 782 63.39 12.50 2.44
CA LEU B 782 62.11 12.21 3.09
C LEU B 782 61.60 13.42 3.85
N TYR B 783 62.47 14.10 4.58
CA TYR B 783 62.08 15.33 5.28
C TYR B 783 61.54 16.35 4.30
N VAL B 784 62.23 16.52 3.17
CA VAL B 784 61.80 17.48 2.17
C VAL B 784 60.41 17.14 1.65
N LEU B 785 60.16 15.85 1.38
CA LEU B 785 58.85 15.45 0.88
C LEU B 785 57.75 15.73 1.91
N VAL B 786 58.03 15.43 3.18
CA VAL B 786 57.01 15.66 4.20
C VAL B 786 56.72 17.15 4.34
N PHE B 787 57.76 17.98 4.27
CA PHE B 787 57.54 19.42 4.35
C PHE B 787 56.84 19.94 3.10
N VAL B 788 57.04 19.28 1.96
CA VAL B 788 56.28 19.63 0.76
C VAL B 788 54.79 19.33 0.98
N LEU B 789 54.48 18.19 1.60
CA LEU B 789 53.09 17.91 1.92
C LEU B 789 52.52 18.93 2.89
N LEU B 790 53.35 19.38 3.84
CA LEU B 790 52.92 20.44 4.75
C LEU B 790 52.61 21.73 3.98
N CYS B 791 53.47 22.08 3.03
CA CYS B 791 53.21 23.26 2.19
C CYS B 791 51.91 23.09 1.42
N ASP B 792 51.65 21.87 0.92
CA ASP B 792 50.40 21.63 0.21
C ASP B 792 49.20 21.85 1.14
N GLU B 793 49.29 21.35 2.37
CA GLU B 793 48.22 21.56 3.35
C GLU B 793 48.10 23.03 3.76
N TRP B 794 49.16 23.82 3.60
CA TRP B 794 49.06 25.24 3.88
C TRP B 794 47.97 25.90 3.03
N TYR B 795 47.78 25.41 1.81
CA TYR B 795 46.72 25.95 0.96
C TYR B 795 45.35 25.68 1.56
N MET B 796 45.11 24.45 2.05
CA MET B 796 43.82 24.12 2.65
C MET B 796 43.66 24.72 4.04
N ASN B 797 44.73 25.21 4.65
CA ASN B 797 44.59 25.85 5.96
C ASN B 797 43.61 27.01 5.95
N GLY B 798 43.38 27.62 4.79
CA GLY B 798 42.49 28.77 4.72
C GLY B 798 41.08 28.43 5.19
N SER B 799 40.60 27.23 4.87
CA SER B 799 39.25 26.83 5.24
C SER B 799 39.18 26.41 6.70
N LYS B 800 38.05 25.83 7.12
CA LYS B 800 37.87 25.40 8.50
C LYS B 800 38.81 24.23 8.75
N TYR B 801 40.08 24.57 8.98
CA TYR B 801 41.12 23.56 9.10
C TYR B 801 40.87 22.65 10.30
N PHE B 802 40.49 23.21 11.44
CA PHE B 802 40.27 22.42 12.64
C PHE B 802 38.85 21.88 12.74
N SER B 803 37.98 22.21 11.78
CA SER B 803 36.60 21.70 11.83
C SER B 803 36.57 20.18 11.62
N ASP B 804 37.40 19.66 10.73
CA ASP B 804 37.38 18.25 10.36
C ASP B 804 38.47 17.49 11.09
N LEU B 805 38.24 16.18 11.25
CA LEU B 805 39.14 15.34 12.03
C LEU B 805 40.43 15.03 11.26
N TRP B 806 40.33 14.76 9.96
CA TRP B 806 41.51 14.39 9.20
C TRP B 806 42.54 15.52 9.18
N ASN B 807 42.09 16.77 9.15
CA ASN B 807 43.03 17.88 9.14
C ASN B 807 43.82 17.95 10.44
N VAL B 808 43.12 17.85 11.58
CA VAL B 808 43.81 17.87 12.87
C VAL B 808 44.75 16.66 12.97
N MET B 809 44.33 15.53 12.40
CA MET B 809 45.20 14.35 12.42
C MET B 809 46.48 14.59 11.64
N ASP B 810 46.38 15.24 10.48
CA ASP B 810 47.59 15.51 9.70
C ASP B 810 48.49 16.51 10.43
N THR B 811 47.91 17.51 11.09
CA THR B 811 48.73 18.43 11.89
C THR B 811 49.44 17.67 12.99
N LEU B 812 48.74 16.75 13.65
CA LEU B 812 49.35 15.94 14.70
C LEU B 812 50.51 15.12 14.15
N ALA B 813 50.32 14.53 12.96
CA ALA B 813 51.38 13.73 12.35
C ALA B 813 52.61 14.59 12.06
N ILE B 814 52.40 15.80 11.53
CA ILE B 814 53.52 16.69 11.23
C ILE B 814 54.26 17.05 12.51
N PHE B 815 53.53 17.38 13.57
CA PHE B 815 54.15 17.71 14.84
C PHE B 815 54.98 16.54 15.36
N TYR B 816 54.43 15.33 15.29
CA TYR B 816 55.18 14.16 15.74
C TYR B 816 56.44 13.96 14.92
N PHE B 817 56.35 14.20 13.60
CA PHE B 817 57.52 14.04 12.75
C PHE B 817 58.63 15.00 13.17
N ILE B 818 58.28 16.26 13.42
CA ILE B 818 59.31 17.23 13.77
C ILE B 818 59.90 16.91 15.15
N ALA B 819 59.06 16.46 16.09
CA ALA B 819 59.60 16.06 17.39
C ALA B 819 60.56 14.88 17.22
N GLY B 820 60.20 13.92 16.37
CA GLY B 820 61.08 12.80 16.11
C GLY B 820 62.39 13.24 15.50
N ILE B 821 62.34 14.26 14.64
CA ILE B 821 63.58 14.83 14.11
C ILE B 821 64.44 15.37 15.24
N VAL B 822 63.82 16.11 16.16
CA VAL B 822 64.57 16.68 17.27
C VAL B 822 65.30 15.59 18.05
N PHE B 823 64.59 14.50 18.35
CA PHE B 823 65.26 13.38 19.01
C PHE B 823 66.32 12.75 18.12
N ARG B 824 66.07 12.69 16.81
CA ARG B 824 67.00 12.05 15.88
C ARG B 824 68.34 12.75 15.89
N LEU B 825 68.35 14.07 15.97
CA LEU B 825 69.59 14.83 15.79
C LEU B 825 70.42 14.93 17.06
N HIS B 826 69.96 14.40 18.19
CA HIS B 826 70.74 14.49 19.43
C HIS B 826 72.00 13.63 19.39
N SER B 827 72.02 12.57 18.59
CA SER B 827 73.18 11.70 18.42
C SER B 827 73.45 10.83 19.64
N ASP B 828 72.45 10.60 20.48
CA ASP B 828 72.56 9.71 21.62
C ASP B 828 71.70 8.47 21.38
N GLU B 829 72.22 7.31 21.79
CA GLU B 829 71.53 6.05 21.52
C GLU B 829 70.12 6.08 22.10
N SER B 830 70.00 6.40 23.39
CA SER B 830 68.71 6.43 24.04
C SER B 830 67.78 7.47 23.43
N SER B 831 68.33 8.49 22.77
CA SER B 831 67.54 9.54 22.16
C SER B 831 67.11 9.20 20.74
N TRP B 832 68.05 8.75 19.91
CA TRP B 832 67.68 8.45 18.53
C TRP B 832 66.89 7.16 18.42
N TYR B 833 67.01 6.25 19.40
CA TYR B 833 66.10 5.12 19.44
C TYR B 833 64.66 5.58 19.66
N SER B 834 64.46 6.51 20.60
CA SER B 834 63.14 7.08 20.81
C SER B 834 62.66 7.84 19.58
N GLY B 835 63.59 8.48 18.87
CA GLY B 835 63.21 9.12 17.61
C GLY B 835 62.73 8.12 16.58
N ARG B 836 63.40 6.97 16.49
CA ARG B 836 62.95 5.91 15.59
C ARG B 836 61.57 5.42 15.99
N VAL B 837 61.33 5.27 17.29
CA VAL B 837 60.00 4.86 17.75
C VAL B 837 58.96 5.91 17.36
N ILE B 838 59.31 7.19 17.49
CA ILE B 838 58.39 8.27 17.11
C ILE B 838 58.05 8.15 15.63
N PHE B 839 59.05 7.92 14.79
CA PHE B 839 58.81 7.78 13.36
C PHE B 839 57.92 6.57 13.08
N CYS B 840 58.15 5.47 13.79
CA CYS B 840 57.32 4.28 13.61
C CYS B 840 55.87 4.59 13.94
N LEU B 841 55.62 5.32 15.03
CA LEU B 841 54.25 5.66 15.38
C LEU B 841 53.64 6.62 14.35
N ASP B 842 54.43 7.56 13.83
CA ASP B 842 53.92 8.49 12.83
C ASP B 842 53.54 7.78 11.53
N TYR B 843 54.31 6.73 11.19
CA TYR B 843 54.03 5.98 9.97
C TYR B 843 52.61 5.43 9.96
N ILE B 844 52.08 5.08 11.14
CA ILE B 844 50.73 4.54 11.19
C ILE B 844 49.72 5.56 10.69
N VAL B 845 49.82 6.80 11.16
CA VAL B 845 48.91 7.84 10.70
C VAL B 845 49.12 8.12 9.22
N PHE B 846 50.39 8.21 8.80
CA PHE B 846 50.66 8.51 7.40
C PHE B 846 50.06 7.45 6.49
N THR B 847 50.07 6.19 6.92
CA THR B 847 49.48 5.13 6.12
C THR B 847 47.95 5.17 6.19
N LEU B 848 47.40 5.42 7.38
CA LEU B 848 45.95 5.44 7.54
C LEU B 848 45.29 6.59 6.80
N ARG B 849 46.06 7.60 6.38
CA ARG B 849 45.47 8.66 5.56
C ARG B 849 44.86 8.12 4.26
N LEU B 850 45.28 6.93 3.83
CA LEU B 850 44.75 6.37 2.59
C LEU B 850 43.24 6.15 2.67
N ILE B 851 42.72 5.85 3.86
CA ILE B 851 41.28 5.66 4.00
C ILE B 851 40.53 6.93 3.62
N HIS B 852 41.01 8.07 4.12
CA HIS B 852 40.42 9.34 3.73
C HIS B 852 40.64 9.63 2.25
N ILE B 853 41.82 9.29 1.74
CA ILE B 853 42.13 9.61 0.35
C ILE B 853 41.18 8.89 -0.59
N PHE B 854 40.85 7.63 -0.28
CA PHE B 854 40.09 6.77 -1.20
C PHE B 854 38.58 6.84 -0.97
N THR B 855 38.06 7.97 -0.50
CA THR B 855 36.61 8.13 -0.35
C THR B 855 35.91 8.44 -1.66
N VAL B 856 36.65 8.65 -2.75
CA VAL B 856 36.07 8.96 -4.04
C VAL B 856 36.04 7.74 -4.97
N SER B 857 36.16 6.53 -4.40
CA SER B 857 36.29 5.34 -5.24
C SER B 857 35.02 5.07 -6.04
N ARG B 858 33.86 5.47 -5.53
CA ARG B 858 32.54 5.15 -6.06
C ARG B 858 32.13 3.72 -5.70
N ASN B 859 33.02 2.93 -5.11
CA ASN B 859 32.71 1.55 -4.73
C ASN B 859 33.07 1.32 -3.27
N LEU B 860 34.06 2.04 -2.77
CA LEU B 860 34.51 1.94 -1.39
C LEU B 860 34.07 3.10 -0.52
N GLY B 861 33.81 4.27 -1.11
CA GLY B 861 33.50 5.46 -0.35
C GLY B 861 32.28 5.31 0.52
N PRO B 862 31.17 4.82 -0.05
CA PRO B 862 29.97 4.62 0.77
C PRO B 862 30.20 3.68 1.93
N LYS B 863 30.91 2.57 1.71
CA LYS B 863 31.15 1.63 2.78
C LYS B 863 32.03 2.25 3.86
N ILE B 864 33.04 3.02 3.46
CA ILE B 864 33.91 3.69 4.43
C ILE B 864 33.10 4.67 5.26
N ILE B 865 32.22 5.44 4.61
CA ILE B 865 31.39 6.40 5.34
C ILE B 865 30.43 5.68 6.29
N MET B 866 29.99 4.49 5.93
CA MET B 866 29.07 3.75 6.78
C MET B 866 29.66 3.50 8.17
N LEU B 867 30.99 3.45 8.27
CA LEU B 867 31.62 3.11 9.53
C LEU B 867 31.25 4.08 10.65
N GLN B 868 30.90 5.32 10.29
CA GLN B 868 30.57 6.31 11.32
C GLN B 868 29.32 5.95 12.09
N ARG B 869 28.50 5.03 11.57
CA ARG B 869 27.24 4.68 12.19
C ARG B 869 27.34 3.49 13.14
N MET B 870 28.48 2.79 13.16
CA MET B 870 28.66 1.62 14.01
C MET B 870 29.28 1.97 15.36
N MET B 871 29.57 3.24 15.61
CA MET B 871 30.29 3.62 16.82
C MET B 871 29.47 3.32 18.07
N ILE B 872 28.15 3.53 18.01
CA ILE B 872 27.32 3.27 19.18
C ILE B 872 27.34 1.79 19.53
N ASP B 873 27.19 0.93 18.52
CA ASP B 873 27.23 -0.51 18.77
C ASP B 873 28.58 -0.93 19.31
N VAL B 874 29.66 -0.41 18.73
CA VAL B 874 31.00 -0.74 19.22
C VAL B 874 31.16 -0.30 20.67
N PHE B 875 30.64 0.88 21.00
CA PHE B 875 30.76 1.38 22.37
C PHE B 875 29.99 0.51 23.34
N PHE B 876 28.80 0.07 22.97
CA PHE B 876 28.03 -0.83 23.83
C PHE B 876 28.78 -2.15 24.04
N PHE B 877 29.31 -2.71 22.95
CA PHE B 877 30.10 -3.94 23.05
C PHE B 877 31.27 -3.76 24.00
N LEU B 878 32.00 -2.66 23.85
CA LEU B 878 33.17 -2.43 24.68
C LEU B 878 32.78 -2.22 26.15
N PHE B 879 31.66 -1.53 26.39
CA PHE B 879 31.21 -1.31 27.76
C PHE B 879 30.92 -2.65 28.45
N LEU B 880 30.11 -3.50 27.81
CA LEU B 880 29.81 -4.79 28.40
C LEU B 880 31.09 -5.61 28.60
N PHE B 881 31.96 -5.63 27.59
CA PHE B 881 33.18 -6.41 27.68
C PHE B 881 34.05 -5.94 28.83
N ALA B 882 34.20 -4.63 28.99
CA ALA B 882 35.05 -4.10 30.05
C ALA B 882 34.48 -4.42 31.42
N VAL B 883 33.16 -4.28 31.59
CA VAL B 883 32.55 -4.60 32.88
C VAL B 883 32.82 -6.07 33.23
N TRP B 884 32.58 -6.96 32.26
CA TRP B 884 32.79 -8.38 32.53
C TRP B 884 34.24 -8.69 32.82
N MET B 885 35.16 -8.07 32.07
CA MET B 885 36.59 -8.30 32.30
C MET B 885 36.97 -7.90 33.71
N VAL B 886 36.56 -6.70 34.13
CA VAL B 886 36.92 -6.22 35.46
C VAL B 886 36.39 -7.19 36.51
N ALA B 887 35.10 -7.54 36.41
CA ALA B 887 34.50 -8.41 37.43
C ALA B 887 35.25 -9.75 37.50
N PHE B 888 35.39 -10.42 36.36
CA PHE B 888 35.99 -11.75 36.36
C PHE B 888 37.45 -11.70 36.81
N GLY B 889 38.21 -10.72 36.34
CA GLY B 889 39.60 -10.65 36.70
C GLY B 889 39.80 -10.40 38.18
N VAL B 890 39.05 -9.45 38.74
CA VAL B 890 39.16 -9.19 40.17
C VAL B 890 38.78 -10.43 40.97
N ALA B 891 37.67 -11.08 40.59
CA ALA B 891 37.23 -12.25 41.31
C ALA B 891 38.30 -13.33 41.31
N ARG B 892 38.82 -13.67 40.12
CA ARG B 892 39.81 -14.74 40.03
C ARG B 892 41.07 -14.38 40.79
N GLN B 893 41.59 -13.16 40.59
CA GLN B 893 42.83 -12.76 41.23
C GLN B 893 42.71 -12.83 42.75
N GLY B 894 41.59 -12.35 43.29
CA GLY B 894 41.38 -12.46 44.73
C GLY B 894 41.23 -13.88 45.18
N ILE B 895 40.59 -14.72 44.37
CA ILE B 895 40.30 -16.09 44.79
C ILE B 895 41.58 -16.90 44.90
N LEU B 896 42.43 -16.87 43.86
CA LEU B 896 43.54 -17.82 43.75
C LEU B 896 44.91 -17.17 43.87
N ARG B 897 45.01 -16.03 44.56
CA ARG B 897 46.31 -15.45 44.84
C ARG B 897 46.25 -14.63 46.12
N LYS B 898 47.40 -14.43 46.73
CA LYS B 898 47.54 -13.65 47.94
C LYS B 898 47.83 -12.19 47.56
N ASN B 899 48.24 -11.39 48.54
CA ASN B 899 48.53 -9.99 48.30
C ASN B 899 49.62 -9.85 47.23
N GLU B 900 49.36 -8.98 46.26
CA GLU B 900 50.31 -8.64 45.21
C GLU B 900 50.77 -7.21 45.43
N HIS B 901 52.09 -6.98 45.38
CA HIS B 901 52.66 -5.66 45.58
C HIS B 901 53.33 -5.11 44.32
N ARG B 902 53.03 -5.69 43.16
CA ARG B 902 53.57 -5.23 41.88
C ARG B 902 52.39 -4.73 41.04
N TRP B 903 52.38 -3.42 40.79
CA TRP B 903 51.21 -2.80 40.14
C TRP B 903 51.01 -3.34 38.73
N GLU B 904 52.10 -3.53 37.97
CA GLU B 904 51.96 -3.94 36.59
C GLU B 904 51.24 -5.27 36.48
N TRP B 905 51.56 -6.22 37.35
CA TRP B 905 50.97 -7.55 37.24
C TRP B 905 49.50 -7.54 37.64
N ILE B 906 49.07 -6.59 38.48
CA ILE B 906 47.66 -6.47 38.80
C ILE B 906 46.85 -6.25 37.52
N PHE B 907 47.25 -5.28 36.71
CA PHE B 907 46.55 -5.01 35.47
C PHE B 907 46.85 -6.06 34.40
N ARG B 908 48.00 -6.71 34.50
CA ARG B 908 48.36 -7.76 33.55
C ARG B 908 47.55 -9.03 33.76
N SER B 909 47.07 -9.28 34.98
CA SER B 909 46.26 -10.45 35.29
C SER B 909 44.79 -10.13 35.49
N VAL B 910 44.42 -8.85 35.58
CA VAL B 910 43.02 -8.46 35.79
C VAL B 910 42.39 -8.03 34.48
N ILE B 911 43.17 -7.40 33.61
CA ILE B 911 42.67 -6.80 32.38
C ILE B 911 43.18 -7.56 31.16
N TYR B 912 44.48 -7.80 31.07
CA TYR B 912 45.07 -8.34 29.85
C TYR B 912 44.59 -9.77 29.58
N GLU B 913 44.66 -10.64 30.58
CA GLU B 913 44.30 -12.04 30.35
C GLU B 913 42.82 -12.21 29.99
N PRO B 914 41.87 -11.60 30.70
CA PRO B 914 40.48 -11.68 30.24
C PRO B 914 40.29 -11.10 28.85
N TYR B 915 41.05 -10.06 28.50
CA TYR B 915 40.95 -9.51 27.15
C TYR B 915 41.39 -10.53 26.12
N LEU B 916 42.48 -11.26 26.38
CA LEU B 916 42.91 -12.30 25.47
C LEU B 916 41.93 -13.46 25.44
N ALA B 917 41.20 -13.67 26.54
CA ALA B 917 40.32 -14.82 26.62
C ALA B 917 39.31 -14.86 25.49
N MET B 918 38.94 -13.71 24.93
CA MET B 918 37.99 -13.69 23.82
C MET B 918 38.60 -14.18 22.52
N PHE B 919 39.93 -14.11 22.38
CA PHE B 919 40.61 -14.54 21.17
C PHE B 919 40.92 -16.03 21.17
N GLY B 920 40.20 -16.81 21.97
CA GLY B 920 40.36 -18.25 22.01
C GLY B 920 41.34 -18.76 23.04
N GLN B 921 42.10 -17.88 23.68
CA GLN B 921 43.05 -18.32 24.70
C GLN B 921 42.32 -18.69 25.97
N TYR B 922 42.65 -19.85 26.53
CA TYR B 922 42.01 -20.36 27.72
C TYR B 922 42.93 -20.22 28.92
N PRO B 923 42.46 -19.65 30.03
CA PRO B 923 43.34 -19.52 31.20
C PRO B 923 43.87 -20.86 31.66
N ASP B 924 45.12 -20.86 32.12
CA ASP B 924 45.82 -22.06 32.52
C ASP B 924 45.86 -22.27 34.03
N ASP B 925 45.99 -21.20 34.80
CA ASP B 925 46.15 -21.30 36.25
C ASP B 925 44.79 -21.32 36.95
N ILE B 926 43.94 -22.24 36.51
CA ILE B 926 42.59 -22.36 37.04
C ILE B 926 42.29 -23.81 37.40
N ASP B 927 43.11 -24.73 36.91
CA ASP B 927 42.95 -26.15 37.17
C ASP B 927 44.20 -26.68 37.86
N GLY B 928 44.02 -27.37 38.97
CA GLY B 928 45.16 -27.87 39.72
C GLY B 928 46.04 -28.78 38.88
N THR B 929 45.42 -29.65 38.08
CA THR B 929 46.19 -30.55 37.23
C THR B 929 46.97 -29.78 36.17
N THR B 930 46.31 -28.82 35.52
CA THR B 930 46.96 -28.08 34.45
C THR B 930 47.99 -27.08 34.98
N TYR B 931 47.76 -26.53 36.16
CA TYR B 931 48.64 -25.51 36.70
C TYR B 931 50.07 -26.04 36.83
N ASN B 932 51.03 -25.25 36.37
CA ASN B 932 52.44 -25.59 36.42
C ASN B 932 53.17 -24.55 37.25
N PHE B 933 53.98 -25.00 38.21
CA PHE B 933 54.70 -24.11 39.10
C PHE B 933 55.95 -23.51 38.47
N ASP B 934 56.37 -23.99 37.30
CA ASP B 934 57.56 -23.45 36.66
C ASP B 934 57.37 -21.98 36.31
N ARG B 935 56.21 -21.62 35.76
CA ARG B 935 55.97 -20.25 35.35
C ARG B 935 55.94 -19.30 36.54
N CYS B 936 55.29 -19.70 37.63
CA CYS B 936 55.07 -18.79 38.74
C CYS B 936 56.30 -18.70 39.64
N THR B 937 56.32 -17.67 40.47
CA THR B 937 57.38 -17.44 41.44
C THR B 937 56.78 -17.20 42.82
N PHE B 938 57.39 -17.80 43.84
CA PHE B 938 56.87 -17.66 45.19
C PHE B 938 57.02 -16.24 45.70
N SER B 939 58.16 -15.61 45.43
CA SER B 939 58.43 -14.24 45.85
C SER B 939 58.33 -13.29 44.66
N GLY B 940 58.36 -11.99 44.96
CA GLY B 940 58.23 -10.98 43.94
C GLY B 940 59.51 -10.64 43.21
N ASN B 941 60.64 -11.21 43.61
CA ASN B 941 61.93 -10.92 42.97
C ASN B 941 62.04 -11.76 41.69
N GLU B 942 61.20 -11.42 40.73
CA GLU B 942 61.16 -12.11 39.44
C GLU B 942 60.20 -11.36 38.54
N SER B 943 60.11 -11.82 37.29
CA SER B 943 59.31 -11.17 36.26
C SER B 943 58.22 -12.10 35.73
N LYS B 944 57.65 -12.90 36.62
CA LYS B 944 56.54 -13.80 36.28
C LYS B 944 55.54 -13.79 37.42
N PRO B 945 54.28 -14.16 37.14
CA PRO B 945 53.22 -13.94 38.13
C PRO B 945 53.44 -14.73 39.41
N LEU B 946 52.88 -14.21 40.50
CA LEU B 946 53.01 -14.85 41.81
C LEU B 946 52.32 -16.21 41.81
N CYS B 947 52.88 -17.13 42.58
CA CYS B 947 52.34 -18.48 42.66
C CYS B 947 51.02 -18.50 43.44
N VAL B 948 50.20 -19.51 43.13
CA VAL B 948 48.94 -19.66 43.81
C VAL B 948 49.17 -19.89 45.31
N GLU B 949 48.25 -19.40 46.12
CA GLU B 949 48.34 -19.61 47.56
C GLU B 949 48.28 -21.10 47.87
N LEU B 950 49.20 -21.56 48.70
CA LEU B 950 49.33 -22.97 49.04
C LEU B 950 48.75 -23.22 50.44
N ASP B 951 48.86 -24.47 50.87
CA ASP B 951 48.35 -24.92 52.16
C ASP B 951 49.50 -25.53 52.96
N ALA B 952 49.18 -25.98 54.19
CA ALA B 952 50.21 -26.60 55.02
C ALA B 952 50.81 -27.83 54.33
N ASN B 953 50.06 -28.47 53.44
CA ASN B 953 50.54 -29.63 52.71
C ASN B 953 51.21 -29.25 51.39
N ASN B 954 51.33 -27.96 51.09
CA ASN B 954 52.00 -27.49 49.87
C ASN B 954 51.25 -27.95 48.62
N GLN B 955 49.97 -27.65 48.58
CA GLN B 955 49.13 -27.93 47.43
C GLN B 955 48.23 -26.73 47.17
N PRO B 956 47.71 -26.59 45.95
CA PRO B 956 46.82 -25.46 45.66
C PRO B 956 45.62 -25.46 46.59
N ARG B 957 45.19 -24.25 46.97
CA ARG B 957 44.15 -24.09 47.98
C ARG B 957 42.78 -23.74 47.38
N PHE B 958 42.74 -23.22 46.17
CA PHE B 958 41.47 -22.79 45.61
C PHE B 958 40.55 -24.00 45.40
N PRO B 959 39.23 -23.82 45.58
CA PRO B 959 38.33 -24.98 45.59
C PRO B 959 38.34 -25.78 44.30
N GLU B 960 38.53 -25.13 43.16
CA GLU B 960 38.55 -25.70 41.81
C GLU B 960 37.15 -26.01 41.30
N TRP B 961 36.11 -25.93 42.14
CA TRP B 961 34.73 -26.02 41.68
C TRP B 961 34.05 -24.66 41.63
N ILE B 962 34.78 -23.59 41.92
CA ILE B 962 34.27 -22.23 41.78
C ILE B 962 34.82 -21.55 40.54
N THR B 963 36.10 -21.80 40.21
CA THR B 963 36.74 -21.11 39.11
C THR B 963 36.28 -21.66 37.76
N ILE B 964 36.15 -22.97 37.64
CA ILE B 964 35.84 -23.57 36.33
C ILE B 964 34.48 -23.11 35.83
N PRO B 965 33.38 -23.20 36.60
CA PRO B 965 32.10 -22.70 36.09
C PRO B 965 32.15 -21.23 35.76
N LEU B 966 32.87 -20.45 36.55
CA LEU B 966 33.01 -19.02 36.30
C LEU B 966 33.65 -18.77 34.94
N VAL B 967 34.71 -19.50 34.65
CA VAL B 967 35.40 -19.33 33.36
C VAL B 967 34.52 -19.81 32.23
N CYS B 968 33.79 -20.91 32.43
CA CYS B 968 32.89 -21.40 31.40
C CYS B 968 31.84 -20.34 31.06
N ILE B 969 31.23 -19.74 32.08
CA ILE B 969 30.22 -18.72 31.86
C ILE B 969 30.83 -17.51 31.16
N TYR B 970 32.02 -17.09 31.60
CA TYR B 970 32.65 -15.92 31.01
C TYR B 970 32.97 -16.14 29.53
N MET B 971 33.53 -17.31 29.22
CA MET B 971 33.86 -17.61 27.82
C MET B 971 32.61 -17.71 26.97
N LEU B 972 31.56 -18.34 27.50
CA LEU B 972 30.30 -18.41 26.75
C LEU B 972 29.76 -17.02 26.47
N SER B 973 29.80 -16.13 27.46
CA SER B 973 29.27 -14.79 27.27
C SER B 973 30.11 -14.00 26.26
N THR B 974 31.43 -14.12 26.33
CA THR B 974 32.29 -13.28 25.50
C THR B 974 32.44 -13.83 24.09
N ASN B 975 32.97 -15.04 23.95
CA ASN B 975 33.34 -15.56 22.64
C ASN B 975 32.13 -15.68 21.72
N ILE B 976 31.00 -16.14 22.26
CA ILE B 976 29.88 -16.56 21.42
C ILE B 976 28.76 -15.53 21.41
N LEU B 977 28.15 -15.29 22.55
CA LEU B 977 26.92 -14.51 22.59
C LEU B 977 27.17 -13.07 22.16
N LEU B 978 28.19 -12.43 22.73
CA LEU B 978 28.39 -11.01 22.50
C LEU B 978 28.72 -10.71 21.05
N VAL B 979 29.59 -11.52 20.43
CA VAL B 979 29.97 -11.26 19.05
C VAL B 979 28.79 -11.49 18.11
N ASN B 980 27.99 -12.52 18.38
CA ASN B 980 26.80 -12.74 17.56
C ASN B 980 25.82 -11.57 17.69
N LEU B 981 25.65 -11.06 18.90
CA LEU B 981 24.79 -9.90 19.09
C LEU B 981 25.32 -8.71 18.30
N LEU B 982 26.64 -8.50 18.34
CA LEU B 982 27.24 -7.41 17.57
C LEU B 982 26.99 -7.58 16.08
N VAL B 983 27.12 -8.81 15.59
CA VAL B 983 26.85 -9.08 14.18
C VAL B 983 25.41 -8.72 13.83
N ALA B 984 24.48 -9.10 14.69
CA ALA B 984 23.08 -8.76 14.45
C ALA B 984 22.87 -7.24 14.41
N MET B 985 23.50 -6.52 15.34
CA MET B 985 23.34 -5.07 15.36
C MET B 985 23.90 -4.46 14.08
N PHE B 986 25.06 -4.94 13.64
CA PHE B 986 25.65 -4.43 12.41
C PHE B 986 24.75 -4.70 11.21
N GLY B 987 24.16 -5.90 11.15
CA GLY B 987 23.26 -6.21 10.06
C GLY B 987 22.07 -5.27 10.02
N TYR B 988 21.44 -5.06 11.19
CA TYR B 988 20.30 -4.16 11.24
C TYR B 988 20.71 -2.75 10.85
N THR B 989 21.88 -2.30 11.32
CA THR B 989 22.31 -0.93 11.02
C THR B 989 22.58 -0.73 9.54
N VAL B 990 23.27 -1.69 8.90
CA VAL B 990 23.52 -1.55 7.46
C VAL B 990 22.22 -1.59 6.69
N GLY B 991 21.27 -2.41 7.15
CA GLY B 991 19.98 -2.46 6.47
C GLY B 991 19.22 -1.14 6.60
N SER B 992 19.28 -0.51 7.77
CA SER B 992 18.42 0.64 8.03
C SER B 992 18.90 1.89 7.31
N VAL B 993 20.21 2.16 7.31
CA VAL B 993 20.73 3.45 6.89
C VAL B 993 21.41 3.35 5.53
N GLN B 994 21.01 2.38 4.71
CA GLN B 994 21.66 2.21 3.41
C GLN B 994 21.40 3.40 2.51
N GLU B 995 20.18 3.92 2.49
CA GLU B 995 19.82 4.96 1.54
C GLU B 995 20.43 6.32 1.93
N ASN B 996 20.43 6.65 3.22
CA ASN B 996 20.98 7.94 3.64
C ASN B 996 22.47 8.02 3.43
N ASN B 997 23.16 6.88 3.51
CA ASN B 997 24.61 6.87 3.29
C ASN B 997 24.95 7.31 1.88
N ASP B 998 24.14 6.94 0.90
CA ASP B 998 24.38 7.38 -0.47
C ASP B 998 24.29 8.89 -0.59
N GLN B 999 23.27 9.49 0.03
CA GLN B 999 23.16 10.95 0.00
C GLN B 999 24.34 11.61 0.70
N VAL B 1000 24.76 11.06 1.83
CA VAL B 1000 25.90 11.65 2.54
C VAL B 1000 27.15 11.59 1.69
N TRP B 1001 27.39 10.44 1.04
CA TRP B 1001 28.56 10.30 0.20
C TRP B 1001 28.50 11.27 -0.98
N LYS B 1002 27.33 11.41 -1.59
CA LYS B 1002 27.19 12.34 -2.70
C LYS B 1002 27.47 13.77 -2.25
N PHE B 1003 26.99 14.14 -1.05
CA PHE B 1003 27.24 15.47 -0.54
C PHE B 1003 28.73 15.70 -0.31
N GLN B 1004 29.43 14.72 0.28
CA GLN B 1004 30.87 14.86 0.50
C GLN B 1004 31.65 14.82 -0.82
N ARG B 1005 31.07 14.22 -1.86
CA ARG B 1005 31.74 14.18 -3.15
C ARG B 1005 31.98 15.57 -3.70
N PHE B 1006 31.10 16.54 -3.38
CA PHE B 1006 31.32 17.90 -3.81
C PHE B 1006 32.63 18.45 -3.26
N PHE B 1007 32.84 18.30 -1.94
CA PHE B 1007 34.08 18.76 -1.34
C PHE B 1007 35.27 18.01 -1.91
N LEU B 1008 35.13 16.69 -2.07
CA LEU B 1008 36.25 15.89 -2.57
C LEU B 1008 36.65 16.33 -3.97
N VAL B 1009 35.68 16.62 -4.82
CA VAL B 1009 35.99 17.07 -6.19
C VAL B 1009 36.56 18.48 -6.17
N GLN B 1010 35.96 19.39 -5.40
CA GLN B 1010 36.42 20.77 -5.35
C GLN B 1010 37.77 20.91 -4.67
N GLU B 1011 38.25 19.87 -3.97
CA GLU B 1011 39.56 19.95 -3.33
C GLU B 1011 40.66 20.17 -4.38
N TYR B 1012 40.58 19.47 -5.50
CA TYR B 1012 41.57 19.58 -6.56
C TYR B 1012 41.11 20.58 -7.62
N ASN B 1057 22.33 37.01 -19.84
CA ASN B 1057 21.15 37.74 -20.28
C ASN B 1057 20.13 36.78 -20.88
N GLU B 1058 20.53 36.07 -21.93
CA GLU B 1058 19.65 35.09 -22.56
C GLU B 1058 19.27 33.99 -21.58
N ILE B 1059 20.25 33.53 -20.78
CA ILE B 1059 19.96 32.49 -19.80
C ILE B 1059 18.92 32.97 -18.80
N LEU B 1060 18.99 34.23 -18.41
CA LEU B 1060 18.00 34.77 -17.47
C LEU B 1060 16.60 34.71 -18.06
N ALA B 1061 16.45 35.12 -19.32
CA ALA B 1061 15.14 35.09 -19.96
C ALA B 1061 14.65 33.65 -20.12
N TRP B 1062 15.54 32.73 -20.48
CA TRP B 1062 15.14 31.32 -20.60
C TRP B 1062 14.69 30.77 -19.26
N GLU B 1063 15.39 31.12 -18.18
CA GLU B 1063 14.96 30.73 -16.85
C GLU B 1063 13.58 31.30 -16.53
N ALA B 1064 13.36 32.57 -16.90
CA ALA B 1064 12.05 33.16 -16.67
C ALA B 1064 10.95 32.41 -17.42
N VAL B 1065 11.22 32.01 -18.67
CA VAL B 1065 10.23 31.28 -19.45
C VAL B 1065 9.93 29.94 -18.79
N MET B 1066 10.99 29.21 -18.42
CA MET B 1066 10.78 27.91 -17.80
C MET B 1066 10.01 28.04 -16.49
N LYS B 1067 10.33 29.07 -15.71
CA LYS B 1067 9.65 29.30 -14.45
C LYS B 1067 8.19 29.66 -14.67
N GLU B 1068 7.90 30.46 -15.70
CA GLU B 1068 6.51 30.80 -15.99
C GLU B 1068 5.72 29.56 -16.37
N ASN B 1069 6.30 28.69 -17.21
CA ASN B 1069 5.63 27.45 -17.54
C ASN B 1069 5.40 26.60 -16.30
N TYR B 1070 6.41 26.51 -15.43
CA TYR B 1070 6.28 25.72 -14.21
C TYR B 1070 5.18 26.28 -13.30
N LEU B 1071 5.12 27.61 -13.18
CA LEU B 1071 4.09 28.23 -12.34
C LEU B 1071 2.70 27.98 -12.91
N VAL B 1072 2.54 28.11 -14.22
CA VAL B 1072 1.24 27.85 -14.83
C VAL B 1072 0.85 26.39 -14.62
N LYS B 1073 1.82 25.48 -14.71
CA LYS B 1073 1.54 24.07 -14.49
C LYS B 1073 1.08 23.82 -13.06
N ILE B 1074 1.82 24.35 -12.08
CA ILE B 1074 1.53 24.05 -10.68
C ILE B 1074 0.22 24.70 -10.25
N ASN B 1075 -0.03 25.93 -10.68
CA ASN B 1075 -1.24 26.63 -10.24
C ASN B 1075 -2.49 25.88 -10.68
N THR B 1076 -2.49 25.36 -11.90
CA THR B 1076 -3.61 24.60 -12.43
C THR B 1076 -3.52 23.11 -12.12
N LYS B 1077 -2.48 22.69 -11.39
CA LYS B 1077 -2.31 21.27 -11.10
C LYS B 1077 -3.48 20.73 -10.27
N ALA B 1078 -3.93 21.51 -9.28
CA ALA B 1078 -5.05 21.06 -8.44
C ALA B 1078 -6.28 20.82 -9.29
N ASN B 1079 -6.51 21.66 -10.31
CA ASN B 1079 -7.65 21.47 -11.19
C ASN B 1079 -7.45 20.31 -12.15
N ASP B 1080 -6.21 19.90 -12.41
CA ASP B 1080 -5.97 18.81 -13.34
C ASP B 1080 -6.58 17.51 -12.84
N SER B 1081 -6.44 17.21 -11.55
CA SER B 1081 -6.99 15.97 -11.01
C SER B 1081 -8.50 15.93 -11.21
N SER B 1082 -9.20 16.98 -10.78
CA SER B 1082 -10.64 17.11 -10.98
C SER B 1082 -11.37 15.83 -10.54
N GLU B 1083 -10.98 15.30 -9.39
CA GLU B 1083 -11.61 14.12 -8.85
C GLU B 1083 -12.92 14.43 -8.15
N GLU B 1084 -13.28 15.70 -8.02
CA GLU B 1084 -14.51 16.11 -7.35
C GLU B 1084 -15.59 16.42 -8.37
N MET B 1085 -16.77 15.86 -8.10
CA MET B 1085 -17.96 16.03 -8.90
C MET B 1085 -19.01 16.90 -8.23
N VAL B 1086 -18.93 17.04 -6.90
CA VAL B 1086 -19.88 17.90 -6.20
C VAL B 1086 -19.85 19.29 -6.80
N HIS B 1087 -18.65 19.81 -7.03
CA HIS B 1087 -18.46 21.04 -7.79
C HIS B 1087 -19.32 21.09 -9.05
N ARG B 1088 -19.54 19.93 -9.68
CA ARG B 1088 -19.96 19.86 -11.06
C ARG B 1088 -21.44 19.54 -11.16
N PHE B 1089 -21.90 18.61 -10.34
CA PHE B 1089 -23.33 18.48 -10.08
C PHE B 1089 -23.94 19.80 -9.64
N ARG B 1090 -23.21 20.58 -8.83
CA ARG B 1090 -23.69 21.91 -8.44
C ARG B 1090 -24.24 22.66 -9.65
N GLN B 1091 -23.61 22.47 -10.81
CA GLN B 1091 -24.04 23.14 -12.03
C GLN B 1091 -25.42 22.67 -12.46
N LEU B 1092 -25.75 21.41 -12.19
CA LEU B 1092 -27.01 20.84 -12.70
C LEU B 1092 -28.22 21.54 -12.08
N ASP B 1093 -28.17 21.81 -10.78
CA ASP B 1093 -29.37 22.30 -10.09
C ASP B 1093 -29.83 23.64 -10.65
N ALA B 1094 -28.91 24.43 -11.20
CA ALA B 1094 -29.30 25.72 -11.76
C ALA B 1094 -30.25 25.55 -12.94
N LYS B 1095 -29.99 24.57 -13.81
CA LYS B 1095 -30.88 24.32 -14.93
C LYS B 1095 -32.27 23.93 -14.45
N LEU B 1096 -32.34 23.05 -13.45
CA LEU B 1096 -33.64 22.64 -12.92
C LEU B 1096 -34.38 23.82 -12.32
N SER B 1097 -33.67 24.67 -11.57
CA SER B 1097 -34.33 25.84 -10.98
C SER B 1097 -34.86 26.77 -12.06
N ASP B 1098 -34.07 27.03 -13.10
CA ASP B 1098 -34.53 27.89 -14.18
C ASP B 1098 -35.73 27.29 -14.89
N LEU B 1099 -35.70 25.98 -15.12
CA LEU B 1099 -36.83 25.31 -15.78
C LEU B 1099 -38.08 25.40 -14.92
N LYS B 1100 -37.94 25.23 -13.60
CA LYS B 1100 -39.10 25.36 -12.72
C LYS B 1100 -39.65 26.78 -12.74
N GLY B 1101 -38.76 27.77 -12.73
CA GLY B 1101 -39.22 29.15 -12.83
C GLY B 1101 -39.98 29.42 -14.12
N LEU B 1102 -39.45 28.93 -15.24
CA LEU B 1102 -40.14 29.12 -16.51
C LEU B 1102 -41.47 28.38 -16.53
N LEU B 1103 -41.52 27.19 -15.93
CA LEU B 1103 -42.77 26.44 -15.84
C LEU B 1103 -43.82 27.21 -15.05
N LYS B 1104 -43.41 27.80 -13.93
CA LYS B 1104 -44.35 28.59 -13.13
C LYS B 1104 -44.80 29.82 -13.92
N GLU B 1105 -43.88 30.46 -14.65
CA GLU B 1105 -44.25 31.63 -15.44
C GLU B 1105 -45.27 31.27 -16.51
N ILE B 1106 -45.06 30.16 -17.22
CA ILE B 1106 -46.00 29.78 -18.27
C ILE B 1106 -47.33 29.36 -17.66
N SER B 1107 -47.30 28.71 -16.49
CA SER B 1107 -48.54 28.37 -15.80
C SER B 1107 -49.33 29.63 -15.45
N SER B 1108 -48.63 30.67 -14.99
CA SER B 1108 -49.30 31.95 -14.76
C SER B 1108 -49.84 32.53 -16.06
N LYS B 1109 -49.10 32.37 -17.15
CA LYS B 1109 -49.54 32.88 -18.45
C LYS B 1109 -50.89 32.27 -18.84
N ILE B 1110 -50.97 30.94 -18.81
CA ILE B 1110 -52.23 30.28 -19.21
C ILE B 1110 -53.34 30.68 -18.25
N LYS B 1111 -53.06 30.69 -16.94
CA LYS B 1111 -54.04 31.07 -15.95
C LYS B 1111 -53.67 32.40 -15.30
N GLY C 115 -19.69 -27.45 -60.61
CA GLY C 115 -18.33 -27.90 -60.35
C GLY C 115 -17.65 -27.12 -59.25
N ASP C 116 -16.52 -27.63 -58.78
CA ASP C 116 -15.77 -26.97 -57.73
C ASP C 116 -15.01 -25.77 -58.28
N ILE C 117 -14.37 -25.02 -57.38
CA ILE C 117 -13.63 -23.82 -57.73
C ILE C 117 -12.29 -23.83 -57.01
N GLN C 118 -11.34 -23.08 -57.55
CA GLN C 118 -10.00 -22.94 -57.00
C GLN C 118 -9.71 -21.48 -56.72
N PHE C 119 -9.04 -21.23 -55.59
CA PHE C 119 -8.63 -19.88 -55.23
C PHE C 119 -7.15 -19.86 -54.85
N GLY C 126 -16.48 -25.78 -52.60
CA GLY C 126 -16.48 -24.73 -53.61
C GLY C 126 -17.44 -25.02 -54.74
N LYS C 127 -18.39 -25.92 -54.51
CA LYS C 127 -19.35 -26.27 -55.54
C LYS C 127 -20.23 -25.07 -55.88
N TYR C 128 -20.56 -24.94 -57.17
CA TYR C 128 -21.40 -23.86 -57.67
C TYR C 128 -22.51 -24.47 -58.51
N ILE C 129 -23.75 -24.39 -58.00
CA ILE C 129 -24.88 -24.94 -58.75
C ILE C 129 -25.17 -24.08 -59.97
N ARG C 130 -25.14 -22.76 -59.81
CA ARG C 130 -25.43 -21.83 -60.90
C ARG C 130 -26.82 -22.09 -61.47
N LEU C 131 -27.82 -21.96 -60.60
CA LEU C 131 -29.22 -22.16 -60.96
C LEU C 131 -29.92 -20.81 -61.13
N SER C 132 -31.00 -20.83 -61.90
CA SER C 132 -31.78 -19.64 -62.20
C SER C 132 -32.97 -19.54 -61.27
N CYS C 133 -33.65 -18.39 -61.33
CA CYS C 133 -34.82 -18.14 -60.50
C CYS C 133 -36.09 -18.66 -61.17
N GLU C 138 -36.01 -23.98 -53.11
CA GLU C 138 -36.49 -25.13 -52.33
C GLU C 138 -35.85 -26.41 -52.84
N THR C 139 -35.87 -26.60 -54.16
CA THR C 139 -35.27 -27.79 -54.74
C THR C 139 -33.80 -27.91 -54.41
N LEU C 140 -33.11 -26.77 -54.25
CA LEU C 140 -31.68 -26.81 -53.93
C LEU C 140 -31.45 -27.38 -52.53
N TYR C 141 -32.38 -27.13 -51.62
CA TYR C 141 -32.21 -27.56 -50.23
C TYR C 141 -32.19 -29.08 -50.13
N ASP C 142 -33.01 -29.76 -50.94
CA ASP C 142 -33.03 -31.22 -50.92
C ASP C 142 -31.65 -31.77 -51.26
N LEU C 143 -31.04 -31.28 -52.34
CA LEU C 143 -29.70 -31.73 -52.71
C LEU C 143 -28.68 -31.35 -51.64
N MET C 144 -28.79 -30.14 -51.10
CA MET C 144 -27.81 -29.68 -50.12
C MET C 144 -27.81 -30.56 -48.88
N THR C 145 -29.00 -30.95 -48.42
CA THR C 145 -29.09 -31.71 -47.17
C THR C 145 -28.36 -33.04 -47.26
N GLN C 146 -28.51 -33.75 -48.38
CA GLN C 146 -27.95 -35.09 -48.49
C GLN C 146 -26.53 -35.08 -49.03
N HIS C 147 -26.27 -34.31 -50.09
CA HIS C 147 -25.00 -34.43 -50.80
C HIS C 147 -23.85 -33.83 -50.02
N TRP C 148 -24.05 -32.67 -49.40
CA TRP C 148 -22.95 -31.84 -48.92
C TRP C 148 -22.85 -31.79 -47.40
N HIS C 149 -23.90 -31.38 -46.70
CA HIS C 149 -23.80 -31.16 -45.26
C HIS C 149 -25.14 -31.42 -44.59
N LEU C 150 -25.10 -31.44 -43.26
CA LEU C 150 -26.25 -31.84 -42.44
C LEU C 150 -27.20 -30.66 -42.24
N LYS C 151 -28.29 -30.93 -41.53
CA LYS C 151 -29.34 -29.94 -41.32
C LYS C 151 -28.93 -28.96 -40.22
N THR C 152 -29.59 -27.80 -40.21
CA THR C 152 -29.19 -26.69 -39.36
C THR C 152 -30.10 -26.54 -38.17
N PRO C 153 -29.59 -26.56 -36.93
CA PRO C 153 -30.42 -26.12 -35.80
C PRO C 153 -30.72 -24.62 -35.83
N ASN C 154 -29.96 -23.84 -36.57
CA ASN C 154 -30.12 -22.39 -36.59
C ASN C 154 -29.54 -21.84 -37.89
N LEU C 155 -29.94 -20.61 -38.23
CA LEU C 155 -29.50 -19.97 -39.46
C LEU C 155 -29.37 -18.47 -39.21
N VAL C 156 -28.41 -17.83 -39.88
CA VAL C 156 -28.15 -16.41 -39.71
C VAL C 156 -27.88 -15.78 -41.08
N ILE C 157 -28.36 -14.55 -41.26
CA ILE C 157 -28.31 -13.88 -42.54
C ILE C 157 -27.90 -12.43 -42.33
N SER C 158 -26.94 -11.96 -43.12
CA SER C 158 -26.58 -10.55 -43.16
C SER C 158 -27.35 -9.92 -44.32
N VAL C 159 -28.57 -9.47 -44.02
CA VAL C 159 -29.43 -8.91 -45.06
C VAL C 159 -28.76 -7.73 -45.74
N THR C 160 -28.17 -6.83 -44.94
CA THR C 160 -27.53 -5.66 -45.50
C THR C 160 -26.35 -6.06 -46.37
N GLY C 161 -26.27 -5.45 -47.56
CA GLY C 161 -25.15 -5.70 -48.44
C GLY C 161 -23.91 -4.95 -48.03
N GLY C 162 -22.81 -5.26 -48.71
CA GLY C 162 -21.53 -4.64 -48.43
C GLY C 162 -21.28 -3.47 -49.36
N ALA C 163 -21.12 -2.28 -48.77
CA ALA C 163 -20.81 -1.10 -49.54
C ALA C 163 -19.40 -1.19 -50.11
N LYS C 164 -19.15 -0.43 -51.17
CA LYS C 164 -17.81 -0.41 -51.75
C LYS C 164 -16.76 -0.01 -50.72
N ASN C 165 -17.13 0.85 -49.78
CA ASN C 165 -16.25 1.26 -48.69
C ASN C 165 -17.04 1.20 -47.38
N PHE C 166 -16.58 0.39 -46.44
CA PHE C 166 -17.24 0.23 -45.15
C PHE C 166 -16.28 0.62 -44.03
N ALA C 167 -16.83 1.30 -43.02
CA ALA C 167 -16.03 1.74 -41.88
C ALA C 167 -15.86 0.58 -40.91
N LEU C 168 -14.66 0.00 -40.87
CA LEU C 168 -14.37 -1.14 -40.02
C LEU C 168 -13.75 -0.68 -38.71
N LYS C 169 -14.55 -0.02 -37.91
CA LYS C 169 -14.11 0.43 -36.60
C LYS C 169 -14.12 -0.73 -35.61
N PRO C 170 -13.34 -0.64 -34.53
CA PRO C 170 -13.21 -1.79 -33.63
C PRO C 170 -14.53 -2.40 -33.19
N ARG C 171 -15.55 -1.60 -32.92
CA ARG C 171 -16.79 -2.13 -32.37
C ARG C 171 -17.48 -3.07 -33.36
N MET C 172 -17.51 -2.69 -34.64
CA MET C 172 -18.05 -3.57 -35.68
C MET C 172 -17.28 -4.88 -35.73
N ARG C 173 -15.95 -4.80 -35.68
CA ARG C 173 -15.13 -6.00 -35.73
C ARG C 173 -15.44 -6.92 -34.57
N LYS C 174 -15.56 -6.35 -33.36
CA LYS C 174 -15.90 -7.13 -32.19
C LYS C 174 -17.27 -7.78 -32.35
N ILE C 175 -18.26 -7.01 -32.79
CA ILE C 175 -19.63 -7.53 -32.89
C ILE C 175 -19.66 -8.71 -33.85
N PHE C 176 -19.03 -8.57 -35.01
CA PHE C 176 -19.12 -9.63 -36.01
C PHE C 176 -18.24 -10.83 -35.64
N SER C 177 -17.10 -10.62 -35.00
CA SER C 177 -16.32 -11.75 -34.51
C SER C 177 -17.11 -12.54 -33.47
N ARG C 178 -17.77 -11.84 -32.55
CA ARG C 178 -18.59 -12.52 -31.56
C ARG C 178 -19.76 -13.25 -32.22
N LEU C 179 -20.35 -12.63 -33.24
CA LEU C 179 -21.43 -13.29 -33.97
C LEU C 179 -20.95 -14.59 -34.61
N ILE C 180 -19.77 -14.56 -35.21
CA ILE C 180 -19.25 -15.77 -35.87
C ILE C 180 -18.94 -16.84 -34.82
N TYR C 181 -18.39 -16.42 -33.68
CA TYR C 181 -18.11 -17.39 -32.62
C TYR C 181 -19.40 -18.03 -32.11
N ILE C 182 -20.45 -17.22 -31.94
CA ILE C 182 -21.74 -17.76 -31.53
C ILE C 182 -22.29 -18.71 -32.57
N ALA C 183 -22.14 -18.36 -33.86
CA ALA C 183 -22.61 -19.24 -34.92
C ALA C 183 -21.90 -20.58 -34.87
N GLN C 184 -20.59 -20.56 -34.64
CA GLN C 184 -19.85 -21.82 -34.50
C GLN C 184 -20.34 -22.60 -33.29
N SER C 185 -20.63 -21.90 -32.18
CA SER C 185 -21.12 -22.58 -31.00
C SER C 185 -22.47 -23.26 -31.27
N LYS C 186 -23.35 -22.59 -32.02
CA LYS C 186 -24.66 -23.12 -32.33
C LYS C 186 -24.72 -23.90 -33.63
N GLY C 187 -23.73 -23.73 -34.51
CA GLY C 187 -23.71 -24.47 -35.76
C GLY C 187 -24.79 -24.05 -36.73
N ALA C 188 -24.70 -22.82 -37.23
CA ALA C 188 -25.70 -22.26 -38.13
C ALA C 188 -25.05 -21.80 -39.42
N TRP C 189 -25.79 -21.93 -40.52
CA TRP C 189 -25.37 -21.34 -41.78
C TRP C 189 -25.36 -19.82 -41.66
N ILE C 190 -24.53 -19.19 -42.49
CA ILE C 190 -24.46 -17.74 -42.59
C ILE C 190 -24.56 -17.36 -44.05
N PHE C 191 -25.45 -16.42 -44.35
CA PHE C 191 -25.69 -16.00 -45.73
C PHE C 191 -25.09 -14.63 -45.97
N THR C 192 -24.32 -14.48 -47.05
CA THR C 192 -23.67 -13.23 -47.40
C THR C 192 -23.50 -13.16 -48.91
N GLY C 193 -23.30 -11.93 -49.41
CA GLY C 193 -23.14 -11.74 -50.84
C GLY C 193 -21.87 -12.36 -51.39
N GLY C 194 -20.75 -12.18 -50.70
CA GLY C 194 -19.49 -12.73 -51.15
C GLY C 194 -18.80 -11.96 -52.25
N THR C 195 -18.99 -10.64 -52.31
CA THR C 195 -18.33 -9.84 -53.34
C THR C 195 -16.89 -9.47 -52.99
N HIS C 196 -16.42 -9.84 -51.80
CA HIS C 196 -15.05 -9.56 -51.36
C HIS C 196 -14.82 -8.08 -51.08
N TYR C 197 -15.88 -7.32 -50.82
CA TYR C 197 -15.79 -5.89 -50.52
C TYR C 197 -16.36 -5.62 -49.14
N GLY C 198 -15.59 -4.92 -48.31
CA GLY C 198 -16.11 -4.44 -47.04
C GLY C 198 -16.42 -5.58 -46.07
N LEU C 199 -17.66 -5.59 -45.59
CA LEU C 199 -18.02 -6.46 -44.47
C LEU C 199 -17.82 -7.93 -44.81
N MET C 200 -18.28 -8.35 -46.00
CA MET C 200 -18.20 -9.76 -46.35
C MET C 200 -16.77 -10.25 -46.43
N LYS C 201 -15.83 -9.39 -46.82
CA LYS C 201 -14.43 -9.79 -46.80
C LYS C 201 -13.99 -10.16 -45.38
N TYR C 202 -14.31 -9.30 -44.41
CA TYR C 202 -13.90 -9.56 -43.03
C TYR C 202 -14.62 -10.78 -42.47
N ILE C 203 -15.92 -10.93 -42.78
CA ILE C 203 -16.66 -12.08 -42.26
C ILE C 203 -16.07 -13.37 -42.82
N GLY C 204 -15.72 -13.37 -44.11
CA GLY C 204 -15.09 -14.55 -44.69
C GLY C 204 -13.75 -14.85 -44.06
N GLU C 205 -12.94 -13.82 -43.83
CA GLU C 205 -11.65 -14.01 -43.19
C GLU C 205 -11.81 -14.63 -41.81
N VAL C 206 -12.74 -14.09 -41.02
CA VAL C 206 -12.96 -14.61 -39.66
C VAL C 206 -13.47 -16.04 -39.73
N VAL C 207 -14.39 -16.33 -40.65
CA VAL C 207 -14.91 -17.68 -40.77
C VAL C 207 -13.80 -18.66 -41.10
N ARG C 208 -12.95 -18.31 -42.07
CA ARG C 208 -11.84 -19.17 -42.45
C ARG C 208 -10.91 -19.40 -41.28
N ASP C 209 -10.54 -18.33 -40.58
CA ASP C 209 -9.61 -18.46 -39.47
C ASP C 209 -10.18 -19.35 -38.37
N ASN C 210 -11.47 -19.19 -38.06
CA ASN C 210 -12.08 -20.02 -37.02
C ASN C 210 -12.19 -21.47 -37.46
N THR C 211 -12.59 -21.73 -38.71
CA THR C 211 -12.74 -23.12 -39.13
C THR C 211 -11.40 -23.83 -39.12
N ILE C 212 -10.33 -23.16 -39.56
CA ILE C 212 -9.03 -23.80 -39.58
C ILE C 212 -8.59 -24.15 -38.16
N SER C 213 -8.83 -23.26 -37.21
CA SER C 213 -8.46 -23.50 -35.82
C SER C 213 -9.54 -24.31 -35.11
N GLU C 218 -19.44 -29.01 -33.77
CA GLU C 218 -20.16 -28.31 -34.83
C GLU C 218 -19.21 -27.44 -35.65
N ASN C 219 -19.61 -27.12 -36.88
CA ASN C 219 -18.79 -26.35 -37.79
C ASN C 219 -19.63 -25.26 -38.43
N VAL C 220 -18.98 -24.17 -38.81
CA VAL C 220 -19.63 -23.04 -39.45
C VAL C 220 -19.64 -23.24 -40.96
N VAL C 221 -20.73 -22.84 -41.60
CA VAL C 221 -20.88 -22.90 -43.05
C VAL C 221 -21.30 -21.52 -43.53
N ALA C 222 -20.60 -20.99 -44.53
CA ALA C 222 -20.85 -19.65 -45.06
C ALA C 222 -21.26 -19.79 -46.52
N ILE C 223 -22.56 -19.95 -46.76
CA ILE C 223 -23.09 -20.02 -48.11
C ILE C 223 -23.20 -18.61 -48.66
N GLY C 224 -22.91 -18.47 -49.96
CA GLY C 224 -22.95 -17.17 -50.60
C GLY C 224 -23.71 -17.22 -51.92
N ILE C 225 -24.27 -16.07 -52.28
CA ILE C 225 -25.00 -15.90 -53.52
C ILE C 225 -24.49 -14.66 -54.22
N ALA C 226 -24.36 -14.73 -55.54
CA ALA C 226 -23.90 -13.59 -56.33
C ALA C 226 -24.52 -13.66 -57.71
N ALA C 227 -24.94 -12.51 -58.21
CA ALA C 227 -25.53 -12.42 -59.53
C ALA C 227 -24.44 -12.28 -60.59
N TRP C 228 -24.72 -12.83 -61.78
CA TRP C 228 -23.76 -12.76 -62.88
C TRP C 228 -23.48 -11.34 -63.33
N GLY C 229 -24.34 -10.38 -62.97
CA GLY C 229 -24.15 -9.02 -63.45
C GLY C 229 -22.87 -8.39 -62.98
N MET C 230 -22.54 -8.58 -61.69
CA MET C 230 -21.39 -7.91 -61.10
C MET C 230 -20.11 -8.73 -61.17
N ILE C 231 -20.15 -9.96 -61.68
CA ILE C 231 -18.96 -10.79 -61.77
C ILE C 231 -18.10 -10.31 -62.93
N SER C 232 -16.81 -10.11 -62.67
CA SER C 232 -15.89 -9.65 -63.71
C SER C 232 -15.46 -10.79 -64.62
N ASN C 233 -14.88 -11.83 -64.03
CA ASN C 233 -14.38 -12.98 -64.78
C ASN C 233 -15.31 -14.16 -64.56
N ARG C 234 -15.70 -14.82 -65.66
CA ARG C 234 -16.63 -15.93 -65.62
C ARG C 234 -16.08 -17.07 -66.47
N GLU C 235 -15.85 -18.23 -65.85
CA GLU C 235 -15.32 -19.38 -66.54
C GLU C 235 -16.11 -20.62 -66.12
N THR C 236 -16.12 -21.62 -67.00
CA THR C 236 -16.81 -22.88 -66.73
C THR C 236 -15.85 -23.90 -66.12
N ASP C 244 -13.52 -28.58 -63.15
CA ASP C 244 -12.79 -27.95 -62.06
C ASP C 244 -12.14 -26.64 -62.52
N GLY C 245 -12.97 -25.66 -62.84
CA GLY C 245 -12.46 -24.39 -63.31
C GLY C 245 -11.80 -23.59 -62.19
N SER C 246 -10.97 -22.65 -62.60
CA SER C 246 -10.23 -21.79 -61.69
C SER C 246 -10.65 -20.34 -61.88
N PHE C 247 -10.48 -19.55 -60.82
CA PHE C 247 -10.88 -18.16 -60.81
C PHE C 247 -9.69 -17.30 -60.41
N LEU C 248 -9.58 -16.12 -61.03
CA LEU C 248 -8.47 -15.21 -60.76
C LEU C 248 -8.88 -14.21 -59.69
N LEU C 261 -18.34 -5.98 -61.67
CA LEU C 261 -16.94 -6.35 -61.86
C LEU C 261 -16.32 -6.81 -60.55
N TYR C 262 -17.17 -7.24 -59.61
CA TYR C 262 -16.70 -7.63 -58.30
C TYR C 262 -15.98 -8.97 -58.35
N CYS C 263 -15.09 -9.19 -57.38
CA CYS C 263 -14.33 -10.41 -57.26
C CYS C 263 -14.90 -11.26 -56.14
N LEU C 264 -15.10 -12.55 -56.40
CA LEU C 264 -15.71 -13.43 -55.43
C LEU C 264 -14.83 -13.54 -54.18
N ASP C 265 -15.47 -13.59 -53.02
CA ASP C 265 -14.74 -13.79 -51.77
C ASP C 265 -14.20 -15.20 -51.72
N ASN C 266 -12.93 -15.33 -51.35
CA ASN C 266 -12.27 -16.64 -51.36
C ASN C 266 -12.68 -17.51 -50.18
N ASN C 267 -12.96 -16.90 -49.03
CA ASN C 267 -13.16 -17.67 -47.80
C ASN C 267 -14.50 -18.41 -47.79
N HIS C 268 -15.46 -18.01 -48.61
CA HIS C 268 -16.77 -18.66 -48.59
C HIS C 268 -16.66 -20.09 -49.10
N THR C 269 -17.23 -21.03 -48.34
CA THR C 269 -17.15 -22.44 -48.71
C THR C 269 -17.96 -22.74 -49.96
N HIS C 270 -19.16 -22.19 -50.06
CA HIS C 270 -20.06 -22.45 -51.18
C HIS C 270 -20.52 -21.15 -51.78
N LEU C 271 -20.82 -21.18 -53.08
CA LEU C 271 -21.29 -20.01 -53.80
C LEU C 271 -22.39 -20.41 -54.76
N LEU C 272 -23.32 -19.49 -54.99
CA LEU C 272 -24.47 -19.70 -55.86
C LEU C 272 -24.48 -18.61 -56.93
N LEU C 273 -24.82 -19.01 -58.16
CA LEU C 273 -24.88 -18.09 -59.29
C LEU C 273 -26.29 -18.11 -59.88
N VAL C 274 -26.75 -16.95 -60.33
CA VAL C 274 -28.10 -16.79 -60.87
C VAL C 274 -27.99 -16.11 -62.24
N ASP C 275 -28.72 -16.63 -63.22
CA ASP C 275 -28.74 -16.04 -64.55
C ASP C 275 -29.18 -14.59 -64.50
N ALA C 286 -31.82 -11.67 -55.73
CA ALA C 286 -32.19 -11.39 -54.35
C ALA C 286 -33.52 -12.06 -53.99
N LYS C 287 -34.39 -12.20 -54.99
CA LYS C 287 -35.68 -12.85 -54.76
C LYS C 287 -35.48 -14.31 -54.37
N VAL C 288 -34.53 -14.99 -55.00
CA VAL C 288 -34.26 -16.39 -54.66
C VAL C 288 -33.83 -16.48 -53.21
N ARG C 289 -33.07 -15.50 -52.72
CA ARG C 289 -32.66 -15.49 -51.32
C ARG C 289 -33.88 -15.42 -50.41
N THR C 290 -34.83 -14.54 -50.73
CA THR C 290 -36.03 -14.42 -49.90
C THR C 290 -36.85 -15.71 -49.92
N GLN C 291 -36.99 -16.32 -51.10
CA GLN C 291 -37.76 -17.57 -51.18
C GLN C 291 -37.07 -18.67 -50.38
N LEU C 292 -35.73 -18.76 -50.47
CA LEU C 292 -35.01 -19.77 -49.73
C LEU C 292 -35.16 -19.57 -48.23
N GLU C 293 -35.08 -18.32 -47.77
CA GLU C 293 -35.28 -18.03 -46.36
C GLU C 293 -36.70 -18.40 -45.92
N LYS C 294 -37.69 -18.10 -46.75
CA LYS C 294 -39.06 -18.44 -46.41
C LYS C 294 -39.24 -19.96 -46.30
N TYR C 295 -38.68 -20.71 -47.25
CA TYR C 295 -38.81 -22.16 -47.18
C TYR C 295 -38.10 -22.73 -45.95
N ILE C 296 -36.89 -22.23 -45.65
CA ILE C 296 -36.16 -22.76 -44.50
C ILE C 296 -36.94 -22.46 -43.22
N SER C 297 -37.56 -21.28 -43.14
CA SER C 297 -38.41 -20.99 -41.98
C SER C 297 -39.59 -21.96 -41.93
N GLU C 298 -40.22 -22.22 -43.07
CA GLU C 298 -41.39 -23.09 -43.10
C GLU C 298 -41.03 -24.55 -42.85
N ARG C 299 -39.75 -24.91 -42.92
CA ARG C 299 -39.35 -26.29 -42.72
C ARG C 299 -39.69 -26.74 -41.30
N VAL C 300 -40.15 -27.99 -41.17
CA VAL C 300 -40.62 -28.54 -39.90
C VAL C 300 -39.72 -29.70 -39.51
N ILE C 301 -39.13 -29.60 -38.32
CA ILE C 301 -38.27 -30.63 -37.75
C ILE C 301 -38.84 -31.01 -36.39
N PRO C 302 -38.92 -32.30 -36.05
CA PRO C 302 -39.49 -32.65 -34.74
C PRO C 302 -38.57 -32.34 -33.57
N GLU C 303 -37.28 -32.62 -33.71
CA GLU C 303 -36.31 -32.41 -32.62
C GLU C 303 -35.88 -30.95 -32.59
N SER C 304 -36.85 -30.09 -32.28
CA SER C 304 -36.63 -28.65 -32.21
C SER C 304 -37.23 -28.10 -30.93
N ASN C 305 -36.43 -27.34 -30.18
CA ASN C 305 -36.92 -26.68 -28.97
C ASN C 305 -37.64 -25.37 -29.26
N TYR C 306 -37.57 -24.89 -30.51
CA TYR C 306 -38.25 -23.67 -30.92
C TYR C 306 -39.63 -23.96 -31.51
N GLY C 307 -40.21 -25.11 -31.20
CA GLY C 307 -41.44 -25.51 -31.85
C GLY C 307 -41.27 -25.69 -33.35
N GLY C 308 -40.13 -26.22 -33.76
CA GLY C 308 -39.85 -26.35 -35.18
C GLY C 308 -39.56 -25.01 -35.81
N LYS C 309 -39.66 -24.99 -37.14
CA LYS C 309 -39.53 -23.82 -38.00
C LYS C 309 -38.08 -23.36 -38.15
N ILE C 310 -37.12 -24.00 -37.48
CA ILE C 310 -35.71 -23.67 -37.69
C ILE C 310 -35.50 -22.18 -37.49
N PRO C 311 -35.46 -21.69 -36.26
CA PRO C 311 -35.47 -20.23 -36.03
C PRO C 311 -34.36 -19.52 -36.81
N ILE C 312 -34.70 -18.36 -37.37
CA ILE C 312 -33.82 -17.57 -38.21
C ILE C 312 -33.69 -16.18 -37.65
N VAL C 313 -32.48 -15.62 -37.72
CA VAL C 313 -32.20 -14.26 -37.30
C VAL C 313 -31.47 -13.55 -38.45
N CYS C 314 -31.91 -12.35 -38.77
CA CYS C 314 -31.32 -11.55 -39.83
C CYS C 314 -30.62 -10.33 -39.22
N PHE C 315 -29.37 -10.12 -39.60
CA PHE C 315 -28.56 -9.04 -39.07
C PHE C 315 -28.42 -7.93 -40.09
N ALA C 316 -28.56 -6.69 -39.64
CA ALA C 316 -28.40 -5.51 -40.48
C ALA C 316 -27.34 -4.61 -39.88
N GLN C 317 -26.33 -4.27 -40.68
CA GLN C 317 -25.23 -3.41 -40.26
C GLN C 317 -25.31 -2.02 -40.86
N GLY C 318 -25.46 -1.92 -42.17
CA GLY C 318 -25.58 -0.62 -42.84
C GLY C 318 -26.81 -0.60 -43.72
N GLY C 319 -27.44 0.57 -43.79
CA GLY C 319 -28.66 0.73 -44.54
C GLY C 319 -28.42 1.03 -46.01
N GLY C 320 -29.52 1.22 -46.73
CA GLY C 320 -29.46 1.52 -48.14
C GLY C 320 -30.74 1.06 -48.82
N LYS C 321 -30.78 1.29 -50.14
CA LYS C 321 -31.94 0.90 -50.93
C LYS C 321 -32.14 -0.60 -50.91
N GLU C 322 -31.09 -1.36 -51.25
CA GLU C 322 -31.20 -2.82 -51.24
C GLU C 322 -31.46 -3.32 -49.83
N THR C 323 -30.83 -2.72 -48.83
CA THR C 323 -31.03 -3.15 -47.46
C THR C 323 -32.47 -2.93 -47.02
N LEU C 324 -33.04 -1.76 -47.35
CA LEU C 324 -34.43 -1.48 -46.98
C LEU C 324 -35.38 -2.42 -47.71
N LYS C 325 -35.14 -2.68 -48.99
CA LYS C 325 -35.98 -3.63 -49.72
C LYS C 325 -35.93 -5.02 -49.09
N SER C 326 -34.72 -5.47 -48.74
CA SER C 326 -34.58 -6.78 -48.11
C SER C 326 -35.28 -6.82 -46.76
N ILE C 327 -35.14 -5.76 -45.97
CA ILE C 327 -35.80 -5.70 -44.67
C ILE C 327 -37.31 -5.78 -44.84
N ASN C 328 -37.85 -5.02 -45.79
CA ASN C 328 -39.29 -5.02 -45.99
C ASN C 328 -39.79 -6.38 -46.43
N VAL C 329 -39.11 -7.00 -47.40
CA VAL C 329 -39.58 -8.30 -47.90
C VAL C 329 -39.48 -9.35 -46.81
N ALA C 330 -38.43 -9.28 -45.98
CA ALA C 330 -38.33 -10.22 -44.87
C ALA C 330 -39.44 -9.99 -43.86
N ILE C 331 -39.76 -8.73 -43.56
CA ILE C 331 -40.80 -8.43 -42.58
C ILE C 331 -42.15 -8.93 -43.08
N LYS C 332 -42.44 -8.76 -44.37
CA LYS C 332 -43.69 -9.25 -44.92
C LYS C 332 -43.90 -10.72 -44.58
N SER C 333 -42.84 -11.51 -44.62
CA SER C 333 -42.89 -12.88 -44.12
C SER C 333 -42.67 -12.88 -42.61
N LYS C 334 -43.31 -13.83 -41.94
CA LYS C 334 -43.24 -13.87 -40.49
C LYS C 334 -41.97 -14.59 -40.03
N ILE C 335 -41.65 -14.40 -38.76
CA ILE C 335 -40.40 -14.86 -38.17
C ILE C 335 -39.22 -14.32 -38.98
N PRO C 336 -39.18 -13.01 -39.27
CA PRO C 336 -37.95 -12.45 -39.85
C PRO C 336 -36.86 -12.27 -38.81
N CYS C 337 -37.26 -11.81 -37.63
CA CYS C 337 -36.33 -11.59 -36.51
C CYS C 337 -35.18 -10.67 -36.92
N VAL C 338 -35.53 -9.57 -37.59
CA VAL C 338 -34.51 -8.63 -38.06
C VAL C 338 -33.84 -7.95 -36.88
N VAL C 339 -32.54 -7.73 -37.00
CA VAL C 339 -31.75 -7.03 -35.99
C VAL C 339 -30.97 -5.93 -36.69
N VAL C 340 -31.00 -4.72 -36.12
CA VAL C 340 -30.35 -3.55 -36.69
C VAL C 340 -29.36 -3.02 -35.66
N GLU C 341 -28.14 -2.74 -36.09
CA GLU C 341 -27.14 -2.24 -35.15
C GLU C 341 -27.33 -0.74 -34.98
N GLY C 342 -26.63 -0.18 -33.98
CA GLY C 342 -26.75 1.23 -33.71
C GLY C 342 -26.29 2.12 -34.85
N SER C 343 -25.18 1.78 -35.49
CA SER C 343 -24.56 2.63 -36.49
C SER C 343 -24.87 2.14 -37.90
N GLY C 344 -25.26 3.06 -38.78
CA GLY C 344 -25.57 2.74 -40.16
C GLY C 344 -26.18 3.90 -40.91
N ARG C 345 -26.08 3.89 -42.25
CA ARG C 345 -26.61 4.99 -43.03
C ARG C 345 -28.13 5.10 -42.86
N ILE C 346 -28.84 3.98 -42.96
CA ILE C 346 -30.28 3.97 -42.77
C ILE C 346 -30.69 3.23 -41.51
N ALA C 347 -29.85 2.33 -40.99
CA ALA C 347 -30.19 1.64 -39.75
C ALA C 347 -30.35 2.61 -38.59
N ASP C 348 -29.57 3.70 -38.57
CA ASP C 348 -29.74 4.69 -37.53
C ASP C 348 -31.13 5.33 -37.60
N VAL C 349 -31.65 5.55 -38.81
CA VAL C 349 -33.00 6.09 -38.93
C VAL C 349 -33.99 5.18 -38.24
N ILE C 350 -33.95 3.88 -38.56
CA ILE C 350 -34.91 2.94 -37.98
C ILE C 350 -34.74 2.88 -36.47
N ALA C 351 -33.49 2.86 -36.00
CA ALA C 351 -33.26 2.83 -34.55
C ALA C 351 -33.83 4.07 -33.88
N SER C 352 -33.63 5.24 -34.48
CA SER C 352 -34.12 6.48 -33.89
C SER C 352 -35.64 6.50 -33.85
N LEU C 353 -36.30 6.04 -34.93
CA LEU C 353 -37.76 6.08 -34.95
C LEU C 353 -38.36 5.28 -33.81
N VAL C 354 -37.81 4.08 -33.55
CA VAL C 354 -38.30 3.25 -32.47
C VAL C 354 -37.53 3.55 -31.19
N ALA C 361 -45.17 9.91 -38.29
CA ALA C 361 -45.39 11.21 -38.91
C ALA C 361 -44.43 11.42 -40.07
N SER C 362 -44.95 11.97 -41.17
CA SER C 362 -44.11 12.22 -42.34
C SER C 362 -43.03 13.25 -42.04
N SER C 363 -43.35 14.27 -41.25
CA SER C 363 -42.38 15.32 -40.97
C SER C 363 -41.21 14.79 -40.14
N CYS C 364 -41.50 14.04 -39.08
CA CYS C 364 -40.43 13.49 -38.25
C CYS C 364 -39.59 12.49 -39.04
N VAL C 365 -40.24 11.66 -39.86
CA VAL C 365 -39.51 10.72 -40.70
C VAL C 365 -38.59 11.47 -41.65
N LYS C 366 -39.09 12.55 -42.26
CA LYS C 366 -38.27 13.34 -43.17
C LYS C 366 -37.09 13.94 -42.45
N GLU C 367 -37.31 14.48 -41.25
CA GLU C 367 -36.21 15.07 -40.49
C GLU C 367 -35.14 14.03 -40.18
N SER C 368 -35.55 12.87 -39.69
CA SER C 368 -34.59 11.83 -39.35
C SER C 368 -33.83 11.35 -40.58
N LEU C 369 -34.55 11.12 -41.68
CA LEU C 369 -33.92 10.64 -42.90
C LEU C 369 -32.92 11.66 -43.44
N LEU C 370 -33.28 12.94 -43.40
CA LEU C 370 -32.38 13.99 -43.89
C LEU C 370 -31.14 14.10 -43.01
N ARG C 371 -31.32 14.11 -41.68
CA ARG C 371 -30.16 14.29 -40.81
C ARG C 371 -29.23 13.09 -40.87
N PHE C 372 -29.79 11.88 -41.04
CA PHE C 372 -28.93 10.69 -41.00
C PHE C 372 -28.31 10.40 -42.37
N LEU C 373 -29.03 10.68 -43.45
CA LEU C 373 -28.55 10.47 -44.82
C LEU C 373 -28.84 11.71 -45.66
N PRO C 374 -28.13 12.81 -45.42
CA PRO C 374 -28.45 14.07 -46.12
C PRO C 374 -28.19 14.03 -47.62
N ARG C 375 -26.98 13.63 -48.02
CA ARG C 375 -26.54 13.82 -49.40
C ARG C 375 -27.36 12.96 -50.36
N THR C 376 -27.54 11.67 -50.04
CA THR C 376 -28.19 10.76 -50.98
C THR C 376 -29.60 11.20 -51.31
N ILE C 377 -30.29 11.84 -50.36
CA ILE C 377 -31.69 12.19 -50.57
C ILE C 377 -31.82 13.23 -51.68
N SER C 378 -30.93 14.23 -51.71
CA SER C 378 -31.05 15.29 -52.69
C SER C 378 -31.05 14.73 -54.11
N ARG C 379 -30.23 13.71 -54.37
CA ARG C 379 -30.23 13.08 -55.69
C ARG C 379 -31.57 12.42 -55.97
N LEU C 380 -32.17 11.77 -54.97
CA LEU C 380 -33.43 11.08 -55.15
C LEU C 380 -34.55 12.07 -55.47
N SER C 381 -35.50 11.62 -56.28
CA SER C 381 -36.65 12.43 -56.64
C SER C 381 -37.68 12.42 -55.52
N GLU C 382 -38.60 13.39 -55.58
CA GLU C 382 -39.59 13.53 -54.51
C GLU C 382 -40.50 12.31 -54.43
N GLU C 383 -40.95 11.79 -55.58
CA GLU C 383 -41.80 10.61 -55.57
C GLU C 383 -41.08 9.41 -55.00
N GLU C 384 -39.81 9.25 -55.34
CA GLU C 384 -39.05 8.09 -54.86
C GLU C 384 -38.86 8.15 -53.35
N THR C 385 -38.56 9.34 -52.82
CA THR C 385 -38.43 9.46 -51.36
C THR C 385 -39.77 9.29 -50.67
N GLU C 386 -40.87 9.70 -51.30
CA GLU C 386 -42.18 9.41 -50.73
C GLU C 386 -42.42 7.90 -50.66
N SER C 387 -42.05 7.17 -51.72
CA SER C 387 -42.17 5.72 -51.70
C SER C 387 -41.29 5.12 -50.59
N TRP C 388 -40.09 5.66 -50.42
CA TRP C 388 -39.21 5.19 -49.35
C TRP C 388 -39.84 5.42 -47.98
N ILE C 389 -40.46 6.58 -47.79
CA ILE C 389 -41.15 6.86 -46.53
C ILE C 389 -42.28 5.85 -46.31
N LYS C 390 -42.98 5.50 -47.39
CA LYS C 390 -44.01 4.47 -47.27
C LYS C 390 -43.42 3.13 -46.84
N TRP C 391 -42.27 2.76 -47.42
CA TRP C 391 -41.61 1.53 -47.03
C TRP C 391 -41.24 1.56 -45.54
N ILE C 392 -40.70 2.69 -45.09
CA ILE C 392 -40.31 2.82 -43.69
C ILE C 392 -41.53 2.76 -42.78
N LYS C 393 -42.66 3.33 -43.24
CA LYS C 393 -43.89 3.20 -42.48
C LYS C 393 -44.27 1.74 -42.32
N GLU C 394 -44.22 0.97 -43.41
CA GLU C 394 -44.55 -0.44 -43.34
C GLU C 394 -43.65 -1.16 -42.34
N VAL C 395 -42.35 -0.84 -42.35
CA VAL C 395 -41.44 -1.46 -41.39
C VAL C 395 -41.82 -1.07 -39.97
N LEU C 396 -42.10 0.22 -39.74
CA LEU C 396 -42.39 0.72 -38.40
C LEU C 396 -43.75 0.27 -37.88
N GLU C 397 -44.60 -0.31 -38.73
CA GLU C 397 -45.90 -0.77 -38.26
C GLU C 397 -45.76 -1.73 -37.08
N SER C 398 -44.90 -2.73 -37.22
CA SER C 398 -44.73 -3.77 -36.19
C SER C 398 -43.36 -3.66 -35.56
N PRO C 399 -43.24 -3.15 -34.32
CA PRO C 399 -41.93 -3.02 -33.69
C PRO C 399 -41.44 -4.27 -32.95
N HIS C 400 -42.32 -5.25 -32.68
CA HIS C 400 -41.90 -6.41 -31.91
C HIS C 400 -40.86 -7.23 -32.65
N LEU C 401 -40.95 -7.32 -33.97
CA LEU C 401 -39.96 -8.09 -34.72
C LEU C 401 -38.61 -7.37 -34.75
N LEU C 402 -38.61 -6.04 -34.76
CA LEU C 402 -37.37 -5.29 -34.80
C LEU C 402 -36.66 -5.35 -33.46
N THR C 403 -35.33 -5.47 -33.51
CA THR C 403 -34.49 -5.42 -32.33
C THR C 403 -33.27 -4.55 -32.64
N VAL C 404 -32.86 -3.75 -31.65
CA VAL C 404 -31.82 -2.75 -31.83
C VAL C 404 -30.71 -2.99 -30.83
N ILE C 405 -29.47 -2.96 -31.29
CA ILE C 405 -28.29 -3.01 -30.44
C ILE C 405 -27.88 -1.55 -30.22
N LYS C 406 -28.29 -0.98 -29.08
CA LYS C 406 -28.05 0.43 -28.83
C LYS C 406 -26.56 0.74 -28.73
N ILE C 407 -26.21 1.94 -29.18
CA ILE C 407 -24.79 2.33 -29.22
C ILE C 407 -24.22 2.42 -27.81
N GLU C 408 -24.97 3.01 -26.88
CA GLU C 408 -24.46 3.24 -25.55
C GLU C 408 -24.02 1.95 -24.87
N GLU C 409 -24.63 0.83 -25.22
CA GLU C 409 -24.26 -0.45 -24.63
C GLU C 409 -22.81 -0.77 -24.94
N ALA C 410 -22.07 -1.21 -23.90
CA ALA C 410 -20.67 -1.55 -24.08
C ALA C 410 -20.28 -2.84 -23.34
N GLY C 411 -21.25 -3.59 -22.82
CA GLY C 411 -20.97 -4.81 -22.11
C GLY C 411 -20.66 -5.97 -23.05
N ASP C 412 -20.34 -7.10 -22.44
CA ASP C 412 -20.03 -8.32 -23.18
C ASP C 412 -21.31 -9.11 -23.46
N GLU C 413 -21.19 -10.11 -24.34
CA GLU C 413 -22.30 -10.98 -24.70
C GLU C 413 -23.53 -10.17 -25.12
N ILE C 414 -23.31 -9.02 -25.75
CA ILE C 414 -24.42 -8.21 -26.23
C ILE C 414 -25.10 -8.88 -27.41
N VAL C 415 -24.31 -9.49 -28.31
CA VAL C 415 -24.88 -10.11 -29.50
C VAL C 415 -25.79 -11.27 -29.11
N SER C 416 -25.32 -12.12 -28.19
CA SER C 416 -26.14 -13.24 -27.75
C SER C 416 -27.43 -12.76 -27.10
N ASN C 417 -27.32 -11.73 -26.26
CA ASN C 417 -28.51 -11.19 -25.60
C ASN C 417 -29.51 -10.67 -26.62
N ALA C 418 -29.02 -9.92 -27.61
CA ALA C 418 -29.93 -9.37 -28.62
C ALA C 418 -30.60 -10.47 -29.43
N ILE C 419 -29.83 -11.47 -29.84
CA ILE C 419 -30.39 -12.56 -30.64
C ILE C 419 -31.43 -13.33 -29.84
N SER C 420 -31.11 -13.64 -28.58
CA SER C 420 -32.04 -14.37 -27.74
C SER C 420 -33.31 -13.58 -27.50
N PHE C 421 -33.18 -12.27 -27.24
CA PHE C 421 -34.35 -11.44 -27.01
C PHE C 421 -35.23 -11.38 -28.25
N ALA C 422 -34.63 -11.20 -29.42
CA ALA C 422 -35.41 -11.14 -30.65
C ALA C 422 -36.14 -12.45 -30.90
N LEU C 423 -35.44 -13.58 -30.75
CA LEU C 423 -36.06 -14.86 -30.98
C LEU C 423 -37.17 -15.15 -29.98
N TYR C 424 -36.96 -14.79 -28.72
CA TYR C 424 -38.00 -14.98 -27.71
C TYR C 424 -39.22 -14.14 -28.02
N LYS C 425 -39.03 -12.89 -28.43
CA LYS C 425 -40.17 -12.05 -28.79
C LYS C 425 -40.92 -12.63 -29.97
N ALA C 426 -40.19 -13.09 -31.00
CA ALA C 426 -40.86 -13.67 -32.16
C ALA C 426 -41.64 -14.91 -31.77
N PHE C 427 -41.07 -15.77 -30.93
CA PHE C 427 -41.76 -16.97 -30.51
C PHE C 427 -43.00 -16.63 -29.69
N SER C 428 -42.89 -15.63 -28.81
CA SER C 428 -44.02 -15.28 -27.96
C SER C 428 -45.16 -14.68 -28.78
N THR C 429 -44.85 -13.89 -29.79
CA THR C 429 -45.87 -13.19 -30.56
C THR C 429 -46.57 -14.11 -31.58
N ASN C 430 -46.27 -15.41 -31.57
CA ASN C 430 -46.89 -16.32 -32.53
C ASN C 430 -48.40 -16.36 -32.37
N GLU C 431 -48.91 -16.11 -31.16
CA GLU C 431 -50.31 -16.11 -30.79
C GLU C 431 -50.86 -17.52 -30.64
N HIS C 432 -50.10 -18.57 -30.99
CA HIS C 432 -50.49 -19.94 -30.67
C HIS C 432 -49.47 -20.67 -29.81
N ASP C 433 -48.24 -20.17 -29.72
CA ASP C 433 -47.26 -20.66 -28.77
C ASP C 433 -47.28 -19.86 -27.47
N ARG C 434 -48.08 -18.81 -27.40
CA ARG C 434 -48.17 -17.99 -26.19
C ARG C 434 -48.66 -18.82 -25.01
N ASP C 435 -49.68 -19.66 -25.24
CA ASP C 435 -50.22 -20.47 -24.14
C ASP C 435 -49.16 -21.41 -23.59
N ASN C 436 -48.37 -22.03 -24.46
CA ASN C 436 -47.30 -22.91 -24.01
C ASN C 436 -46.16 -22.10 -23.42
N TRP C 437 -45.74 -22.47 -22.21
CA TRP C 437 -44.63 -21.80 -21.54
C TRP C 437 -43.37 -22.66 -21.45
N ASN C 438 -43.50 -23.98 -21.57
CA ASN C 438 -42.32 -24.84 -21.53
C ASN C 438 -41.38 -24.54 -22.68
N GLY C 439 -41.94 -24.31 -23.88
CA GLY C 439 -41.09 -23.98 -25.02
C GLY C 439 -40.31 -22.69 -24.81
N GLN C 440 -40.98 -21.66 -24.28
CA GLN C 440 -40.29 -20.41 -23.99
C GLN C 440 -39.17 -20.61 -22.97
N LEU C 441 -39.47 -21.39 -21.91
CA LEU C 441 -38.46 -21.65 -20.90
C LEU C 441 -37.26 -22.38 -21.48
N LYS C 442 -37.51 -23.38 -22.33
CA LYS C 442 -36.40 -24.12 -22.94
C LYS C 442 -35.59 -23.21 -23.86
N LEU C 443 -36.27 -22.35 -24.64
CA LEU C 443 -35.55 -21.42 -25.51
C LEU C 443 -34.68 -20.48 -24.69
N LEU C 444 -35.21 -19.96 -23.58
CA LEU C 444 -34.43 -19.09 -22.72
C LEU C 444 -33.37 -19.84 -21.94
N LEU C 445 -33.48 -21.16 -21.86
CA LEU C 445 -32.43 -21.98 -21.25
C LEU C 445 -31.29 -22.25 -22.23
N GLU C 446 -31.60 -22.39 -23.52
CA GLU C 446 -30.54 -22.58 -24.51
C GLU C 446 -29.60 -21.38 -24.54
N TRP C 447 -30.15 -20.18 -24.48
CA TRP C 447 -29.39 -18.95 -24.40
C TRP C 447 -29.32 -18.50 -22.95
N ASN C 448 -28.14 -18.01 -22.54
CA ASN C 448 -27.92 -17.66 -21.13
C ASN C 448 -28.65 -16.34 -20.84
N GLN C 449 -29.94 -16.48 -20.51
CA GLN C 449 -30.80 -15.34 -20.16
C GLN C 449 -31.54 -15.66 -18.87
N LEU C 450 -31.01 -15.16 -17.76
CA LEU C 450 -31.60 -15.40 -16.44
C LEU C 450 -32.67 -14.36 -16.10
N ASP C 451 -32.31 -13.08 -16.17
CA ASP C 451 -33.24 -12.04 -15.73
C ASP C 451 -34.51 -12.04 -16.57
N LEU C 452 -34.38 -12.17 -17.89
CA LEU C 452 -35.54 -12.14 -18.76
C LEU C 452 -36.47 -13.31 -18.46
N ALA C 453 -35.90 -14.52 -18.31
CA ALA C 453 -36.71 -15.69 -18.02
C ALA C 453 -37.42 -15.54 -16.69
N SER C 454 -36.70 -15.09 -15.66
CA SER C 454 -37.30 -14.93 -14.35
C SER C 454 -38.44 -13.93 -14.39
N ASP C 455 -38.23 -12.79 -15.06
CA ASP C 455 -39.26 -11.77 -15.11
C ASP C 455 -40.48 -12.24 -15.90
N GLU C 456 -40.27 -12.90 -17.03
CA GLU C 456 -41.38 -13.24 -17.91
C GLU C 456 -42.18 -14.43 -17.40
N ILE C 457 -41.50 -15.46 -16.88
CA ILE C 457 -42.16 -16.73 -16.62
C ILE C 457 -42.49 -16.89 -15.14
N PHE C 458 -41.46 -16.89 -14.29
CA PHE C 458 -41.64 -17.31 -12.90
C PHE C 458 -42.34 -16.25 -12.06
N THR C 459 -42.18 -14.97 -12.38
CA THR C 459 -42.76 -13.92 -11.55
C THR C 459 -44.28 -13.99 -11.53
N ASN C 460 -44.90 -14.27 -12.69
CA ASN C 460 -46.34 -14.12 -12.80
C ASN C 460 -47.10 -15.14 -11.97
N ASP C 461 -46.54 -16.34 -11.78
CA ASP C 461 -47.22 -17.40 -11.04
C ASP C 461 -48.55 -17.74 -11.71
N ARG C 462 -48.46 -18.12 -12.99
CA ARG C 462 -49.63 -18.21 -13.85
C ARG C 462 -50.20 -19.64 -13.93
N ASN C 463 -49.42 -20.59 -14.45
CA ASN C 463 -50.01 -21.84 -14.92
C ASN C 463 -49.23 -23.11 -14.58
N TRP C 464 -48.15 -23.03 -13.81
CA TRP C 464 -47.32 -24.20 -13.54
C TRP C 464 -47.40 -24.58 -12.08
N GLU C 465 -47.49 -25.88 -11.82
CA GLU C 465 -47.52 -26.43 -10.47
C GLU C 465 -46.12 -26.74 -9.93
N SER C 466 -45.07 -26.54 -10.74
CA SER C 466 -43.67 -26.76 -10.37
C SER C 466 -43.30 -28.24 -10.40
N ALA C 467 -44.21 -29.12 -10.82
CA ALA C 467 -43.91 -30.55 -10.88
C ALA C 467 -43.20 -30.95 -12.18
N ASP C 468 -43.62 -30.36 -13.30
CA ASP C 468 -42.99 -30.70 -14.58
C ASP C 468 -41.59 -30.10 -14.69
N LEU C 469 -41.33 -29.01 -13.97
CA LEU C 469 -40.05 -28.33 -14.06
C LEU C 469 -38.89 -29.31 -13.99
N GLN C 470 -39.06 -30.42 -13.26
CA GLN C 470 -38.01 -31.43 -13.16
C GLN C 470 -37.34 -31.68 -14.51
N ASP C 471 -38.14 -31.96 -15.54
CA ASP C 471 -37.58 -32.21 -16.85
C ASP C 471 -36.58 -31.13 -17.24
N VAL C 472 -37.04 -29.89 -17.31
CA VAL C 472 -36.15 -28.78 -17.66
C VAL C 472 -34.96 -28.76 -16.71
N MET C 473 -35.22 -28.94 -15.42
CA MET C 473 -34.14 -28.98 -14.43
C MET C 473 -33.02 -29.91 -14.88
N PHE C 474 -33.38 -31.14 -15.27
CA PHE C 474 -32.35 -32.09 -15.66
C PHE C 474 -31.43 -31.50 -16.71
N THR C 475 -32.02 -30.89 -17.75
CA THR C 475 -31.21 -30.35 -18.83
C THR C 475 -30.17 -29.38 -18.28
N ALA C 476 -30.59 -28.48 -17.38
CA ALA C 476 -29.66 -27.52 -16.83
C ALA C 476 -28.45 -28.23 -16.23
N LEU C 477 -28.69 -29.27 -15.43
CA LEU C 477 -27.58 -29.96 -14.78
C LEU C 477 -26.58 -30.50 -15.79
N VAL C 478 -27.04 -30.88 -16.98
CA VAL C 478 -26.13 -31.41 -17.98
C VAL C 478 -25.58 -30.33 -18.90
N LYS C 479 -26.20 -29.16 -18.94
CA LYS C 479 -25.78 -28.07 -19.81
C LYS C 479 -24.99 -26.99 -19.07
N ASP C 480 -24.70 -27.20 -17.80
CA ASP C 480 -23.87 -26.27 -17.01
C ASP C 480 -24.49 -24.87 -17.03
N ARG C 481 -25.67 -24.76 -16.43
CA ARG C 481 -26.40 -23.49 -16.33
C ARG C 481 -26.74 -23.27 -14.86
N PRO C 482 -25.73 -23.00 -14.03
CA PRO C 482 -25.98 -22.94 -12.58
C PRO C 482 -27.00 -21.88 -12.17
N LYS C 483 -27.05 -20.75 -12.88
CA LYS C 483 -27.99 -19.70 -12.51
C LYS C 483 -29.43 -20.19 -12.66
N PHE C 484 -29.72 -20.93 -13.73
CA PHE C 484 -31.06 -21.50 -13.89
C PHE C 484 -31.33 -22.54 -12.81
N VAL C 485 -30.31 -23.27 -12.39
CA VAL C 485 -30.47 -24.20 -11.26
C VAL C 485 -30.91 -23.45 -10.01
N ARG C 486 -30.20 -22.37 -9.70
CA ARG C 486 -30.55 -21.58 -8.51
C ARG C 486 -31.95 -21.00 -8.64
N LEU C 487 -32.31 -20.54 -9.84
CA LEU C 487 -33.64 -19.99 -10.06
C LEU C 487 -34.71 -21.04 -9.83
N PHE C 488 -34.51 -22.25 -10.35
CA PHE C 488 -35.48 -23.32 -10.14
C PHE C 488 -35.61 -23.65 -8.66
N LEU C 489 -34.48 -23.73 -7.95
CA LEU C 489 -34.55 -24.05 -6.53
C LEU C 489 -35.27 -22.96 -5.76
N GLU C 490 -35.03 -21.69 -6.08
CA GLU C 490 -35.64 -20.60 -5.33
C GLU C 490 -37.16 -20.59 -5.50
N ASN C 491 -37.64 -20.84 -6.71
CA ASN C 491 -39.06 -20.74 -7.01
C ASN C 491 -39.84 -21.99 -6.62
N GLY C 492 -39.22 -22.94 -5.92
CA GLY C 492 -39.91 -24.11 -5.45
C GLY C 492 -39.53 -25.38 -6.18
N LEU C 493 -38.71 -26.20 -5.55
CA LEU C 493 -38.31 -27.48 -6.13
C LEU C 493 -37.68 -28.33 -5.03
N ASN C 494 -38.21 -29.54 -4.85
CA ASN C 494 -37.70 -30.47 -3.86
C ASN C 494 -36.60 -31.31 -4.51
N LEU C 495 -35.35 -30.92 -4.28
CA LEU C 495 -34.23 -31.66 -4.86
C LEU C 495 -34.20 -33.10 -4.33
N ARG C 496 -34.64 -33.31 -3.09
CA ARG C 496 -34.70 -34.66 -2.55
C ARG C 496 -35.66 -35.52 -3.34
N LYS C 497 -36.84 -34.99 -3.64
CA LYS C 497 -37.81 -35.74 -4.43
C LYS C 497 -37.37 -35.88 -5.88
N PHE C 498 -36.82 -34.80 -6.46
CA PHE C 498 -36.34 -34.86 -7.83
C PHE C 498 -35.24 -35.90 -7.98
N LEU C 499 -34.32 -35.94 -7.02
CA LEU C 499 -33.23 -36.91 -7.06
C LEU C 499 -33.77 -38.30 -6.71
N THR C 500 -33.71 -39.20 -7.68
CA THR C 500 -34.15 -40.57 -7.50
C THR C 500 -33.09 -41.51 -8.05
N THR C 501 -33.31 -42.82 -7.84
CA THR C 501 -32.36 -43.80 -8.35
C THR C 501 -32.26 -43.73 -9.87
N GLU C 502 -33.40 -43.55 -10.55
CA GLU C 502 -33.37 -43.49 -12.01
C GLU C 502 -32.65 -42.25 -12.50
N VAL C 503 -32.92 -41.10 -11.89
CA VAL C 503 -32.28 -39.86 -12.31
C VAL C 503 -30.78 -39.94 -12.09
N LEU C 504 -30.36 -40.42 -10.92
CA LEU C 504 -28.93 -40.56 -10.64
C LEU C 504 -28.28 -41.56 -11.59
N ARG C 505 -28.97 -42.65 -11.89
CA ARG C 505 -28.43 -43.64 -12.81
C ARG C 505 -28.23 -43.03 -14.19
N GLU C 506 -29.21 -42.27 -14.68
CA GLU C 506 -29.07 -41.60 -15.97
C GLU C 506 -27.92 -40.60 -15.94
N LEU C 507 -27.79 -39.86 -14.84
CA LEU C 507 -26.74 -38.84 -14.75
C LEU C 507 -25.36 -39.47 -14.77
N TYR C 508 -25.18 -40.57 -14.04
CA TYR C 508 -23.86 -41.18 -13.92
C TYR C 508 -23.50 -42.04 -15.13
N THR C 509 -24.48 -42.73 -15.71
CA THR C 509 -24.18 -43.68 -16.77
C THR C 509 -23.71 -42.98 -18.05
N ASN C 510 -24.43 -41.95 -18.49
CA ASN C 510 -24.19 -41.32 -19.78
C ASN C 510 -23.48 -39.98 -19.65
N ASN C 511 -24.05 -39.06 -18.86
CA ASN C 511 -23.50 -37.71 -18.77
C ASN C 511 -22.14 -37.66 -18.09
N PHE C 512 -21.75 -38.73 -17.41
CA PHE C 512 -20.47 -38.75 -16.72
C PHE C 512 -19.35 -39.03 -17.71
N SER C 513 -18.36 -38.14 -17.74
CA SER C 513 -17.24 -38.30 -18.66
C SER C 513 -16.42 -39.54 -18.32
N SER C 514 -16.03 -40.28 -19.36
CA SER C 514 -15.22 -41.48 -19.16
C SER C 514 -13.78 -41.15 -18.78
N LEU C 515 -13.30 -39.96 -19.14
CA LEU C 515 -11.98 -39.54 -18.68
C LEU C 515 -11.93 -39.51 -17.16
N VAL C 516 -12.96 -38.96 -16.51
CA VAL C 516 -12.99 -38.98 -15.05
C VAL C 516 -13.14 -40.41 -14.55
N PHE C 517 -13.79 -41.28 -15.31
CA PHE C 517 -13.91 -42.68 -14.90
C PHE C 517 -12.54 -43.35 -14.82
N LYS C 518 -11.76 -43.25 -15.89
CA LYS C 518 -10.43 -43.86 -15.85
C LYS C 518 -9.54 -43.15 -14.85
N ASN C 519 -9.76 -41.85 -14.64
CA ASN C 519 -8.96 -41.12 -13.66
C ASN C 519 -9.26 -41.63 -12.25
N LEU C 520 -10.55 -41.93 -11.98
CA LEU C 520 -10.90 -42.56 -10.72
C LEU C 520 -10.23 -43.92 -10.59
N GLN C 521 -10.24 -44.70 -11.68
CA GLN C 521 -9.54 -45.99 -11.63
C GLN C 521 -8.09 -45.80 -11.20
N ILE C 522 -7.37 -44.94 -11.89
CA ILE C 522 -5.93 -44.77 -11.63
C ILE C 522 -5.72 -44.24 -10.22
N ALA C 523 -6.55 -43.30 -9.79
CA ALA C 523 -6.41 -42.76 -8.44
C ALA C 523 -6.60 -43.85 -7.40
N LYS C 524 -7.61 -44.71 -7.58
CA LYS C 524 -7.83 -45.78 -6.61
C LYS C 524 -6.68 -46.78 -6.60
N ASN C 525 -6.20 -47.18 -7.79
CA ASN C 525 -5.12 -48.18 -7.80
C ASN C 525 -3.83 -47.61 -7.22
N SER C 526 -3.52 -46.35 -7.54
CA SER C 526 -2.27 -45.76 -7.08
C SER C 526 -2.21 -45.70 -5.56
N TYR C 527 -3.30 -45.29 -4.92
CA TYR C 527 -3.35 -45.16 -3.47
C TYR C 527 -4.73 -45.56 -2.99
N ASN C 528 -4.77 -46.18 -1.82
CA ASN C 528 -6.03 -46.61 -1.21
C ASN C 528 -6.40 -45.64 -0.08
N ASP C 529 -7.66 -45.20 -0.09
CA ASP C 529 -8.20 -44.35 0.95
C ASP C 529 -9.66 -44.73 1.17
N ALA C 530 -10.15 -44.49 2.39
CA ALA C 530 -11.51 -44.87 2.72
C ALA C 530 -12.52 -44.14 1.87
N LEU C 531 -12.37 -42.82 1.72
CA LEU C 531 -13.35 -42.05 0.98
C LEU C 531 -13.26 -42.30 -0.51
N LEU C 532 -12.05 -42.52 -1.04
CA LEU C 532 -11.91 -42.85 -2.44
C LEU C 532 -12.64 -44.14 -2.78
N THR C 533 -12.46 -45.18 -1.97
CA THR C 533 -13.17 -46.43 -2.22
C THR C 533 -14.66 -46.28 -2.01
N PHE C 534 -15.08 -45.46 -1.04
CA PHE C 534 -16.51 -45.22 -0.84
C PHE C 534 -17.14 -44.60 -2.08
N VAL C 535 -16.54 -43.52 -2.60
CA VAL C 535 -17.10 -42.87 -3.78
C VAL C 535 -17.01 -43.78 -4.99
N TRP C 536 -15.94 -44.58 -5.08
CA TRP C 536 -15.78 -45.50 -6.20
C TRP C 536 -16.89 -46.53 -6.22
N LYS C 537 -17.15 -47.17 -5.07
CA LYS C 537 -18.22 -48.16 -5.03
C LYS C 537 -19.58 -47.51 -5.22
N MET C 538 -19.77 -46.27 -4.75
CA MET C 538 -21.04 -45.58 -5.01
C MET C 538 -21.26 -45.38 -6.50
N VAL C 539 -20.24 -44.91 -7.22
CA VAL C 539 -20.41 -44.65 -8.63
C VAL C 539 -20.60 -45.95 -9.40
N GLU C 540 -19.89 -47.02 -8.99
CA GLU C 540 -20.12 -48.31 -9.63
C GLU C 540 -21.53 -48.82 -9.39
N ASP C 541 -22.05 -48.64 -8.17
CA ASP C 541 -23.42 -49.05 -7.88
C ASP C 541 -24.41 -48.29 -8.76
N PHE C 542 -24.19 -46.99 -8.93
CA PHE C 542 -25.07 -46.21 -9.80
C PHE C 542 -24.97 -46.67 -11.25
N ARG C 543 -23.75 -47.00 -11.71
CA ARG C 543 -23.58 -47.37 -13.11
C ARG C 543 -24.12 -48.76 -13.41
N ARG C 544 -24.08 -49.68 -12.44
CA ARG C 544 -24.39 -51.07 -12.73
C ARG C 544 -25.79 -51.23 -13.29
N GLY C 545 -26.78 -50.55 -12.70
CA GLY C 545 -28.16 -50.70 -13.11
C GLY C 545 -28.41 -50.17 -14.51
N ARG C 569 -30.19 -42.85 0.62
CA ARG C 569 -28.78 -43.03 0.94
C ARG C 569 -28.00 -41.76 0.65
N HIS C 570 -28.51 -40.63 1.15
CA HIS C 570 -27.90 -39.33 0.95
C HIS C 570 -27.64 -39.05 -0.53
N PRO C 571 -28.68 -39.06 -1.37
CA PRO C 571 -28.48 -38.76 -2.79
C PRO C 571 -27.94 -37.37 -3.05
N LEU C 572 -28.21 -36.40 -2.16
CA LEU C 572 -27.68 -35.06 -2.35
C LEU C 572 -26.16 -35.08 -2.32
N GLN C 573 -25.57 -35.89 -1.42
CA GLN C 573 -24.12 -36.04 -1.42
C GLN C 573 -23.62 -36.64 -2.72
N ALA C 574 -24.37 -37.59 -3.30
CA ALA C 574 -23.98 -38.16 -4.57
C ALA C 574 -23.99 -37.11 -5.67
N LEU C 575 -25.02 -36.27 -5.70
CA LEU C 575 -25.08 -35.20 -6.70
C LEU C 575 -23.93 -34.22 -6.51
N PHE C 576 -23.61 -33.87 -5.26
CA PHE C 576 -22.48 -32.98 -5.01
C PHE C 576 -21.17 -33.59 -5.48
N ILE C 577 -20.99 -34.89 -5.23
CA ILE C 577 -19.78 -35.57 -5.69
C ILE C 577 -19.70 -35.55 -7.21
N TRP C 578 -20.82 -35.82 -7.88
CA TRP C 578 -20.83 -35.80 -9.33
C TRP C 578 -20.47 -34.41 -9.85
N SER C 579 -21.02 -33.37 -9.24
CA SER C 579 -20.73 -32.01 -9.71
C SER C 579 -19.27 -31.65 -9.49
N VAL C 580 -18.73 -31.96 -8.31
CA VAL C 580 -17.37 -31.54 -7.99
C VAL C 580 -16.35 -32.33 -8.82
N LEU C 581 -16.61 -33.62 -9.04
CA LEU C 581 -15.65 -34.43 -9.79
C LEU C 581 -15.43 -33.89 -11.19
N GLN C 582 -16.50 -33.44 -11.85
CA GLN C 582 -16.39 -32.89 -13.19
C GLN C 582 -15.86 -31.46 -13.21
N ASN C 583 -15.48 -30.92 -12.05
CA ASN C 583 -14.87 -29.59 -11.97
C ASN C 583 -15.85 -28.50 -12.39
N LYS C 584 -17.11 -28.63 -11.97
CA LYS C 584 -18.12 -27.61 -12.18
C LYS C 584 -18.13 -26.69 -10.97
N LYS C 585 -17.43 -25.56 -11.09
CA LYS C 585 -17.20 -24.70 -9.93
C LYS C 585 -18.51 -24.14 -9.39
N GLU C 586 -19.22 -23.39 -10.23
CA GLU C 586 -20.42 -22.68 -9.78
C GLU C 586 -21.50 -23.65 -9.33
N LEU C 587 -21.76 -24.68 -10.13
CA LEU C 587 -22.77 -25.66 -9.76
C LEU C 587 -22.35 -26.40 -8.49
N SER C 588 -21.05 -26.62 -8.30
CA SER C 588 -20.59 -27.24 -7.07
C SER C 588 -20.94 -26.39 -5.85
N LYS C 589 -20.72 -25.08 -5.94
CA LYS C 589 -21.11 -24.22 -4.82
C LYS C 589 -22.62 -24.22 -4.61
N VAL C 590 -23.39 -24.12 -5.70
CA VAL C 590 -24.84 -24.10 -5.58
C VAL C 590 -25.33 -25.36 -4.90
N ILE C 591 -24.77 -26.51 -5.26
CA ILE C 591 -25.18 -27.76 -4.65
C ILE C 591 -24.74 -27.83 -3.20
N TRP C 592 -23.52 -27.35 -2.91
CA TRP C 592 -23.02 -27.38 -1.55
C TRP C 592 -23.91 -26.57 -0.62
N GLU C 593 -24.54 -25.51 -1.13
CA GLU C 593 -25.42 -24.71 -0.27
C GLU C 593 -26.54 -25.53 0.34
N GLN C 594 -26.89 -26.67 -0.26
CA GLN C 594 -28.01 -27.48 0.23
C GLN C 594 -27.58 -28.58 1.21
N THR C 595 -26.34 -29.03 1.15
CA THR C 595 -25.91 -30.14 2.00
C THR C 595 -26.00 -29.76 3.48
N ARG C 596 -26.39 -30.73 4.30
CA ARG C 596 -26.46 -30.49 5.73
C ARG C 596 -25.07 -30.44 6.37
N GLY C 597 -24.15 -31.29 5.93
CA GLY C 597 -22.80 -31.29 6.42
C GLY C 597 -21.93 -30.28 5.69
N CYS C 598 -22.15 -29.00 5.97
CA CYS C 598 -21.50 -27.94 5.20
C CYS C 598 -19.98 -28.06 5.25
N THR C 599 -19.40 -27.89 6.45
CA THR C 599 -17.95 -27.92 6.57
C THR C 599 -17.40 -29.30 6.24
N LEU C 600 -18.08 -30.35 6.69
CA LEU C 600 -17.63 -31.70 6.38
C LEU C 600 -17.65 -31.95 4.88
N ALA C 601 -18.71 -31.50 4.20
CA ALA C 601 -18.78 -31.66 2.75
C ALA C 601 -17.67 -30.88 2.06
N ALA C 602 -17.39 -29.66 2.54
CA ALA C 602 -16.33 -28.86 1.93
C ALA C 602 -14.98 -29.55 2.08
N LEU C 603 -14.69 -30.06 3.28
CA LEU C 603 -13.42 -30.75 3.50
C LEU C 603 -13.31 -32.00 2.66
N GLY C 604 -14.41 -32.77 2.57
CA GLY C 604 -14.39 -33.96 1.73
C GLY C 604 -14.16 -33.63 0.26
N ALA C 605 -14.80 -32.57 -0.22
CA ALA C 605 -14.58 -32.15 -1.60
C ALA C 605 -13.14 -31.73 -1.82
N SER C 606 -12.56 -31.00 -0.86
CA SER C 606 -11.15 -30.60 -0.98
C SER C 606 -10.25 -31.82 -1.03
N LYS C 607 -10.51 -32.81 -0.18
CA LYS C 607 -9.69 -34.03 -0.19
C LYS C 607 -9.84 -34.76 -1.52
N LEU C 608 -11.07 -34.86 -2.03
CA LEU C 608 -11.27 -35.52 -3.31
C LEU C 608 -10.52 -34.80 -4.43
N LEU C 609 -10.59 -33.47 -4.45
CA LEU C 609 -9.90 -32.71 -5.48
C LEU C 609 -8.39 -32.92 -5.39
N LYS C 610 -7.85 -32.92 -4.17
CA LYS C 610 -6.41 -33.13 -4.01
C LYS C 610 -6.01 -34.54 -4.46
N SER C 611 -6.82 -35.54 -4.11
CA SER C 611 -6.52 -36.90 -4.54
C SER C 611 -6.54 -37.02 -6.06
N MET C 612 -7.52 -36.39 -6.70
CA MET C 612 -7.56 -36.38 -8.16
C MET C 612 -6.35 -35.67 -8.73
N ALA C 613 -5.94 -34.55 -8.10
CA ALA C 613 -4.78 -33.81 -8.58
C ALA C 613 -3.50 -34.62 -8.43
N LYS C 614 -3.46 -35.54 -7.46
CA LYS C 614 -2.31 -36.44 -7.35
C LYS C 614 -2.07 -37.14 -8.69
N VAL C 615 -3.13 -37.67 -9.28
CA VAL C 615 -3.08 -38.20 -10.64
C VAL C 615 -3.00 -37.01 -11.59
N LYS C 616 -1.79 -36.72 -12.07
CA LYS C 616 -1.55 -35.55 -12.91
C LYS C 616 -1.31 -35.99 -14.34
N ASN C 617 -2.10 -35.45 -15.27
CA ASN C 617 -1.89 -35.64 -16.70
C ASN C 617 -1.95 -34.35 -17.49
N ASP C 618 -2.59 -33.30 -16.98
CA ASP C 618 -2.65 -31.99 -17.62
C ASP C 618 -2.33 -30.92 -16.59
N ILE C 619 -1.58 -29.90 -17.01
CA ILE C 619 -1.17 -28.85 -16.09
C ILE C 619 -2.39 -28.04 -15.64
N ASN C 620 -3.22 -27.62 -16.60
CA ASN C 620 -4.37 -26.79 -16.26
C ASN C 620 -5.36 -27.54 -15.39
N ALA C 621 -5.56 -28.84 -15.66
CA ALA C 621 -6.49 -29.62 -14.84
C ALA C 621 -6.05 -29.65 -13.39
N ALA C 622 -4.77 -29.95 -13.15
CA ALA C 622 -4.26 -30.00 -11.78
C ALA C 622 -4.33 -28.62 -11.13
N GLY C 623 -3.99 -27.58 -11.88
CA GLY C 623 -4.07 -26.23 -11.31
C GLY C 623 -5.48 -25.87 -10.88
N GLU C 624 -6.45 -26.15 -11.74
CA GLU C 624 -7.84 -25.86 -11.40
C GLU C 624 -8.29 -26.69 -10.21
N SER C 625 -7.90 -27.97 -10.17
CA SER C 625 -8.30 -28.84 -9.07
C SER C 625 -7.77 -28.30 -7.75
N GLU C 626 -6.48 -27.95 -7.69
CA GLU C 626 -5.91 -27.46 -6.45
C GLU C 626 -6.49 -26.09 -6.08
N GLU C 627 -6.75 -25.25 -7.07
CA GLU C 627 -7.36 -23.94 -6.78
C GLU C 627 -8.74 -24.11 -6.15
N LEU C 628 -9.56 -24.98 -6.74
CA LEU C 628 -10.89 -25.22 -6.19
C LEU C 628 -10.82 -25.84 -4.80
N ALA C 629 -9.87 -26.77 -4.59
CA ALA C 629 -9.70 -27.35 -3.26
C ALA C 629 -9.35 -26.28 -2.24
N ASN C 630 -8.44 -25.37 -2.60
CA ASN C 630 -8.07 -24.30 -1.69
C ASN C 630 -9.26 -23.37 -1.41
N GLU C 631 -10.06 -23.08 -2.44
CA GLU C 631 -11.23 -22.24 -2.24
C GLU C 631 -12.21 -22.89 -1.27
N TYR C 632 -12.45 -24.19 -1.43
CA TYR C 632 -13.35 -24.89 -0.51
C TYR C 632 -12.77 -24.91 0.90
N GLU C 633 -11.45 -25.07 1.02
CA GLU C 633 -10.82 -24.99 2.33
C GLU C 633 -11.08 -23.65 2.99
N THR C 634 -10.89 -22.56 2.24
CA THR C 634 -11.10 -21.23 2.81
C THR C 634 -12.56 -21.02 3.21
N ARG C 635 -13.49 -21.51 2.38
CA ARG C 635 -14.89 -21.41 2.73
C ARG C 635 -15.20 -22.16 4.03
N ALA C 636 -14.65 -23.36 4.17
CA ALA C 636 -14.85 -24.12 5.40
C ALA C 636 -14.26 -23.40 6.59
N VAL C 637 -13.09 -22.77 6.41
CA VAL C 637 -12.47 -22.03 7.51
C VAL C 637 -13.35 -20.88 7.95
N GLU C 638 -13.91 -20.13 6.99
CA GLU C 638 -14.79 -19.02 7.35
C GLU C 638 -16.04 -19.53 8.08
N LEU C 639 -16.63 -20.60 7.56
CA LEU C 639 -17.83 -21.15 8.19
C LEU C 639 -17.53 -21.59 9.61
N PHE C 640 -16.38 -22.23 9.83
CA PHE C 640 -16.03 -22.65 11.18
C PHE C 640 -15.70 -21.47 12.09
N THR C 641 -15.12 -20.40 11.53
CA THR C 641 -14.92 -19.20 12.34
C THR C 641 -16.25 -18.70 12.87
N GLU C 642 -17.26 -18.62 12.00
CA GLU C 642 -18.58 -18.20 12.46
C GLU C 642 -19.15 -19.18 13.48
N CYS C 643 -18.99 -20.48 13.24
CA CYS C 643 -19.50 -21.47 14.16
C CYS C 643 -18.89 -21.30 15.55
N TYR C 644 -17.57 -21.15 15.62
CA TYR C 644 -16.90 -21.00 16.90
C TYR C 644 -17.30 -19.70 17.58
N SER C 645 -17.42 -18.61 16.81
CA SER C 645 -17.81 -17.34 17.41
C SER C 645 -19.20 -17.41 18.01
N ASN C 646 -20.15 -18.03 17.32
CA ASN C 646 -21.51 -18.09 17.85
C ASN C 646 -21.59 -18.94 19.11
N ASP C 647 -20.92 -20.10 19.11
CA ASP C 647 -20.99 -21.01 20.25
C ASP C 647 -19.67 -21.77 20.33
N GLU C 648 -18.81 -21.34 21.25
CA GLU C 648 -17.50 -21.96 21.39
C GLU C 648 -17.62 -23.37 21.97
N ASP C 649 -18.48 -23.55 22.96
CA ASP C 649 -18.55 -24.84 23.66
C ASP C 649 -18.99 -25.95 22.72
N LEU C 650 -19.97 -25.70 21.86
CA LEU C 650 -20.55 -26.74 21.03
C LEU C 650 -19.97 -26.80 19.62
N ALA C 651 -19.23 -25.77 19.20
CA ALA C 651 -18.57 -25.84 17.90
C ALA C 651 -17.58 -26.99 17.85
N GLU C 652 -16.98 -27.34 18.99
CA GLU C 652 -16.06 -28.48 19.04
C GLU C 652 -16.79 -29.78 18.79
N GLN C 653 -18.07 -29.86 19.17
CA GLN C 653 -18.84 -31.07 18.93
C GLN C 653 -18.94 -31.37 17.43
N LEU C 654 -18.99 -30.33 16.60
CA LEU C 654 -19.00 -30.57 15.15
C LEU C 654 -17.74 -31.29 14.72
N LEU C 655 -16.58 -30.87 15.22
CA LEU C 655 -15.34 -31.56 14.89
C LEU C 655 -15.38 -33.00 15.41
N THR C 656 -15.84 -33.19 16.64
CA THR C 656 -15.92 -34.54 17.19
C THR C 656 -17.06 -35.34 16.59
N TYR C 657 -18.08 -34.69 16.04
CA TYR C 657 -19.23 -35.41 15.51
C TYR C 657 -18.80 -36.29 14.34
N SER C 658 -19.44 -37.44 14.22
CA SER C 658 -19.08 -38.43 13.22
C SER C 658 -19.62 -38.01 11.85
N CYS C 659 -19.50 -38.91 10.87
CA CYS C 659 -19.91 -38.59 9.52
C CYS C 659 -21.43 -38.58 9.36
N GLU C 660 -22.11 -39.53 10.00
CA GLU C 660 -23.52 -39.82 9.72
C GLU C 660 -23.66 -40.36 8.30
N ALA C 661 -22.86 -41.38 7.98
CA ALA C 661 -22.82 -42.10 6.71
C ALA C 661 -22.10 -41.32 5.63
N TRP C 662 -21.60 -40.11 5.90
CA TRP C 662 -20.93 -39.34 4.85
C TRP C 662 -19.65 -40.03 4.40
N GLY C 663 -18.86 -40.53 5.34
CA GLY C 663 -17.58 -41.13 5.01
C GLY C 663 -16.97 -41.77 6.23
N GLY C 664 -15.84 -42.44 6.01
CA GLY C 664 -15.20 -43.18 7.09
C GLY C 664 -14.76 -42.29 8.23
N SER C 665 -14.19 -41.13 7.92
CA SER C 665 -13.61 -40.25 8.93
C SER C 665 -14.54 -39.08 9.21
N ASN C 666 -14.22 -38.36 10.28
CA ASN C 666 -14.99 -37.20 10.71
C ASN C 666 -14.32 -35.93 10.17
N CYS C 667 -14.78 -34.77 10.64
CA CYS C 667 -14.31 -33.50 10.10
C CYS C 667 -12.82 -33.33 10.33
N LEU C 668 -12.36 -33.53 11.57
CA LEU C 668 -10.96 -33.24 11.91
C LEU C 668 -10.02 -34.21 11.22
N GLU C 669 -10.34 -35.51 11.26
CA GLU C 669 -9.53 -36.50 10.55
C GLU C 669 -9.51 -36.21 9.05
N LEU C 670 -10.66 -35.84 8.48
CA LEU C 670 -10.71 -35.53 7.05
C LEU C 670 -9.81 -34.35 6.73
N ALA C 671 -9.83 -33.31 7.57
CA ALA C 671 -8.93 -32.18 7.36
C ALA C 671 -7.47 -32.61 7.44
N VAL C 672 -7.16 -33.47 8.41
CA VAL C 672 -5.78 -33.93 8.58
C VAL C 672 -5.31 -34.70 7.35
N GLU C 673 -6.16 -35.58 6.82
CA GLU C 673 -5.75 -36.42 5.70
C GLU C 673 -5.38 -35.59 4.48
N ALA C 674 -6.10 -34.49 4.25
CA ALA C 674 -5.83 -33.61 3.12
C ALA C 674 -4.75 -32.59 3.40
N ARG C 675 -4.13 -32.63 4.58
CA ARG C 675 -3.04 -31.71 4.92
C ARG C 675 -3.55 -30.27 4.90
N ASP C 676 -4.58 -30.00 5.69
CA ASP C 676 -5.24 -28.70 5.70
C ASP C 676 -4.60 -27.85 6.79
N GLN C 677 -3.42 -27.31 6.47
CA GLN C 677 -2.69 -26.51 7.45
C GLN C 677 -3.47 -25.26 7.84
N GLN C 678 -4.16 -24.65 6.88
CA GLN C 678 -4.94 -23.46 7.18
C GLN C 678 -6.04 -23.75 8.19
N PHE C 679 -6.73 -24.89 8.03
CA PHE C 679 -7.88 -25.18 8.86
C PHE C 679 -7.47 -25.49 10.31
N ILE C 680 -6.40 -26.27 10.49
CA ILE C 680 -5.98 -26.63 11.84
C ILE C 680 -5.20 -25.52 12.52
N ALA C 681 -4.70 -24.55 11.76
CA ALA C 681 -3.90 -23.47 12.31
C ALA C 681 -4.72 -22.32 12.86
N GLN C 682 -6.05 -22.36 12.72
CA GLN C 682 -6.88 -21.27 13.20
C GLN C 682 -7.00 -21.31 14.72
N PRO C 683 -7.34 -20.19 15.35
CA PRO C 683 -7.36 -20.15 16.82
C PRO C 683 -8.28 -21.19 17.46
N GLY C 684 -9.42 -21.46 16.85
CA GLY C 684 -10.39 -22.35 17.48
C GLY C 684 -9.87 -23.77 17.65
N VAL C 685 -9.28 -24.31 16.59
CA VAL C 685 -8.81 -25.69 16.64
C VAL C 685 -7.63 -25.81 17.59
N GLN C 686 -6.72 -24.82 17.57
CA GLN C 686 -5.59 -24.84 18.50
C GLN C 686 -6.08 -24.75 19.95
N ASN C 687 -7.07 -23.90 20.21
CA ASN C 687 -7.61 -23.81 21.56
C ASN C 687 -8.25 -25.12 21.98
N PHE C 688 -8.98 -25.77 21.09
CA PHE C 688 -9.57 -27.06 21.41
C PHE C 688 -8.50 -28.10 21.71
N LEU C 689 -7.44 -28.13 20.91
CA LEU C 689 -6.36 -29.07 21.13
C LEU C 689 -5.68 -28.83 22.47
N SER C 690 -5.43 -27.56 22.80
CA SER C 690 -4.82 -27.25 24.10
C SER C 690 -5.72 -27.67 25.24
N LYS C 691 -7.02 -27.38 25.13
CA LYS C 691 -7.96 -27.74 26.19
C LYS C 691 -8.03 -29.24 26.37
N GLN C 692 -7.97 -30.00 25.27
CA GLN C 692 -7.97 -31.45 25.37
C GLN C 692 -6.67 -31.97 25.98
N TRP C 693 -5.53 -31.44 25.53
CA TRP C 693 -4.25 -31.94 26.02
C TRP C 693 -4.08 -31.66 27.51
N TYR C 694 -4.46 -30.47 27.97
CA TYR C 694 -4.40 -30.18 29.39
C TYR C 694 -5.34 -31.08 30.19
N GLY C 695 -6.31 -31.69 29.53
CA GLY C 695 -7.18 -32.64 30.20
C GLY C 695 -8.14 -31.97 31.17
N GLU C 696 -8.60 -32.77 32.14
CA GLU C 696 -9.54 -32.28 33.14
C GLU C 696 -8.94 -31.15 33.98
N ILE C 697 -7.61 -31.04 34.03
CA ILE C 697 -6.99 -29.97 34.79
C ILE C 697 -7.49 -28.64 34.26
N SER C 698 -7.76 -27.71 35.18
CA SER C 698 -8.16 -26.37 34.78
C SER C 698 -7.09 -25.76 33.91
N ARG C 699 -7.50 -25.22 32.77
CA ARG C 699 -6.55 -24.76 31.77
C ARG C 699 -5.87 -23.46 32.22
N ASP C 700 -4.56 -23.40 32.02
CA ASP C 700 -3.78 -22.18 32.22
C ASP C 700 -3.78 -21.77 33.70
N THR C 701 -3.89 -22.74 34.61
CA THR C 701 -3.66 -22.45 36.02
C THR C 701 -2.25 -21.93 36.23
N LYS C 702 -1.26 -22.81 36.07
CA LYS C 702 0.15 -22.44 36.02
C LYS C 702 0.94 -23.66 35.59
N ASN C 703 1.97 -23.47 34.77
CA ASN C 703 2.74 -24.60 34.28
C ASN C 703 3.54 -25.26 35.40
N TRP C 704 4.12 -24.45 36.28
CA TRP C 704 5.00 -25.00 37.32
C TRP C 704 4.23 -25.69 38.43
N LYS C 705 2.99 -25.27 38.70
CA LYS C 705 2.22 -25.92 39.76
C LYS C 705 1.95 -27.38 39.44
N ILE C 706 1.63 -27.67 38.17
CA ILE C 706 1.37 -29.05 37.78
C ILE C 706 2.62 -29.89 37.96
N ILE C 707 3.78 -29.35 37.59
CA ILE C 707 5.04 -30.08 37.77
C ILE C 707 5.28 -30.32 39.25
N MET C 708 5.04 -29.32 40.09
CA MET C 708 5.24 -29.50 41.52
C MET C 708 4.33 -30.57 42.08
N CYS C 709 3.08 -30.63 41.60
CA CYS C 709 2.14 -31.62 42.10
C CYS C 709 2.67 -33.04 41.90
N LEU C 710 3.48 -33.26 40.87
CA LEU C 710 4.08 -34.56 40.63
C LEU C 710 5.02 -34.94 41.78
N LEU C 736 -12.90 -39.54 40.95
CA LEU C 736 -12.20 -38.96 42.09
C LEU C 736 -11.37 -37.75 41.66
N TYR C 737 -11.01 -36.90 42.63
CA TYR C 737 -10.23 -35.71 42.31
C TYR C 737 -8.86 -36.07 41.77
N TYR C 738 -8.21 -37.07 42.36
CA TYR C 738 -6.86 -37.43 41.94
C TYR C 738 -6.86 -38.08 40.56
N VAL C 739 -7.90 -38.86 40.25
CA VAL C 739 -7.93 -39.59 38.98
C VAL C 739 -7.95 -38.62 37.81
N SER C 740 -8.73 -37.55 37.91
CA SER C 740 -8.79 -36.58 36.83
C SER C 740 -7.41 -35.97 36.56
N PHE C 741 -6.69 -35.63 37.63
CA PHE C 741 -5.35 -35.08 37.46
C PHE C 741 -4.41 -36.10 36.85
N PHE C 742 -4.49 -37.36 37.29
CA PHE C 742 -3.54 -38.38 36.88
C PHE C 742 -3.84 -38.95 35.50
N THR C 743 -4.98 -38.63 34.91
CA THR C 743 -5.35 -39.14 33.59
C THR C 743 -5.13 -38.12 32.48
N SER C 744 -4.63 -36.93 32.80
CA SER C 744 -4.43 -35.92 31.77
C SER C 744 -3.23 -36.29 30.90
N PRO C 745 -3.29 -36.02 29.60
CA PRO C 745 -2.13 -36.30 28.74
C PRO C 745 -0.88 -35.55 29.18
N PHE C 746 -1.02 -34.35 29.74
CA PHE C 746 0.14 -33.59 30.21
C PHE C 746 0.92 -34.39 31.24
N VAL C 747 0.22 -34.94 32.23
CA VAL C 747 0.89 -35.69 33.29
C VAL C 747 1.52 -36.96 32.74
N VAL C 748 0.84 -37.64 31.82
CA VAL C 748 1.38 -38.86 31.24
C VAL C 748 2.66 -38.54 30.48
N PHE C 749 2.66 -37.45 29.71
CA PHE C 749 3.86 -37.05 28.98
C PHE C 749 4.99 -36.71 29.95
N SER C 750 4.67 -36.04 31.05
CA SER C 750 5.69 -35.73 32.04
C SER C 750 6.29 -36.99 32.63
N TRP C 751 5.44 -37.96 32.99
CA TRP C 751 5.93 -39.23 33.53
C TRP C 751 6.81 -39.95 32.52
N ASN C 752 6.40 -39.97 31.25
CA ASN C 752 7.20 -40.64 30.23
C ASN C 752 8.55 -39.97 30.07
N VAL C 753 8.58 -38.64 30.08
CA VAL C 753 9.85 -37.92 29.97
C VAL C 753 10.76 -38.24 31.15
N ILE C 754 10.20 -38.25 32.36
CA ILE C 754 10.99 -38.57 33.54
C ILE C 754 11.54 -39.98 33.44
N PHE C 755 10.70 -40.93 33.02
CA PHE C 755 11.14 -42.31 32.90
C PHE C 755 12.25 -42.45 31.87
N TYR C 756 12.13 -41.74 30.75
CA TYR C 756 13.15 -41.80 29.71
C TYR C 756 14.47 -41.22 30.21
N ILE C 757 14.41 -40.11 30.96
CA ILE C 757 15.63 -39.53 31.51
C ILE C 757 16.29 -40.48 32.50
N ALA C 758 15.48 -41.10 33.37
CA ALA C 758 16.03 -42.07 34.30
C ALA C 758 16.65 -43.25 33.56
N PHE C 759 16.01 -43.68 32.47
CA PHE C 759 16.56 -44.76 31.67
C PHE C 759 17.90 -44.36 31.07
N LEU C 760 18.02 -43.13 30.59
CA LEU C 760 19.30 -42.67 30.05
C LEU C 760 20.37 -42.66 31.13
N LEU C 761 20.02 -42.18 32.33
CA LEU C 761 20.98 -42.17 33.42
C LEU C 761 21.45 -43.58 33.76
N LEU C 762 20.51 -44.51 33.84
CA LEU C 762 20.84 -45.90 34.15
C LEU C 762 21.73 -46.50 33.06
N PHE C 763 21.38 -46.22 31.80
CA PHE C 763 22.18 -46.73 30.69
C PHE C 763 23.60 -46.20 30.76
N ALA C 764 23.76 -44.91 31.03
CA ALA C 764 25.10 -44.34 31.13
C ALA C 764 25.88 -44.96 32.28
N TYR C 765 25.23 -45.11 33.44
CA TYR C 765 25.94 -45.69 34.58
C TYR C 765 26.39 -47.12 34.27
N VAL C 766 25.52 -47.92 33.65
CA VAL C 766 25.91 -49.29 33.32
C VAL C 766 27.01 -49.29 32.27
N LEU C 767 26.98 -48.33 31.35
CA LEU C 767 27.94 -48.34 30.25
C LEU C 767 29.32 -47.93 30.71
N LEU C 768 29.41 -46.96 31.61
CA LEU C 768 30.71 -46.40 32.00
C LEU C 768 31.26 -47.05 33.26
N MET C 769 30.52 -46.97 34.36
CA MET C 769 31.06 -47.38 35.67
C MET C 769 31.02 -48.90 35.84
N ASP C 770 29.92 -49.55 35.47
CA ASP C 770 29.69 -50.95 35.77
C ASP C 770 29.34 -51.68 34.47
N PHE C 771 30.36 -52.16 33.78
CA PHE C 771 30.20 -53.01 32.59
C PHE C 771 31.17 -54.18 32.76
N GLN C 772 30.70 -55.24 33.39
CA GLN C 772 31.54 -56.39 33.70
C GLN C 772 31.39 -57.46 32.62
N LYS C 773 32.23 -58.50 32.73
CA LYS C 773 32.22 -59.56 31.73
C LYS C 773 30.88 -60.29 31.70
N GLU C 774 30.32 -60.60 32.87
CA GLU C 774 29.06 -61.32 32.94
C GLU C 774 27.92 -60.35 33.20
N PRO C 775 26.83 -60.41 32.44
CA PRO C 775 25.74 -59.44 32.64
C PRO C 775 25.29 -59.39 34.09
N THR C 776 25.17 -58.17 34.61
CA THR C 776 24.66 -57.94 35.95
C THR C 776 23.16 -57.67 35.90
N ALA C 777 22.51 -57.86 37.06
CA ALA C 777 21.06 -57.72 37.12
C ALA C 777 20.60 -56.33 36.67
N LEU C 778 21.42 -55.30 36.94
CA LEU C 778 21.06 -53.95 36.54
C LEU C 778 20.97 -53.84 35.02
N GLU C 779 21.90 -54.47 34.31
CA GLU C 779 21.82 -54.48 32.85
C GLU C 779 20.62 -55.28 32.36
N ILE C 780 20.22 -56.31 33.12
CA ILE C 780 18.99 -57.04 32.77
C ILE C 780 17.78 -56.13 32.89
N ILE C 781 17.74 -55.31 33.95
CA ILE C 781 16.66 -54.35 34.11
C ILE C 781 16.66 -53.37 32.94
N LEU C 782 17.86 -52.96 32.51
CA LEU C 782 17.94 -52.08 31.35
C LEU C 782 17.36 -52.74 30.11
N TYR C 783 17.67 -54.01 29.89
CA TYR C 783 17.08 -54.75 28.77
C TYR C 783 15.56 -54.75 28.87
N VAL C 784 15.04 -54.99 30.07
CA VAL C 784 13.60 -55.03 30.27
C VAL C 784 12.98 -53.69 29.92
N LEU C 785 13.62 -52.59 30.36
CA LEU C 785 13.08 -51.27 30.05
C LEU C 785 13.07 -51.00 28.55
N VAL C 786 14.14 -51.37 27.86
CA VAL C 786 14.20 -51.12 26.43
C VAL C 786 13.13 -51.94 25.71
N PHE C 787 12.92 -53.18 26.13
CA PHE C 787 11.88 -53.99 25.51
C PHE C 787 10.49 -53.47 25.87
N VAL C 788 10.34 -52.84 27.03
CA VAL C 788 9.08 -52.17 27.36
C VAL C 788 8.83 -51.01 26.39
N LEU C 789 9.87 -50.24 26.09
CA LEU C 789 9.71 -49.18 25.10
C LEU C 789 9.36 -49.75 23.73
N LEU C 790 9.95 -50.90 23.39
CA LEU C 790 9.58 -51.56 22.13
C LEU C 790 8.10 -51.96 22.14
N CYS C 791 7.63 -52.51 23.25
CA CYS C 791 6.20 -52.84 23.36
C CYS C 791 5.34 -51.60 23.21
N ASP C 792 5.79 -50.48 23.78
CA ASP C 792 5.03 -49.23 23.64
C ASP C 792 4.96 -48.82 22.16
N GLU C 793 6.09 -48.93 21.45
CA GLU C 793 6.11 -48.62 20.02
C GLU C 793 5.28 -49.61 19.21
N TRP C 794 5.05 -50.82 19.73
CA TRP C 794 4.20 -51.77 19.03
C TRP C 794 2.80 -51.18 18.81
N TYR C 795 2.33 -50.36 19.75
CA TYR C 795 1.03 -49.73 19.58
C TYR C 795 1.03 -48.78 18.38
N MET C 796 2.09 -47.96 18.25
CA MET C 796 2.16 -47.03 17.14
C MET C 796 2.52 -47.71 15.83
N ASN C 797 2.97 -48.97 15.87
CA ASN C 797 3.26 -49.68 14.62
C ASN C 797 2.05 -49.74 13.69
N GLY C 798 0.84 -49.64 14.24
CA GLY C 798 -0.35 -49.74 13.40
C GLY C 798 -0.40 -48.69 12.32
N SER C 799 0.06 -47.48 12.62
CA SER C 799 0.03 -46.39 11.66
C SER C 799 1.16 -46.50 10.66
N LYS C 800 1.37 -45.47 9.84
CA LYS C 800 2.43 -45.47 8.83
C LYS C 800 3.77 -45.43 9.57
N TYR C 801 4.17 -46.62 10.05
CA TYR C 801 5.36 -46.70 10.89
C TYR C 801 6.61 -46.29 10.13
N PHE C 802 6.75 -46.74 8.89
CA PHE C 802 7.93 -46.42 8.10
C PHE C 802 7.81 -45.12 7.33
N SER C 803 6.66 -44.44 7.43
CA SER C 803 6.51 -43.17 6.72
C SER C 803 7.42 -42.09 7.30
N ASP C 804 7.57 -42.06 8.62
CA ASP C 804 8.32 -41.02 9.31
C ASP C 804 9.72 -41.49 9.64
N LEU C 805 10.64 -40.52 9.78
CA LEU C 805 12.05 -40.83 9.99
C LEU C 805 12.31 -41.30 11.43
N TRP C 806 11.68 -40.66 12.41
CA TRP C 806 11.95 -41.01 13.80
C TRP C 806 11.56 -42.46 14.09
N ASN C 807 10.49 -42.95 13.47
CA ASN C 807 10.08 -44.33 13.70
C ASN C 807 11.13 -45.31 13.20
N VAL C 808 11.61 -45.11 11.96
CA VAL C 808 12.64 -45.98 11.42
C VAL C 808 13.91 -45.87 12.26
N MET C 809 14.19 -44.68 12.77
CA MET C 809 15.37 -44.51 13.62
C MET C 809 15.24 -45.32 14.91
N ASP C 810 14.05 -45.34 15.51
CA ASP C 810 13.87 -46.12 16.74
C ASP C 810 13.98 -47.61 16.44
N THR C 811 13.44 -48.06 15.30
CA THR C 811 13.61 -49.47 14.93
C THR C 811 15.08 -49.81 14.76
N LEU C 812 15.83 -48.91 14.13
CA LEU C 812 17.27 -49.12 13.96
C LEU C 812 17.97 -49.23 15.31
N ALA C 813 17.59 -48.35 16.26
CA ALA C 813 18.20 -48.38 17.58
C ALA C 813 17.91 -49.71 18.28
N ILE C 814 16.67 -50.20 18.18
CA ILE C 814 16.31 -51.47 18.81
C ILE C 814 17.13 -52.61 18.20
N PHE C 815 17.25 -52.62 16.88
CA PHE C 815 18.02 -53.65 16.21
C PHE C 815 19.48 -53.62 16.67
N TYR C 816 20.06 -52.43 16.75
CA TYR C 816 21.44 -52.31 17.21
C TYR C 816 21.58 -52.81 18.65
N PHE C 817 20.59 -52.51 19.49
CA PHE C 817 20.66 -52.96 20.88
C PHE C 817 20.68 -54.49 20.94
N ILE C 818 19.81 -55.15 20.17
CA ILE C 818 19.76 -56.60 20.24
C ILE C 818 21.04 -57.22 19.67
N ALA C 819 21.58 -56.63 18.61
CA ALA C 819 22.86 -57.12 18.09
C ALA C 819 23.96 -56.97 19.13
N GLY C 820 23.98 -55.83 19.83
CA GLY C 820 24.94 -55.64 20.89
C GLY C 820 24.79 -56.65 22.00
N ILE C 821 23.55 -57.03 22.30
CA ILE C 821 23.33 -58.11 23.27
C ILE C 821 23.96 -59.39 22.79
N VAL C 822 23.76 -59.72 21.51
CA VAL C 822 24.32 -60.96 20.96
C VAL C 822 25.84 -60.97 21.15
N PHE C 823 26.50 -59.86 20.83
CA PHE C 823 27.93 -59.79 21.08
C PHE C 823 28.25 -59.85 22.57
N ARG C 824 27.41 -59.24 23.40
CA ARG C 824 27.67 -59.19 24.83
C ARG C 824 27.72 -60.59 25.43
N LEU C 825 26.85 -61.48 24.98
CA LEU C 825 26.71 -62.78 25.63
C LEU C 825 27.73 -63.81 25.16
N HIS C 826 28.59 -63.48 24.20
CA HIS C 826 29.58 -64.45 23.72
C HIS C 826 30.65 -64.75 24.76
N SER C 827 30.92 -63.83 25.69
CA SER C 827 31.88 -64.02 26.77
C SER C 827 33.32 -64.01 26.29
N ASP C 828 33.59 -63.40 25.13
CA ASP C 828 34.95 -63.24 24.62
C ASP C 828 35.32 -61.77 24.65
N GLU C 829 36.57 -61.49 25.01
CA GLU C 829 37.02 -60.11 25.16
C GLU C 829 36.79 -59.32 23.88
N SER C 830 37.29 -59.83 22.76
CA SER C 830 37.16 -59.14 21.48
C SER C 830 35.69 -59.00 21.07
N SER C 831 34.80 -59.85 21.59
CA SER C 831 33.40 -59.80 21.25
C SER C 831 32.61 -58.86 22.15
N TRP C 832 32.79 -58.97 23.47
CA TRP C 832 32.03 -58.10 24.36
C TRP C 832 32.55 -56.68 24.35
N TYR C 833 33.82 -56.46 23.97
CA TYR C 833 34.26 -55.10 23.73
C TYR C 833 33.51 -54.46 22.56
N SER C 834 33.34 -55.22 21.47
CA SER C 834 32.56 -54.73 20.35
C SER C 834 31.10 -54.53 20.75
N GLY C 835 30.59 -55.38 21.64
CA GLY C 835 29.25 -55.16 22.16
C GLY C 835 29.13 -53.86 22.93
N ARG C 836 30.14 -53.56 23.75
CA ARG C 836 30.16 -52.28 24.46
C ARG C 836 30.19 -51.11 23.48
N VAL C 837 30.98 -51.24 22.42
CA VAL C 837 31.02 -50.19 21.40
C VAL C 837 29.64 -50.03 20.75
N ILE C 838 28.97 -51.15 20.48
CA ILE C 838 27.63 -51.11 19.89
C ILE C 838 26.69 -50.35 20.82
N PHE C 839 26.74 -50.65 22.11
CA PHE C 839 25.88 -49.95 23.07
C PHE C 839 26.20 -48.46 23.10
N CYS C 840 27.49 -48.11 23.05
CA CYS C 840 27.87 -46.70 23.04
C CYS C 840 27.28 -46.00 21.83
N LEU C 841 27.33 -46.63 20.65
CA LEU C 841 26.76 -46.01 19.47
C LEU C 841 25.24 -45.90 19.58
N ASP C 842 24.58 -46.91 20.16
CA ASP C 842 23.13 -46.86 20.32
C ASP C 842 22.71 -45.75 21.26
N TYR C 843 23.53 -45.49 22.29
CA TYR C 843 23.21 -44.44 23.25
C TYR C 843 23.02 -43.10 22.58
N ILE C 844 23.76 -42.85 21.48
CA ILE C 844 23.64 -41.57 20.79
C ILE C 844 22.22 -41.38 20.26
N VAL C 845 21.69 -42.40 19.60
CA VAL C 845 20.32 -42.32 19.08
C VAL C 845 19.33 -42.21 20.22
N PHE C 846 19.51 -43.02 21.27
CA PHE C 846 18.57 -42.99 22.38
C PHE C 846 18.52 -41.61 23.01
N THR C 847 19.67 -40.92 23.07
CA THR C 847 19.69 -39.57 23.63
C THR C 847 19.10 -38.56 22.65
N LEU C 848 19.41 -38.70 21.36
CA LEU C 848 18.92 -37.74 20.37
C LEU C 848 17.43 -37.82 20.17
N ARG C 849 16.78 -38.89 20.64
CA ARG C 849 15.31 -38.92 20.58
C ARG C 849 14.66 -37.77 21.34
N LEU C 850 15.40 -37.15 22.27
CA LEU C 850 14.83 -36.04 23.04
C LEU C 850 14.43 -34.87 22.14
N ILE C 851 15.15 -34.67 21.04
CA ILE C 851 14.80 -33.59 20.12
C ILE C 851 13.40 -33.79 19.58
N HIS C 852 13.09 -35.01 19.16
CA HIS C 852 11.74 -35.31 18.71
C HIS C 852 10.74 -35.20 19.85
N ILE C 853 11.14 -35.66 21.04
CA ILE C 853 10.21 -35.67 22.16
C ILE C 853 9.77 -34.25 22.50
N PHE C 854 10.69 -33.30 22.45
CA PHE C 854 10.43 -31.93 22.93
C PHE C 854 9.93 -31.00 21.84
N THR C 855 9.22 -31.52 20.84
CA THR C 855 8.63 -30.66 19.81
C THR C 855 7.34 -29.98 20.27
N VAL C 856 6.84 -30.31 21.46
CA VAL C 856 5.62 -29.72 21.98
C VAL C 856 5.90 -28.63 23.01
N SER C 857 7.12 -28.09 23.03
CA SER C 857 7.50 -27.15 24.08
C SER C 857 6.71 -25.85 23.99
N ARG C 858 6.28 -25.46 22.80
CA ARG C 858 5.66 -24.17 22.49
C ARG C 858 6.71 -23.06 22.41
N ASN C 859 7.96 -23.34 22.74
CA ASN C 859 9.02 -22.34 22.69
C ASN C 859 10.20 -22.87 21.88
N LEU C 860 10.39 -24.18 21.90
CA LEU C 860 11.47 -24.83 21.17
C LEU C 860 11.01 -25.54 19.91
N GLY C 861 9.75 -25.95 19.85
CA GLY C 861 9.25 -26.75 18.74
C GLY C 861 9.39 -26.06 17.40
N PRO C 862 8.95 -24.80 17.32
CA PRO C 862 9.11 -24.08 16.04
C PRO C 862 10.55 -23.97 15.60
N LYS C 863 11.46 -23.67 16.52
CA LYS C 863 12.87 -23.55 16.15
C LYS C 863 13.43 -24.89 15.69
N ILE C 864 13.05 -25.97 16.37
CA ILE C 864 13.51 -27.30 15.97
C ILE C 864 13.01 -27.64 14.58
N ILE C 865 11.74 -27.32 14.30
CA ILE C 865 11.18 -27.59 12.98
C ILE C 865 11.86 -26.76 11.91
N MET C 866 12.31 -25.55 12.27
CA MET C 866 12.97 -24.68 11.30
C MET C 866 14.21 -25.34 10.71
N LEU C 867 14.82 -26.27 11.44
CA LEU C 867 16.07 -26.86 10.99
C LEU C 867 15.92 -27.57 9.64
N GLN C 868 14.71 -28.03 9.33
CA GLN C 868 14.50 -28.76 8.07
C GLN C 868 14.72 -27.88 6.86
N ARG C 869 14.72 -26.55 7.03
CA ARG C 869 14.85 -25.63 5.91
C ARG C 869 16.28 -25.21 5.62
N MET C 870 17.23 -25.55 6.50
CA MET C 870 18.62 -25.16 6.33
C MET C 870 19.44 -26.22 5.60
N MET C 871 18.81 -27.33 5.21
CA MET C 871 19.56 -28.45 4.63
C MET C 871 20.20 -28.05 3.31
N ILE C 872 19.49 -27.26 2.49
CA ILE C 872 20.05 -26.86 1.20
C ILE C 872 21.30 -26.01 1.39
N ASP C 873 21.23 -25.04 2.31
CA ASP C 873 22.39 -24.20 2.58
C ASP C 873 23.55 -25.02 3.12
N VAL C 874 23.26 -25.95 4.04
CA VAL C 874 24.31 -26.81 4.58
C VAL C 874 24.94 -27.64 3.47
N PHE C 875 24.12 -28.15 2.55
CA PHE C 875 24.64 -28.97 1.46
C PHE C 875 25.53 -28.15 0.54
N PHE C 876 25.13 -26.92 0.23
CA PHE C 876 25.97 -26.06 -0.60
C PHE C 876 27.31 -25.78 0.09
N PHE C 877 27.26 -25.46 1.38
CA PHE C 877 28.48 -25.23 2.15
C PHE C 877 29.39 -26.45 2.09
N LEU C 878 28.82 -27.63 2.32
CA LEU C 878 29.63 -28.85 2.33
C LEU C 878 30.21 -29.15 0.95
N PHE C 879 29.43 -28.89 -0.11
CA PHE C 879 29.92 -29.13 -1.46
C PHE C 879 31.15 -28.26 -1.75
N LEU C 880 31.03 -26.96 -1.50
CA LEU C 880 32.17 -26.08 -1.74
C LEU C 880 33.37 -26.49 -0.87
N PHE C 881 33.11 -26.78 0.41
CA PHE C 881 34.20 -27.14 1.30
C PHE C 881 34.90 -28.40 0.83
N ALA C 882 34.15 -29.41 0.41
CA ALA C 882 34.76 -30.66 -0.03
C ALA C 882 35.57 -30.47 -1.28
N VAL C 883 35.05 -29.69 -2.24
CA VAL C 883 35.81 -29.44 -3.47
C VAL C 883 37.15 -28.78 -3.13
N TRP C 884 37.09 -27.74 -2.29
CA TRP C 884 38.32 -27.03 -1.94
C TRP C 884 39.28 -27.93 -1.19
N MET C 885 38.77 -28.74 -0.26
CA MET C 885 39.63 -29.66 0.49
C MET C 885 40.35 -30.61 -0.45
N VAL C 886 39.61 -31.24 -1.36
CA VAL C 886 40.22 -32.19 -2.28
C VAL C 886 41.31 -31.51 -3.09
N ALA C 887 40.98 -30.35 -3.68
CA ALA C 887 41.96 -29.67 -4.53
C ALA C 887 43.23 -29.33 -3.74
N PHE C 888 43.07 -28.65 -2.61
CA PHE C 888 44.23 -28.20 -1.85
C PHE C 888 45.05 -29.38 -1.33
N GLY C 889 44.38 -30.41 -0.81
CA GLY C 889 45.10 -31.54 -0.27
C GLY C 889 45.89 -32.27 -1.32
N VAL C 890 45.27 -32.54 -2.47
CA VAL C 890 45.99 -33.22 -3.54
C VAL C 890 47.18 -32.38 -3.99
N ALA C 891 46.97 -31.07 -4.18
CA ALA C 891 48.05 -30.21 -4.63
C ALA C 891 49.22 -30.25 -3.67
N ARG C 892 48.94 -30.04 -2.37
CA ARG C 892 50.02 -30.00 -1.39
C ARG C 892 50.73 -31.33 -1.30
N GLN C 893 49.97 -32.43 -1.21
CA GLN C 893 50.57 -33.75 -1.06
C GLN C 893 51.47 -34.07 -2.24
N GLY C 894 51.02 -33.77 -3.45
CA GLY C 894 51.88 -33.99 -4.61
C GLY C 894 53.09 -33.07 -4.62
N ILE C 895 52.92 -31.84 -4.14
CA ILE C 895 54.01 -30.88 -4.23
C ILE C 895 55.15 -31.27 -3.29
N LEU C 896 54.84 -31.57 -2.02
CA LEU C 896 55.87 -31.69 -0.99
C LEU C 896 56.03 -33.10 -0.45
N ARG C 897 55.70 -34.12 -1.24
CA ARG C 897 55.98 -35.49 -0.84
C ARG C 897 56.16 -36.35 -2.08
N LYS C 898 56.84 -37.48 -1.89
CA LYS C 898 57.08 -38.45 -2.94
C LYS C 898 55.95 -39.49 -2.92
N ASN C 899 56.14 -40.59 -3.65
CA ASN C 899 55.14 -41.63 -3.71
C ASN C 899 54.83 -42.17 -2.30
N GLU C 900 53.54 -42.26 -2.00
CA GLU C 900 53.05 -42.83 -0.75
C GLU C 900 52.37 -44.16 -1.07
N HIS C 901 52.70 -45.20 -0.30
CA HIS C 901 52.13 -46.52 -0.51
C HIS C 901 51.26 -46.97 0.66
N ARG C 902 50.84 -46.04 1.52
CA ARG C 902 49.97 -46.33 2.65
C ARG C 902 48.65 -45.59 2.42
N TRP C 903 47.58 -46.36 2.21
CA TRP C 903 46.31 -45.76 1.81
C TRP C 903 45.75 -44.85 2.89
N GLU C 904 45.86 -45.25 4.16
CA GLU C 904 45.26 -44.47 5.23
C GLU C 904 45.83 -43.07 5.28
N TRP C 905 47.15 -42.93 5.11
CA TRP C 905 47.77 -41.62 5.23
C TRP C 905 47.42 -40.72 4.04
N ILE C 906 47.09 -41.30 2.89
CA ILE C 906 46.64 -40.49 1.76
C ILE C 906 45.41 -39.69 2.16
N PHE C 907 44.40 -40.36 2.71
CA PHE C 907 43.19 -39.69 3.14
C PHE C 907 43.40 -38.88 4.42
N ARG C 908 44.37 -39.29 5.23
CA ARG C 908 44.67 -38.57 6.46
C ARG C 908 45.36 -37.23 6.21
N SER C 909 46.07 -37.10 5.08
CA SER C 909 46.75 -35.87 4.72
C SER C 909 46.07 -35.12 3.58
N VAL C 910 45.08 -35.72 2.92
CA VAL C 910 44.39 -35.06 1.81
C VAL C 910 43.05 -34.52 2.27
N ILE C 911 42.40 -35.22 3.19
CA ILE C 911 41.05 -34.89 3.63
C ILE C 911 41.04 -34.38 5.07
N TYR C 912 41.67 -35.11 5.99
CA TYR C 912 41.55 -34.80 7.41
C TYR C 912 42.19 -33.45 7.75
N GLU C 913 43.42 -33.22 7.31
CA GLU C 913 44.12 -31.99 7.68
C GLU C 913 43.43 -30.74 7.11
N PRO C 914 43.06 -30.70 5.83
CA PRO C 914 42.29 -29.54 5.36
C PRO C 914 40.98 -29.37 6.10
N TYR C 915 40.34 -30.47 6.52
CA TYR C 915 39.11 -30.36 7.28
C TYR C 915 39.37 -29.69 8.62
N LEU C 916 40.47 -30.05 9.30
CA LEU C 916 40.81 -29.40 10.55
C LEU C 916 41.22 -27.95 10.32
N ALA C 917 41.73 -27.63 9.13
CA ALA C 917 42.23 -26.29 8.89
C ALA C 917 41.18 -25.22 9.14
N MET C 918 39.90 -25.55 8.98
CA MET C 918 38.85 -24.57 9.23
C MET C 918 38.65 -24.29 10.71
N PHE C 919 39.04 -25.21 11.59
CA PHE C 919 38.88 -25.05 13.03
C PHE C 919 40.04 -24.29 13.65
N GLY C 920 40.78 -23.51 12.86
CA GLY C 920 41.87 -22.70 13.36
C GLY C 920 43.23 -23.36 13.33
N GLN C 921 43.30 -24.65 13.05
CA GLN C 921 44.59 -25.33 13.00
C GLN C 921 45.33 -24.95 11.73
N TYR C 922 46.60 -24.59 11.86
CA TYR C 922 47.41 -24.17 10.75
C TYR C 922 48.39 -25.26 10.36
N PRO C 923 48.48 -25.64 9.08
CA PRO C 923 49.44 -26.69 8.71
C PRO C 923 50.86 -26.31 9.08
N ASP C 924 51.63 -27.33 9.49
CA ASP C 924 52.98 -27.14 9.98
C ASP C 924 54.05 -27.48 8.95
N ASP C 925 53.82 -28.51 8.13
CA ASP C 925 54.83 -28.98 7.18
C ASP C 925 54.72 -28.24 5.85
N ILE C 926 54.75 -26.91 5.94
CA ILE C 926 54.63 -26.05 4.77
C ILE C 926 55.73 -25.00 4.76
N ASP C 927 56.40 -24.83 5.89
CA ASP C 927 57.48 -23.86 6.03
C ASP C 927 58.75 -24.59 6.42
N GLY C 928 59.84 -24.34 5.70
CA GLY C 928 61.08 -25.03 5.98
C GLY C 928 61.56 -24.80 7.40
N THR C 929 61.44 -23.56 7.88
CA THR C 929 61.86 -23.25 9.24
C THR C 929 61.00 -23.98 10.27
N THR C 930 59.68 -23.96 10.07
CA THR C 930 58.78 -24.58 11.03
C THR C 930 58.81 -26.10 10.96
N TYR C 931 59.05 -26.66 9.77
CA TYR C 931 59.00 -28.10 9.60
C TYR C 931 60.02 -28.78 10.52
N ASN C 932 59.57 -29.83 11.21
CA ASN C 932 60.40 -30.60 12.12
C ASN C 932 60.46 -32.04 11.62
N PHE C 933 61.67 -32.59 11.54
CA PHE C 933 61.87 -33.94 11.04
C PHE C 933 61.57 -35.01 12.08
N ASP C 934 61.37 -34.64 13.34
CA ASP C 934 61.08 -35.63 14.37
C ASP C 934 59.78 -36.36 14.08
N ARG C 935 58.73 -35.62 13.68
CA ARG C 935 57.44 -36.23 13.43
C ARG C 935 57.48 -37.19 12.24
N CYS C 936 58.16 -36.79 11.16
CA CYS C 936 58.10 -37.57 9.94
C CYS C 936 59.07 -38.75 9.99
N THR C 937 58.86 -39.69 9.07
CA THR C 937 59.70 -40.86 8.92
C THR C 937 60.12 -41.02 7.47
N PHE C 938 61.40 -41.36 7.25
CA PHE C 938 61.90 -41.49 5.89
C PHE C 938 61.28 -42.67 5.18
N SER C 939 61.13 -43.80 5.89
CA SER C 939 60.54 -45.00 5.33
C SER C 939 59.12 -45.20 5.85
N GLY C 940 58.42 -46.16 5.27
CA GLY C 940 57.05 -46.43 5.64
C GLY C 940 56.88 -47.32 6.85
N ASN C 941 57.96 -47.86 7.40
CA ASN C 941 57.89 -48.74 8.56
C ASN C 941 57.75 -47.89 9.83
N GLU C 942 56.60 -47.24 9.94
CA GLU C 942 56.29 -46.38 11.08
C GLU C 942 54.85 -45.93 10.95
N SER C 943 54.38 -45.20 11.96
CA SER C 943 53.00 -44.76 12.04
C SER C 943 52.90 -43.24 12.06
N LYS C 944 53.76 -42.58 11.30
CA LYS C 944 53.74 -41.12 11.16
C LYS C 944 54.03 -40.77 9.71
N PRO C 945 53.61 -39.57 9.26
CA PRO C 945 53.64 -39.27 7.83
C PRO C 945 55.04 -39.29 7.25
N LEU C 946 55.11 -39.57 5.96
CA LEU C 946 56.39 -39.63 5.25
C LEU C 946 57.06 -38.26 5.24
N CYS C 947 58.39 -38.28 5.28
CA CYS C 947 59.16 -37.05 5.30
C CYS C 947 59.12 -36.35 3.94
N VAL C 948 59.31 -35.03 3.97
CA VAL C 948 59.33 -34.25 2.75
C VAL C 948 60.48 -34.71 1.86
N GLU C 949 60.26 -34.64 0.54
CA GLU C 949 61.31 -34.99 -0.39
C GLU C 949 62.50 -34.07 -0.22
N LEU C 950 63.69 -34.66 -0.15
CA LEU C 950 64.92 -33.93 0.10
C LEU C 950 65.71 -33.78 -1.21
N ASP C 951 66.87 -33.16 -1.09
CA ASP C 951 67.76 -32.90 -2.22
C ASP C 951 69.12 -33.54 -1.94
N ALA C 952 70.04 -33.40 -2.90
CA ALA C 952 71.38 -33.95 -2.72
C ALA C 952 72.06 -33.36 -1.49
N ASN C 953 71.67 -32.15 -1.08
CA ASN C 953 72.23 -31.51 0.10
C ASN C 953 71.44 -31.82 1.37
N ASN C 954 70.41 -32.67 1.27
CA ASN C 954 69.61 -33.08 2.44
C ASN C 954 68.89 -31.88 3.06
N GLN C 955 68.15 -31.17 2.23
CA GLN C 955 67.32 -30.06 2.65
C GLN C 955 65.98 -30.14 1.95
N PRO C 956 64.94 -29.51 2.51
CA PRO C 956 63.63 -29.54 1.85
C PRO C 956 63.71 -28.99 0.44
N ARG C 957 62.94 -29.59 -0.47
CA ARG C 957 63.01 -29.27 -1.88
C ARG C 957 61.87 -28.37 -2.37
N PHE C 958 60.76 -28.33 -1.65
CA PHE C 958 59.63 -27.55 -2.13
C PHE C 958 59.98 -26.06 -2.16
N PRO C 959 59.44 -25.31 -3.13
CA PRO C 959 59.89 -23.93 -3.34
C PRO C 959 59.68 -23.04 -2.14
N GLU C 960 58.62 -23.25 -1.37
CA GLU C 960 58.22 -22.49 -0.19
C GLU C 960 57.56 -21.16 -0.56
N TRP C 961 57.60 -20.74 -1.83
CA TRP C 961 56.84 -19.58 -2.29
C TRP C 961 55.60 -19.99 -3.07
N ILE C 962 55.32 -21.28 -3.16
CA ILE C 962 54.09 -21.78 -3.77
C ILE C 962 53.09 -22.23 -2.72
N THR C 963 53.58 -22.86 -1.64
CA THR C 963 52.69 -23.42 -0.64
C THR C 963 52.07 -22.34 0.24
N ILE C 964 52.86 -21.35 0.65
CA ILE C 964 52.37 -20.36 1.60
C ILE C 964 51.21 -19.56 1.03
N PRO C 965 51.30 -18.97 -0.17
CA PRO C 965 50.14 -18.25 -0.71
C PRO C 965 48.93 -19.15 -0.88
N LEU C 966 49.16 -20.40 -1.27
CA LEU C 966 48.07 -21.36 -1.42
C LEU C 966 47.33 -21.56 -0.11
N VAL C 967 48.09 -21.73 0.97
CA VAL C 967 47.47 -21.93 2.28
C VAL C 967 46.78 -20.67 2.74
N CYS C 968 47.37 -19.51 2.48
CA CYS C 968 46.73 -18.25 2.85
C CYS C 968 45.38 -18.12 2.16
N ILE C 969 45.33 -18.39 0.86
CA ILE C 969 44.09 -18.29 0.11
C ILE C 969 43.07 -19.30 0.64
N TYR C 970 43.51 -20.53 0.89
CA TYR C 970 42.59 -21.56 1.36
C TYR C 970 42.00 -21.18 2.71
N MET C 971 42.84 -20.72 3.63
CA MET C 971 42.34 -20.34 4.96
C MET C 971 41.40 -19.14 4.87
N LEU C 972 41.74 -18.16 4.03
CA LEU C 972 40.84 -17.02 3.85
C LEU C 972 39.49 -17.46 3.32
N SER C 973 39.48 -18.38 2.34
CA SER C 973 38.23 -18.83 1.77
C SER C 973 37.41 -19.62 2.78
N THR C 974 38.06 -20.48 3.56
CA THR C 974 37.31 -21.38 4.44
C THR C 974 36.91 -20.70 5.74
N ASN C 975 37.88 -20.24 6.52
CA ASN C 975 37.59 -19.77 7.87
C ASN C 975 36.65 -18.58 7.87
N ILE C 976 36.84 -17.65 6.92
CA ILE C 976 36.19 -16.34 7.01
C ILE C 976 35.02 -16.23 6.04
N LEU C 977 35.30 -16.30 4.74
CA LEU C 977 34.29 -15.97 3.75
C LEU C 977 33.13 -16.96 3.78
N LEU C 978 33.44 -18.26 3.78
CA LEU C 978 32.39 -19.26 3.64
C LEU C 978 31.44 -19.25 4.83
N VAL C 979 31.98 -19.14 6.05
CA VAL C 979 31.12 -19.16 7.23
C VAL C 979 30.25 -17.91 7.29
N ASN C 980 30.80 -16.76 6.91
CA ASN C 980 30.00 -15.55 6.88
C ASN C 980 28.88 -15.66 5.85
N LEU C 981 29.18 -16.24 4.68
CA LEU C 981 28.15 -16.46 3.68
C LEU C 981 27.05 -17.37 4.23
N LEU C 982 27.46 -18.44 4.94
CA LEU C 982 26.47 -19.34 5.53
C LEU C 982 25.60 -18.61 6.55
N VAL C 983 26.21 -17.74 7.35
CA VAL C 983 25.44 -16.96 8.32
C VAL C 983 24.42 -16.10 7.60
N ALA C 984 24.83 -15.45 6.52
CA ALA C 984 23.89 -14.63 5.76
C ALA C 984 22.73 -15.47 5.21
N MET C 985 23.04 -16.66 4.67
CA MET C 985 21.98 -17.50 4.14
C MET C 985 21.01 -17.90 5.24
N PHE C 986 21.53 -18.26 6.41
CA PHE C 986 20.68 -18.64 7.52
C PHE C 986 19.79 -17.48 7.95
N GLY C 987 20.36 -16.27 8.00
CA GLY C 987 19.56 -15.12 8.36
C GLY C 987 18.41 -14.89 7.39
N TYR C 988 18.72 -14.94 6.09
CA TYR C 988 17.67 -14.75 5.10
C TYR C 988 16.61 -15.84 5.20
N THR C 989 17.05 -17.09 5.43
CA THR C 989 16.09 -18.19 5.50
C THR C 989 15.17 -18.07 6.70
N VAL C 990 15.72 -17.73 7.87
CA VAL C 990 14.87 -17.57 9.05
C VAL C 990 13.92 -16.40 8.85
N GLY C 991 14.38 -15.34 8.19
CA GLY C 991 13.50 -14.22 7.93
C GLY C 991 12.36 -14.58 6.99
N SER C 992 12.65 -15.38 5.97
CA SER C 992 11.66 -15.63 4.91
C SER C 992 10.55 -16.56 5.36
N VAL C 993 10.88 -17.64 6.07
CA VAL C 993 9.94 -18.72 6.31
C VAL C 993 9.46 -18.73 7.75
N GLN C 994 9.49 -17.57 8.41
CA GLN C 994 9.08 -17.51 9.81
C GLN C 994 7.61 -17.85 9.98
N GLU C 995 6.75 -17.33 9.09
CA GLU C 995 5.32 -17.49 9.27
C GLU C 995 4.85 -18.90 8.95
N ASN C 996 5.39 -19.51 7.89
CA ASN C 996 4.97 -20.86 7.52
C ASN C 996 5.38 -21.89 8.55
N ASN C 997 6.49 -21.64 9.25
CA ASN C 997 6.93 -22.58 10.28
C ASN C 997 5.92 -22.69 11.40
N ASP C 998 5.27 -21.58 11.75
CA ASP C 998 4.24 -21.63 12.78
C ASP C 998 3.08 -22.52 12.36
N GLN C 999 2.62 -22.39 11.11
CA GLN C 999 1.55 -23.25 10.63
C GLN C 999 1.97 -24.71 10.63
N VAL C 1000 3.20 -24.99 10.20
CA VAL C 1000 3.67 -26.38 10.18
C VAL C 1000 3.70 -26.95 11.59
N TRP C 1001 4.21 -26.18 12.55
CA TRP C 1001 4.26 -26.65 13.92
C TRP C 1001 2.86 -26.88 14.47
N LYS C 1002 1.93 -25.98 14.18
CA LYS C 1002 0.56 -26.16 14.64
C LYS C 1002 -0.06 -27.43 14.05
N PHE C 1003 0.22 -27.68 12.77
CA PHE C 1003 -0.30 -28.89 12.13
C PHE C 1003 0.27 -30.14 12.79
N GLN C 1004 1.58 -30.16 13.06
CA GLN C 1004 2.18 -31.32 13.72
C GLN C 1004 1.73 -31.44 15.18
N ARG C 1005 1.29 -30.34 15.78
CA ARG C 1005 0.81 -30.39 17.16
C ARG C 1005 -0.39 -31.30 17.29
N PHE C 1006 -1.21 -31.42 16.24
CA PHE C 1006 -2.34 -32.34 16.29
C PHE C 1006 -1.86 -33.77 16.49
N PHE C 1007 -0.89 -34.21 15.69
CA PHE C 1007 -0.37 -35.56 15.85
C PHE C 1007 0.29 -35.72 17.21
N LEU C 1008 1.06 -34.71 17.64
CA LEU C 1008 1.76 -34.82 18.92
C LEU C 1008 0.77 -34.97 20.07
N VAL C 1009 -0.33 -34.23 20.03
CA VAL C 1009 -1.34 -34.33 21.09
C VAL C 1009 -2.08 -35.66 21.00
N GLN C 1010 -2.49 -36.06 19.79
CA GLN C 1010 -3.24 -37.29 19.62
C GLN C 1010 -2.39 -38.53 19.89
N GLU C 1011 -1.06 -38.39 19.97
CA GLU C 1011 -0.22 -39.54 20.27
C GLU C 1011 -0.56 -40.13 21.63
N TYR C 1012 -0.78 -39.29 22.62
CA TYR C 1012 -1.10 -39.73 23.97
C TYR C 1012 -2.61 -39.76 24.18
N ASN C 1057 -28.80 -33.79 17.06
CA ASN C 1057 -30.04 -33.31 16.47
C ASN C 1057 -30.14 -31.80 16.58
N GLU C 1058 -30.11 -31.30 17.82
CA GLU C 1058 -30.16 -29.86 18.05
C GLU C 1058 -28.95 -29.17 17.42
N ILE C 1059 -27.77 -29.78 17.55
CA ILE C 1059 -26.57 -29.20 16.97
C ILE C 1059 -26.71 -29.09 15.46
N LEU C 1060 -27.33 -30.08 14.83
CA LEU C 1060 -27.53 -30.02 13.38
C LEU C 1060 -28.40 -28.84 12.99
N ALA C 1061 -29.50 -28.62 13.72
CA ALA C 1061 -30.38 -27.50 13.41
C ALA C 1061 -29.67 -26.17 13.67
N TRP C 1062 -28.89 -26.08 14.74
CA TRP C 1062 -28.15 -24.85 15.01
C TRP C 1062 -27.14 -24.57 13.91
N GLU C 1063 -26.46 -25.61 13.43
CA GLU C 1063 -25.55 -25.45 12.29
C GLU C 1063 -26.30 -24.97 11.06
N ALA C 1064 -27.50 -25.53 10.83
CA ALA C 1064 -28.29 -25.07 9.69
C ALA C 1064 -28.65 -23.60 9.82
N VAL C 1065 -29.02 -23.15 11.02
CA VAL C 1065 -29.37 -21.75 11.22
C VAL C 1065 -28.16 -20.86 10.96
N MET C 1066 -27.01 -21.22 11.53
CA MET C 1066 -25.82 -20.42 11.33
C MET C 1066 -25.43 -20.37 9.86
N LYS C 1067 -25.55 -21.49 9.17
CA LYS C 1067 -25.22 -21.54 7.75
C LYS C 1067 -26.18 -20.70 6.94
N GLU C 1068 -27.47 -20.72 7.29
CA GLU C 1068 -28.43 -19.88 6.57
C GLU C 1068 -28.11 -18.41 6.75
N ASN C 1069 -27.77 -18.00 7.97
CA ASN C 1069 -27.38 -16.61 8.19
C ASN C 1069 -26.13 -16.27 7.39
N TYR C 1070 -25.15 -17.17 7.37
CA TYR C 1070 -23.92 -16.93 6.62
C TYR C 1070 -24.20 -16.81 5.13
N LEU C 1071 -25.07 -17.67 4.60
CA LEU C 1071 -25.41 -17.61 3.17
C LEU C 1071 -26.13 -16.31 2.84
N VAL C 1072 -27.07 -15.89 3.68
CA VAL C 1072 -27.77 -14.63 3.43
C VAL C 1072 -26.78 -13.47 3.47
N LYS C 1073 -25.82 -13.53 4.40
CA LYS C 1073 -24.82 -12.47 4.48
C LYS C 1073 -23.97 -12.42 3.22
N ILE C 1074 -23.46 -13.58 2.78
CA ILE C 1074 -22.52 -13.60 1.66
C ILE C 1074 -23.23 -13.24 0.36
N ASN C 1075 -24.45 -13.75 0.16
CA ASN C 1075 -25.15 -13.49 -1.10
C ASN C 1075 -25.39 -12.00 -1.30
N THR C 1076 -25.76 -11.29 -0.24
CA THR C 1076 -25.99 -9.86 -0.30
C THR C 1076 -24.74 -9.04 -0.03
N LYS C 1077 -23.59 -9.71 0.18
CA LYS C 1077 -22.36 -8.98 0.49
C LYS C 1077 -21.96 -8.07 -0.66
N ALA C 1078 -22.07 -8.56 -1.90
CA ALA C 1078 -21.71 -7.74 -3.05
C ALA C 1078 -22.54 -6.47 -3.10
N ASN C 1079 -23.82 -6.56 -2.72
CA ASN C 1079 -24.67 -5.38 -2.70
C ASN C 1079 -24.36 -4.47 -1.52
N ASP C 1080 -23.74 -4.99 -0.46
CA ASP C 1080 -23.44 -4.16 0.70
C ASP C 1080 -22.48 -3.03 0.35
N SER C 1081 -21.45 -3.32 -0.44
CA SER C 1081 -20.48 -2.29 -0.79
C SER C 1081 -21.17 -1.16 -1.55
N SER C 1082 -21.91 -1.48 -2.59
CA SER C 1082 -22.69 -0.50 -3.35
C SER C 1082 -21.83 0.70 -3.73
N GLU C 1083 -20.62 0.43 -4.19
CA GLU C 1083 -19.72 1.48 -4.62
C GLU C 1083 -20.03 1.98 -6.02
N GLU C 1084 -20.99 1.37 -6.71
CA GLU C 1084 -21.35 1.74 -8.07
C GLU C 1084 -22.60 2.60 -8.06
N MET C 1085 -22.53 3.71 -8.79
CA MET C 1085 -23.60 4.66 -8.96
C MET C 1085 -24.21 4.62 -10.35
N VAL C 1086 -23.48 4.08 -11.33
CA VAL C 1086 -24.03 3.97 -12.68
C VAL C 1086 -25.35 3.21 -12.64
N HIS C 1087 -25.37 2.12 -11.90
CA HIS C 1087 -26.61 1.40 -11.58
C HIS C 1087 -27.74 2.34 -11.18
N ARG C 1088 -27.40 3.45 -10.50
CA ARG C 1088 -28.34 4.20 -9.71
C ARG C 1088 -28.77 5.46 -10.42
N PHE C 1089 -27.81 6.14 -11.03
CA PHE C 1089 -28.13 7.15 -12.04
C PHE C 1089 -29.02 6.58 -13.13
N ARG C 1090 -28.79 5.31 -13.53
CA ARG C 1090 -29.67 4.67 -14.50
C ARG C 1090 -31.13 4.92 -14.16
N GLN C 1091 -31.45 4.95 -12.86
CA GLN C 1091 -32.82 5.17 -12.42
C GLN C 1091 -33.30 6.57 -12.78
N LEU C 1092 -32.39 7.56 -12.80
CA LEU C 1092 -32.80 8.94 -13.02
C LEU C 1092 -33.39 9.14 -14.41
N ASP C 1093 -32.78 8.54 -15.43
CA ASP C 1093 -33.19 8.85 -16.80
C ASP C 1093 -34.63 8.46 -17.07
N ALA C 1094 -35.15 7.47 -16.34
CA ALA C 1094 -36.53 7.07 -16.53
C ALA C 1094 -37.50 8.19 -16.19
N LYS C 1095 -37.23 8.90 -15.10
CA LYS C 1095 -38.09 10.02 -14.72
C LYS C 1095 -38.07 11.10 -15.79
N LEU C 1096 -36.90 11.43 -16.32
CA LEU C 1096 -36.80 12.44 -17.37
C LEU C 1096 -37.55 12.00 -18.61
N SER C 1097 -37.42 10.73 -19.00
CA SER C 1097 -38.14 10.24 -20.18
C SER C 1097 -39.64 10.33 -19.98
N ASP C 1098 -40.13 9.92 -18.81
CA ASP C 1098 -41.56 10.00 -18.54
C ASP C 1098 -42.05 11.45 -18.55
N LEU C 1099 -41.26 12.35 -17.96
CA LEU C 1099 -41.63 13.77 -17.96
C LEU C 1099 -41.68 14.32 -19.38
N LYS C 1100 -40.72 13.94 -20.22
CA LYS C 1100 -40.73 14.40 -21.61
C LYS C 1100 -41.95 13.86 -22.35
N GLY C 1101 -42.29 12.59 -22.12
CA GLY C 1101 -43.48 12.04 -22.73
C GLY C 1101 -44.74 12.78 -22.32
N LEU C 1102 -44.87 13.06 -21.02
CA LEU C 1102 -46.04 13.80 -20.55
C LEU C 1102 -46.06 15.22 -21.11
N LEU C 1103 -44.89 15.84 -21.24
CA LEU C 1103 -44.81 17.17 -21.82
C LEU C 1103 -45.29 17.16 -23.26
N LYS C 1104 -44.86 16.16 -24.03
CA LYS C 1104 -45.31 16.06 -25.42
C LYS C 1104 -46.81 15.80 -25.48
N GLU C 1105 -47.33 14.96 -24.57
CA GLU C 1105 -48.76 14.70 -24.56
C GLU C 1105 -49.56 15.96 -24.27
N ILE C 1106 -49.13 16.73 -23.28
CA ILE C 1106 -49.87 17.97 -22.96
C ILE C 1106 -49.74 18.98 -24.09
N SER C 1107 -48.57 19.03 -24.74
CA SER C 1107 -48.42 19.91 -25.89
C SER C 1107 -49.39 19.53 -27.00
N SER C 1108 -49.57 18.22 -27.23
CA SER C 1108 -50.58 17.79 -28.19
C SER C 1108 -51.97 18.18 -27.72
N LYS C 1109 -52.23 18.08 -26.42
CA LYS C 1109 -53.53 18.45 -25.88
C LYS C 1109 -53.87 19.90 -26.21
N ILE C 1110 -52.97 20.82 -25.89
CA ILE C 1110 -53.25 22.24 -26.15
C ILE C 1110 -53.39 22.47 -27.65
N LYS C 1111 -52.50 21.88 -28.45
CA LYS C 1111 -52.56 22.01 -29.89
C LYS C 1111 -52.94 20.69 -30.55
N GLY D 115 12.69 54.71 -40.75
CA GLY D 115 13.92 54.39 -40.06
C GLY D 115 13.72 53.45 -38.89
N ASP D 116 14.81 52.92 -38.36
CA ASP D 116 14.75 52.00 -37.24
C ASP D 116 14.50 52.76 -35.94
N ILE D 117 14.30 52.01 -34.86
CA ILE D 117 14.01 52.58 -33.55
C ILE D 117 14.88 51.88 -32.50
N GLN D 118 15.07 52.56 -31.38
CA GLN D 118 15.84 52.05 -30.26
C GLN D 118 14.98 52.03 -29.01
N PHE D 119 15.14 50.97 -28.21
CA PHE D 119 14.43 50.85 -26.94
C PHE D 119 15.40 50.50 -25.82
N GLY D 126 12.81 47.15 -36.27
CA GLY D 126 12.19 48.32 -35.69
C GLY D 126 11.85 49.38 -36.71
N LYS D 127 11.81 48.99 -37.98
CA LYS D 127 11.50 49.93 -39.04
C LYS D 127 10.08 50.47 -38.90
N TYR D 128 9.90 51.74 -39.21
CA TYR D 128 8.61 52.41 -39.13
C TYR D 128 8.36 53.12 -40.45
N ILE D 129 7.39 52.62 -41.23
CA ILE D 129 7.07 53.25 -42.50
C ILE D 129 6.41 54.60 -42.28
N ARG D 130 5.47 54.67 -41.33
CA ARG D 130 4.74 55.90 -41.04
C ARG D 130 4.02 56.40 -42.29
N LEU D 131 3.12 55.56 -42.80
CA LEU D 131 2.34 55.86 -43.99
C LEU D 131 0.91 56.25 -43.59
N SER D 132 0.26 57.00 -44.47
CA SER D 132 -1.09 57.49 -44.25
C SER D 132 -2.10 56.57 -44.92
N CYS D 133 -3.38 56.82 -44.62
CA CYS D 133 -4.47 56.04 -45.19
C CYS D 133 -4.90 56.60 -46.54
N GLU D 138 -2.03 47.73 -49.09
CA GLU D 138 -1.64 46.77 -50.12
C GLU D 138 -0.22 47.05 -50.61
N THR D 139 0.04 48.32 -50.92
CA THR D 139 1.38 48.70 -51.39
C THR D 139 2.45 48.36 -50.37
N LEU D 140 2.10 48.40 -49.08
CA LEU D 140 3.09 48.10 -48.04
C LEU D 140 3.49 46.63 -48.08
N TYR D 141 2.55 45.75 -48.45
CA TYR D 141 2.82 44.32 -48.45
C TYR D 141 3.90 43.96 -49.46
N ASP D 142 3.90 44.63 -50.63
CA ASP D 142 4.92 44.36 -51.64
C ASP D 142 6.31 44.62 -51.07
N LEU D 143 6.51 45.77 -50.44
CA LEU D 143 7.81 46.07 -49.84
C LEU D 143 8.13 45.10 -48.70
N MET D 144 7.13 44.77 -47.88
CA MET D 144 7.38 43.90 -46.74
C MET D 144 7.86 42.53 -47.19
N THR D 145 7.25 42.00 -48.25
CA THR D 145 7.57 40.63 -48.67
C THR D 145 9.03 40.50 -49.07
N GLN D 146 9.56 41.47 -49.81
CA GLN D 146 10.92 41.36 -50.34
C GLN D 146 11.97 41.91 -49.38
N HIS D 147 11.72 43.09 -48.81
CA HIS D 147 12.78 43.78 -48.07
C HIS D 147 13.07 43.13 -46.73
N TRP D 148 12.03 42.71 -46.00
CA TRP D 148 12.16 42.40 -44.59
C TRP D 148 12.02 40.91 -44.29
N HIS D 149 10.91 40.28 -44.67
CA HIS D 149 10.66 38.91 -44.25
C HIS D 149 9.83 38.18 -45.31
N LEU D 150 9.72 36.87 -45.12
CA LEU D 150 9.10 35.98 -46.11
C LEU D 150 7.59 35.98 -45.96
N LYS D 151 6.93 35.22 -46.83
CA LYS D 151 5.47 35.17 -46.88
C LYS D 151 4.94 34.26 -45.77
N THR D 152 3.66 34.44 -45.45
CA THR D 152 3.06 33.80 -44.28
C THR D 152 2.17 32.65 -44.69
N PRO D 153 2.40 31.43 -44.18
CA PRO D 153 1.38 30.38 -44.32
C PRO D 153 0.12 30.66 -43.51
N ASN D 154 0.18 31.55 -42.52
CA ASN D 154 -0.95 31.81 -41.65
C ASN D 154 -0.78 33.19 -41.02
N LEU D 155 -1.89 33.74 -40.51
CA LEU D 155 -1.90 35.06 -39.91
C LEU D 155 -2.90 35.07 -38.76
N VAL D 156 -2.60 35.86 -37.72
CA VAL D 156 -3.45 35.94 -36.54
C VAL D 156 -3.54 37.40 -36.09
N ILE D 157 -4.72 37.79 -35.61
CA ILE D 157 -5.02 39.17 -35.28
C ILE D 157 -5.78 39.21 -33.96
N SER D 158 -5.35 40.08 -33.06
CA SER D 158 -6.09 40.37 -31.84
C SER D 158 -6.94 41.61 -32.10
N VAL D 159 -8.14 41.38 -32.63
CA VAL D 159 -9.02 42.50 -33.01
C VAL D 159 -9.30 43.37 -31.80
N THR D 160 -9.63 42.75 -30.66
CA THR D 160 -9.94 43.51 -29.47
C THR D 160 -8.73 44.31 -29.01
N GLY D 161 -8.97 45.59 -28.68
CA GLY D 161 -7.91 46.42 -28.17
C GLY D 161 -7.62 46.16 -26.72
N GLY D 162 -6.56 46.79 -26.23
CA GLY D 162 -6.14 46.64 -24.85
C GLY D 162 -6.68 47.77 -23.98
N ALA D 163 -7.48 47.39 -22.99
CA ALA D 163 -8.01 48.36 -22.05
C ALA D 163 -6.89 48.92 -21.17
N LYS D 164 -7.13 50.10 -20.61
CA LYS D 164 -6.15 50.70 -19.72
C LYS D 164 -5.81 49.75 -18.56
N ASN D 165 -6.79 48.97 -18.11
CA ASN D 165 -6.59 47.98 -17.06
C ASN D 165 -7.25 46.68 -17.50
N PHE D 166 -6.47 45.61 -17.60
CA PHE D 166 -6.96 44.31 -18.02
C PHE D 166 -6.70 43.29 -16.92
N ALA D 167 -7.67 42.40 -16.71
CA ALA D 167 -7.56 41.36 -15.69
C ALA D 167 -6.74 40.21 -16.24
N LEU D 168 -5.49 40.08 -15.77
CA LEU D 168 -4.58 39.06 -16.25
C LEU D 168 -4.63 37.85 -15.30
N LYS D 169 -5.75 37.16 -15.33
CA LYS D 169 -5.90 35.96 -14.53
C LYS D 169 -5.21 34.78 -15.21
N PRO D 170 -4.85 33.74 -14.44
CA PRO D 170 -4.05 32.65 -15.03
C PRO D 170 -4.59 32.10 -16.34
N ARG D 171 -5.91 31.96 -16.48
CA ARG D 171 -6.46 31.32 -17.67
C ARG D 171 -6.16 32.13 -18.92
N MET D 172 -6.31 33.45 -18.86
CA MET D 172 -5.94 34.31 -19.98
C MET D 172 -4.47 34.14 -20.33
N ARG D 173 -3.61 34.13 -19.32
CA ARG D 173 -2.18 33.98 -19.56
C ARG D 173 -1.88 32.67 -20.26
N LYS D 174 -2.51 31.58 -19.80
CA LYS D 174 -2.33 30.28 -20.43
C LYS D 174 -2.80 30.31 -21.88
N ILE D 175 -3.99 30.86 -22.11
CA ILE D 175 -4.56 30.86 -23.46
C ILE D 175 -3.64 31.60 -24.42
N PHE D 176 -3.17 32.78 -24.02
CA PHE D 176 -2.36 33.57 -24.94
C PHE D 176 -0.94 33.02 -25.09
N SER D 177 -0.37 32.43 -24.05
CA SER D 177 0.92 31.77 -24.20
C SER D 177 0.80 30.59 -25.17
N ARG D 178 -0.26 29.80 -25.04
CA ARG D 178 -0.47 28.70 -25.97
C ARG D 178 -0.69 29.21 -27.39
N LEU D 179 -1.42 30.32 -27.53
CA LEU D 179 -1.62 30.91 -28.85
C LEU D 179 -0.30 31.32 -29.48
N ILE D 180 0.57 31.93 -28.69
CA ILE D 180 1.86 32.37 -29.23
C ILE D 180 2.72 31.16 -29.61
N TYR D 181 2.68 30.11 -28.78
CA TYR D 181 3.44 28.90 -29.11
C TYR D 181 2.93 28.28 -30.40
N ILE D 182 1.61 28.25 -30.57
CA ILE D 182 1.03 27.72 -31.82
C ILE D 182 1.44 28.58 -33.00
N ALA D 183 1.45 29.91 -32.81
CA ALA D 183 1.86 30.80 -33.89
C ALA D 183 3.30 30.53 -34.30
N GLN D 184 4.18 30.32 -33.32
CA GLN D 184 5.57 29.98 -33.63
C GLN D 184 5.64 28.64 -34.36
N SER D 185 4.82 27.67 -33.95
CA SER D 185 4.81 26.38 -34.61
C SER D 185 4.38 26.51 -36.08
N LYS D 186 3.39 27.36 -36.35
CA LYS D 186 2.88 27.55 -37.69
C LYS D 186 3.54 28.69 -38.44
N GLY D 187 4.21 29.61 -37.73
CA GLY D 187 4.90 30.71 -38.37
C GLY D 187 3.95 31.72 -38.99
N ALA D 188 3.20 32.43 -38.14
CA ALA D 188 2.21 33.40 -38.60
C ALA D 188 2.49 34.75 -37.98
N TRP D 189 2.19 35.81 -38.74
CA TRP D 189 2.22 37.16 -38.19
C TRP D 189 1.14 37.32 -37.13
N ILE D 190 1.37 38.24 -36.21
CA ILE D 190 0.41 38.59 -35.18
C ILE D 190 0.24 40.09 -35.18
N PHE D 191 -1.01 40.54 -35.21
CA PHE D 191 -1.32 41.98 -35.27
C PHE D 191 -1.84 42.45 -33.93
N THR D 192 -1.28 43.54 -33.42
CA THR D 192 -1.67 44.12 -32.14
C THR D 192 -1.43 45.62 -32.17
N GLY D 193 -2.10 46.32 -31.25
CA GLY D 193 -1.96 47.77 -31.19
C GLY D 193 -0.57 48.22 -30.77
N GLY D 194 0.00 47.58 -29.75
CA GLY D 194 1.33 47.94 -29.29
C GLY D 194 1.39 49.17 -28.40
N THR D 195 0.33 49.46 -27.64
CA THR D 195 0.34 50.62 -26.75
C THR D 195 1.05 50.36 -25.43
N HIS D 196 1.50 49.12 -25.18
CA HIS D 196 2.20 48.76 -23.96
C HIS D 196 1.29 48.73 -22.74
N TYR D 197 -0.02 48.60 -22.95
CA TYR D 197 -1.00 48.55 -21.87
C TYR D 197 -1.75 47.23 -21.91
N GLY D 198 -1.80 46.55 -20.77
CA GLY D 198 -2.65 45.37 -20.65
C GLY D 198 -2.18 44.22 -21.53
N LEU D 199 -3.09 43.73 -22.37
CA LEU D 199 -2.85 42.47 -23.07
C LEU D 199 -1.64 42.55 -23.98
N MET D 200 -1.52 43.64 -24.75
CA MET D 200 -0.44 43.75 -25.71
C MET D 200 0.93 43.75 -25.03
N LYS D 201 1.02 44.30 -23.82
CA LYS D 201 2.28 44.23 -23.08
C LYS D 201 2.67 42.78 -22.85
N TYR D 202 1.73 41.96 -22.35
CA TYR D 202 2.04 40.57 -22.06
C TYR D 202 2.33 39.79 -23.34
N ILE D 203 1.57 40.05 -24.42
CA ILE D 203 1.81 39.34 -25.67
C ILE D 203 3.19 39.67 -26.21
N GLY D 204 3.59 40.95 -26.13
CA GLY D 204 4.93 41.32 -26.55
C GLY D 204 6.01 40.67 -25.72
N GLU D 205 5.81 40.63 -24.40
CA GLU D 205 6.78 39.98 -23.53
C GLU D 205 6.94 38.50 -23.89
N VAL D 206 5.82 37.81 -24.09
CA VAL D 206 5.88 36.38 -24.42
C VAL D 206 6.54 36.19 -25.77
N VAL D 207 6.21 37.04 -26.75
CA VAL D 207 6.82 36.92 -28.07
C VAL D 207 8.32 37.09 -27.98
N ARG D 208 8.78 38.12 -27.26
CA ARG D 208 10.20 38.35 -27.11
C ARG D 208 10.88 37.17 -26.45
N ASP D 209 10.30 36.67 -25.36
CA ASP D 209 10.91 35.56 -24.64
C ASP D 209 11.02 34.32 -25.51
N ASN D 210 9.97 34.03 -26.29
CA ASN D 210 10.01 32.86 -27.16
C ASN D 210 11.01 33.04 -28.29
N THR D 211 11.06 34.22 -28.91
CA THR D 211 11.99 34.39 -30.03
C THR D 211 13.43 34.27 -29.55
N ILE D 212 13.74 34.84 -28.38
CA ILE D 212 15.11 34.76 -27.89
C ILE D 212 15.50 33.30 -27.64
N SER D 213 14.59 32.52 -27.08
CA SER D 213 14.86 31.11 -26.80
C SER D 213 14.59 30.26 -28.04
N GLU D 218 10.85 28.02 -38.18
CA GLU D 218 9.98 29.17 -38.35
C GLU D 218 10.12 30.14 -37.18
N ASN D 219 9.76 31.40 -37.41
CA ASN D 219 9.89 32.44 -36.40
C ASN D 219 8.61 33.25 -36.35
N VAL D 220 8.34 33.82 -35.18
CA VAL D 220 7.15 34.64 -34.95
C VAL D 220 7.47 36.09 -35.29
N VAL D 221 6.50 36.77 -35.88
CA VAL D 221 6.60 38.19 -36.20
C VAL D 221 5.39 38.90 -35.63
N ALA D 222 5.63 39.98 -34.90
CA ALA D 222 4.56 40.73 -34.22
C ALA D 222 4.54 42.15 -34.80
N ILE D 223 3.78 42.33 -35.87
CA ILE D 223 3.61 43.64 -36.47
C ILE D 223 2.60 44.44 -35.66
N GLY D 224 2.86 45.74 -35.52
CA GLY D 224 1.98 46.60 -34.74
C GLY D 224 1.65 47.87 -35.49
N ILE D 225 0.48 48.42 -35.15
CA ILE D 225 -0.01 49.67 -35.72
C ILE D 225 -0.45 50.58 -34.59
N ALA D 226 -0.16 51.87 -34.72
CA ALA D 226 -0.55 52.84 -33.71
C ALA D 226 -0.76 54.18 -34.38
N ALA D 227 -1.82 54.88 -33.95
CA ALA D 227 -2.15 56.19 -34.49
C ALA D 227 -1.36 57.27 -33.75
N TRP D 228 -1.02 58.34 -34.47
CA TRP D 228 -0.27 59.44 -33.88
C TRP D 228 -1.03 60.13 -32.76
N GLY D 229 -2.35 59.94 -32.68
CA GLY D 229 -3.12 60.65 -31.68
C GLY D 229 -2.73 60.31 -30.26
N MET D 230 -2.51 59.01 -29.99
CA MET D 230 -2.26 58.56 -28.63
C MET D 230 -0.77 58.50 -28.28
N ILE D 231 0.12 58.78 -29.22
CA ILE D 231 1.55 58.74 -28.94
C ILE D 231 1.95 59.98 -28.16
N SER D 232 2.68 59.78 -27.06
CA SER D 232 3.11 60.90 -26.22
C SER D 232 4.33 61.60 -26.81
N ASN D 233 5.40 60.84 -27.03
CA ASN D 233 6.65 61.38 -27.56
C ASN D 233 6.81 60.95 -29.01
N ARG D 234 7.13 61.92 -29.88
CA ARG D 234 7.26 61.67 -31.31
C ARG D 234 8.55 62.32 -31.80
N GLU D 235 9.45 61.52 -32.35
CA GLU D 235 10.72 62.00 -32.85
C GLU D 235 11.00 61.36 -34.21
N THR D 236 11.80 62.06 -35.02
CA THR D 236 12.17 61.56 -36.34
C THR D 236 13.50 60.80 -36.27
N ASP D 244 18.08 57.09 -37.43
CA ASP D 244 18.02 56.13 -36.33
C ASP D 244 17.61 56.82 -35.04
N GLY D 245 16.36 57.29 -35.00
CA GLY D 245 15.87 57.97 -33.82
C GLY D 245 15.64 57.03 -32.66
N SER D 246 15.61 57.61 -31.47
CA SER D 246 15.42 56.87 -30.23
C SER D 246 14.11 57.30 -29.56
N PHE D 247 13.56 56.39 -28.76
CA PHE D 247 12.29 56.62 -28.09
C PHE D 247 12.46 56.39 -26.60
N LEU D 248 11.78 57.20 -25.79
CA LEU D 248 11.88 57.11 -24.34
C LEU D 248 10.77 56.23 -23.81
N LEU D 261 -1.43 59.50 -25.18
CA LEU D 261 -0.16 59.63 -24.47
C LEU D 261 0.44 58.26 -24.17
N TYR D 262 0.04 57.26 -24.95
CA TYR D 262 0.49 55.90 -24.71
C TYR D 262 1.95 55.73 -25.13
N CYS D 263 2.61 54.75 -24.51
CA CYS D 263 4.00 54.43 -24.79
C CYS D 263 4.07 53.17 -25.64
N LEU D 264 4.87 53.21 -26.70
CA LEU D 264 4.95 52.08 -27.62
C LEU D 264 5.50 50.85 -26.90
N ASP D 265 4.95 49.68 -27.24
CA ASP D 265 5.45 48.43 -26.69
C ASP D 265 6.82 48.13 -27.27
N ASN D 266 7.76 47.77 -26.40
CA ASN D 266 9.15 47.56 -26.83
C ASN D 266 9.34 46.25 -27.56
N ASN D 267 8.58 45.21 -27.20
CA ASN D 267 8.85 43.87 -27.72
C ASN D 267 8.43 43.71 -29.18
N HIS D 268 7.58 44.57 -29.70
CA HIS D 268 7.12 44.43 -31.07
C HIS D 268 8.26 44.69 -32.04
N THR D 269 8.44 43.77 -33.00
CA THR D 269 9.54 43.89 -33.96
C THR D 269 9.33 45.06 -34.90
N HIS D 270 8.11 45.24 -35.40
CA HIS D 270 7.80 46.28 -36.37
C HIS D 270 6.63 47.10 -35.88
N LEU D 271 6.60 48.37 -36.29
CA LEU D 271 5.52 49.27 -35.92
C LEU D 271 5.15 50.14 -37.11
N LEU D 272 3.87 50.51 -37.17
CA LEU D 272 3.31 51.32 -38.25
C LEU D 272 2.66 52.57 -37.65
N LEU D 273 2.86 53.70 -38.32
CA LEU D 273 2.29 54.97 -37.88
C LEU D 273 1.39 55.53 -38.97
N VAL D 274 0.30 56.18 -38.56
CA VAL D 274 -0.69 56.72 -39.49
C VAL D 274 -0.94 58.17 -39.12
N ASP D 275 -0.97 59.05 -40.13
CA ASP D 275 -1.24 60.46 -39.92
C ASP D 275 -2.58 60.66 -39.22
N ALA D 286 -7.50 52.49 -37.98
CA ALA D 286 -8.12 51.18 -37.88
C ALA D 286 -8.61 50.70 -39.24
N LYS D 287 -9.00 51.64 -40.10
CA LYS D 287 -9.47 51.29 -41.43
C LYS D 287 -8.35 50.65 -42.24
N VAL D 288 -7.12 51.18 -42.11
CA VAL D 288 -5.99 50.60 -42.83
C VAL D 288 -5.80 49.15 -42.40
N ARG D 289 -6.01 48.85 -41.12
CA ARG D 289 -5.90 47.48 -40.64
C ARG D 289 -6.90 46.58 -41.35
N THR D 290 -8.15 47.03 -41.46
CA THR D 290 -9.17 46.23 -42.14
C THR D 290 -8.83 46.01 -43.60
N GLN D 291 -8.36 47.07 -44.28
CA GLN D 291 -8.00 46.93 -45.69
C GLN D 291 -6.84 45.96 -45.85
N LEU D 292 -5.83 46.05 -44.97
CA LEU D 292 -4.69 45.15 -45.06
C LEU D 292 -5.12 43.70 -44.83
N GLU D 293 -6.00 43.47 -43.85
CA GLU D 293 -6.50 42.13 -43.62
C GLU D 293 -7.28 41.61 -44.83
N LYS D 294 -8.09 42.47 -45.44
CA LYS D 294 -8.84 42.06 -46.61
C LYS D 294 -7.91 41.68 -47.76
N TYR D 295 -6.88 42.50 -48.00
CA TYR D 295 -5.95 42.18 -49.07
C TYR D 295 -5.20 40.88 -48.79
N ILE D 296 -4.74 40.68 -47.56
CA ILE D 296 -4.00 39.47 -47.24
C ILE D 296 -4.89 38.24 -47.43
N SER D 297 -6.17 38.36 -47.06
CA SER D 297 -7.11 37.27 -47.32
C SER D 297 -7.25 37.04 -48.82
N GLU D 298 -7.37 38.10 -49.60
CA GLU D 298 -7.56 37.97 -51.04
C GLU D 298 -6.32 37.48 -51.75
N ARG D 299 -5.15 37.50 -51.09
CA ARG D 299 -3.93 37.06 -51.73
C ARG D 299 -4.01 35.58 -52.10
N VAL D 300 -3.47 35.24 -53.26
CA VAL D 300 -3.55 33.89 -53.81
C VAL D 300 -2.15 33.31 -53.92
N ILE D 301 -1.94 32.16 -53.27
CA ILE D 301 -0.68 31.43 -53.28
C ILE D 301 -0.97 30.02 -53.78
N PRO D 302 -0.16 29.46 -54.68
CA PRO D 302 -0.46 28.10 -55.16
C PRO D 302 -0.17 27.02 -54.14
N GLU D 303 0.95 27.12 -53.42
CA GLU D 303 1.35 26.09 -52.45
C GLU D 303 0.61 26.32 -51.13
N SER D 304 -0.71 26.15 -51.19
CA SER D 304 -1.59 26.34 -50.04
C SER D 304 -2.53 25.16 -49.93
N ASN D 305 -2.60 24.56 -48.74
CA ASN D 305 -3.55 23.49 -48.48
C ASN D 305 -4.94 23.99 -48.13
N TYR D 306 -5.09 25.30 -47.92
CA TYR D 306 -6.37 25.92 -47.62
C TYR D 306 -7.07 26.42 -48.88
N GLY D 307 -6.69 25.91 -50.04
CA GLY D 307 -7.20 26.47 -51.28
C GLY D 307 -6.78 27.91 -51.48
N GLY D 308 -5.56 28.24 -51.08
CA GLY D 308 -5.10 29.62 -51.15
C GLY D 308 -5.78 30.48 -50.10
N LYS D 309 -5.71 31.79 -50.33
CA LYS D 309 -6.34 32.84 -49.55
C LYS D 309 -5.64 33.08 -48.22
N ILE D 310 -4.60 32.33 -47.88
CA ILE D 310 -3.82 32.60 -46.67
C ILE D 310 -4.76 32.67 -45.47
N PRO D 311 -5.22 31.54 -44.95
CA PRO D 311 -6.28 31.57 -43.93
C PRO D 311 -5.91 32.48 -42.75
N ILE D 312 -6.91 33.22 -42.27
CA ILE D 312 -6.75 34.20 -41.20
C ILE D 312 -7.71 33.88 -40.08
N VAL D 313 -7.26 34.07 -38.84
CA VAL D 313 -8.07 33.89 -37.65
C VAL D 313 -7.92 35.15 -36.79
N CYS D 314 -9.05 35.67 -36.33
CA CYS D 314 -9.08 36.86 -35.49
C CYS D 314 -9.52 36.48 -34.08
N PHE D 315 -8.75 36.91 -33.09
CA PHE D 315 -9.01 36.58 -31.69
C PHE D 315 -9.59 37.78 -30.97
N ALA D 316 -10.61 37.55 -30.16
CA ALA D 316 -11.24 38.58 -29.34
C ALA D 316 -11.20 38.16 -27.88
N GLN D 317 -10.65 39.02 -27.03
CA GLN D 317 -10.53 38.76 -25.60
C GLN D 317 -11.51 39.60 -24.78
N GLY D 318 -11.52 40.90 -24.99
CA GLY D 318 -12.45 41.78 -24.27
C GLY D 318 -13.21 42.64 -25.25
N GLY D 319 -14.48 42.90 -24.91
CA GLY D 319 -15.35 43.66 -25.77
C GLY D 319 -15.23 45.15 -25.59
N GLY D 320 -16.04 45.88 -26.33
CA GLY D 320 -16.05 47.33 -26.27
C GLY D 320 -16.54 47.91 -27.58
N LYS D 321 -16.58 49.25 -27.63
CA LYS D 321 -17.02 49.94 -28.82
C LYS D 321 -16.11 49.65 -30.00
N GLU D 322 -14.80 49.87 -29.81
CA GLU D 322 -13.84 49.62 -30.89
C GLU D 322 -13.83 48.13 -31.24
N THR D 323 -13.94 47.26 -30.25
CA THR D 323 -13.93 45.83 -30.51
C THR D 323 -15.14 45.42 -31.33
N LEU D 324 -16.33 45.95 -30.98
CA LEU D 324 -17.53 45.61 -31.73
C LEU D 324 -17.45 46.15 -33.15
N LYS D 325 -16.95 47.37 -33.32
CA LYS D 325 -16.78 47.92 -34.67
C LYS D 325 -15.84 47.05 -35.50
N SER D 326 -14.71 46.65 -34.91
CA SER D 326 -13.76 45.80 -35.62
C SER D 326 -14.39 44.46 -35.98
N ILE D 327 -15.13 43.87 -35.05
CA ILE D 327 -15.78 42.58 -35.31
C ILE D 327 -16.75 42.73 -36.46
N ASN D 328 -17.56 43.79 -36.46
CA ASN D 328 -18.54 43.97 -37.52
C ASN D 328 -17.88 44.16 -38.87
N VAL D 329 -16.85 45.01 -38.93
CA VAL D 329 -16.21 45.28 -40.21
C VAL D 329 -15.52 44.03 -40.72
N ALA D 330 -14.93 43.23 -39.82
CA ALA D 330 -14.33 41.98 -40.25
C ALA D 330 -15.38 41.00 -40.76
N ILE D 331 -16.53 40.93 -40.08
CA ILE D 331 -17.58 40.00 -40.50
C ILE D 331 -18.11 40.39 -41.87
N LYS D 332 -18.28 41.69 -42.12
CA LYS D 332 -18.75 42.13 -43.43
C LYS D 332 -17.90 41.53 -44.54
N SER D 333 -16.59 41.46 -44.33
CA SER D 333 -15.71 40.73 -45.23
C SER D 333 -15.74 39.24 -44.89
N LYS D 334 -15.59 38.41 -45.91
CA LYS D 334 -15.68 36.98 -45.71
C LYS D 334 -14.34 36.41 -45.23
N ILE D 335 -14.40 35.20 -44.70
CA ILE D 335 -13.27 34.54 -44.05
C ILE D 335 -12.73 35.45 -42.94
N PRO D 336 -13.59 35.96 -42.05
CA PRO D 336 -13.06 36.65 -40.86
C PRO D 336 -12.55 35.67 -39.83
N CYS D 337 -13.30 34.58 -39.63
CA CYS D 337 -12.93 33.53 -38.68
C CYS D 337 -12.72 34.11 -37.28
N VAL D 338 -13.67 34.95 -36.86
CA VAL D 338 -13.58 35.59 -35.55
C VAL D 338 -13.72 34.55 -34.45
N VAL D 339 -12.96 34.73 -33.37
CA VAL D 339 -13.02 33.86 -32.20
C VAL D 339 -13.17 34.75 -30.98
N VAL D 340 -14.11 34.40 -30.10
CA VAL D 340 -14.42 35.17 -28.90
C VAL D 340 -14.23 34.25 -27.70
N GLU D 341 -13.51 34.74 -26.69
CA GLU D 341 -13.28 33.92 -25.51
C GLU D 341 -14.49 34.01 -24.59
N GLY D 342 -14.52 33.12 -23.58
CA GLY D 342 -15.63 33.10 -22.66
C GLY D 342 -15.80 34.38 -21.86
N SER D 343 -14.71 34.96 -21.39
CA SER D 343 -14.77 36.11 -20.49
C SER D 343 -14.47 37.41 -21.24
N GLY D 344 -15.30 38.43 -21.00
CA GLY D 344 -15.13 39.73 -21.62
C GLY D 344 -16.28 40.67 -21.35
N ARG D 345 -16.05 41.98 -21.46
CA ARG D 345 -17.11 42.94 -21.19
C ARG D 345 -18.27 42.77 -22.17
N ILE D 346 -17.96 42.66 -23.46
CA ILE D 346 -18.98 42.45 -24.48
C ILE D 346 -18.89 41.08 -25.12
N ALA D 347 -17.73 40.42 -25.06
CA ALA D 347 -17.62 39.08 -25.62
C ALA D 347 -18.55 38.10 -24.92
N ASP D 348 -18.78 38.28 -23.62
CA ASP D 348 -19.72 37.43 -22.92
C ASP D 348 -21.14 37.59 -23.49
N VAL D 349 -21.51 38.81 -23.87
CA VAL D 349 -22.83 39.01 -24.48
C VAL D 349 -22.95 38.16 -25.73
N ILE D 350 -21.97 38.25 -26.62
CA ILE D 350 -22.04 37.51 -27.88
C ILE D 350 -22.05 36.01 -27.61
N ALA D 351 -21.22 35.56 -26.67
CA ALA D 351 -21.20 34.13 -26.33
C ALA D 351 -22.55 33.68 -25.81
N SER D 352 -23.18 34.47 -24.93
CA SER D 352 -24.46 34.10 -24.36
C SER D 352 -25.54 34.05 -25.43
N LEU D 353 -25.55 35.01 -26.35
CA LEU D 353 -26.60 35.04 -27.37
C LEU D 353 -26.58 33.76 -28.22
N VAL D 354 -25.40 33.31 -28.61
CA VAL D 354 -25.27 32.09 -29.39
C VAL D 354 -25.08 30.89 -28.47
N ALA D 361 -34.09 38.90 -30.49
CA ALA D 361 -35.09 39.73 -29.83
C ALA D 361 -34.43 40.92 -29.15
N SER D 362 -35.06 42.09 -29.29
CA SER D 362 -34.51 43.30 -28.67
C SER D 362 -34.52 43.20 -27.15
N SER D 363 -35.56 42.59 -26.58
CA SER D 363 -35.66 42.50 -25.13
C SER D 363 -34.56 41.62 -24.54
N CYS D 364 -34.36 40.43 -25.14
CA CYS D 364 -33.32 39.54 -24.63
C CYS D 364 -31.93 40.15 -24.82
N VAL D 365 -31.71 40.80 -25.96
CA VAL D 365 -30.43 41.48 -26.19
C VAL D 365 -30.21 42.55 -25.15
N LYS D 366 -31.25 43.33 -24.84
CA LYS D 366 -31.13 44.38 -23.83
C LYS D 366 -30.81 43.79 -22.47
N GLU D 367 -31.49 42.70 -22.10
CA GLU D 367 -31.23 42.06 -20.82
C GLU D 367 -29.79 41.59 -20.72
N SER D 368 -29.31 40.90 -21.76
CA SER D 368 -27.94 40.39 -21.73
C SER D 368 -26.93 41.53 -21.67
N LEU D 369 -27.14 42.57 -22.49
CA LEU D 369 -26.21 43.69 -22.53
C LEU D 369 -26.18 44.41 -21.18
N LEU D 370 -27.35 44.59 -20.56
CA LEU D 370 -27.40 45.26 -19.26
C LEU D 370 -26.71 44.43 -18.18
N ARG D 371 -27.00 43.13 -18.13
CA ARG D 371 -26.42 42.32 -17.07
C ARG D 371 -24.91 42.18 -17.23
N PHE D 372 -24.43 42.13 -18.48
CA PHE D 372 -23.00 41.90 -18.68
C PHE D 372 -22.20 43.20 -18.60
N LEU D 373 -22.78 44.30 -19.07
CA LEU D 373 -22.13 45.62 -19.05
C LEU D 373 -23.11 46.66 -18.52
N PRO D 374 -23.42 46.63 -17.22
CA PRO D 374 -24.45 47.53 -16.68
C PRO D 374 -24.07 48.99 -16.71
N ARG D 375 -22.90 49.34 -16.16
CA ARG D 375 -22.57 50.73 -15.91
C ARG D 375 -22.42 51.52 -17.20
N THR D 376 -21.67 50.98 -18.17
CA THR D 376 -21.37 51.75 -19.37
C THR D 376 -22.63 52.12 -20.14
N ILE D 377 -23.67 51.29 -20.07
CA ILE D 377 -24.87 51.54 -20.85
C ILE D 377 -25.57 52.81 -20.38
N SER D 378 -25.65 53.03 -19.06
CA SER D 378 -26.37 54.18 -18.54
C SER D 378 -25.81 55.48 -19.12
N ARG D 379 -24.49 55.56 -19.26
CA ARG D 379 -23.89 56.75 -19.86
C ARG D 379 -24.33 56.90 -21.31
N LEU D 380 -24.40 55.80 -22.05
CA LEU D 380 -24.77 55.85 -23.46
C LEU D 380 -26.21 56.31 -23.62
N SER D 381 -26.46 57.03 -24.71
CA SER D 381 -27.80 57.51 -25.02
C SER D 381 -28.64 56.38 -25.63
N GLU D 382 -29.96 56.60 -25.63
CA GLU D 382 -30.88 55.57 -26.11
C GLU D 382 -30.66 55.26 -27.58
N GLU D 383 -30.47 56.30 -28.40
CA GLU D 383 -30.24 56.08 -29.83
C GLU D 383 -28.94 55.31 -30.06
N GLU D 384 -27.90 55.63 -29.30
CA GLU D 384 -26.62 54.97 -29.49
C GLU D 384 -26.70 53.50 -29.12
N THR D 385 -27.39 53.18 -28.02
CA THR D 385 -27.56 51.78 -27.65
C THR D 385 -28.45 51.04 -28.64
N GLU D 386 -29.43 51.73 -29.24
CA GLU D 386 -30.20 51.11 -30.31
C GLU D 386 -29.31 50.76 -31.49
N SER D 387 -28.42 51.68 -31.87
CA SER D 387 -27.48 51.41 -32.94
C SER D 387 -26.57 50.24 -32.58
N TRP D 388 -26.14 50.17 -31.33
CA TRP D 388 -25.30 49.05 -30.89
C TRP D 388 -26.07 47.73 -31.00
N ILE D 389 -27.35 47.73 -30.63
CA ILE D 389 -28.17 46.53 -30.77
C ILE D 389 -28.27 46.13 -32.23
N LYS D 390 -28.39 47.13 -33.13
CA LYS D 390 -28.40 46.81 -34.55
C LYS D 390 -27.09 46.16 -34.99
N TRP D 391 -25.96 46.69 -34.50
CA TRP D 391 -24.67 46.09 -34.82
C TRP D 391 -24.60 44.64 -34.34
N ILE D 392 -25.08 44.40 -33.12
CA ILE D 392 -25.06 43.04 -32.57
C ILE D 392 -25.97 42.13 -33.36
N LYS D 393 -27.11 42.66 -33.84
CA LYS D 393 -27.97 41.88 -34.72
C LYS D 393 -27.22 41.46 -35.97
N GLU D 394 -26.51 42.41 -36.60
CA GLU D 394 -25.75 42.08 -37.79
C GLU D 394 -24.73 40.99 -37.51
N VAL D 395 -24.05 41.06 -36.37
CA VAL D 395 -23.09 40.02 -36.02
C VAL D 395 -23.80 38.69 -35.84
N LEU D 396 -24.93 38.68 -35.13
CA LEU D 396 -25.64 37.45 -34.82
C LEU D 396 -26.33 36.84 -36.03
N GLU D 397 -26.42 37.57 -37.14
CA GLU D 397 -27.06 37.01 -38.33
C GLU D 397 -26.42 35.69 -38.74
N SER D 398 -25.09 35.65 -38.83
CA SER D 398 -24.35 34.48 -39.29
C SER D 398 -23.55 33.88 -38.15
N PRO D 399 -23.97 32.75 -37.55
CA PRO D 399 -23.22 32.17 -36.45
C PRO D 399 -22.08 31.23 -36.86
N HIS D 400 -22.03 30.79 -38.12
CA HIS D 400 -21.01 29.83 -38.52
C HIS D 400 -19.62 30.42 -38.43
N LEU D 401 -19.47 31.71 -38.73
CA LEU D 401 -18.15 32.33 -38.64
C LEU D 401 -17.71 32.50 -37.19
N LEU D 402 -18.65 32.74 -36.29
CA LEU D 402 -18.31 32.92 -34.88
C LEU D 402 -17.93 31.60 -34.24
N THR D 403 -16.91 31.65 -33.37
CA THR D 403 -16.49 30.50 -32.59
C THR D 403 -16.23 30.97 -31.16
N VAL D 404 -16.61 30.14 -30.19
CA VAL D 404 -16.58 30.51 -28.78
C VAL D 404 -15.75 29.49 -28.02
N ILE D 405 -14.84 29.97 -27.18
CA ILE D 405 -14.09 29.14 -26.24
C ILE D 405 -14.86 29.17 -24.92
N LYS D 406 -15.68 28.14 -24.68
CA LYS D 406 -16.54 28.14 -23.52
C LYS D 406 -15.73 28.11 -22.22
N ILE D 407 -16.28 28.77 -21.19
CA ILE D 407 -15.56 28.89 -19.93
C ILE D 407 -15.39 27.53 -19.27
N GLU D 408 -16.44 26.70 -19.29
CA GLU D 408 -16.40 25.44 -18.59
C GLU D 408 -15.26 24.55 -19.07
N GLU D 409 -14.86 24.70 -20.33
CA GLU D 409 -13.76 23.89 -20.86
C GLU D 409 -12.48 24.16 -20.08
N ALA D 410 -11.78 23.08 -19.72
CA ALA D 410 -10.54 23.20 -18.97
C ALA D 410 -9.45 22.26 -19.48
N GLY D 411 -9.65 21.61 -20.62
CA GLY D 411 -8.67 20.70 -21.17
C GLY D 411 -7.53 21.43 -21.86
N ASP D 412 -6.57 20.64 -22.33
CA ASP D 412 -5.41 21.16 -23.04
C ASP D 412 -5.71 21.28 -24.54
N GLU D 413 -4.82 21.97 -25.25
CA GLU D 413 -4.94 22.17 -26.69
C GLU D 413 -6.32 22.71 -27.07
N ILE D 414 -6.91 23.53 -26.20
CA ILE D 414 -8.20 24.12 -26.50
C ILE D 414 -8.06 25.17 -27.60
N VAL D 415 -6.98 25.95 -27.57
CA VAL D 415 -6.80 27.01 -28.56
C VAL D 415 -6.67 26.42 -29.95
N SER D 416 -5.84 25.37 -30.08
CA SER D 416 -5.67 24.74 -31.38
C SER D 416 -6.98 24.16 -31.89
N ASN D 417 -7.74 23.51 -31.00
CA ASN D 417 -9.02 22.94 -31.39
C ASN D 417 -9.97 24.03 -31.89
N ALA D 418 -10.05 25.14 -31.15
CA ALA D 418 -10.95 26.22 -31.55
C ALA D 418 -10.55 26.81 -32.89
N ILE D 419 -9.25 27.06 -33.08
CA ILE D 419 -8.78 27.65 -34.34
C ILE D 419 -9.06 26.71 -35.50
N SER D 420 -8.76 25.42 -35.32
CA SER D 420 -8.98 24.46 -36.38
C SER D 420 -10.46 24.35 -36.72
N PHE D 421 -11.32 24.32 -35.70
CA PHE D 421 -12.76 24.22 -35.93
C PHE D 421 -13.27 25.44 -36.68
N ALA D 422 -12.84 26.64 -36.28
CA ALA D 422 -13.29 27.85 -36.96
C ALA D 422 -12.84 27.86 -38.41
N LEU D 423 -11.57 27.52 -38.66
CA LEU D 423 -11.07 27.52 -40.02
C LEU D 423 -11.77 26.48 -40.88
N TYR D 424 -12.01 25.29 -40.32
CA TYR D 424 -12.72 24.25 -41.07
C TYR D 424 -14.14 24.69 -41.41
N LYS D 425 -14.83 25.32 -40.46
CA LYS D 425 -16.18 25.80 -40.75
C LYS D 425 -16.17 26.86 -41.84
N ALA D 426 -15.21 27.80 -41.75
CA ALA D 426 -15.12 28.83 -42.78
C ALA D 426 -14.84 28.23 -44.15
N PHE D 427 -13.93 27.26 -44.21
CA PHE D 427 -13.62 26.62 -45.48
C PHE D 427 -14.82 25.86 -46.03
N SER D 428 -15.55 25.17 -45.16
CA SER D 428 -16.68 24.37 -45.61
C SER D 428 -17.81 25.27 -46.13
N THR D 429 -18.03 26.41 -45.49
CA THR D 429 -19.14 27.28 -45.84
C THR D 429 -18.87 28.11 -47.11
N ASN D 430 -17.73 27.89 -47.78
CA ASN D 430 -17.42 28.66 -48.97
C ASN D 430 -18.46 28.49 -50.06
N GLU D 431 -19.13 27.33 -50.09
CA GLU D 431 -20.16 26.94 -51.05
C GLU D 431 -19.56 26.55 -52.40
N HIS D 432 -18.24 26.72 -52.62
CA HIS D 432 -17.59 26.17 -53.79
C HIS D 432 -16.46 25.20 -53.46
N ASP D 433 -15.96 25.22 -52.22
CA ASP D 433 -15.04 24.20 -51.73
C ASP D 433 -15.77 23.07 -51.03
N ARG D 434 -17.09 23.17 -50.87
CA ARG D 434 -17.86 22.11 -50.21
C ARG D 434 -17.76 20.80 -50.98
N ASP D 435 -17.85 20.88 -52.31
CA ASP D 435 -17.78 19.65 -53.11
C ASP D 435 -16.43 18.95 -52.93
N ASN D 436 -15.35 19.71 -52.90
CA ASN D 436 -14.03 19.13 -52.69
C ASN D 436 -13.87 18.71 -51.24
N TRP D 437 -13.46 17.45 -51.03
CA TRP D 437 -13.24 16.92 -49.69
C TRP D 437 -11.77 16.70 -49.36
N ASN D 438 -10.91 16.58 -50.38
CA ASN D 438 -9.48 16.41 -50.12
C ASN D 438 -8.90 17.61 -49.39
N GLY D 439 -9.32 18.82 -49.79
CA GLY D 439 -8.83 20.01 -49.10
C GLY D 439 -9.22 20.04 -47.63
N GLN D 440 -10.47 19.68 -47.33
CA GLN D 440 -10.91 19.62 -45.94
C GLN D 440 -10.11 18.59 -45.15
N LEU D 441 -9.88 17.42 -45.77
CA LEU D 441 -9.12 16.39 -45.09
C LEU D 441 -7.69 16.84 -44.80
N LYS D 442 -7.07 17.50 -45.78
CA LYS D 442 -5.70 17.99 -45.57
C LYS D 442 -5.67 19.07 -44.49
N LEU D 443 -6.65 19.97 -44.49
CA LEU D 443 -6.71 21.00 -43.44
C LEU D 443 -6.86 20.37 -42.07
N LEU D 444 -7.73 19.36 -41.95
CA LEU D 444 -7.90 18.67 -40.68
C LEU D 444 -6.72 17.79 -40.34
N LEU D 445 -5.87 17.48 -41.32
CA LEU D 445 -4.64 16.75 -41.05
C LEU D 445 -3.54 17.68 -40.52
N GLU D 446 -3.50 18.92 -41.02
CA GLU D 446 -2.51 19.87 -40.52
C GLU D 446 -2.70 20.12 -39.03
N TRP D 447 -3.94 20.27 -38.59
CA TRP D 447 -4.29 20.41 -37.18
C TRP D 447 -4.72 19.06 -36.64
N ASN D 448 -4.29 18.75 -35.41
CA ASN D 448 -4.56 17.43 -34.83
C ASN D 448 -6.03 17.36 -34.42
N GLN D 449 -6.87 16.99 -35.38
CA GLN D 449 -8.31 16.84 -35.18
C GLN D 449 -8.75 15.51 -35.76
N LEU D 450 -8.87 14.50 -34.90
CA LEU D 450 -9.27 13.16 -35.31
C LEU D 450 -10.78 12.98 -35.32
N ASP D 451 -11.44 13.27 -34.19
CA ASP D 451 -12.86 13.02 -34.09
C ASP D 451 -13.65 13.83 -35.11
N LEU D 452 -13.31 15.11 -35.27
CA LEU D 452 -14.05 15.96 -36.20
C LEU D 452 -13.90 15.45 -37.63
N ALA D 453 -12.67 15.10 -38.03
CA ALA D 453 -12.45 14.61 -39.38
C ALA D 453 -13.20 13.31 -39.61
N SER D 454 -13.13 12.38 -38.65
CA SER D 454 -13.81 11.11 -38.80
C SER D 454 -15.32 11.31 -38.94
N ASP D 455 -15.89 12.17 -38.09
CA ASP D 455 -17.33 12.39 -38.14
C ASP D 455 -17.75 13.06 -39.43
N GLU D 456 -17.01 14.07 -39.88
CA GLU D 456 -17.44 14.86 -41.02
C GLU D 456 -17.22 14.14 -42.34
N ILE D 457 -16.08 13.47 -42.50
CA ILE D 457 -15.67 12.98 -43.81
C ILE D 457 -15.96 11.49 -43.96
N PHE D 458 -15.34 10.67 -43.11
CA PHE D 458 -15.33 9.23 -43.35
C PHE D 458 -16.66 8.57 -43.02
N THR D 459 -17.42 9.12 -42.06
CA THR D 459 -18.67 8.47 -41.66
C THR D 459 -19.67 8.43 -42.79
N ASN D 460 -19.78 9.50 -43.57
CA ASN D 460 -20.88 9.62 -44.52
C ASN D 460 -20.78 8.62 -45.66
N ASP D 461 -19.56 8.23 -46.05
CA ASP D 461 -19.37 7.31 -47.17
C ASP D 461 -19.98 7.90 -48.45
N ARG D 462 -19.51 9.09 -48.80
CA ARG D 462 -20.16 9.91 -49.82
C ARG D 462 -19.54 9.74 -51.21
N ASN D 463 -18.26 10.09 -51.38
CA ASN D 463 -17.73 10.33 -52.72
C ASN D 463 -16.34 9.79 -52.99
N TRP D 464 -15.73 9.06 -52.06
CA TRP D 464 -14.35 8.60 -52.24
C TRP D 464 -14.31 7.08 -52.35
N GLU D 465 -13.48 6.61 -53.28
CA GLU D 465 -13.27 5.18 -53.50
C GLU D 465 -12.13 4.61 -52.65
N SER D 466 -11.45 5.45 -51.86
CA SER D 466 -10.37 5.07 -50.97
C SER D 466 -9.05 4.85 -51.72
N ALA D 467 -9.01 5.10 -53.03
CA ALA D 467 -7.79 4.91 -53.80
C ALA D 467 -6.87 6.12 -53.73
N ASP D 468 -7.44 7.34 -53.78
CA ASP D 468 -6.61 8.54 -53.72
C ASP D 468 -6.05 8.78 -52.33
N LEU D 469 -6.72 8.26 -51.30
CA LEU D 469 -6.30 8.47 -49.92
C LEU D 469 -4.80 8.25 -49.75
N GLN D 470 -4.22 7.34 -50.54
CA GLN D 470 -2.79 7.08 -50.47
C GLN D 470 -1.99 8.37 -50.34
N ASP D 471 -2.23 9.32 -51.24
CA ASP D 471 -1.51 10.58 -51.18
C ASP D 471 -1.53 11.16 -49.77
N VAL D 472 -2.72 11.44 -49.26
CA VAL D 472 -2.84 11.99 -47.91
C VAL D 472 -2.12 11.08 -46.92
N MET D 473 -2.34 9.76 -47.06
CA MET D 473 -1.68 8.81 -46.19
C MET D 473 -0.18 9.09 -46.08
N PHE D 474 0.48 9.26 -47.23
CA PHE D 474 1.92 9.49 -47.20
C PHE D 474 2.26 10.64 -46.27
N THR D 475 1.55 11.76 -46.41
CA THR D 475 1.85 12.93 -45.59
C THR D 475 1.83 12.57 -44.11
N ALA D 476 0.80 11.83 -43.69
CA ALA D 476 0.71 11.47 -42.28
C ALA D 476 1.99 10.77 -41.83
N LEU D 477 2.46 9.80 -42.61
CA LEU D 477 3.64 9.05 -42.21
C LEU D 477 4.84 9.97 -41.99
N VAL D 478 4.92 11.06 -42.73
CA VAL D 478 6.05 11.97 -42.58
C VAL D 478 5.77 13.07 -41.57
N LYS D 479 4.52 13.30 -41.20
CA LYS D 479 4.15 14.35 -40.27
C LYS D 479 3.85 13.82 -38.87
N ASP D 480 4.05 12.53 -38.64
CA ASP D 480 3.88 11.93 -37.31
C ASP D 480 2.46 12.19 -36.79
N ARG D 481 1.49 11.60 -37.49
CA ARG D 481 0.07 11.71 -37.13
C ARG D 481 -0.49 10.30 -37.03
N PRO D 482 -0.08 9.54 -36.01
CA PRO D 482 -0.46 8.12 -35.96
C PRO D 482 -1.96 7.89 -35.91
N LYS D 483 -2.72 8.77 -35.26
CA LYS D 483 -4.16 8.59 -35.17
C LYS D 483 -4.80 8.63 -36.55
N PHE D 484 -4.35 9.55 -37.41
CA PHE D 484 -4.87 9.59 -38.78
C PHE D 484 -4.45 8.35 -39.55
N VAL D 485 -3.27 7.82 -39.27
CA VAL D 485 -2.85 6.55 -39.87
C VAL D 485 -3.83 5.44 -39.51
N ARG D 486 -4.15 5.32 -38.22
CA ARG D 486 -5.09 4.30 -37.78
C ARG D 486 -6.45 4.51 -38.40
N LEU D 487 -6.89 5.76 -38.50
CA LEU D 487 -8.18 6.06 -39.10
C LEU D 487 -8.22 5.64 -40.56
N PHE D 488 -7.16 5.94 -41.31
CA PHE D 488 -7.10 5.53 -42.71
C PHE D 488 -7.13 4.02 -42.84
N LEU D 489 -6.37 3.32 -42.00
CA LEU D 489 -6.35 1.86 -42.08
C LEU D 489 -7.72 1.28 -41.75
N GLU D 490 -8.41 1.82 -40.75
CA GLU D 490 -9.69 1.28 -40.34
C GLU D 490 -10.74 1.42 -41.45
N ASN D 491 -10.76 2.57 -42.12
CA ASN D 491 -11.79 2.86 -43.10
C ASN D 491 -11.49 2.25 -44.47
N GLY D 492 -10.47 1.41 -44.58
CA GLY D 492 -10.18 0.72 -45.82
C GLY D 492 -8.94 1.24 -46.52
N LEU D 493 -7.85 0.48 -46.40
CA LEU D 493 -6.60 0.83 -47.07
C LEU D 493 -5.69 -0.39 -47.06
N ASN D 494 -5.23 -0.78 -48.25
CA ASN D 494 -4.32 -1.92 -48.40
C ASN D 494 -2.90 -1.40 -48.27
N LEU D 495 -2.31 -1.55 -47.07
CA LEU D 495 -0.95 -1.09 -46.86
C LEU D 495 0.03 -1.86 -47.75
N ARG D 496 -0.27 -3.12 -48.05
CA ARG D 496 0.58 -3.90 -48.95
C ARG D 496 0.61 -3.28 -50.33
N LYS D 497 -0.56 -2.90 -50.86
CA LYS D 497 -0.61 -2.26 -52.17
C LYS D 497 -0.04 -0.85 -52.13
N PHE D 498 -0.35 -0.09 -51.06
CA PHE D 498 0.18 1.25 -50.94
C PHE D 498 1.70 1.24 -50.88
N LEU D 499 2.27 0.29 -50.13
CA LEU D 499 3.72 0.18 -50.03
C LEU D 499 4.28 -0.41 -51.32
N THR D 500 5.08 0.39 -52.02
CA THR D 500 5.72 -0.04 -53.25
C THR D 500 7.19 0.36 -53.21
N THR D 501 7.93 -0.07 -54.23
CA THR D 501 9.34 0.27 -54.29
C THR D 501 9.54 1.77 -54.36
N GLU D 502 8.70 2.46 -55.15
CA GLU D 502 8.84 3.91 -55.28
C GLU D 502 8.52 4.62 -53.97
N VAL D 503 7.46 4.21 -53.30
CA VAL D 503 7.07 4.85 -52.05
C VAL D 503 8.15 4.64 -50.99
N LEU D 504 8.65 3.40 -50.87
CA LEU D 504 9.71 3.13 -49.91
C LEU D 504 10.97 3.90 -50.25
N ARG D 505 11.31 3.99 -51.53
CA ARG D 505 12.49 4.74 -51.93
C ARG D 505 12.36 6.20 -51.56
N GLU D 506 11.19 6.80 -51.80
CA GLU D 506 10.97 8.19 -51.41
C GLU D 506 11.06 8.35 -49.90
N LEU D 507 10.49 7.40 -49.15
CA LEU D 507 10.50 7.49 -47.70
C LEU D 507 11.91 7.42 -47.14
N TYR D 508 12.73 6.51 -47.67
CA TYR D 508 14.07 6.31 -47.13
C TYR D 508 15.07 7.35 -47.62
N THR D 509 14.94 7.80 -48.87
CA THR D 509 15.95 8.68 -49.44
C THR D 509 15.93 10.06 -48.79
N ASN D 510 14.74 10.66 -48.66
CA ASN D 510 14.62 12.05 -48.21
C ASN D 510 14.15 12.16 -46.77
N ASN D 511 13.01 11.54 -46.45
CA ASN D 511 12.43 11.69 -45.12
C ASN D 511 13.27 11.04 -44.03
N PHE D 512 14.22 10.19 -44.39
CA PHE D 512 15.05 9.52 -43.39
C PHE D 512 16.14 10.46 -42.92
N SER D 513 16.20 10.65 -41.60
CA SER D 513 17.20 11.55 -41.02
C SER D 513 18.61 11.01 -41.24
N SER D 514 19.53 11.91 -41.61
CA SER D 514 20.92 11.51 -41.82
C SER D 514 21.64 11.21 -40.52
N LEU D 515 21.18 11.78 -39.40
CA LEU D 515 21.75 11.41 -38.11
C LEU D 515 21.59 9.92 -37.86
N VAL D 516 20.41 9.37 -38.13
CA VAL D 516 20.23 7.93 -37.98
C VAL D 516 21.08 7.18 -39.00
N PHE D 517 21.33 7.78 -40.16
CA PHE D 517 22.18 7.13 -41.15
C PHE D 517 23.60 6.95 -40.63
N LYS D 518 24.20 8.03 -40.13
CA LYS D 518 25.56 7.90 -39.60
C LYS D 518 25.56 7.05 -38.34
N ASN D 519 24.47 7.06 -37.58
CA ASN D 519 24.40 6.23 -36.38
C ASN D 519 24.38 4.75 -36.77
N LEU D 520 23.66 4.42 -37.84
CA LEU D 520 23.71 3.06 -38.38
C LEU D 520 25.12 2.71 -38.82
N GLN D 521 25.80 3.65 -39.49
CA GLN D 521 27.19 3.39 -39.88
C GLN D 521 28.02 3.01 -38.66
N ILE D 522 28.00 3.85 -37.63
CA ILE D 522 28.85 3.64 -36.46
C ILE D 522 28.47 2.34 -35.76
N ALA D 523 27.16 2.07 -35.65
CA ALA D 523 26.73 0.84 -35.01
C ALA D 523 27.24 -0.38 -35.76
N LYS D 524 27.17 -0.36 -37.09
CA LYS D 524 27.66 -1.51 -37.86
C LYS D 524 29.17 -1.67 -37.72
N ASN D 525 29.92 -0.56 -37.80
CA ASN D 525 31.37 -0.71 -37.73
C ASN D 525 31.81 -1.16 -36.33
N SER D 526 31.18 -0.63 -35.29
CA SER D 526 31.58 -0.97 -33.92
C SER D 526 31.41 -2.45 -33.64
N TYR D 527 30.28 -3.03 -34.06
CA TYR D 527 29.98 -4.43 -33.82
C TYR D 527 29.25 -4.99 -35.02
N ASN D 528 29.52 -6.26 -35.32
CA ASN D 528 28.87 -6.95 -36.44
C ASN D 528 27.80 -7.89 -35.90
N ASP D 529 26.61 -7.82 -36.50
CA ASP D 529 25.51 -8.71 -36.17
C ASP D 529 24.74 -9.00 -37.45
N ALA D 530 24.09 -10.17 -37.47
CA ALA D 530 23.37 -10.58 -38.67
C ALA D 530 22.24 -9.62 -39.00
N LEU D 531 21.44 -9.24 -38.01
CA LEU D 531 20.29 -8.40 -38.28
C LEU D 531 20.71 -6.97 -38.57
N LEU D 532 21.77 -6.48 -37.93
CA LEU D 532 22.26 -5.15 -38.23
C LEU D 532 22.70 -5.04 -39.69
N THR D 533 23.47 -6.03 -40.16
CA THR D 533 23.89 -6.00 -41.56
C THR D 533 22.70 -6.19 -42.50
N PHE D 534 21.73 -7.01 -42.11
CA PHE D 534 20.54 -7.19 -42.94
C PHE D 534 19.80 -5.86 -43.13
N VAL D 535 19.52 -5.17 -42.03
CA VAL D 535 18.80 -3.90 -42.14
C VAL D 535 19.65 -2.86 -42.86
N TRP D 536 20.98 -2.90 -42.64
CA TRP D 536 21.86 -1.94 -43.31
C TRP D 536 21.82 -2.12 -44.81
N LYS D 537 21.95 -3.37 -45.29
CA LYS D 537 21.91 -3.59 -46.72
C LYS D 537 20.52 -3.30 -47.29
N MET D 538 19.46 -3.56 -46.50
CA MET D 538 18.12 -3.20 -46.97
C MET D 538 17.99 -1.70 -47.19
N VAL D 539 18.45 -0.90 -46.23
CA VAL D 539 18.31 0.54 -46.35
C VAL D 539 19.19 1.07 -47.49
N GLU D 540 20.39 0.49 -47.65
CA GLU D 540 21.22 0.89 -48.79
C GLU D 540 20.57 0.55 -50.12
N ASP D 541 19.94 -0.62 -50.21
CA ASP D 541 19.24 -1.00 -51.43
C ASP D 541 18.11 -0.01 -51.73
N PHE D 542 17.36 0.38 -50.70
CA PHE D 542 16.30 1.36 -50.91
C PHE D 542 16.87 2.71 -51.34
N ARG D 543 18.00 3.12 -50.76
CA ARG D 543 18.55 4.44 -51.07
C ARG D 543 19.19 4.49 -52.45
N ARG D 544 19.75 3.37 -52.92
CA ARG D 544 20.55 3.41 -54.14
C ARG D 544 19.74 3.93 -55.33
N GLY D 545 18.52 3.45 -55.49
CA GLY D 545 17.70 3.81 -56.63
C GLY D 545 17.32 5.28 -56.63
N ARG D 569 9.15 -8.38 -50.93
CA ARG D 569 10.22 -8.71 -50.00
C ARG D 569 9.90 -8.19 -48.61
N HIS D 570 8.69 -8.49 -48.14
CA HIS D 570 8.22 -8.07 -46.82
C HIS D 570 8.37 -6.55 -46.64
N PRO D 571 7.75 -5.75 -47.51
CA PRO D 571 7.84 -4.29 -47.34
C PRO D 571 7.27 -3.79 -46.03
N LEU D 572 6.29 -4.50 -45.45
CA LEU D 572 5.74 -4.08 -44.17
C LEU D 572 6.81 -4.09 -43.09
N GLN D 573 7.69 -5.09 -43.12
CA GLN D 573 8.80 -5.12 -42.18
C GLN D 573 9.72 -3.93 -42.40
N ALA D 574 9.95 -3.54 -43.66
CA ALA D 574 10.77 -2.38 -43.94
C ALA D 574 10.14 -1.12 -43.36
N LEU D 575 8.83 -0.96 -43.53
CA LEU D 575 8.16 0.21 -42.97
C LEU D 575 8.25 0.21 -41.45
N PHE D 576 8.08 -0.95 -40.81
CA PHE D 576 8.20 -1.04 -39.36
C PHE D 576 9.61 -0.66 -38.91
N ILE D 577 10.62 -1.13 -39.64
CA ILE D 577 11.99 -0.78 -39.29
C ILE D 577 12.21 0.72 -39.42
N TRP D 578 11.70 1.31 -40.50
CA TRP D 578 11.85 2.75 -40.67
C TRP D 578 11.18 3.51 -39.53
N SER D 579 9.99 3.08 -39.13
CA SER D 579 9.28 3.78 -38.06
C SER D 579 10.02 3.64 -36.73
N VAL D 580 10.47 2.43 -36.40
CA VAL D 580 11.10 2.21 -35.11
C VAL D 580 12.46 2.90 -35.02
N LEU D 581 13.22 2.90 -36.12
CA LEU D 581 14.54 3.50 -36.09
C LEU D 581 14.48 4.98 -35.74
N GLN D 582 13.49 5.69 -36.28
CA GLN D 582 13.34 7.11 -36.00
C GLN D 582 12.70 7.39 -34.64
N ASN D 583 12.45 6.34 -33.84
CA ASN D 583 11.93 6.49 -32.49
C ASN D 583 10.52 7.08 -32.50
N LYS D 584 9.69 6.64 -33.43
CA LYS D 584 8.28 7.01 -33.49
C LYS D 584 7.49 5.97 -32.71
N LYS D 585 7.19 6.29 -31.45
CA LYS D 585 6.61 5.30 -30.54
C LYS D 585 5.23 4.85 -31.02
N GLU D 586 4.30 5.81 -31.13
CA GLU D 586 2.91 5.47 -31.44
C GLU D 586 2.80 4.85 -32.82
N LEU D 587 3.44 5.46 -33.82
CA LEU D 587 3.38 4.90 -35.16
C LEU D 587 4.05 3.53 -35.21
N SER D 588 5.09 3.32 -34.40
CA SER D 588 5.70 2.01 -34.34
C SER D 588 4.72 0.96 -33.85
N LYS D 589 3.95 1.26 -32.81
CA LYS D 589 2.95 0.31 -32.35
C LYS D 589 1.87 0.09 -33.41
N VAL D 590 1.39 1.17 -34.03
CA VAL D 590 0.35 1.04 -35.03
C VAL D 590 0.81 0.14 -36.17
N ILE D 591 2.06 0.30 -36.60
CA ILE D 591 2.58 -0.52 -37.67
C ILE D 591 2.77 -1.95 -37.21
N TRP D 592 3.25 -2.14 -35.98
CA TRP D 592 3.46 -3.48 -35.47
C TRP D 592 2.17 -4.27 -35.42
N GLU D 593 1.04 -3.59 -35.22
CA GLU D 593 -0.24 -4.30 -35.18
C GLU D 593 -0.52 -5.06 -36.47
N GLN D 594 0.12 -4.68 -37.59
CA GLN D 594 -0.15 -5.31 -38.88
C GLN D 594 0.80 -6.47 -39.19
N THR D 595 2.01 -6.47 -38.62
CA THR D 595 2.99 -7.49 -38.97
C THR D 595 2.49 -8.88 -38.58
N ARG D 596 2.81 -9.86 -39.42
CA ARG D 596 2.42 -11.23 -39.12
C ARG D 596 3.28 -11.84 -38.01
N GLY D 597 4.58 -11.53 -38.00
CA GLY D 597 5.46 -12.00 -36.96
C GLY D 597 5.44 -11.09 -35.74
N CYS D 598 4.35 -11.16 -34.98
CA CYS D 598 4.14 -10.21 -33.89
C CYS D 598 5.28 -10.26 -32.87
N THR D 599 5.42 -11.40 -32.19
CA THR D 599 6.44 -11.51 -31.15
C THR D 599 7.84 -11.42 -31.74
N LEU D 600 8.06 -12.05 -32.90
CA LEU D 600 9.36 -11.97 -33.54
C LEU D 600 9.70 -10.54 -33.91
N ALA D 601 8.72 -9.81 -34.46
CA ALA D 601 8.95 -8.41 -34.81
C ALA D 601 9.26 -7.58 -33.57
N ALA D 602 8.54 -7.83 -32.47
CA ALA D 602 8.78 -7.09 -31.24
C ALA D 602 10.19 -7.34 -30.72
N LEU D 603 10.62 -8.60 -30.72
CA LEU D 603 11.96 -8.92 -30.24
C LEU D 603 13.02 -8.31 -31.14
N GLY D 604 12.81 -8.36 -32.45
CA GLY D 604 13.76 -7.75 -33.37
C GLY D 604 13.86 -6.24 -33.17
N ALA D 605 12.72 -5.59 -32.96
CA ALA D 605 12.73 -4.16 -32.69
C ALA D 605 13.47 -3.85 -31.40
N SER D 606 13.25 -4.66 -30.36
CA SER D 606 13.96 -4.46 -29.10
C SER D 606 15.46 -4.60 -29.30
N LYS D 607 15.88 -5.62 -30.05
CA LYS D 607 17.31 -5.81 -30.30
C LYS D 607 17.88 -4.63 -31.08
N LEU D 608 17.16 -4.16 -32.10
CA LEU D 608 17.62 -3.01 -32.86
C LEU D 608 17.77 -1.78 -31.98
N LEU D 609 16.78 -1.53 -31.11
CA LEU D 609 16.85 -0.38 -30.23
C LEU D 609 18.04 -0.49 -29.28
N LYS D 610 18.27 -1.68 -28.73
CA LYS D 610 19.42 -1.85 -27.83
C LYS D 610 20.74 -1.65 -28.57
N SER D 611 20.84 -2.18 -29.79
CA SER D 611 22.06 -1.99 -30.56
C SER D 611 22.30 -0.51 -30.85
N MET D 612 21.25 0.21 -31.21
CA MET D 612 21.39 1.65 -31.42
C MET D 612 21.79 2.36 -30.13
N ALA D 613 21.21 1.93 -29.00
CA ALA D 613 21.56 2.55 -27.72
C ALA D 613 23.01 2.27 -27.34
N LYS D 614 23.57 1.15 -27.82
CA LYS D 614 25.00 0.91 -27.60
C LYS D 614 25.81 2.11 -28.07
N VAL D 615 25.52 2.59 -29.28
CA VAL D 615 26.09 3.83 -29.78
C VAL D 615 25.41 4.97 -29.03
N LYS D 616 26.10 5.52 -28.02
CA LYS D 616 25.55 6.55 -27.16
C LYS D 616 26.19 7.88 -27.47
N ASN D 617 25.36 8.88 -27.78
CA ASN D 617 25.81 10.26 -27.95
C ASN D 617 24.95 11.26 -27.21
N ASP D 618 23.70 10.93 -26.89
CA ASP D 618 22.81 11.79 -26.11
C ASP D 618 22.15 10.96 -25.01
N ILE D 619 22.01 11.57 -23.83
CA ILE D 619 21.43 10.84 -22.70
C ILE D 619 19.97 10.53 -22.96
N ASN D 620 19.20 11.53 -23.39
CA ASN D 620 17.77 11.33 -23.60
C ASN D 620 17.51 10.33 -24.72
N ALA D 621 18.32 10.36 -25.78
CA ALA D 621 18.13 9.42 -26.88
C ALA D 621 18.29 7.99 -26.40
N ALA D 622 19.36 7.71 -25.66
CA ALA D 622 19.60 6.36 -25.15
C ALA D 622 18.50 5.96 -24.17
N GLY D 623 18.08 6.89 -23.30
CA GLY D 623 17.01 6.56 -22.36
C GLY D 623 15.73 6.19 -23.06
N GLU D 624 15.34 6.97 -24.07
CA GLU D 624 14.12 6.66 -24.82
C GLU D 624 14.26 5.34 -25.57
N SER D 625 15.43 5.09 -26.16
CA SER D 625 15.65 3.85 -26.89
C SER D 625 15.48 2.64 -25.97
N GLU D 626 16.12 2.67 -24.80
CA GLU D 626 16.03 1.53 -23.90
C GLU D 626 14.62 1.40 -23.32
N GLU D 627 13.95 2.52 -23.07
CA GLU D 627 12.58 2.45 -22.56
C GLU D 627 11.65 1.79 -23.57
N LEU D 628 11.77 2.20 -24.85
CA LEU D 628 10.94 1.61 -25.89
C LEU D 628 11.27 0.13 -26.09
N ALA D 629 12.56 -0.23 -26.02
CA ALA D 629 12.94 -1.63 -26.13
C ALA D 629 12.31 -2.45 -25.01
N ASN D 630 12.34 -1.93 -23.78
CA ASN D 630 11.73 -2.63 -22.66
C ASN D 630 10.22 -2.76 -22.84
N GLU D 631 9.57 -1.70 -23.34
CA GLU D 631 8.14 -1.77 -23.59
C GLU D 631 7.81 -2.85 -24.60
N TYR D 632 8.58 -2.93 -25.69
CA TYR D 632 8.33 -3.96 -26.69
C TYR D 632 8.59 -5.35 -26.11
N GLU D 633 9.61 -5.48 -25.27
CA GLU D 633 9.85 -6.75 -24.58
C GLU D 633 8.64 -7.17 -23.76
N THR D 634 8.08 -6.24 -22.98
CA THR D 634 6.93 -6.57 -22.15
C THR D 634 5.72 -6.95 -23.00
N ARG D 635 5.52 -6.23 -24.10
CA ARG D 635 4.43 -6.56 -25.00
C ARG D 635 4.59 -7.98 -25.56
N ALA D 636 5.81 -8.32 -25.98
CA ALA D 636 6.06 -9.66 -26.48
C ALA D 636 5.82 -10.71 -25.41
N VAL D 637 6.21 -10.41 -24.16
CA VAL D 637 6.00 -11.35 -23.07
C VAL D 637 4.51 -11.59 -22.86
N GLU D 638 3.71 -10.53 -22.86
CA GLU D 638 2.27 -10.71 -22.69
C GLU D 638 1.67 -11.52 -23.83
N LEU D 639 2.07 -11.20 -25.06
CA LEU D 639 1.56 -11.93 -26.21
C LEU D 639 1.91 -13.41 -26.12
N PHE D 640 3.14 -13.72 -25.70
CA PHE D 640 3.53 -15.12 -25.57
C PHE D 640 2.82 -15.80 -24.41
N THR D 641 2.53 -15.06 -23.33
CA THR D 641 1.73 -15.65 -22.26
C THR D 641 0.39 -16.10 -22.80
N GLU D 642 -0.27 -15.24 -23.58
CA GLU D 642 -1.54 -15.63 -24.18
C GLU D 642 -1.37 -16.81 -25.12
N CYS D 643 -0.31 -16.80 -25.94
CA CYS D 643 -0.07 -17.89 -26.87
C CYS D 643 0.07 -19.22 -26.13
N TYR D 644 0.88 -19.24 -25.07
CA TYR D 644 1.09 -20.47 -24.33
C TYR D 644 -0.19 -20.92 -23.63
N SER D 645 -0.95 -19.98 -23.07
CA SER D 645 -2.19 -20.35 -22.40
C SER D 645 -3.18 -20.98 -23.36
N ASN D 646 -3.33 -20.41 -24.56
CA ASN D 646 -4.29 -20.95 -25.50
C ASN D 646 -3.89 -22.34 -25.98
N ASP D 647 -2.61 -22.54 -26.30
CA ASP D 647 -2.14 -23.82 -26.83
C ASP D 647 -0.69 -24.01 -26.39
N GLU D 648 -0.51 -24.84 -25.36
CA GLU D 648 0.83 -25.07 -24.83
C GLU D 648 1.68 -25.89 -25.81
N ASP D 649 1.09 -26.90 -26.42
CA ASP D 649 1.87 -27.81 -27.26
C ASP D 649 2.46 -27.09 -28.47
N LEU D 650 1.69 -26.21 -29.10
CA LEU D 650 2.12 -25.58 -30.35
C LEU D 650 2.73 -24.20 -30.14
N ALA D 651 2.57 -23.59 -28.97
CA ALA D 651 3.23 -22.31 -28.71
C ALA D 651 4.74 -22.45 -28.79
N GLU D 652 5.28 -23.63 -28.46
CA GLU D 652 6.71 -23.86 -28.57
C GLU D 652 7.15 -23.85 -30.03
N GLN D 653 6.27 -24.25 -30.95
CA GLN D 653 6.62 -24.24 -32.36
C GLN D 653 6.93 -22.82 -32.83
N LEU D 654 6.27 -21.81 -32.26
CA LEU D 654 6.59 -20.43 -32.61
C LEU D 654 8.03 -20.11 -32.27
N LEU D 655 8.48 -20.52 -31.08
CA LEU D 655 9.88 -20.31 -30.71
C LEU D 655 10.81 -21.06 -31.65
N THR D 656 10.48 -22.31 -31.96
CA THR D 656 11.31 -23.09 -32.87
C THR D 656 11.15 -22.65 -34.32
N TYR D 657 10.04 -22.01 -34.67
CA TYR D 657 9.81 -21.63 -36.05
C TYR D 657 10.87 -20.62 -36.50
N SER D 658 11.24 -20.71 -37.77
CA SER D 658 12.31 -19.89 -38.31
C SER D 658 11.80 -18.48 -38.59
N CYS D 659 12.63 -17.67 -39.25
CA CYS D 659 12.27 -16.28 -39.51
C CYS D 659 11.23 -16.14 -40.60
N GLU D 660 11.35 -16.95 -41.66
CA GLU D 660 10.61 -16.74 -42.90
C GLU D 660 11.06 -15.44 -43.56
N ALA D 661 12.37 -15.29 -43.72
CA ALA D 661 13.05 -14.16 -44.35
C ALA D 661 13.14 -12.94 -43.44
N TRP D 662 12.60 -12.99 -42.22
CA TRP D 662 12.64 -11.82 -41.35
C TRP D 662 14.07 -11.49 -40.96
N GLY D 663 14.86 -12.49 -40.62
CA GLY D 663 16.22 -12.25 -40.15
C GLY D 663 16.96 -13.56 -39.99
N GLY D 664 18.24 -13.45 -39.67
CA GLY D 664 19.09 -14.63 -39.58
C GLY D 664 18.64 -15.60 -38.51
N SER D 665 18.25 -15.08 -37.35
CA SER D 665 17.92 -15.91 -36.20
C SER D 665 16.41 -16.00 -36.02
N ASN D 666 15.99 -16.93 -35.17
CA ASN D 666 14.59 -17.16 -34.87
C ASN D 666 14.23 -16.40 -33.59
N CYS D 667 13.03 -16.67 -33.06
CA CYS D 667 12.52 -15.91 -31.92
C CYS D 667 13.41 -16.09 -30.70
N LEU D 668 13.73 -17.34 -30.36
CA LEU D 668 14.46 -17.61 -29.11
C LEU D 668 15.89 -17.09 -29.19
N GLU D 669 16.58 -17.35 -30.31
CA GLU D 669 17.92 -16.81 -30.50
C GLU D 669 17.91 -15.29 -30.48
N LEU D 670 16.91 -14.67 -31.11
CA LEU D 670 16.82 -13.23 -31.12
C LEU D 670 16.65 -12.68 -29.71
N ALA D 671 15.81 -13.33 -28.90
CA ALA D 671 15.66 -12.92 -27.52
C ALA D 671 16.97 -13.06 -26.76
N VAL D 672 17.69 -14.16 -27.00
CA VAL D 672 18.95 -14.39 -26.30
C VAL D 672 19.97 -13.30 -26.65
N GLU D 673 20.06 -12.94 -27.94
CA GLU D 673 21.08 -11.98 -28.36
C GLU D 673 20.87 -10.63 -27.69
N ALA D 674 19.63 -10.23 -27.47
CA ALA D 674 19.32 -8.95 -26.83
C ALA D 674 19.32 -9.05 -25.31
N ARG D 675 19.65 -10.20 -24.74
CA ARG D 675 19.72 -10.36 -23.29
C ARG D 675 18.35 -10.10 -22.66
N ASP D 676 17.35 -10.85 -23.12
CA ASP D 676 15.97 -10.64 -22.70
C ASP D 676 15.69 -11.56 -21.52
N GLN D 677 16.17 -11.13 -20.34
CA GLN D 677 16.00 -11.95 -19.14
C GLN D 677 14.53 -12.13 -18.80
N GLN D 678 13.72 -11.09 -19.00
CA GLN D 678 12.30 -11.19 -18.70
C GLN D 678 11.62 -12.25 -19.56
N PHE D 679 11.97 -12.29 -20.86
CA PHE D 679 11.27 -13.18 -21.77
C PHE D 679 11.61 -14.65 -21.50
N ILE D 680 12.88 -14.95 -21.24
CA ILE D 680 13.28 -16.34 -21.02
C ILE D 680 12.96 -16.81 -19.61
N ALA D 681 12.71 -15.88 -18.69
CA ALA D 681 12.44 -16.23 -17.30
C ALA D 681 10.99 -16.58 -17.03
N GLN D 682 10.11 -16.47 -18.02
CA GLN D 682 8.71 -16.76 -17.81
C GLN D 682 8.48 -18.26 -17.73
N PRO D 683 7.37 -18.69 -17.12
CA PRO D 683 7.16 -20.14 -16.92
C PRO D 683 7.17 -20.95 -18.20
N GLY D 684 6.63 -20.41 -19.30
CA GLY D 684 6.52 -21.21 -20.52
C GLY D 684 7.86 -21.60 -21.08
N VAL D 685 8.79 -20.65 -21.18
CA VAL D 685 10.08 -20.94 -21.78
C VAL D 685 10.89 -21.88 -20.89
N GLN D 686 10.82 -21.68 -19.57
CA GLN D 686 11.51 -22.58 -18.66
C GLN D 686 10.94 -24.00 -18.75
N ASN D 687 9.62 -24.12 -18.85
CA ASN D 687 9.02 -25.44 -19.00
C ASN D 687 9.45 -26.09 -20.30
N PHE D 688 9.50 -25.33 -21.38
CA PHE D 688 9.96 -25.87 -22.65
C PHE D 688 11.41 -26.34 -22.56
N LEU D 689 12.26 -25.54 -21.92
CA LEU D 689 13.66 -25.91 -21.77
C LEU D 689 13.81 -27.18 -20.94
N SER D 690 13.05 -27.29 -19.85
CA SER D 690 13.10 -28.50 -19.03
C SER D 690 12.64 -29.71 -19.82
N LYS D 691 11.54 -29.56 -20.56
CA LYS D 691 11.02 -30.68 -21.35
C LYS D 691 12.01 -31.12 -22.40
N GLN D 692 12.71 -30.17 -23.02
CA GLN D 692 13.73 -30.52 -24.01
C GLN D 692 14.93 -31.19 -23.36
N TRP D 693 15.40 -30.66 -22.23
CA TRP D 693 16.59 -31.20 -21.59
C TRP D 693 16.35 -32.62 -21.08
N TYR D 694 15.18 -32.87 -20.48
CA TYR D 694 14.86 -34.22 -20.05
C TYR D 694 14.75 -35.17 -21.24
N GLY D 695 14.57 -34.64 -22.45
CA GLY D 695 14.56 -35.47 -23.63
C GLY D 695 13.30 -36.33 -23.73
N GLU D 696 13.44 -37.42 -24.48
CA GLU D 696 12.32 -38.33 -24.69
C GLU D 696 11.85 -38.95 -23.38
N ILE D 697 12.68 -38.97 -22.35
CA ILE D 697 12.28 -39.52 -21.07
C ILE D 697 11.04 -38.78 -20.57
N SER D 698 10.10 -39.53 -20.02
CA SER D 698 8.91 -38.91 -19.44
C SER D 698 9.33 -37.94 -18.36
N ARG D 699 8.80 -36.72 -18.44
CA ARG D 699 9.25 -35.65 -17.57
C ARG D 699 8.75 -35.85 -16.14
N ASP D 700 9.65 -35.64 -15.18
CA ASP D 700 9.31 -35.62 -13.76
C ASP D 700 8.85 -37.00 -13.29
N THR D 701 9.35 -38.07 -13.92
CA THR D 701 9.14 -39.40 -13.37
C THR D 701 9.73 -39.50 -11.97
N LYS D 702 11.06 -39.49 -11.89
CA LYS D 702 11.79 -39.35 -10.63
C LYS D 702 13.26 -39.13 -10.96
N ASN D 703 13.93 -38.28 -10.19
CA ASN D 703 15.33 -37.98 -10.49
C ASN D 703 16.22 -39.19 -10.22
N TRP D 704 15.95 -39.91 -9.14
CA TRP D 704 16.83 -41.01 -8.75
C TRP D 704 16.65 -42.25 -9.63
N LYS D 705 15.47 -42.45 -10.19
CA LYS D 705 15.26 -43.62 -11.05
C LYS D 705 16.14 -43.55 -12.29
N ILE D 706 16.27 -42.36 -12.88
CA ILE D 706 17.11 -42.21 -14.06
C ILE D 706 18.55 -42.53 -13.72
N ILE D 707 19.02 -42.05 -12.57
CA ILE D 707 20.40 -42.34 -12.14
C ILE D 707 20.57 -43.84 -11.95
N MET D 708 19.59 -44.49 -11.33
CA MET D 708 19.70 -45.93 -11.12
C MET D 708 19.75 -46.68 -12.43
N CYS D 709 18.98 -46.23 -13.43
CA CYS D 709 18.97 -46.90 -14.72
C CYS D 709 20.36 -46.95 -15.34
N LEU D 710 21.20 -45.96 -15.04
CA LEU D 710 22.57 -45.95 -15.54
C LEU D 710 23.36 -47.13 -14.98
N LEU D 736 14.20 -47.32 -31.07
CA LEU D 736 14.15 -48.33 -30.02
C LEU D 736 13.92 -47.69 -28.66
N TYR D 737 13.46 -48.50 -27.69
CA TYR D 737 13.20 -47.97 -26.36
C TYR D 737 14.47 -47.48 -25.69
N TYR D 738 15.56 -48.23 -25.84
CA TYR D 738 16.81 -47.86 -25.17
C TYR D 738 17.43 -46.61 -25.80
N VAL D 739 17.29 -46.46 -27.11
CA VAL D 739 17.93 -45.33 -27.80
C VAL D 739 17.37 -44.01 -27.30
N SER D 740 16.05 -43.94 -27.11
CA SER D 740 15.45 -42.70 -26.63
C SER D 740 16.02 -42.32 -25.26
N PHE D 741 16.15 -43.30 -24.37
CA PHE D 741 16.72 -43.02 -23.05
C PHE D 741 18.17 -42.59 -23.16
N PHE D 742 18.95 -43.24 -24.02
CA PHE D 742 20.38 -43.00 -24.10
C PHE D 742 20.74 -41.74 -24.88
N THR D 743 19.78 -41.12 -25.56
CA THR D 743 20.04 -39.91 -26.34
C THR D 743 19.60 -38.64 -25.63
N SER D 744 19.07 -38.74 -24.41
CA SER D 744 18.62 -37.56 -23.71
C SER D 744 19.81 -36.75 -23.22
N PRO D 745 19.73 -35.42 -23.24
CA PRO D 745 20.84 -34.61 -22.71
C PRO D 745 21.13 -34.90 -21.24
N PHE D 746 20.12 -35.24 -20.45
CA PHE D 746 20.33 -35.56 -19.04
C PHE D 746 21.33 -36.70 -18.89
N VAL D 747 21.11 -37.78 -19.64
CA VAL D 747 21.99 -38.95 -19.54
C VAL D 747 23.39 -38.62 -20.04
N VAL D 748 23.50 -37.84 -21.11
CA VAL D 748 24.81 -37.47 -21.63
C VAL D 748 25.57 -36.65 -20.59
N PHE D 749 24.89 -35.71 -19.94
CA PHE D 749 25.52 -34.91 -18.90
C PHE D 749 25.96 -35.79 -17.74
N SER D 750 25.13 -36.76 -17.37
CA SER D 750 25.51 -37.67 -16.29
C SER D 750 26.76 -38.46 -16.65
N TRP D 751 26.81 -38.99 -17.88
CA TRP D 751 27.98 -39.73 -18.33
C TRP D 751 29.22 -38.86 -18.33
N ASN D 752 29.09 -37.62 -18.80
CA ASN D 752 30.24 -36.72 -18.81
C ASN D 752 30.73 -36.42 -17.41
N VAL D 753 29.81 -36.21 -16.47
CA VAL D 753 30.20 -35.96 -15.08
C VAL D 753 30.93 -37.17 -14.50
N ILE D 754 30.40 -38.37 -14.75
CA ILE D 754 31.04 -39.58 -14.25
C ILE D 754 32.44 -39.72 -14.84
N PHE D 755 32.57 -39.47 -16.14
CA PHE D 755 33.87 -39.59 -16.79
C PHE D 755 34.85 -38.59 -16.23
N TYR D 756 34.40 -37.36 -15.97
CA TYR D 756 35.28 -36.34 -15.42
C TYR D 756 35.73 -36.72 -14.01
N ILE D 757 34.82 -37.26 -13.19
CA ILE D 757 35.19 -37.69 -11.85
C ILE D 757 36.21 -38.82 -11.90
N ALA D 758 35.99 -39.79 -12.79
CA ALA D 758 36.95 -40.87 -12.94
C ALA D 758 38.30 -40.34 -13.41
N PHE D 759 38.28 -39.36 -14.30
CA PHE D 759 39.52 -38.74 -14.76
C PHE D 759 40.25 -38.06 -13.60
N LEU D 760 39.51 -37.37 -12.73
CA LEU D 760 40.14 -36.75 -11.56
C LEU D 760 40.75 -37.80 -10.66
N LEU D 761 40.04 -38.90 -10.42
CA LEU D 761 40.57 -39.97 -9.58
C LEU D 761 41.86 -40.53 -10.17
N LEU D 762 41.85 -40.79 -11.48
CA LEU D 762 43.03 -41.33 -12.15
C LEU D 762 44.20 -40.34 -12.07
N PHE D 763 43.91 -39.07 -12.28
CA PHE D 763 44.95 -38.04 -12.21
C PHE D 763 45.57 -38.00 -10.82
N ALA D 764 44.73 -38.05 -9.78
CA ALA D 764 45.25 -38.04 -8.42
C ALA D 764 46.09 -39.27 -8.13
N TYR D 765 45.62 -40.44 -8.55
CA TYR D 765 46.39 -41.66 -8.30
C TYR D 765 47.75 -41.59 -8.99
N VAL D 766 47.78 -41.14 -10.25
CA VAL D 766 49.06 -41.04 -10.95
C VAL D 766 49.95 -40.00 -10.30
N LEU D 767 49.36 -38.92 -9.78
CA LEU D 767 50.16 -37.83 -9.24
C LEU D 767 50.78 -38.19 -7.91
N LEU D 768 50.05 -38.90 -7.06
CA LEU D 768 50.52 -39.18 -5.70
C LEU D 768 51.22 -40.53 -5.59
N MET D 769 50.51 -41.61 -5.92
CA MET D 769 51.03 -42.96 -5.65
C MET D 769 52.05 -43.39 -6.70
N ASP D 770 51.79 -43.15 -7.98
CA ASP D 770 52.59 -43.70 -9.07
C ASP D 770 53.00 -42.55 -9.98
N PHE D 771 54.14 -41.93 -9.67
CA PHE D 771 54.77 -40.91 -10.52
C PHE D 771 56.24 -41.27 -10.61
N GLN D 772 56.59 -42.08 -11.59
CA GLN D 772 57.96 -42.57 -11.74
C GLN D 772 58.74 -41.70 -12.72
N LYS D 773 60.05 -41.97 -12.81
CA LYS D 773 60.91 -41.18 -13.68
C LYS D 773 60.49 -41.29 -15.14
N GLU D 774 60.18 -42.50 -15.61
CA GLU D 774 59.81 -42.70 -17.00
C GLU D 774 58.29 -42.81 -17.11
N PRO D 775 57.66 -42.09 -18.03
CA PRO D 775 56.19 -42.13 -18.12
C PRO D 775 55.67 -43.55 -18.22
N THR D 776 54.67 -43.85 -17.41
CA THR D 776 54.00 -45.14 -17.44
C THR D 776 52.76 -45.06 -18.33
N ALA D 777 52.31 -46.24 -18.78
CA ALA D 777 51.19 -46.29 -19.72
C ALA D 777 49.94 -45.62 -19.15
N LEU D 778 49.75 -45.70 -17.82
CA LEU D 778 48.60 -45.07 -17.20
C LEU D 778 48.63 -43.56 -17.39
N GLU D 779 49.81 -42.95 -17.25
CA GLU D 779 49.93 -41.52 -17.50
C GLU D 779 49.71 -41.20 -18.97
N ILE D 780 50.07 -42.11 -19.87
CA ILE D 780 49.77 -41.92 -21.29
C ILE D 780 48.27 -41.90 -21.52
N ILE D 781 47.54 -42.80 -20.85
CA ILE D 781 46.09 -42.80 -20.95
C ILE D 781 45.54 -41.48 -20.42
N LEU D 782 46.13 -40.97 -19.34
CA LEU D 782 45.70 -39.67 -18.82
C LEU D 782 45.89 -38.57 -19.86
N TYR D 783 47.05 -38.57 -20.54
CA TYR D 783 47.28 -37.60 -21.60
C TYR D 783 46.21 -37.72 -22.68
N VAL D 784 45.88 -38.95 -23.06
CA VAL D 784 44.88 -39.17 -24.10
C VAL D 784 43.54 -38.60 -23.66
N LEU D 785 43.16 -38.83 -22.40
CA LEU D 785 41.88 -38.31 -21.92
C LEU D 785 41.86 -36.79 -21.94
N VAL D 786 42.95 -36.16 -21.51
CA VAL D 786 42.98 -34.70 -21.48
C VAL D 786 42.89 -34.15 -22.91
N PHE D 787 43.58 -34.79 -23.85
CA PHE D 787 43.50 -34.32 -25.23
C PHE D 787 42.12 -34.60 -25.82
N VAL D 788 41.43 -35.64 -25.34
CA VAL D 788 40.04 -35.85 -25.76
C VAL D 788 39.16 -34.71 -25.26
N LEU D 789 39.38 -34.27 -24.02
CA LEU D 789 38.63 -33.11 -23.54
C LEU D 789 38.94 -31.87 -24.35
N LEU D 790 40.21 -31.72 -24.77
CA LEU D 790 40.57 -30.61 -25.64
C LEU D 790 39.82 -30.70 -26.98
N CYS D 791 39.74 -31.89 -27.55
CA CYS D 791 38.97 -32.08 -28.78
C CYS D 791 37.51 -31.73 -28.57
N ASP D 792 36.96 -32.09 -27.41
CA ASP D 792 35.57 -31.74 -27.11
C ASP D 792 35.41 -30.21 -27.07
N GLU D 793 36.35 -29.52 -26.42
CA GLU D 793 36.30 -28.06 -26.39
C GLU D 793 36.52 -27.44 -27.77
N TRP D 794 37.16 -28.16 -28.69
CA TRP D 794 37.31 -27.65 -30.04
C TRP D 794 35.95 -27.34 -30.67
N TYR D 795 34.93 -28.13 -30.33
CA TYR D 795 33.60 -27.87 -30.85
C TYR D 795 33.07 -26.53 -30.34
N MET D 796 33.24 -26.24 -29.04
CA MET D 796 32.77 -24.99 -28.49
C MET D 796 33.65 -23.81 -28.88
N ASN D 797 34.84 -24.06 -29.41
CA ASN D 797 35.69 -22.95 -29.85
C ASN D 797 35.01 -22.07 -30.88
N GLY D 798 34.02 -22.60 -31.61
CA GLY D 798 33.36 -21.81 -32.64
C GLY D 798 32.71 -20.56 -32.09
N SER D 799 32.14 -20.64 -30.89
CA SER D 799 31.45 -19.51 -30.29
C SER D 799 32.45 -18.53 -29.69
N LYS D 800 31.96 -17.54 -28.93
CA LYS D 800 32.81 -16.54 -28.30
C LYS D 800 33.64 -17.24 -27.23
N TYR D 801 34.70 -17.91 -27.69
CA TYR D 801 35.49 -18.75 -26.79
C TYR D 801 36.16 -17.91 -25.71
N PHE D 802 36.72 -16.76 -26.08
CA PHE D 802 37.41 -15.91 -25.11
C PHE D 802 36.48 -14.93 -24.41
N SER D 803 35.20 -14.92 -24.75
CA SER D 803 34.27 -14.01 -24.08
C SER D 803 34.08 -14.39 -22.61
N ASP D 804 34.01 -15.68 -22.31
CA ASP D 804 33.71 -16.16 -20.97
C ASP D 804 35.00 -16.56 -20.25
N LEU D 805 34.94 -16.51 -18.91
CA LEU D 805 36.11 -16.76 -18.09
C LEU D 805 36.46 -18.25 -18.03
N TRP D 806 35.45 -19.12 -17.93
CA TRP D 806 35.73 -20.54 -17.79
C TRP D 806 36.44 -21.09 -19.02
N ASN D 807 36.12 -20.57 -20.20
CA ASN D 807 36.78 -21.05 -21.41
C ASN D 807 38.27 -20.71 -21.41
N VAL D 808 38.60 -19.45 -21.08
CA VAL D 808 40.00 -19.05 -21.01
C VAL D 808 40.71 -19.85 -19.92
N MET D 809 40.00 -20.14 -18.83
CA MET D 809 40.60 -20.94 -17.76
C MET D 809 40.94 -22.34 -18.25
N ASP D 810 40.05 -22.96 -19.03
CA ASP D 810 40.34 -24.30 -19.53
C ASP D 810 41.50 -24.26 -20.53
N THR D 811 41.58 -23.23 -21.36
CA THR D 811 42.73 -23.10 -22.26
C THR D 811 44.01 -22.98 -21.46
N LEU D 812 43.98 -22.19 -20.38
CA LEU D 812 45.15 -22.05 -19.51
C LEU D 812 45.56 -23.38 -18.91
N ALA D 813 44.57 -24.17 -18.47
CA ALA D 813 44.86 -25.47 -17.88
C ALA D 813 45.52 -26.39 -18.91
N ILE D 814 45.01 -26.39 -20.15
CA ILE D 814 45.58 -27.24 -21.19
C ILE D 814 47.02 -26.82 -21.47
N PHE D 815 47.27 -25.52 -21.56
CA PHE D 815 48.62 -25.03 -21.80
C PHE D 815 49.56 -25.46 -20.67
N TYR D 816 49.11 -25.33 -19.43
CA TYR D 816 49.94 -25.75 -18.30
C TYR D 816 50.23 -27.25 -18.36
N PHE D 817 49.23 -28.04 -18.75
CA PHE D 817 49.43 -29.48 -18.84
C PHE D 817 50.52 -29.81 -19.86
N ILE D 818 50.47 -29.18 -21.04
CA ILE D 818 51.45 -29.50 -22.06
C ILE D 818 52.85 -29.02 -21.64
N ALA D 819 52.93 -27.87 -20.99
CA ALA D 819 54.23 -27.43 -20.47
C ALA D 819 54.77 -28.42 -19.44
N GLY D 820 53.90 -28.90 -18.56
CA GLY D 820 54.31 -29.91 -17.60
C GLY D 820 54.79 -31.18 -18.27
N ILE D 821 54.16 -31.55 -19.37
CA ILE D 821 54.65 -32.70 -20.14
C ILE D 821 56.06 -32.44 -20.64
N VAL D 822 56.30 -31.24 -21.17
CA VAL D 822 57.63 -30.92 -21.69
C VAL D 822 58.67 -31.07 -20.59
N PHE D 823 58.38 -30.56 -19.39
CA PHE D 823 59.31 -30.78 -18.28
C PHE D 823 59.41 -32.25 -17.90
N ARG D 824 58.29 -32.97 -17.99
CA ARG D 824 58.27 -34.37 -17.58
C ARG D 824 59.22 -35.20 -18.42
N LEU D 825 59.30 -34.93 -19.72
CA LEU D 825 60.05 -35.79 -20.62
C LEU D 825 61.54 -35.49 -20.66
N HIS D 826 62.02 -34.48 -19.94
CA HIS D 826 63.45 -34.17 -19.96
C HIS D 826 64.29 -35.23 -19.26
N SER D 827 63.71 -35.98 -18.32
CA SER D 827 64.39 -37.07 -17.63
C SER D 827 65.45 -36.57 -16.64
N ASP D 828 65.35 -35.33 -16.19
CA ASP D 828 66.24 -34.78 -15.17
C ASP D 828 65.45 -34.55 -13.89
N GLU D 829 66.09 -34.84 -12.75
CA GLU D 829 65.40 -34.75 -11.47
C GLU D 829 64.83 -33.35 -11.26
N SER D 830 65.68 -32.33 -11.40
CA SER D 830 65.23 -30.96 -11.19
C SER D 830 64.16 -30.54 -12.19
N SER D 831 64.09 -31.21 -13.34
CA SER D 831 63.11 -30.88 -14.35
C SER D 831 61.79 -31.62 -14.15
N TRP D 832 61.84 -32.93 -13.93
CA TRP D 832 60.59 -33.67 -13.77
C TRP D 832 59.95 -33.41 -12.42
N TYR D 833 60.73 -32.98 -11.41
CA TYR D 833 60.10 -32.50 -10.19
C TYR D 833 59.27 -31.25 -10.44
N SER D 834 59.81 -30.31 -11.22
CA SER D 834 59.05 -29.12 -11.59
C SER D 834 57.84 -29.51 -12.45
N GLY D 835 57.98 -30.54 -13.28
CA GLY D 835 56.83 -31.02 -14.03
C GLY D 835 55.74 -31.56 -13.12
N ARG D 836 56.13 -32.30 -12.08
CA ARG D 836 55.16 -32.78 -11.10
C ARG D 836 54.47 -31.61 -10.41
N VAL D 837 55.24 -30.58 -10.06
CA VAL D 837 54.64 -29.39 -9.45
C VAL D 837 53.64 -28.74 -10.41
N ILE D 838 54.00 -28.68 -11.69
CA ILE D 838 53.10 -28.11 -12.70
C ILE D 838 51.80 -28.89 -12.74
N PHE D 839 51.89 -30.23 -12.74
CA PHE D 839 50.70 -31.05 -12.75
C PHE D 839 49.86 -30.83 -11.49
N CYS D 840 50.52 -30.70 -10.34
CA CYS D 840 49.79 -30.44 -9.10
C CYS D 840 49.01 -29.13 -9.19
N LEU D 841 49.64 -28.08 -9.74
CA LEU D 841 48.94 -26.82 -9.88
C LEU D 841 47.78 -26.92 -10.88
N ASP D 842 47.97 -27.68 -11.97
CA ASP D 842 46.91 -27.84 -12.95
C ASP D 842 45.72 -28.59 -12.37
N TYR D 843 45.99 -29.55 -11.47
CA TYR D 843 44.91 -30.31 -10.86
C TYR D 843 43.91 -29.42 -10.16
N ILE D 844 44.37 -28.29 -9.60
CA ILE D 844 43.47 -27.39 -8.90
C ILE D 844 42.41 -26.85 -9.85
N VAL D 845 42.84 -26.38 -11.02
CA VAL D 845 41.88 -25.88 -12.01
C VAL D 845 40.98 -26.99 -12.50
N PHE D 846 41.56 -28.16 -12.79
CA PHE D 846 40.75 -29.26 -13.30
C PHE D 846 39.67 -29.65 -12.30
N THR D 847 39.97 -29.57 -11.00
CA THR D 847 38.97 -29.89 -9.99
C THR D 847 37.95 -28.75 -9.85
N LEU D 848 38.42 -27.50 -9.88
CA LEU D 848 37.52 -26.37 -9.71
C LEU D 848 36.56 -26.21 -10.86
N ARG D 849 36.80 -26.86 -11.99
CA ARG D 849 35.81 -26.82 -13.07
C ARG D 849 34.45 -27.38 -12.65
N LEU D 850 34.42 -28.18 -11.58
CA LEU D 850 33.15 -28.75 -11.12
C LEU D 850 32.16 -27.67 -10.72
N ILE D 851 32.64 -26.54 -10.21
CA ILE D 851 31.74 -25.45 -9.84
C ILE D 851 30.96 -24.97 -11.05
N HIS D 852 31.66 -24.77 -12.17
CA HIS D 852 30.99 -24.39 -13.40
C HIS D 852 30.08 -25.51 -13.89
N ILE D 853 30.54 -26.76 -13.77
CA ILE D 853 29.77 -27.88 -14.30
C ILE D 853 28.41 -27.97 -13.59
N PHE D 854 28.39 -27.74 -12.28
CA PHE D 854 27.19 -27.99 -11.47
C PHE D 854 26.31 -26.75 -11.33
N THR D 855 26.29 -25.87 -12.32
CA THR D 855 25.39 -24.72 -12.29
C THR D 855 23.96 -25.06 -12.68
N VAL D 856 23.71 -26.29 -13.12
CA VAL D 856 22.38 -26.72 -13.52
C VAL D 856 21.68 -27.54 -12.44
N SER D 857 22.16 -27.45 -11.19
CA SER D 857 21.63 -28.32 -10.14
C SER D 857 20.17 -28.02 -9.83
N ARG D 858 19.73 -26.78 -10.02
CA ARG D 858 18.43 -26.26 -9.63
C ARG D 858 18.39 -25.98 -8.12
N ASN D 859 19.42 -26.33 -7.37
CA ASN D 859 19.46 -26.10 -5.93
C ASN D 859 20.75 -25.39 -5.55
N LEU D 860 21.81 -25.63 -6.32
CA LEU D 860 23.10 -25.01 -6.09
C LEU D 860 23.43 -23.90 -7.06
N GLY D 861 22.85 -23.92 -8.26
CA GLY D 861 23.19 -22.98 -9.30
C GLY D 861 22.96 -21.54 -8.90
N PRO D 862 21.77 -21.24 -8.36
CA PRO D 862 21.52 -19.86 -7.92
C PRO D 862 22.50 -19.38 -6.87
N LYS D 863 22.82 -20.23 -5.89
CA LYS D 863 23.75 -19.83 -4.85
C LYS D 863 25.15 -19.60 -5.43
N ILE D 864 25.57 -20.46 -6.35
CA ILE D 864 26.87 -20.29 -6.99
C ILE D 864 26.92 -18.99 -7.76
N ILE D 865 25.85 -18.67 -8.49
CA ILE D 865 25.80 -17.42 -9.25
C ILE D 865 25.81 -16.22 -8.32
N MET D 866 25.23 -16.36 -7.13
CA MET D 866 25.18 -15.24 -6.18
C MET D 866 26.59 -14.76 -5.82
N LEU D 867 27.58 -15.64 -5.92
CA LEU D 867 28.93 -15.27 -5.50
C LEU D 867 29.48 -14.08 -6.26
N GLN D 868 29.00 -13.86 -7.49
CA GLN D 868 29.51 -12.75 -8.30
C GLN D 868 29.18 -11.40 -7.69
N ARG D 869 28.23 -11.34 -6.76
CA ARG D 869 27.79 -10.08 -6.18
C ARG D 869 28.53 -9.71 -4.91
N MET D 870 29.33 -10.62 -4.34
CA MET D 870 30.05 -10.37 -3.10
C MET D 870 31.46 -9.82 -3.34
N MET D 871 31.85 -9.64 -4.60
CA MET D 871 33.22 -9.25 -4.90
C MET D 871 33.54 -7.86 -4.35
N ILE D 872 32.58 -6.94 -4.41
CA ILE D 872 32.83 -5.59 -3.91
C ILE D 872 33.08 -5.62 -2.40
N ASP D 873 32.24 -6.36 -1.67
CA ASP D 873 32.43 -6.46 -0.22
C ASP D 873 33.76 -7.12 0.10
N VAL D 874 34.11 -8.19 -0.62
CA VAL D 874 35.39 -8.86 -0.39
C VAL D 874 36.54 -7.90 -0.64
N PHE D 875 36.44 -7.10 -1.71
CA PHE D 875 37.50 -6.16 -2.03
C PHE D 875 37.65 -5.10 -0.96
N PHE D 876 36.54 -4.59 -0.44
CA PHE D 876 36.61 -3.61 0.65
C PHE D 876 37.27 -4.22 1.89
N PHE D 877 36.86 -5.44 2.24
CA PHE D 877 37.46 -6.15 3.37
C PHE D 877 38.96 -6.29 3.18
N LEU D 878 39.38 -6.73 1.99
CA LEU D 878 40.80 -6.94 1.73
C LEU D 878 41.57 -5.62 1.76
N PHE D 879 40.98 -4.54 1.25
CA PHE D 879 41.64 -3.25 1.26
C PHE D 879 41.91 -2.80 2.70
N LEU D 880 40.89 -2.82 3.54
CA LEU D 880 41.08 -2.42 4.93
C LEU D 880 42.11 -3.33 5.62
N PHE D 881 41.99 -4.64 5.40
CA PHE D 881 42.90 -5.58 6.05
C PHE D 881 44.34 -5.32 5.63
N ALA D 882 44.57 -5.09 4.34
CA ALA D 882 45.93 -4.87 3.86
C ALA D 882 46.51 -3.59 4.41
N VAL D 883 45.71 -2.51 4.45
CA VAL D 883 46.21 -1.25 5.01
C VAL D 883 46.62 -1.45 6.46
N TRP D 884 45.75 -2.10 7.24
CA TRP D 884 46.07 -2.32 8.65
C TRP D 884 47.29 -3.20 8.82
N MET D 885 47.40 -4.26 8.02
CA MET D 885 48.56 -5.15 8.10
C MET D 885 49.85 -4.37 7.85
N VAL D 886 49.87 -3.59 6.76
CA VAL D 886 51.08 -2.85 6.43
C VAL D 886 51.46 -1.92 7.58
N ALA D 887 50.48 -1.14 8.06
CA ALA D 887 50.78 -0.17 9.12
C ALA D 887 51.33 -0.88 10.36
N PHE D 888 50.61 -1.88 10.86
CA PHE D 888 51.02 -2.53 12.10
C PHE D 888 52.36 -3.25 11.94
N GLY D 889 52.55 -3.94 10.82
CA GLY D 889 53.80 -4.66 10.63
C GLY D 889 54.99 -3.74 10.56
N VAL D 890 54.88 -2.66 9.79
CA VAL D 890 55.99 -1.72 9.70
C VAL D 890 56.27 -1.11 11.07
N ALA D 891 55.22 -0.71 11.78
CA ALA D 891 55.42 -0.10 13.09
C ALA D 891 56.15 -1.04 14.03
N ARG D 892 55.66 -2.28 14.14
CA ARG D 892 56.28 -3.23 15.07
C ARG D 892 57.70 -3.54 14.67
N GLN D 893 57.94 -3.83 13.39
CA GLN D 893 59.26 -4.20 12.93
C GLN D 893 60.26 -3.09 13.20
N GLY D 894 59.87 -1.84 12.93
CA GLY D 894 60.76 -0.73 13.25
C GLY D 894 60.96 -0.55 14.74
N ILE D 895 59.92 -0.80 15.53
CA ILE D 895 60.01 -0.54 16.96
C ILE D 895 60.97 -1.52 17.62
N LEU D 896 60.82 -2.82 17.36
CA LEU D 896 61.50 -3.85 18.15
C LEU D 896 62.55 -4.62 17.37
N ARG D 897 63.13 -4.03 16.33
CA ARG D 897 64.25 -4.65 15.64
C ARG D 897 65.13 -3.58 15.02
N LYS D 898 66.37 -3.95 14.76
CA LYS D 898 67.35 -3.09 14.12
C LYS D 898 67.30 -3.30 12.61
N ASN D 899 68.29 -2.77 11.90
CA ASN D 899 68.33 -2.90 10.46
C ASN D 899 68.34 -4.38 10.05
N GLU D 900 67.46 -4.71 9.10
CA GLU D 900 67.39 -6.05 8.52
C GLU D 900 67.88 -5.97 7.08
N HIS D 901 68.76 -6.90 6.70
CA HIS D 901 69.32 -6.93 5.36
C HIS D 901 68.89 -8.18 4.58
N ARG D 902 67.84 -8.86 5.03
CA ARG D 902 67.31 -10.04 4.35
C ARG D 902 65.90 -9.70 3.88
N TRP D 903 65.72 -9.64 2.56
CA TRP D 903 64.45 -9.15 2.01
C TRP D 903 63.29 -10.07 2.38
N GLU D 904 63.51 -11.39 2.34
CA GLU D 904 62.41 -12.31 2.59
C GLU D 904 61.81 -12.11 3.96
N TRP D 905 62.65 -11.90 4.98
CA TRP D 905 62.15 -11.79 6.34
C TRP D 905 61.41 -10.47 6.55
N ILE D 906 61.72 -9.43 5.77
CA ILE D 906 60.96 -8.19 5.86
C ILE D 906 59.49 -8.46 5.58
N PHE D 907 59.20 -9.13 4.47
CA PHE D 907 57.82 -9.45 4.11
C PHE D 907 57.26 -10.57 4.99
N ARG D 908 58.13 -11.43 5.50
CA ARG D 908 57.68 -12.51 6.37
C ARG D 908 57.25 -12.02 7.75
N SER D 909 57.79 -10.88 8.21
CA SER D 909 57.43 -10.30 9.48
C SER D 909 56.55 -9.06 9.37
N VAL D 910 56.37 -8.52 8.16
CA VAL D 910 55.55 -7.33 7.97
C VAL D 910 54.18 -7.70 7.45
N ILE D 911 54.11 -8.75 6.63
CA ILE D 911 52.88 -9.13 5.94
C ILE D 911 52.35 -10.46 6.47
N TYR D 912 53.20 -11.48 6.54
CA TYR D 912 52.73 -12.83 6.85
C TYR D 912 52.18 -12.92 8.27
N GLU D 913 52.94 -12.43 9.25
CA GLU D 913 52.51 -12.58 10.65
C GLU D 913 51.22 -11.81 10.94
N PRO D 914 51.07 -10.55 10.54
CA PRO D 914 49.77 -9.89 10.72
C PRO D 914 48.64 -10.61 9.99
N TYR D 915 48.94 -11.21 8.83
CA TYR D 915 47.91 -11.97 8.13
C TYR D 915 47.46 -13.16 8.95
N LEU D 916 48.40 -13.89 9.57
CA LEU D 916 48.04 -14.99 10.42
C LEU D 916 47.32 -14.52 11.68
N ALA D 917 47.59 -13.28 12.11
CA ALA D 917 47.02 -12.80 13.36
C ALA D 917 45.51 -12.88 13.37
N MET D 918 44.87 -12.79 12.21
CA MET D 918 43.41 -12.88 12.16
C MET D 918 42.90 -14.29 12.40
N PHE D 919 43.73 -15.31 12.17
CA PHE D 919 43.33 -16.70 12.35
C PHE D 919 43.53 -17.17 13.78
N GLY D 920 43.59 -16.25 14.74
CA GLY D 920 43.72 -16.59 16.14
C GLY D 920 45.13 -16.66 16.66
N GLN D 921 46.13 -16.61 15.79
CA GLN D 921 47.52 -16.66 16.24
C GLN D 921 47.91 -15.33 16.87
N TYR D 922 48.53 -15.39 18.04
CA TYR D 922 48.92 -14.21 18.76
C TYR D 922 50.43 -14.01 18.67
N PRO D 923 50.90 -12.81 18.31
CA PRO D 923 52.35 -12.61 18.23
C PRO D 923 53.04 -12.90 19.55
N ASP D 924 54.24 -13.47 19.46
CA ASP D 924 55.00 -13.90 20.62
C ASP D 924 56.11 -12.93 21.01
N ASP D 925 56.77 -12.31 20.04
CA ASP D 925 57.92 -11.44 20.31
C ASP D 925 57.47 -10.00 20.58
N ILE D 926 56.54 -9.86 21.52
CA ILE D 926 55.99 -8.56 21.87
C ILE D 926 56.01 -8.36 23.38
N ASP D 927 56.22 -9.44 24.12
CA ASP D 927 56.28 -9.39 25.58
C ASP D 927 57.64 -9.89 26.04
N GLY D 928 58.30 -9.12 26.89
CA GLY D 928 59.63 -9.50 27.35
C GLY D 928 59.63 -10.85 28.03
N THR D 929 58.62 -11.12 28.86
CA THR D 929 58.53 -12.40 29.55
C THR D 929 58.33 -13.54 28.56
N THR D 930 57.42 -13.36 27.60
CA THR D 930 57.11 -14.43 26.66
C THR D 930 58.22 -14.61 25.63
N TYR D 931 58.92 -13.55 25.27
CA TYR D 931 59.93 -13.62 24.22
C TYR D 931 61.01 -14.63 24.60
N ASN D 932 61.36 -15.50 23.65
CA ASN D 932 62.37 -16.52 23.83
C ASN D 932 63.49 -16.28 22.82
N PHE D 933 64.73 -16.27 23.30
CA PHE D 933 65.89 -16.02 22.45
C PHE D 933 66.32 -17.23 21.64
N ASP D 934 65.76 -18.41 21.91
CA ASP D 934 66.14 -19.60 21.16
C ASP D 934 65.78 -19.46 19.69
N ARG D 935 64.58 -18.95 19.40
CA ARG D 935 64.14 -18.82 18.02
C ARG D 935 64.98 -17.81 17.24
N CYS D 936 65.30 -16.67 17.85
CA CYS D 936 65.95 -15.60 17.12
C CYS D 936 67.45 -15.84 17.01
N THR D 937 68.08 -15.10 16.10
CA THR D 937 69.51 -15.15 15.88
C THR D 937 70.08 -13.74 15.89
N PHE D 938 71.24 -13.58 16.54
CA PHE D 938 71.84 -12.25 16.64
C PHE D 938 72.33 -11.76 15.29
N SER D 939 72.93 -12.66 14.49
CA SER D 939 73.44 -12.32 13.18
C SER D 939 72.53 -12.90 12.10
N GLY D 940 72.79 -12.49 10.85
CA GLY D 940 71.98 -12.92 9.74
C GLY D 940 72.35 -14.26 9.16
N ASN D 941 73.42 -14.89 9.64
CA ASN D 941 73.85 -16.18 9.13
C ASN D 941 73.01 -17.29 9.78
N GLU D 942 71.74 -17.30 9.42
CA GLU D 942 70.78 -18.27 9.93
C GLU D 942 69.47 -18.08 9.19
N SER D 943 68.51 -18.96 9.49
CA SER D 943 67.22 -18.98 8.81
C SER D 943 66.08 -18.74 9.78
N LYS D 944 66.30 -17.86 10.75
CA LYS D 944 65.28 -17.47 11.72
C LYS D 944 65.39 -15.98 11.98
N PRO D 945 64.31 -15.34 12.45
CA PRO D 945 64.28 -13.87 12.49
C PRO D 945 65.34 -13.29 13.41
N LEU D 946 65.74 -12.06 13.10
CA LEU D 946 66.76 -11.36 13.88
C LEU D 946 66.26 -11.11 15.30
N CYS D 947 67.20 -11.13 16.24
CA CYS D 947 66.86 -10.93 17.64
C CYS D 947 66.49 -9.47 17.91
N VAL D 948 65.69 -9.28 18.97
CA VAL D 948 65.29 -7.94 19.35
C VAL D 948 66.52 -7.12 19.74
N GLU D 949 66.47 -5.83 19.47
CA GLU D 949 67.56 -4.94 19.85
C GLU D 949 67.72 -4.95 21.37
N LEU D 950 68.96 -5.10 21.82
CA LEU D 950 69.27 -5.20 23.23
C LEU D 950 69.87 -3.88 23.74
N ASP D 951 70.23 -3.88 25.01
CA ASP D 951 70.80 -2.71 25.68
C ASP D 951 72.17 -3.08 26.25
N ALA D 952 72.82 -2.09 26.88
CA ALA D 952 74.13 -2.36 27.49
C ALA D 952 74.04 -3.46 28.54
N ASN D 953 72.87 -3.65 29.14
CA ASN D 953 72.67 -4.69 30.13
C ASN D 953 72.19 -6.01 29.51
N ASN D 954 72.08 -6.08 28.19
CA ASN D 954 71.68 -7.30 27.48
C ASN D 954 70.26 -7.71 27.86
N GLN D 955 69.33 -6.78 27.72
CA GLN D 955 67.92 -7.02 27.94
C GLN D 955 67.12 -6.36 26.83
N PRO D 956 65.89 -6.81 26.59
CA PRO D 956 65.07 -6.18 25.55
C PRO D 956 64.90 -4.70 25.80
N ARG D 957 64.89 -3.92 24.71
CA ARG D 957 64.88 -2.47 24.81
C ARG D 957 63.51 -1.85 24.55
N PHE D 958 62.60 -2.56 23.87
CA PHE D 958 61.33 -1.97 23.53
C PHE D 958 60.53 -1.67 24.80
N PRO D 959 59.74 -0.59 24.80
CA PRO D 959 59.10 -0.15 26.05
C PRO D 959 58.18 -1.17 26.66
N GLU D 960 57.50 -1.98 25.86
CA GLU D 960 56.54 -3.02 26.24
C GLU D 960 55.19 -2.43 26.64
N TRP D 961 55.07 -1.11 26.79
CA TRP D 961 53.77 -0.47 26.98
C TRP D 961 53.29 0.22 25.71
N ILE D 962 54.01 0.08 24.61
CA ILE D 962 53.58 0.58 23.31
C ILE D 962 53.07 -0.54 22.43
N THR D 963 53.74 -1.71 22.48
CA THR D 963 53.40 -2.80 21.59
C THR D 963 52.10 -3.49 22.00
N ILE D 964 51.91 -3.71 23.30
CA ILE D 964 50.75 -4.49 23.75
C ILE D 964 49.44 -3.80 23.40
N PRO D 965 49.23 -2.51 23.71
CA PRO D 965 47.98 -1.87 23.30
C PRO D 965 47.79 -1.87 21.80
N LEU D 966 48.87 -1.70 21.05
CA LEU D 966 48.81 -1.73 19.60
C LEU D 966 48.28 -3.07 19.10
N VAL D 967 48.81 -4.14 19.66
CA VAL D 967 48.37 -5.48 19.25
C VAL D 967 46.94 -5.72 19.68
N CYS D 968 46.56 -5.26 20.87
CA CYS D 968 45.19 -5.42 21.32
C CYS D 968 44.22 -4.73 20.35
N ILE D 969 44.53 -3.49 19.97
CA ILE D 969 43.68 -2.75 19.05
C ILE D 969 43.63 -3.46 17.69
N TYR D 970 44.77 -3.92 17.20
CA TYR D 970 44.80 -4.57 15.90
C TYR D 970 43.97 -5.84 15.90
N MET D 971 44.12 -6.66 16.94
CA MET D 971 43.35 -7.90 17.01
C MET D 971 41.86 -7.62 17.15
N LEU D 972 41.50 -6.62 17.95
CA LEU D 972 40.08 -6.25 18.07
C LEU D 972 39.52 -5.82 16.73
N SER D 973 40.27 -5.02 15.97
CA SER D 973 39.78 -4.55 14.69
C SER D 973 39.65 -5.69 13.69
N THR D 974 40.62 -6.60 13.67
CA THR D 974 40.63 -7.63 12.64
C THR D 974 39.73 -8.80 12.98
N ASN D 975 39.99 -9.48 14.09
CA ASN D 975 39.30 -10.73 14.38
C ASN D 975 37.79 -10.53 14.52
N ILE D 976 37.39 -9.44 15.17
CA ILE D 976 36.00 -9.30 15.62
C ILE D 976 35.22 -8.34 14.73
N LEU D 977 35.61 -7.07 14.71
CA LEU D 977 34.79 -6.05 14.09
C LEU D 977 34.67 -6.27 12.58
N LEU D 978 35.80 -6.49 11.91
CA LEU D 978 35.79 -6.54 10.46
C LEU D 978 34.99 -7.71 9.94
N VAL D 979 35.14 -8.89 10.55
CA VAL D 979 34.43 -10.07 10.08
C VAL D 979 32.92 -9.92 10.32
N ASN D 980 32.54 -9.34 11.46
CA ASN D 980 31.13 -9.11 11.71
C ASN D 980 30.55 -8.12 10.69
N LEU D 981 31.31 -7.08 10.36
CA LEU D 981 30.86 -6.14 9.35
C LEU D 981 30.67 -6.85 8.01
N LEU D 982 31.62 -7.73 7.66
CA LEU D 982 31.50 -8.48 6.41
C LEU D 982 30.26 -9.36 6.41
N VAL D 983 29.98 -10.00 7.55
CA VAL D 983 28.78 -10.82 7.66
C VAL D 983 27.54 -9.98 7.43
N ALA D 984 27.49 -8.80 8.02
CA ALA D 984 26.34 -7.92 7.82
C ALA D 984 26.20 -7.54 6.35
N MET D 985 27.31 -7.22 5.68
CA MET D 985 27.23 -6.85 4.27
C MET D 985 26.71 -8.01 3.45
N PHE D 986 27.19 -9.22 3.72
CA PHE D 986 26.73 -10.39 2.99
C PHE D 986 25.24 -10.62 3.21
N GLY D 987 24.78 -10.45 4.45
CA GLY D 987 23.36 -10.62 4.72
C GLY D 987 22.52 -9.64 3.93
N TYR D 988 22.91 -8.36 3.95
CA TYR D 988 22.16 -7.36 3.20
C TYR D 988 22.18 -7.68 1.71
N THR D 989 23.34 -8.10 1.19
CA THR D 989 23.45 -8.37 -0.24
C THR D 989 22.58 -9.54 -0.66
N VAL D 990 22.59 -10.64 0.12
CA VAL D 990 21.74 -11.78 -0.23
C VAL D 990 20.28 -11.39 -0.14
N GLY D 991 19.93 -10.55 0.84
CA GLY D 991 18.55 -10.11 0.94
C GLY D 991 18.12 -9.26 -0.25
N SER D 992 19.01 -8.39 -0.72
CA SER D 992 18.62 -7.40 -1.73
C SER D 992 18.45 -8.02 -3.11
N VAL D 993 19.36 -8.90 -3.52
CA VAL D 993 19.44 -9.33 -4.91
C VAL D 993 18.94 -10.76 -5.07
N GLN D 994 18.06 -11.21 -4.17
CA GLN D 994 17.58 -12.58 -4.24
C GLN D 994 16.77 -12.82 -5.50
N GLU D 995 15.91 -11.87 -5.88
CA GLU D 995 15.00 -12.09 -6.98
C GLU D 995 15.71 -12.03 -8.34
N ASN D 996 16.64 -11.08 -8.50
CA ASN D 996 17.34 -10.95 -9.77
C ASN D 996 18.23 -12.14 -10.05
N ASN D 997 18.76 -12.78 -9.00
CA ASN D 997 19.61 -13.95 -9.19
C ASN D 997 18.85 -15.08 -9.85
N ASP D 998 17.57 -15.25 -9.51
CA ASP D 998 16.76 -16.28 -10.15
C ASP D 998 16.63 -16.03 -11.65
N GLN D 999 16.37 -14.79 -12.04
CA GLN D 999 16.29 -14.47 -13.46
C GLN D 999 17.62 -14.72 -14.16
N VAL D 1000 18.72 -14.33 -13.53
CA VAL D 1000 20.03 -14.55 -14.14
C VAL D 1000 20.29 -16.03 -14.34
N TRP D 1001 19.98 -16.83 -13.32
CA TRP D 1001 20.20 -18.27 -13.43
C TRP D 1001 19.32 -18.87 -14.52
N LYS D 1002 18.06 -18.43 -14.61
CA LYS D 1002 17.18 -18.94 -15.65
C LYS D 1002 17.72 -18.58 -17.04
N PHE D 1003 18.25 -17.35 -17.18
CA PHE D 1003 18.81 -16.95 -18.46
C PHE D 1003 20.01 -17.81 -18.83
N GLN D 1004 20.91 -18.06 -17.87
CA GLN D 1004 22.07 -18.90 -18.15
C GLN D 1004 21.67 -20.37 -18.37
N ARG D 1005 20.52 -20.78 -17.85
CA ARG D 1005 20.05 -22.14 -18.05
C ARG D 1005 19.85 -22.45 -19.52
N PHE D 1006 19.48 -21.44 -20.32
CA PHE D 1006 19.34 -21.66 -21.75
C PHE D 1006 20.65 -22.10 -22.37
N PHE D 1007 21.74 -21.38 -22.08
CA PHE D 1007 23.04 -21.77 -22.61
C PHE D 1007 23.46 -23.13 -22.07
N LEU D 1008 23.23 -23.36 -20.77
CA LEU D 1008 23.64 -24.63 -20.18
C LEU D 1008 22.93 -25.80 -20.84
N VAL D 1009 21.63 -25.65 -21.13
CA VAL D 1009 20.88 -26.73 -21.78
C VAL D 1009 21.31 -26.88 -23.24
N GLN D 1010 21.45 -25.76 -23.96
CA GLN D 1010 21.82 -25.82 -25.36
C GLN D 1010 23.26 -26.28 -25.57
N GLU D 1011 24.08 -26.32 -24.51
CA GLU D 1011 25.44 -26.80 -24.67
C GLU D 1011 25.46 -28.25 -25.14
N TYR D 1012 24.60 -29.08 -24.58
CA TYR D 1012 24.54 -30.49 -24.95
C TYR D 1012 23.47 -30.72 -26.02
N ASN D 1057 1.81 -22.99 -41.60
CA ASN D 1057 0.67 -22.33 -42.23
C ASN D 1057 -0.48 -22.19 -41.25
N GLU D 1058 -0.96 -23.32 -40.73
CA GLU D 1058 -2.03 -23.29 -39.75
C GLU D 1058 -1.60 -22.54 -38.49
N ILE D 1059 -0.36 -22.76 -38.05
CA ILE D 1059 0.13 -22.07 -36.86
C ILE D 1059 0.13 -20.57 -37.08
N LEU D 1060 0.46 -20.12 -38.29
CA LEU D 1060 0.46 -18.69 -38.58
C LEU D 1060 -0.94 -18.11 -38.44
N ALA D 1061 -1.95 -18.80 -38.99
CA ALA D 1061 -3.32 -18.32 -38.88
C ALA D 1061 -3.79 -18.33 -37.43
N TRP D 1062 -3.44 -19.37 -36.67
CA TRP D 1062 -3.82 -19.41 -35.26
C TRP D 1062 -3.18 -18.27 -34.49
N GLU D 1063 -1.91 -17.97 -34.78
CA GLU D 1063 -1.27 -16.81 -34.17
C GLU D 1063 -1.99 -15.52 -34.53
N ALA D 1064 -2.40 -15.40 -35.80
CA ALA D 1064 -3.15 -14.22 -36.20
C ALA D 1064 -4.45 -14.08 -35.44
N VAL D 1065 -5.16 -15.20 -35.23
CA VAL D 1065 -6.42 -15.16 -34.50
C VAL D 1065 -6.18 -14.73 -33.06
N MET D 1066 -5.19 -15.34 -32.41
CA MET D 1066 -4.90 -14.99 -31.03
C MET D 1066 -4.50 -13.53 -30.90
N LYS D 1067 -3.70 -13.04 -31.86
CA LYS D 1067 -3.27 -11.66 -31.83
C LYS D 1067 -4.44 -10.72 -32.05
N GLU D 1068 -5.37 -11.09 -32.94
CA GLU D 1068 -6.55 -10.24 -33.15
C GLU D 1068 -7.39 -10.16 -31.88
N ASN D 1069 -7.59 -11.29 -31.20
CA ASN D 1069 -8.32 -11.26 -29.94
C ASN D 1069 -7.60 -10.39 -28.92
N TYR D 1070 -6.27 -10.53 -28.84
CA TYR D 1070 -5.49 -9.73 -27.89
C TYR D 1070 -5.60 -8.24 -28.19
N LEU D 1071 -5.54 -7.88 -29.48
CA LEU D 1071 -5.65 -6.47 -29.87
C LEU D 1071 -7.03 -5.92 -29.53
N VAL D 1072 -8.08 -6.69 -29.81
CA VAL D 1072 -9.43 -6.23 -29.48
C VAL D 1072 -9.57 -6.06 -27.97
N LYS D 1073 -8.97 -6.97 -27.20
CA LYS D 1073 -9.02 -6.86 -25.75
C LYS D 1073 -8.32 -5.60 -25.27
N ILE D 1074 -7.10 -5.36 -25.75
CA ILE D 1074 -6.30 -4.25 -25.23
C ILE D 1074 -6.89 -2.91 -25.67
N ASN D 1075 -7.36 -2.81 -26.91
CA ASN D 1075 -7.89 -1.54 -27.40
C ASN D 1075 -9.08 -1.09 -26.58
N THR D 1076 -9.97 -2.01 -26.22
CA THR D 1076 -11.14 -1.72 -25.41
C THR D 1076 -10.87 -1.83 -23.92
N LYS D 1077 -9.62 -2.14 -23.53
CA LYS D 1077 -9.32 -2.30 -22.11
C LYS D 1077 -9.54 -1.00 -21.34
N ALA D 1078 -9.14 0.13 -21.92
CA ALA D 1078 -9.32 1.42 -21.24
C ALA D 1078 -10.80 1.67 -20.98
N ASN D 1079 -11.67 1.27 -21.91
CA ASN D 1079 -13.10 1.44 -21.70
C ASN D 1079 -13.66 0.44 -20.71
N ASP D 1080 -12.98 -0.68 -20.48
CA ASP D 1080 -13.50 -1.68 -19.55
C ASP D 1080 -13.58 -1.13 -18.13
N SER D 1081 -12.57 -0.39 -17.69
CA SER D 1081 -12.59 0.15 -16.34
C SER D 1081 -13.78 1.08 -16.15
N SER D 1082 -13.94 2.04 -17.04
CA SER D 1082 -15.09 2.95 -17.02
C SER D 1082 -15.30 3.54 -15.64
N GLU D 1083 -14.21 3.96 -15.01
CA GLU D 1083 -14.28 4.57 -13.70
C GLU D 1083 -14.68 6.04 -13.76
N GLU D 1084 -14.83 6.60 -14.95
CA GLU D 1084 -15.20 8.00 -15.13
C GLU D 1084 -16.68 8.12 -15.44
N MET D 1085 -17.32 9.04 -14.72
CA MET D 1085 -18.72 9.36 -14.85
C MET D 1085 -18.97 10.72 -15.50
N VAL D 1086 -17.95 11.59 -15.48
CA VAL D 1086 -18.10 12.90 -16.12
C VAL D 1086 -18.50 12.71 -17.57
N HIS D 1087 -17.82 11.79 -18.25
CA HIS D 1087 -18.22 11.34 -19.59
C HIS D 1087 -19.71 11.09 -19.70
N ARG D 1088 -20.34 10.62 -18.61
CA ARG D 1088 -21.62 9.96 -18.67
C ARG D 1088 -22.73 10.88 -18.20
N PHE D 1089 -22.47 11.61 -17.13
CA PHE D 1089 -23.29 12.77 -16.80
C PHE D 1089 -23.38 13.73 -17.97
N ARG D 1090 -22.28 13.90 -18.72
CA ARG D 1090 -22.33 14.75 -19.92
C ARG D 1090 -23.56 14.43 -20.75
N GLN D 1091 -23.95 13.16 -20.79
CA GLN D 1091 -25.12 12.75 -21.56
C GLN D 1091 -26.40 13.34 -20.99
N LEU D 1092 -26.46 13.55 -19.66
CA LEU D 1092 -27.71 13.98 -19.04
C LEU D 1092 -28.09 15.38 -19.50
N ASP D 1093 -27.12 16.29 -19.60
CA ASP D 1093 -27.47 17.69 -19.86
C ASP D 1093 -28.17 17.87 -21.19
N ALA D 1094 -27.91 16.98 -22.15
CA ALA D 1094 -28.57 17.09 -23.45
C ALA D 1094 -30.08 16.93 -23.32
N LYS D 1095 -30.53 15.98 -22.51
CA LYS D 1095 -31.96 15.79 -22.30
C LYS D 1095 -32.59 17.03 -21.69
N LEU D 1096 -31.93 17.62 -20.69
CA LEU D 1096 -32.47 18.83 -20.06
C LEU D 1096 -32.53 19.97 -21.06
N SER D 1097 -31.50 20.13 -21.89
CA SER D 1097 -31.52 21.20 -22.89
C SER D 1097 -32.65 21.00 -23.88
N ASP D 1098 -32.84 19.77 -24.36
CA ASP D 1098 -33.93 19.50 -25.29
C ASP D 1098 -35.28 19.76 -24.65
N LEU D 1099 -35.44 19.35 -23.39
CA LEU D 1099 -36.70 19.59 -22.69
C LEU D 1099 -36.96 21.08 -22.53
N LYS D 1100 -35.93 21.85 -22.20
CA LYS D 1100 -36.10 23.30 -22.08
C LYS D 1100 -36.48 23.92 -23.42
N GLY D 1101 -35.84 23.47 -24.50
CA GLY D 1101 -36.22 23.97 -25.82
C GLY D 1101 -37.67 23.67 -26.16
N LEU D 1102 -38.11 22.44 -25.89
CA LEU D 1102 -39.50 22.09 -26.15
C LEU D 1102 -40.45 22.88 -25.27
N LEU D 1103 -40.07 23.12 -24.02
CA LEU D 1103 -40.88 23.94 -23.13
C LEU D 1103 -41.04 25.35 -23.66
N LYS D 1104 -39.94 25.94 -24.14
CA LYS D 1104 -40.02 27.28 -24.71
C LYS D 1104 -40.88 27.28 -25.97
N GLU D 1105 -40.76 26.24 -26.80
CA GLU D 1105 -41.57 26.16 -28.01
C GLU D 1105 -43.05 26.08 -27.68
N ILE D 1106 -43.42 25.26 -26.70
CA ILE D 1106 -44.84 25.13 -26.35
C ILE D 1106 -45.33 26.42 -25.71
N SER D 1107 -44.48 27.09 -24.92
CA SER D 1107 -44.86 28.38 -24.36
C SER D 1107 -45.14 29.39 -25.45
N SER D 1108 -44.31 29.39 -26.51
CA SER D 1108 -44.60 30.25 -27.66
C SER D 1108 -45.90 29.84 -28.33
N LYS D 1109 -46.16 28.53 -28.41
CA LYS D 1109 -47.40 28.05 -29.02
C LYS D 1109 -48.62 28.63 -28.31
N ILE D 1110 -48.68 28.48 -26.99
CA ILE D 1110 -49.85 28.98 -26.25
C ILE D 1110 -49.93 30.50 -26.38
N LYS D 1111 -48.81 31.19 -26.26
CA LYS D 1111 -48.77 32.64 -26.39
C LYS D 1111 -48.03 33.05 -27.66
#